data_2RT5
#
_entry.id   2RT5
#
loop_
_entity.id
_entity.type
_entity.pdbx_description
1 polymer 'Msx2-interacting protein'
2 polymer 'peptide from Silencing mediator of retinoic acid and thyroid hormone receptor'
#
loop_
_entity_poly.entity_id
_entity_poly.type
_entity_poly.pdbx_seq_one_letter_code
_entity_poly.pdbx_strand_id
1 'polypeptide(L)'
;VDMVQLLKKYPIVWQGLLALKNDTAAVQLHFVSGNNVLAHRSLPLSEGGPPLRIAQRMRLEATQLEGVARRMTVETDYCL
LLALPCGRDQEDVVSQTESLKAAFITYLQAKQAAGIINVPNPGSNQPAYVLQIFPPCEFSESHLSRLAPDLLASISNISP
HLMIVIASV
;
A
2 'polypeptide(L)' YETL(SEP)D(SEP)E B
#
# COMPACT_ATOMS: atom_id res chain seq x y z
N VAL A 1 -8.06 -15.94 5.52
CA VAL A 1 -6.75 -15.26 5.39
C VAL A 1 -5.74 -15.93 6.30
N ASP A 2 -4.83 -16.69 5.72
CA ASP A 2 -3.81 -17.36 6.51
C ASP A 2 -2.47 -16.66 6.32
N MET A 3 -2.00 -16.02 7.37
CA MET A 3 -0.73 -15.32 7.32
C MET A 3 0.41 -16.28 7.53
N VAL A 4 0.11 -17.43 8.12
CA VAL A 4 1.12 -18.40 8.53
C VAL A 4 1.84 -19.00 7.32
N GLN A 5 1.17 -19.03 6.18
CA GLN A 5 1.81 -19.41 4.94
C GLN A 5 2.66 -18.26 4.41
N LEU A 6 2.03 -17.12 4.22
CA LEU A 6 2.63 -16.03 3.49
C LEU A 6 3.75 -15.34 4.26
N LEU A 7 3.66 -15.31 5.60
CA LEU A 7 4.65 -14.58 6.38
C LEU A 7 6.00 -15.30 6.34
N LYS A 8 5.97 -16.57 5.93
CA LYS A 8 7.19 -17.35 5.83
C LYS A 8 8.03 -16.88 4.66
N LYS A 9 7.37 -16.28 3.68
CA LYS A 9 8.07 -15.73 2.53
C LYS A 9 8.14 -14.23 2.61
N TYR A 10 7.02 -13.64 2.98
CA TYR A 10 6.92 -12.21 3.04
C TYR A 10 6.06 -11.76 4.23
N PRO A 11 6.71 -11.47 5.36
CA PRO A 11 6.06 -11.05 6.60
C PRO A 11 5.65 -9.58 6.62
N ILE A 12 4.94 -9.17 7.67
CA ILE A 12 4.46 -7.81 7.82
C ILE A 12 5.62 -6.86 8.10
N VAL A 13 5.60 -5.71 7.43
CA VAL A 13 6.67 -4.72 7.55
C VAL A 13 6.21 -3.50 8.34
N TRP A 14 4.90 -3.29 8.43
CA TRP A 14 4.36 -2.11 9.08
C TRP A 14 2.91 -2.35 9.49
N GLN A 15 2.47 -1.65 10.52
CA GLN A 15 1.10 -1.74 10.97
C GLN A 15 0.68 -0.40 11.55
N GLY A 16 -0.34 0.19 10.96
CA GLY A 16 -0.80 1.49 11.41
C GLY A 16 -2.07 1.89 10.71
N LEU A 17 -2.09 3.10 10.17
CA LEU A 17 -3.27 3.59 9.49
C LEU A 17 -2.90 4.36 8.23
N LEU A 18 -3.83 4.42 7.31
CA LEU A 18 -3.74 5.32 6.17
C LEU A 18 -4.73 6.45 6.37
N ALA A 19 -4.46 7.61 5.80
CA ALA A 19 -5.34 8.76 5.97
C ALA A 19 -5.36 9.65 4.74
N LEU A 20 -6.54 9.87 4.18
CA LEU A 20 -6.70 10.83 3.11
C LEU A 20 -7.98 11.62 3.36
N LYS A 21 -7.99 12.90 3.00
CA LYS A 21 -9.05 13.82 3.41
C LYS A 21 -9.13 13.89 4.92
N ASN A 22 -10.04 13.10 5.48
CA ASN A 22 -10.21 13.00 6.92
C ASN A 22 -10.57 11.57 7.27
N ASP A 23 -10.47 10.69 6.28
CA ASP A 23 -10.88 9.31 6.45
C ASP A 23 -9.69 8.42 6.67
N THR A 24 -9.67 7.71 7.79
CA THR A 24 -8.57 6.83 8.12
C THR A 24 -8.97 5.37 8.00
N ALA A 25 -7.99 4.53 7.72
CA ALA A 25 -8.18 3.10 7.70
C ALA A 25 -6.96 2.42 8.30
N ALA A 26 -7.14 1.76 9.43
CA ALA A 26 -6.06 1.02 10.05
C ALA A 26 -5.73 -0.18 9.20
N VAL A 27 -4.50 -0.19 8.70
CA VAL A 27 -4.06 -1.26 7.82
C VAL A 27 -2.70 -1.82 8.27
N GLN A 28 -2.51 -3.10 8.01
CA GLN A 28 -1.25 -3.75 8.26
C GLN A 28 -0.63 -4.15 6.92
N LEU A 29 0.64 -3.85 6.76
CA LEU A 29 1.30 -4.04 5.50
C LEU A 29 2.14 -5.30 5.47
N HIS A 30 1.70 -6.24 4.65
CA HIS A 30 2.44 -7.45 4.42
C HIS A 30 3.44 -7.22 3.30
N PHE A 31 4.65 -7.70 3.45
CA PHE A 31 5.63 -7.61 2.39
C PHE A 31 5.17 -8.47 1.22
N VAL A 32 5.35 -7.98 0.01
CA VAL A 32 5.03 -8.79 -1.16
C VAL A 32 6.27 -9.08 -1.99
N SER A 33 6.96 -8.01 -2.38
CA SER A 33 8.04 -8.10 -3.36
C SER A 33 8.96 -6.89 -3.21
N GLY A 34 10.10 -6.93 -3.89
CA GLY A 34 11.00 -5.78 -3.88
C GLY A 34 11.96 -5.81 -2.72
N ASN A 35 12.40 -4.63 -2.29
CA ASN A 35 13.35 -4.52 -1.19
C ASN A 35 12.60 -4.21 0.11
N ASN A 36 12.64 -5.14 1.05
CA ASN A 36 11.93 -4.98 2.32
C ASN A 36 12.48 -3.81 3.12
N VAL A 37 13.75 -3.49 2.93
CA VAL A 37 14.40 -2.39 3.64
C VAL A 37 13.75 -1.06 3.24
N LEU A 38 13.29 -0.98 2.00
CA LEU A 38 12.60 0.20 1.51
C LEU A 38 11.40 0.53 2.37
N ALA A 39 10.68 -0.50 2.80
CA ALA A 39 9.51 -0.30 3.63
C ALA A 39 9.90 0.17 5.01
N HIS A 40 10.91 -0.47 5.58
CA HIS A 40 11.38 -0.11 6.92
C HIS A 40 11.88 1.34 6.96
N ARG A 41 12.43 1.81 5.85
CA ARG A 41 12.98 3.16 5.80
C ARG A 41 11.94 4.20 5.39
N SER A 42 10.83 3.76 4.77
CA SER A 42 9.81 4.70 4.31
C SER A 42 8.66 4.79 5.30
N LEU A 43 8.29 3.66 5.88
CA LEU A 43 7.13 3.60 6.75
C LEU A 43 7.47 4.11 8.14
N PRO A 44 6.91 5.29 8.49
CA PRO A 44 7.27 6.01 9.72
C PRO A 44 6.57 5.45 10.95
N LEU A 45 7.11 5.76 12.13
CA LEU A 45 6.55 5.28 13.38
C LEU A 45 6.98 6.13 14.54
N SER A 46 6.31 5.95 15.66
CA SER A 46 6.63 6.62 16.92
C SER A 46 5.97 5.88 18.07
N GLU A 47 4.69 5.57 17.88
CA GLU A 47 3.90 4.82 18.84
C GLU A 47 3.64 3.43 18.27
N GLY A 48 3.57 3.39 16.97
CA GLY A 48 3.35 2.17 16.23
C GLY A 48 3.39 2.41 14.75
N GLY A 49 2.94 3.60 14.35
CA GLY A 49 2.95 3.97 12.95
C GLY A 49 1.90 5.02 12.64
N PRO A 50 2.30 6.30 12.53
CA PRO A 50 1.39 7.40 12.20
C PRO A 50 0.70 7.18 10.86
N PRO A 51 -0.55 7.64 10.74
CA PRO A 51 -1.36 7.45 9.52
C PRO A 51 -0.69 8.02 8.27
N LEU A 52 -0.44 7.14 7.31
CA LEU A 52 0.15 7.54 6.04
C LEU A 52 -0.85 8.37 5.23
N ARG A 53 -0.50 9.62 4.99
CA ARG A 53 -1.40 10.56 4.31
C ARG A 53 -1.20 10.52 2.79
N ILE A 54 -2.30 10.58 2.05
CA ILE A 54 -2.23 10.57 0.60
C ILE A 54 -2.21 12.00 0.05
N ALA A 55 -1.02 12.40 -0.40
CA ALA A 55 -0.76 13.76 -0.78
C ALA A 55 -0.73 13.93 -2.29
N GLN A 56 -0.64 12.81 -3.00
CA GLN A 56 -0.56 12.83 -4.46
C GLN A 56 -1.26 11.61 -5.06
N ARG A 57 -1.30 11.53 -6.38
CA ARG A 57 -1.96 10.42 -7.07
C ARG A 57 -1.35 10.16 -8.45
N MET A 58 -1.21 8.89 -8.81
CA MET A 58 -0.72 8.50 -10.12
C MET A 58 -1.82 7.87 -10.96
N ARG A 59 -2.26 8.55 -12.00
CA ARG A 59 -3.29 7.99 -12.87
C ARG A 59 -2.77 6.72 -13.52
N LEU A 60 -3.32 5.57 -13.13
CA LEU A 60 -2.84 4.31 -13.65
C LEU A 60 -3.31 4.12 -15.08
N GLU A 61 -2.43 4.42 -16.02
CA GLU A 61 -2.67 4.19 -17.42
C GLU A 61 -1.95 2.92 -17.85
N ALA A 62 -2.33 2.36 -18.99
CA ALA A 62 -1.65 1.19 -19.52
C ALA A 62 -0.18 1.50 -19.77
N THR A 63 0.07 2.72 -20.24
CA THR A 63 1.41 3.20 -20.47
C THR A 63 2.17 3.37 -19.15
N GLN A 64 1.48 3.89 -18.15
CA GLN A 64 2.08 4.05 -16.82
C GLN A 64 2.44 2.70 -16.23
N LEU A 65 1.53 1.73 -16.40
CA LEU A 65 1.72 0.39 -15.85
C LEU A 65 2.95 -0.27 -16.45
N GLU A 66 3.25 0.04 -17.71
CA GLU A 66 4.47 -0.43 -18.34
C GLU A 66 5.68 0.10 -17.59
N GLY A 67 5.68 1.40 -17.35
CA GLY A 67 6.75 2.04 -16.62
C GLY A 67 6.86 1.50 -15.21
N VAL A 68 5.72 1.30 -14.56
CA VAL A 68 5.69 0.72 -13.23
C VAL A 68 6.29 -0.68 -13.25
N ALA A 69 5.87 -1.49 -14.21
CA ALA A 69 6.38 -2.86 -14.34
C ALA A 69 7.88 -2.87 -14.53
N ARG A 70 8.39 -1.90 -15.28
CA ARG A 70 9.83 -1.80 -15.54
C ARG A 70 10.61 -1.65 -14.23
N ARG A 71 10.09 -0.85 -13.32
CA ARG A 71 10.75 -0.66 -12.04
C ARG A 71 10.28 -1.70 -11.01
N MET A 72 9.24 -2.45 -11.35
CA MET A 72 8.77 -3.53 -10.50
C MET A 72 9.58 -4.79 -10.72
N THR A 73 10.09 -4.95 -11.94
CA THR A 73 10.86 -6.14 -12.27
C THR A 73 12.26 -6.06 -11.65
N VAL A 74 12.64 -4.86 -11.22
CA VAL A 74 13.91 -4.65 -10.55
C VAL A 74 13.70 -4.52 -9.04
N GLU A 75 13.68 -5.64 -8.35
CA GLU A 75 13.46 -5.62 -6.92
C GLU A 75 14.70 -5.13 -6.21
N THR A 76 14.60 -3.90 -5.70
CA THR A 76 15.70 -3.14 -5.10
C THR A 76 15.35 -1.66 -5.21
N ASP A 77 14.81 -1.28 -6.37
CA ASP A 77 14.41 0.09 -6.62
C ASP A 77 13.04 0.36 -6.03
N TYR A 78 12.20 -0.67 -5.99
CA TYR A 78 10.88 -0.52 -5.45
C TYR A 78 10.63 -1.58 -4.38
N CYS A 79 9.60 -1.34 -3.58
CA CYS A 79 9.13 -2.33 -2.64
C CYS A 79 7.64 -2.52 -2.86
N LEU A 80 7.21 -3.76 -2.86
CA LEU A 80 5.81 -4.05 -3.05
C LEU A 80 5.21 -4.48 -1.73
N LEU A 81 4.14 -3.83 -1.32
CA LEU A 81 3.51 -4.10 -0.04
C LEU A 81 2.02 -4.35 -0.23
N LEU A 82 1.46 -5.09 0.71
CA LEU A 82 0.05 -5.40 0.68
C LEU A 82 -0.61 -4.85 1.95
N ALA A 83 -1.42 -3.81 1.80
CA ALA A 83 -2.08 -3.21 2.95
C ALA A 83 -3.47 -3.80 3.13
N LEU A 84 -3.66 -4.41 4.30
CA LEU A 84 -4.94 -5.01 4.66
C LEU A 84 -5.49 -4.37 5.91
N PRO A 85 -6.81 -4.18 5.99
CA PRO A 85 -7.46 -3.59 7.16
C PRO A 85 -7.17 -4.39 8.43
N CYS A 86 -6.42 -3.81 9.35
CA CYS A 86 -6.06 -4.48 10.58
C CYS A 86 -7.02 -4.11 11.69
N GLY A 87 -7.88 -5.04 12.03
CA GLY A 87 -8.83 -4.81 13.09
C GLY A 87 -8.41 -5.50 14.37
N ARG A 88 -8.74 -4.91 15.50
CA ARG A 88 -8.47 -5.47 16.78
C ARG A 88 -9.16 -6.83 16.92
N ASP A 89 -10.39 -6.89 16.46
CA ASP A 89 -11.17 -8.11 16.48
C ASP A 89 -12.00 -8.18 15.21
N GLN A 90 -12.74 -9.27 15.04
CA GLN A 90 -13.53 -9.51 13.83
C GLN A 90 -14.41 -8.31 13.49
N GLU A 91 -15.10 -7.79 14.50
CA GLU A 91 -15.98 -6.64 14.32
C GLU A 91 -15.17 -5.42 13.88
N ASP A 92 -14.06 -5.18 14.56
CA ASP A 92 -13.21 -4.04 14.24
C ASP A 92 -12.69 -4.14 12.81
N VAL A 93 -12.31 -5.35 12.42
CA VAL A 93 -11.84 -5.61 11.07
C VAL A 93 -12.89 -5.21 10.05
N VAL A 94 -14.14 -5.59 10.31
CA VAL A 94 -15.25 -5.24 9.43
C VAL A 94 -15.35 -3.72 9.27
N SER A 95 -15.27 -3.01 10.39
CA SER A 95 -15.41 -1.56 10.38
C SER A 95 -14.26 -0.93 9.59
N GLN A 96 -13.04 -1.42 9.79
CA GLN A 96 -11.89 -0.90 9.07
C GLN A 96 -12.02 -1.19 7.58
N THR A 97 -12.52 -2.39 7.25
CA THR A 97 -12.74 -2.77 5.87
C THR A 97 -13.77 -1.85 5.23
N GLU A 98 -14.86 -1.60 5.97
CA GLU A 98 -15.92 -0.76 5.52
C GLU A 98 -15.41 0.67 5.23
N SER A 99 -14.69 1.23 6.18
CA SER A 99 -14.11 2.56 6.03
C SER A 99 -13.14 2.59 4.84
N LEU A 100 -12.28 1.58 4.76
CA LEU A 100 -11.26 1.51 3.72
C LEU A 100 -11.90 1.46 2.34
N LYS A 101 -12.92 0.61 2.19
CA LYS A 101 -13.61 0.47 0.91
C LYS A 101 -14.17 1.80 0.43
N ALA A 102 -14.80 2.53 1.33
CA ALA A 102 -15.46 3.77 0.98
C ALA A 102 -14.47 4.91 0.78
N ALA A 103 -13.44 4.96 1.62
CA ALA A 103 -12.55 6.11 1.64
C ALA A 103 -11.37 5.97 0.68
N PHE A 104 -10.73 4.81 0.69
CA PHE A 104 -9.54 4.62 -0.13
C PHE A 104 -9.85 3.85 -1.40
N ILE A 105 -10.52 2.72 -1.24
CA ILE A 105 -10.82 1.84 -2.36
C ILE A 105 -11.64 2.55 -3.42
N THR A 106 -12.82 3.02 -3.02
CA THR A 106 -13.73 3.69 -3.93
C THR A 106 -13.08 4.94 -4.54
N TYR A 107 -12.38 5.72 -3.73
CA TYR A 107 -11.75 6.93 -4.20
C TYR A 107 -10.64 6.62 -5.21
N LEU A 108 -9.71 5.75 -4.83
CA LEU A 108 -8.58 5.43 -5.69
C LEU A 108 -9.03 4.81 -7.00
N GLN A 109 -10.06 3.98 -6.93
CA GLN A 109 -10.56 3.31 -8.12
C GLN A 109 -11.37 4.29 -8.96
N ALA A 110 -12.02 5.24 -8.30
CA ALA A 110 -12.79 6.29 -8.98
C ALA A 110 -11.85 7.20 -9.77
N LYS A 111 -10.68 7.44 -9.21
CA LYS A 111 -9.67 8.26 -9.86
C LYS A 111 -8.89 7.44 -10.87
N GLN A 112 -8.96 6.11 -10.73
CA GLN A 112 -8.08 5.21 -11.45
C GLN A 112 -6.64 5.67 -11.27
N ALA A 113 -6.24 5.83 -10.01
CA ALA A 113 -4.96 6.43 -9.69
C ALA A 113 -4.23 5.65 -8.60
N ALA A 114 -3.07 6.17 -8.22
CA ALA A 114 -2.27 5.62 -7.14
C ALA A 114 -2.14 6.62 -6.03
N GLY A 115 -2.61 6.26 -4.83
CA GLY A 115 -2.47 7.13 -3.69
C GLY A 115 -1.02 7.33 -3.33
N ILE A 116 -0.49 8.49 -3.68
CA ILE A 116 0.92 8.77 -3.50
C ILE A 116 1.17 9.36 -2.14
N ILE A 117 1.96 8.64 -1.35
CA ILE A 117 2.32 9.10 -0.03
C ILE A 117 3.81 9.39 0.03
N ASN A 118 4.14 10.64 0.29
CA ASN A 118 5.53 11.07 0.36
C ASN A 118 6.05 10.99 1.78
N VAL A 119 7.04 10.16 1.99
CA VAL A 119 7.67 10.04 3.29
C VAL A 119 9.13 10.45 3.21
N PRO A 120 9.66 11.02 4.29
CA PRO A 120 11.08 11.29 4.41
C PRO A 120 11.82 10.13 5.05
N ASN A 121 13.02 9.86 4.58
CA ASN A 121 13.85 8.82 5.18
C ASN A 121 14.41 9.33 6.51
N PRO A 122 14.27 8.54 7.58
CA PRO A 122 14.73 8.92 8.93
C PRO A 122 16.18 9.40 8.94
N GLY A 123 16.38 10.64 9.35
CA GLY A 123 17.70 11.21 9.38
C GLY A 123 18.01 12.02 8.14
N SER A 124 17.42 11.64 7.02
CA SER A 124 17.64 12.32 5.76
C SER A 124 16.62 13.44 5.59
N ASN A 125 15.41 13.20 6.09
CA ASN A 125 14.33 14.21 6.11
C ASN A 125 13.91 14.64 4.70
N GLN A 126 14.28 13.85 3.71
CA GLN A 126 13.88 14.12 2.33
C GLN A 126 12.68 13.25 1.96
N PRO A 127 11.54 13.89 1.65
CA PRO A 127 10.29 13.19 1.30
C PRO A 127 10.32 12.61 -0.12
N ALA A 128 11.52 12.32 -0.60
CA ALA A 128 11.71 11.81 -1.97
C ALA A 128 11.34 10.33 -2.08
N TYR A 129 10.37 9.91 -1.29
CA TYR A 129 9.89 8.55 -1.34
C TYR A 129 8.43 8.54 -1.69
N VAL A 130 8.07 7.67 -2.62
CA VAL A 130 6.72 7.59 -3.11
C VAL A 130 6.13 6.23 -2.80
N LEU A 131 5.12 6.22 -1.95
CA LEU A 131 4.33 5.03 -1.75
C LEU A 131 3.07 5.13 -2.59
N GLN A 132 2.98 4.27 -3.59
CA GLN A 132 1.89 4.28 -4.53
C GLN A 132 0.80 3.32 -4.08
N ILE A 133 -0.32 3.87 -3.66
CA ILE A 133 -1.44 3.05 -3.23
C ILE A 133 -2.38 2.77 -4.40
N PHE A 134 -2.23 1.60 -4.99
CA PHE A 134 -3.08 1.19 -6.08
C PHE A 134 -4.31 0.46 -5.54
N PRO A 135 -5.50 0.75 -6.09
CA PRO A 135 -6.74 0.09 -5.68
C PRO A 135 -6.72 -1.40 -6.03
N PRO A 136 -7.72 -2.17 -5.55
CA PRO A 136 -7.84 -3.60 -5.87
C PRO A 136 -8.27 -3.85 -7.32
N CYS A 137 -7.54 -3.25 -8.25
CA CYS A 137 -7.83 -3.41 -9.67
C CYS A 137 -7.15 -4.66 -10.21
N GLU A 138 -7.60 -5.13 -11.37
CA GLU A 138 -7.07 -6.32 -12.01
C GLU A 138 -5.54 -6.27 -12.07
N PHE A 139 -5.01 -5.12 -12.48
CA PHE A 139 -3.56 -4.89 -12.55
C PHE A 139 -2.87 -5.32 -11.25
N SER A 140 -3.45 -4.90 -10.13
CA SER A 140 -2.88 -5.19 -8.83
C SER A 140 -2.87 -6.68 -8.55
N GLU A 141 -4.03 -7.31 -8.68
CA GLU A 141 -4.17 -8.74 -8.35
C GLU A 141 -3.34 -9.60 -9.29
N SER A 142 -3.21 -9.16 -10.53
CA SER A 142 -2.45 -9.90 -11.51
C SER A 142 -0.99 -9.99 -11.10
N HIS A 143 -0.41 -8.85 -10.73
CA HIS A 143 0.97 -8.82 -10.27
C HIS A 143 1.10 -9.53 -8.94
N LEU A 144 0.10 -9.36 -8.08
CA LEU A 144 0.11 -9.97 -6.75
C LEU A 144 0.11 -11.49 -6.83
N SER A 145 -0.67 -12.05 -7.74
CA SER A 145 -0.74 -13.50 -7.89
C SER A 145 0.57 -14.04 -8.45
N ARG A 146 1.24 -13.24 -9.25
CA ARG A 146 2.52 -13.65 -9.82
C ARG A 146 3.66 -13.47 -8.81
N LEU A 147 3.60 -12.40 -8.04
CA LEU A 147 4.66 -12.03 -7.11
C LEU A 147 4.53 -12.73 -5.76
N ALA A 148 3.30 -12.88 -5.28
CA ALA A 148 3.07 -13.47 -3.97
C ALA A 148 1.80 -14.32 -3.94
N PRO A 149 1.86 -15.53 -4.52
CA PRO A 149 0.72 -16.45 -4.53
C PRO A 149 0.36 -16.93 -3.14
N ASP A 150 1.33 -16.84 -2.24
CA ASP A 150 1.16 -17.32 -0.88
C ASP A 150 0.27 -16.40 -0.09
N LEU A 151 0.50 -15.09 -0.23
CA LEU A 151 -0.33 -14.11 0.43
C LEU A 151 -1.56 -13.83 -0.43
N LEU A 152 -1.41 -13.95 -1.75
CA LEU A 152 -2.52 -13.74 -2.69
C LEU A 152 -3.70 -14.61 -2.32
N ALA A 153 -3.44 -15.86 -1.95
CA ALA A 153 -4.50 -16.79 -1.61
C ALA A 153 -5.28 -16.35 -0.38
N SER A 154 -4.69 -15.45 0.40
CA SER A 154 -5.38 -14.90 1.56
C SER A 154 -6.17 -13.65 1.19
N ILE A 155 -5.64 -12.87 0.25
CA ILE A 155 -6.24 -11.59 -0.08
C ILE A 155 -7.39 -11.75 -1.07
N SER A 156 -7.48 -12.93 -1.69
CA SER A 156 -8.56 -13.23 -2.61
C SER A 156 -9.93 -13.09 -1.92
N ASN A 157 -9.93 -13.31 -0.61
CA ASN A 157 -11.15 -13.13 0.18
C ASN A 157 -11.27 -11.70 0.68
N ILE A 158 -10.14 -11.08 0.96
CA ILE A 158 -10.12 -9.70 1.47
C ILE A 158 -9.68 -8.75 0.36
N SER A 159 -10.14 -9.08 -0.86
CA SER A 159 -9.99 -8.25 -2.06
C SER A 159 -10.07 -6.73 -1.79
N PRO A 160 -11.02 -6.25 -0.96
CA PRO A 160 -11.01 -4.84 -0.51
C PRO A 160 -9.73 -4.48 0.24
N HIS A 161 -8.69 -4.18 -0.52
CA HIS A 161 -7.39 -3.83 0.05
C HIS A 161 -6.61 -2.99 -0.94
N LEU A 162 -5.42 -2.60 -0.55
CA LEU A 162 -4.60 -1.74 -1.39
C LEU A 162 -3.25 -2.38 -1.67
N MET A 163 -2.71 -2.12 -2.85
CA MET A 163 -1.38 -2.57 -3.20
C MET A 163 -0.44 -1.37 -3.21
N ILE A 164 0.45 -1.33 -2.24
CA ILE A 164 1.29 -0.16 -2.03
C ILE A 164 2.71 -0.38 -2.55
N VAL A 165 3.10 0.45 -3.50
CA VAL A 165 4.42 0.36 -4.12
C VAL A 165 5.33 1.47 -3.63
N ILE A 166 6.40 1.09 -2.95
CA ILE A 166 7.38 2.04 -2.47
C ILE A 166 8.47 2.24 -3.52
N ALA A 167 8.53 3.41 -4.10
CA ALA A 167 9.47 3.66 -5.18
C ALA A 167 10.52 4.67 -4.78
N SER A 168 11.78 4.30 -4.97
CA SER A 168 12.87 5.23 -4.83
C SER A 168 13.01 6.05 -6.11
N VAL A 169 12.76 7.35 -6.00
CA VAL A 169 12.72 8.25 -7.15
C VAL A 169 11.54 7.90 -8.06
N TYR B 1 2.63 13.54 -10.37
CA TYR B 1 1.70 12.75 -9.53
C TYR B 1 0.62 13.63 -8.92
N GLU B 2 0.22 14.70 -9.61
CA GLU B 2 -0.85 15.58 -9.12
C GLU B 2 -0.58 16.07 -7.70
N THR B 3 -1.64 16.45 -7.03
CA THR B 3 -1.63 16.67 -5.59
C THR B 3 -2.98 16.23 -5.05
N LEU B 4 -3.00 15.18 -4.24
CA LEU B 4 -4.26 14.67 -3.73
C LEU B 4 -4.79 15.60 -2.65
N SEP B 5 -5.12 15.05 -1.50
CA SEP B 5 -5.98 15.77 -0.58
CB SEP B 5 -7.41 15.77 -1.16
OG SEP B 5 -7.37 16.38 -2.46
C SEP B 5 -5.95 15.12 0.79
O SEP B 5 -6.64 14.15 1.04
P SEP B 5 -8.84 16.39 -3.12
O1P SEP B 5 -9.76 17.18 -2.25
O2P SEP B 5 -8.74 17.08 -4.57
O3P SEP B 5 -9.39 14.89 -3.25
H SEP B 5 -4.73 14.17 -1.23
HA SEP B 5 -5.63 16.78 -0.51
HB2 SEP B 5 -7.76 14.75 -1.24
HB3 SEP B 5 -8.07 16.33 -0.51
N ASP B 6 -5.07 15.62 1.66
CA ASP B 6 -4.82 14.97 2.92
C ASP B 6 -5.06 15.91 4.11
N SEP B 7 -3.99 16.33 4.77
CA SEP B 7 -4.11 17.15 5.97
CB SEP B 7 -4.05 16.24 7.21
OG SEP B 7 -5.10 15.27 7.14
C SEP B 7 -2.99 18.17 6.04
O SEP B 7 -3.14 19.20 6.71
P SEP B 7 -5.00 14.35 8.46
O1P SEP B 7 -5.14 15.18 9.67
O2P SEP B 7 -6.16 13.23 8.43
O3P SEP B 7 -3.57 13.61 8.48
H SEP B 7 -3.09 16.11 4.43
HA SEP B 7 -5.06 17.66 5.94
HB2 SEP B 7 -3.10 15.73 7.24
HB3 SEP B 7 -4.18 16.84 8.09
N GLU B 8 -1.88 17.92 5.34
CA GLU B 8 -0.69 18.76 5.42
C GLU B 8 -0.24 18.95 6.87
N VAL A 1 -8.90 -15.83 5.69
CA VAL A 1 -7.56 -15.26 5.43
C VAL A 1 -6.60 -15.67 6.54
N ASP A 2 -5.72 -16.62 6.24
CA ASP A 2 -4.71 -17.05 7.19
C ASP A 2 -3.34 -16.52 6.80
N MET A 3 -2.80 -15.63 7.60
CA MET A 3 -1.53 -15.00 7.31
C MET A 3 -0.36 -15.90 7.69
N VAL A 4 -0.65 -16.96 8.44
CA VAL A 4 0.39 -17.86 8.96
C VAL A 4 1.09 -18.60 7.82
N GLN A 5 0.41 -18.74 6.69
CA GLN A 5 1.01 -19.35 5.53
C GLN A 5 1.91 -18.36 4.80
N LEU A 6 1.32 -17.26 4.34
CA LEU A 6 2.00 -16.27 3.53
C LEU A 6 3.18 -15.61 4.26
N LEU A 7 3.06 -15.35 5.57
CA LEU A 7 4.08 -14.56 6.27
C LEU A 7 5.38 -15.35 6.39
N LYS A 8 5.29 -16.66 6.17
CA LYS A 8 6.47 -17.51 6.20
C LYS A 8 7.32 -17.24 4.96
N LYS A 9 6.69 -16.64 3.96
CA LYS A 9 7.37 -16.28 2.72
C LYS A 9 7.59 -14.79 2.72
N TYR A 10 6.56 -14.06 3.13
CA TYR A 10 6.63 -12.62 3.21
C TYR A 10 5.76 -12.09 4.35
N PRO A 11 6.42 -11.69 5.46
CA PRO A 11 5.78 -11.21 6.68
C PRO A 11 5.45 -9.72 6.65
N ILE A 12 4.77 -9.26 7.69
CA ILE A 12 4.35 -7.86 7.81
C ILE A 12 5.56 -6.95 8.08
N VAL A 13 5.60 -5.81 7.39
CA VAL A 13 6.68 -4.85 7.56
C VAL A 13 6.22 -3.64 8.38
N TRP A 14 4.91 -3.40 8.40
CA TRP A 14 4.36 -2.25 9.11
C TRP A 14 2.91 -2.48 9.45
N GLN A 15 2.47 -1.89 10.53
CA GLN A 15 1.07 -1.96 10.94
C GLN A 15 0.67 -0.63 11.56
N GLY A 16 -0.29 0.02 10.94
CA GLY A 16 -0.72 1.31 11.40
C GLY A 16 -2.00 1.73 10.74
N LEU A 17 -2.03 2.94 10.20
CA LEU A 17 -3.22 3.45 9.54
C LEU A 17 -2.86 4.25 8.30
N LEU A 18 -3.76 4.26 7.35
CA LEU A 18 -3.67 5.15 6.21
C LEU A 18 -4.69 6.27 6.40
N ALA A 19 -4.40 7.45 5.89
CA ALA A 19 -5.31 8.59 6.06
C ALA A 19 -5.31 9.49 4.84
N LEU A 20 -6.49 9.74 4.28
CA LEU A 20 -6.61 10.69 3.19
C LEU A 20 -7.86 11.54 3.41
N LYS A 21 -7.78 12.83 3.08
CA LYS A 21 -8.81 13.82 3.41
C LYS A 21 -8.97 13.90 4.93
N ASN A 22 -9.89 13.10 5.45
CA ASN A 22 -10.10 12.98 6.88
C ASN A 22 -10.45 11.54 7.23
N ASP A 23 -10.30 10.66 6.25
CA ASP A 23 -10.70 9.27 6.39
C ASP A 23 -9.51 8.39 6.72
N THR A 24 -9.66 7.56 7.74
CA THR A 24 -8.58 6.70 8.19
C THR A 24 -8.97 5.22 8.10
N ALA A 25 -7.99 4.39 7.78
CA ALA A 25 -8.18 2.94 7.77
C ALA A 25 -6.94 2.28 8.32
N ALA A 26 -7.09 1.58 9.44
CA ALA A 26 -5.97 0.86 10.04
C ALA A 26 -5.61 -0.33 9.18
N VAL A 27 -4.36 -0.35 8.72
CA VAL A 27 -3.91 -1.38 7.81
C VAL A 27 -2.61 -2.03 8.29
N GLN A 28 -2.48 -3.29 7.96
CA GLN A 28 -1.25 -4.03 8.19
C GLN A 28 -0.60 -4.33 6.85
N LEU A 29 0.64 -3.93 6.71
CA LEU A 29 1.34 -4.06 5.45
C LEU A 29 2.20 -5.30 5.41
N HIS A 30 1.74 -6.26 4.63
CA HIS A 30 2.50 -7.48 4.41
C HIS A 30 3.50 -7.26 3.30
N PHE A 31 4.70 -7.76 3.48
CA PHE A 31 5.70 -7.70 2.45
C PHE A 31 5.26 -8.58 1.28
N VAL A 32 5.44 -8.10 0.07
CA VAL A 32 5.12 -8.90 -1.09
C VAL A 32 6.37 -9.21 -1.90
N SER A 33 7.06 -8.15 -2.31
CA SER A 33 8.17 -8.26 -3.24
C SER A 33 9.06 -7.02 -3.14
N GLY A 34 10.20 -7.04 -3.81
CA GLY A 34 11.08 -5.88 -3.81
C GLY A 34 12.04 -5.88 -2.64
N ASN A 35 12.52 -4.71 -2.28
CA ASN A 35 13.47 -4.57 -1.18
C ASN A 35 12.75 -4.11 0.09
N ASN A 36 12.67 -5.00 1.07
CA ASN A 36 11.93 -4.72 2.31
C ASN A 36 12.53 -3.55 3.08
N VAL A 37 13.84 -3.32 2.88
CA VAL A 37 14.52 -2.23 3.56
C VAL A 37 13.86 -0.89 3.21
N LEU A 38 13.39 -0.79 1.97
CA LEU A 38 12.70 0.42 1.52
C LEU A 38 11.50 0.72 2.39
N ALA A 39 10.72 -0.31 2.73
CA ALA A 39 9.54 -0.11 3.55
C ALA A 39 9.93 0.37 4.94
N HIS A 40 10.98 -0.22 5.48
CA HIS A 40 11.43 0.12 6.82
C HIS A 40 11.78 1.62 6.91
N ARG A 41 12.44 2.14 5.88
CA ARG A 41 12.87 3.54 5.87
C ARG A 41 11.81 4.49 5.30
N SER A 42 10.75 3.96 4.70
CA SER A 42 9.70 4.81 4.14
C SER A 42 8.51 4.90 5.08
N LEU A 43 8.25 3.82 5.78
CA LEU A 43 7.14 3.78 6.72
C LEU A 43 7.57 4.43 8.02
N PRO A 44 7.10 5.66 8.26
CA PRO A 44 7.65 6.54 9.29
C PRO A 44 7.28 6.15 10.71
N LEU A 45 8.26 6.31 11.59
CA LEU A 45 8.05 6.17 13.02
C LEU A 45 9.15 6.86 13.78
N SER A 46 8.80 7.32 14.96
CA SER A 46 9.75 7.88 15.90
C SER A 46 9.12 7.89 17.28
N GLU A 47 7.83 8.20 17.31
CA GLU A 47 7.07 8.22 18.55
C GLU A 47 5.64 7.75 18.29
N GLY A 48 5.39 6.48 18.57
CA GLY A 48 4.08 5.91 18.34
C GLY A 48 3.93 5.38 16.94
N GLY A 49 4.00 6.26 15.94
CA GLY A 49 3.84 5.86 14.57
C GLY A 49 2.68 6.56 13.90
N PRO A 50 2.95 7.57 13.07
CA PRO A 50 1.93 8.35 12.38
C PRO A 50 1.33 7.61 11.20
N PRO A 51 0.05 7.88 10.88
CA PRO A 51 -0.62 7.30 9.72
C PRO A 51 -0.10 7.88 8.41
N LEU A 52 -0.15 7.07 7.36
CA LEU A 52 0.32 7.51 6.05
C LEU A 52 -0.75 8.32 5.33
N ARG A 53 -0.45 9.59 5.07
CA ARG A 53 -1.39 10.49 4.43
C ARG A 53 -1.24 10.46 2.91
N ILE A 54 -2.35 10.50 2.19
CA ILE A 54 -2.30 10.51 0.74
C ILE A 54 -2.30 11.94 0.20
N ALA A 55 -1.15 12.34 -0.32
CA ALA A 55 -0.93 13.72 -0.72
C ALA A 55 -0.79 13.86 -2.22
N GLN A 56 -0.81 12.74 -2.95
CA GLN A 56 -0.69 12.76 -4.41
C GLN A 56 -1.42 11.57 -5.02
N ARG A 57 -1.50 11.55 -6.36
CA ARG A 57 -2.18 10.47 -7.08
C ARG A 57 -1.63 10.31 -8.49
N MET A 58 -1.47 9.08 -8.93
CA MET A 58 -0.95 8.80 -10.27
C MET A 58 -2.05 8.25 -11.15
N ARG A 59 -2.05 8.62 -12.42
CA ARG A 59 -3.04 8.09 -13.35
C ARG A 59 -2.64 6.67 -13.76
N LEU A 60 -3.40 5.66 -13.33
CA LEU A 60 -3.07 4.31 -13.76
C LEU A 60 -3.53 4.12 -15.20
N GLU A 61 -2.60 4.29 -16.11
CA GLU A 61 -2.85 4.11 -17.54
C GLU A 61 -2.04 2.95 -18.06
N ALA A 62 -2.38 2.47 -19.25
CA ALA A 62 -1.70 1.34 -19.85
C ALA A 62 -0.18 1.58 -19.92
N THR A 63 0.21 2.69 -20.54
CA THR A 63 1.62 3.03 -20.66
C THR A 63 2.27 3.24 -19.29
N GLN A 64 1.52 3.85 -18.38
CA GLN A 64 2.02 4.16 -17.06
C GLN A 64 2.30 2.89 -16.26
N LEU A 65 1.36 1.96 -16.29
CA LEU A 65 1.48 0.72 -15.55
C LEU A 65 2.66 -0.12 -16.05
N GLU A 66 2.93 0.00 -17.34
CA GLU A 66 4.09 -0.66 -17.93
C GLU A 66 5.37 -0.06 -17.36
N GLY A 67 5.41 1.26 -17.32
CA GLY A 67 6.53 1.97 -16.74
C GLY A 67 6.71 1.64 -15.26
N VAL A 68 5.60 1.56 -14.54
CA VAL A 68 5.60 1.17 -13.13
C VAL A 68 6.19 -0.23 -12.99
N ALA A 69 5.74 -1.14 -13.86
CA ALA A 69 6.18 -2.52 -13.83
C ALA A 69 7.69 -2.64 -14.03
N ARG A 70 8.27 -1.71 -14.77
CA ARG A 70 9.71 -1.72 -15.04
C ARG A 70 10.52 -1.58 -13.76
N ARG A 71 10.05 -0.77 -12.82
CA ARG A 71 10.74 -0.64 -11.55
C ARG A 71 10.26 -1.68 -10.57
N MET A 72 9.22 -2.41 -10.95
CA MET A 72 8.68 -3.48 -10.12
C MET A 72 9.41 -4.78 -10.41
N THR A 73 9.98 -4.90 -11.59
CA THR A 73 10.76 -6.07 -11.94
C THR A 73 12.17 -5.97 -11.38
N VAL A 74 12.59 -4.74 -11.11
CA VAL A 74 13.89 -4.50 -10.50
C VAL A 74 13.74 -4.41 -8.99
N GLU A 75 13.67 -5.58 -8.35
CA GLU A 75 13.53 -5.62 -6.91
C GLU A 75 14.80 -5.11 -6.24
N THR A 76 14.68 -3.91 -5.66
CA THR A 76 15.76 -3.15 -5.03
C THR A 76 15.41 -1.68 -5.11
N ASP A 77 14.87 -1.28 -6.26
CA ASP A 77 14.50 0.11 -6.50
C ASP A 77 13.09 0.38 -5.99
N TYR A 78 12.34 -0.69 -5.78
CA TYR A 78 11.00 -0.54 -5.24
C TYR A 78 10.76 -1.60 -4.16
N CYS A 79 9.75 -1.37 -3.37
CA CYS A 79 9.27 -2.35 -2.42
C CYS A 79 7.79 -2.57 -2.66
N LEU A 80 7.36 -3.81 -2.66
CA LEU A 80 5.96 -4.12 -2.88
C LEU A 80 5.33 -4.53 -1.57
N LEU A 81 4.24 -3.85 -1.21
CA LEU A 81 3.57 -4.11 0.04
C LEU A 81 2.10 -4.38 -0.19
N LEU A 82 1.52 -5.11 0.75
CA LEU A 82 0.11 -5.43 0.69
C LEU A 82 -0.58 -4.90 1.94
N ALA A 83 -1.39 -3.86 1.80
CA ALA A 83 -2.06 -3.27 2.94
C ALA A 83 -3.45 -3.84 3.10
N LEU A 84 -3.69 -4.40 4.28
CA LEU A 84 -4.99 -5.01 4.62
C LEU A 84 -5.52 -4.38 5.91
N PRO A 85 -6.85 -4.24 6.02
CA PRO A 85 -7.48 -3.70 7.22
C PRO A 85 -7.15 -4.55 8.46
N CYS A 86 -6.45 -3.96 9.42
CA CYS A 86 -6.05 -4.67 10.62
C CYS A 86 -6.96 -4.32 11.79
N GLY A 87 -7.84 -5.25 12.12
CA GLY A 87 -8.75 -5.04 13.22
C GLY A 87 -8.35 -5.79 14.46
N ARG A 88 -8.62 -5.19 15.62
CA ARG A 88 -8.31 -5.81 16.90
C ARG A 88 -9.07 -7.12 17.08
N ASP A 89 -10.26 -7.17 16.51
CA ASP A 89 -11.12 -8.32 16.62
C ASP A 89 -12.02 -8.37 15.39
N GLN A 90 -12.89 -9.37 15.32
CA GLN A 90 -13.81 -9.53 14.20
C GLN A 90 -14.55 -8.22 13.90
N GLU A 91 -15.03 -7.57 14.94
CA GLU A 91 -15.78 -6.32 14.79
C GLU A 91 -14.89 -5.24 14.19
N ASP A 92 -13.71 -5.06 14.78
CA ASP A 92 -12.80 -4.02 14.32
C ASP A 92 -12.37 -4.26 12.89
N VAL A 93 -12.06 -5.52 12.57
CA VAL A 93 -11.63 -5.89 11.22
C VAL A 93 -12.67 -5.48 10.19
N VAL A 94 -13.92 -5.84 10.46
CA VAL A 94 -15.01 -5.51 9.55
C VAL A 94 -15.16 -4.01 9.40
N SER A 95 -15.12 -3.31 10.53
CA SER A 95 -15.25 -1.86 10.53
C SER A 95 -14.13 -1.20 9.72
N GLN A 96 -12.92 -1.73 9.83
CA GLN A 96 -11.80 -1.19 9.07
C GLN A 96 -11.93 -1.55 7.60
N THR A 97 -12.44 -2.75 7.33
CA THR A 97 -12.66 -3.21 5.96
C THR A 97 -13.65 -2.28 5.24
N GLU A 98 -14.80 -2.08 5.85
CA GLU A 98 -15.84 -1.23 5.26
C GLU A 98 -15.36 0.21 5.10
N SER A 99 -14.63 0.70 6.09
CA SER A 99 -14.08 2.05 6.04
C SER A 99 -13.07 2.18 4.92
N LEU A 100 -12.16 1.22 4.83
CA LEU A 100 -11.10 1.25 3.83
C LEU A 100 -11.68 1.20 2.42
N LYS A 101 -12.63 0.30 2.19
CA LYS A 101 -13.18 0.12 0.86
C LYS A 101 -14.02 1.32 0.44
N ALA A 102 -14.59 2.03 1.41
CA ALA A 102 -15.39 3.21 1.10
C ALA A 102 -14.51 4.44 0.93
N ALA A 103 -13.48 4.55 1.76
CA ALA A 103 -12.67 5.76 1.81
C ALA A 103 -11.49 5.71 0.84
N PHE A 104 -10.78 4.59 0.82
CA PHE A 104 -9.58 4.47 0.00
C PHE A 104 -9.87 3.73 -1.28
N ILE A 105 -10.51 2.56 -1.17
CA ILE A 105 -10.77 1.72 -2.33
C ILE A 105 -11.66 2.44 -3.33
N THR A 106 -12.83 2.88 -2.88
CA THR A 106 -13.76 3.60 -3.74
C THR A 106 -13.10 4.84 -4.33
N TYR A 107 -12.38 5.59 -3.52
CA TYR A 107 -11.66 6.77 -4.00
C TYR A 107 -10.63 6.39 -5.07
N LEU A 108 -9.71 5.50 -4.75
CA LEU A 108 -8.67 5.08 -5.68
C LEU A 108 -9.26 4.53 -6.97
N GLN A 109 -10.30 3.71 -6.85
CA GLN A 109 -10.88 3.08 -8.01
C GLN A 109 -11.66 4.10 -8.85
N ALA A 110 -12.34 5.02 -8.17
CA ALA A 110 -13.12 6.06 -8.85
C ALA A 110 -12.21 7.06 -9.54
N LYS A 111 -11.03 7.28 -8.97
CA LYS A 111 -10.07 8.19 -9.55
C LYS A 111 -9.27 7.50 -10.64
N GLN A 112 -9.26 6.17 -10.63
CA GLN A 112 -8.36 5.39 -11.48
C GLN A 112 -6.92 5.86 -11.26
N ALA A 113 -6.55 5.98 -10.00
CA ALA A 113 -5.28 6.59 -9.64
C ALA A 113 -4.43 5.71 -8.71
N ALA A 114 -3.26 6.22 -8.38
CA ALA A 114 -2.37 5.62 -7.37
C ALA A 114 -2.20 6.58 -6.23
N GLY A 115 -2.62 6.19 -5.03
CA GLY A 115 -2.48 7.05 -3.87
C GLY A 115 -1.02 7.28 -3.53
N ILE A 116 -0.50 8.44 -3.87
CA ILE A 116 0.90 8.72 -3.69
C ILE A 116 1.15 9.32 -2.32
N ILE A 117 1.96 8.64 -1.55
CA ILE A 117 2.35 9.12 -0.24
C ILE A 117 3.84 9.42 -0.22
N ASN A 118 4.17 10.70 -0.22
CA ASN A 118 5.55 11.13 -0.13
C ASN A 118 5.98 11.18 1.33
N VAL A 119 7.10 10.55 1.63
CA VAL A 119 7.60 10.50 2.98
C VAL A 119 9.10 10.80 3.02
N PRO A 120 9.53 11.66 3.95
CA PRO A 120 10.95 11.96 4.14
C PRO A 120 11.66 10.87 4.93
N ASN A 121 12.85 10.52 4.47
CA ASN A 121 13.66 9.50 5.13
C ASN A 121 14.12 10.01 6.49
N PRO A 122 13.78 9.27 7.57
CA PRO A 122 14.07 9.68 8.95
C PRO A 122 15.52 10.11 9.15
N GLY A 123 15.70 11.34 9.59
CA GLY A 123 17.03 11.84 9.86
C GLY A 123 17.61 12.61 8.69
N SER A 124 17.30 12.15 7.48
CA SER A 124 17.79 12.79 6.28
C SER A 124 16.81 13.87 5.80
N ASN A 125 15.53 13.66 6.13
CA ASN A 125 14.46 14.61 5.81
C ASN A 125 14.25 14.71 4.31
N GLN A 126 14.72 13.71 3.57
CA GLN A 126 14.57 13.69 2.12
C GLN A 126 13.27 12.98 1.75
N PRO A 127 12.32 13.71 1.15
CA PRO A 127 10.99 13.19 0.82
C PRO A 127 10.97 12.46 -0.53
N ALA A 128 12.12 11.96 -0.95
CA ALA A 128 12.26 11.30 -2.24
C ALA A 128 11.74 9.86 -2.21
N TYR A 129 10.66 9.64 -1.48
CA TYR A 129 10.03 8.33 -1.42
C TYR A 129 8.58 8.44 -1.83
N VAL A 130 8.17 7.53 -2.70
CA VAL A 130 6.81 7.49 -3.19
C VAL A 130 6.17 6.16 -2.86
N LEU A 131 5.18 6.19 -2.00
CA LEU A 131 4.37 5.02 -1.76
C LEU A 131 3.12 5.11 -2.63
N GLN A 132 3.04 4.25 -3.62
CA GLN A 132 1.93 4.25 -4.55
C GLN A 132 0.86 3.29 -4.10
N ILE A 133 -0.27 3.82 -3.71
CA ILE A 133 -1.38 3.02 -3.27
C ILE A 133 -2.31 2.72 -4.45
N PHE A 134 -2.13 1.56 -5.03
CA PHE A 134 -2.97 1.13 -6.14
C PHE A 134 -4.19 0.38 -5.61
N PRO A 135 -5.37 0.67 -6.15
CA PRO A 135 -6.61 -0.01 -5.77
C PRO A 135 -6.59 -1.48 -6.17
N PRO A 136 -7.59 -2.27 -5.72
CA PRO A 136 -7.70 -3.71 -6.05
C PRO A 136 -8.07 -3.95 -7.52
N CYS A 137 -7.45 -3.19 -8.41
CA CYS A 137 -7.66 -3.34 -9.85
C CYS A 137 -6.93 -4.59 -10.37
N GLU A 138 -7.33 -5.05 -11.55
CA GLU A 138 -6.73 -6.23 -12.16
C GLU A 138 -5.20 -6.11 -12.24
N PHE A 139 -4.72 -4.90 -12.49
CA PHE A 139 -3.28 -4.62 -12.52
C PHE A 139 -2.60 -5.12 -11.25
N SER A 140 -3.17 -4.75 -10.12
CA SER A 140 -2.62 -5.12 -8.82
C SER A 140 -2.72 -6.64 -8.62
N GLU A 141 -3.92 -7.16 -8.81
CA GLU A 141 -4.20 -8.58 -8.56
C GLU A 141 -3.30 -9.48 -9.41
N SER A 142 -3.13 -9.11 -10.67
CA SER A 142 -2.34 -9.93 -11.59
C SER A 142 -0.87 -9.95 -11.16
N HIS A 143 -0.33 -8.78 -10.84
CA HIS A 143 1.04 -8.68 -10.38
C HIS A 143 1.22 -9.41 -9.06
N LEU A 144 0.23 -9.31 -8.20
CA LEU A 144 0.27 -9.95 -6.90
C LEU A 144 0.27 -11.48 -7.01
N SER A 145 -0.52 -12.02 -7.93
CA SER A 145 -0.59 -13.46 -8.09
C SER A 145 0.71 -14.00 -8.67
N ARG A 146 1.42 -13.15 -9.42
CA ARG A 146 2.72 -13.52 -9.96
C ARG A 146 3.82 -13.36 -8.91
N LEU A 147 3.81 -12.22 -8.23
CA LEU A 147 4.87 -11.86 -7.31
C LEU A 147 4.74 -12.60 -5.97
N ALA A 148 3.53 -12.74 -5.46
CA ALA A 148 3.31 -13.42 -4.19
C ALA A 148 2.03 -14.24 -4.21
N PRO A 149 2.11 -15.49 -4.68
CA PRO A 149 0.93 -16.34 -4.86
C PRO A 149 0.32 -16.81 -3.54
N ASP A 150 1.10 -16.82 -2.47
CA ASP A 150 0.62 -17.38 -1.21
C ASP A 150 -0.27 -16.37 -0.51
N LEU A 151 0.19 -15.14 -0.39
CA LEU A 151 -0.59 -14.11 0.24
C LEU A 151 -1.74 -13.72 -0.69
N LEU A 152 -1.50 -13.84 -2.00
CA LEU A 152 -2.52 -13.58 -3.01
C LEU A 152 -3.75 -14.43 -2.74
N ALA A 153 -3.53 -15.71 -2.47
CA ALA A 153 -4.64 -16.63 -2.23
C ALA A 153 -5.45 -16.20 -1.01
N SER A 154 -4.80 -15.51 -0.08
CA SER A 154 -5.47 -15.00 1.11
C SER A 154 -6.25 -13.73 0.79
N ILE A 155 -5.67 -12.87 -0.05
CA ILE A 155 -6.27 -11.57 -0.32
C ILE A 155 -7.38 -11.68 -1.35
N SER A 156 -7.47 -12.82 -1.99
CA SER A 156 -8.56 -13.08 -2.94
C SER A 156 -9.92 -12.93 -2.26
N ASN A 157 -9.93 -13.16 -0.95
CA ASN A 157 -11.15 -12.99 -0.15
C ASN A 157 -11.27 -11.55 0.32
N ILE A 158 -10.14 -10.92 0.61
CA ILE A 158 -10.14 -9.55 1.09
C ILE A 158 -9.70 -8.60 -0.04
N SER A 159 -10.20 -8.92 -1.24
CA SER A 159 -10.11 -8.05 -2.42
C SER A 159 -10.16 -6.54 -2.09
N PRO A 160 -11.08 -6.07 -1.20
CA PRO A 160 -11.02 -4.69 -0.69
C PRO A 160 -9.70 -4.41 0.03
N HIS A 161 -8.64 -4.23 -0.74
CA HIS A 161 -7.31 -4.01 -0.20
C HIS A 161 -6.54 -3.06 -1.10
N LEU A 162 -5.35 -2.68 -0.67
CA LEU A 162 -4.51 -1.80 -1.44
C LEU A 162 -3.16 -2.43 -1.71
N MET A 163 -2.60 -2.16 -2.88
CA MET A 163 -1.26 -2.61 -3.20
C MET A 163 -0.33 -1.40 -3.18
N ILE A 164 0.54 -1.36 -2.20
CA ILE A 164 1.38 -0.19 -1.98
C ILE A 164 2.79 -0.42 -2.53
N VAL A 165 3.13 0.37 -3.54
CA VAL A 165 4.43 0.27 -4.19
C VAL A 165 5.36 1.39 -3.73
N ILE A 166 6.39 1.02 -3.02
CA ILE A 166 7.36 1.98 -2.51
C ILE A 166 8.49 2.17 -3.51
N ALA A 167 8.56 3.35 -4.10
CA ALA A 167 9.59 3.62 -5.09
C ALA A 167 10.58 4.64 -4.56
N SER A 168 11.86 4.29 -4.63
CA SER A 168 12.91 5.24 -4.30
C SER A 168 13.39 5.91 -5.58
N VAL A 169 13.08 7.17 -5.73
CA VAL A 169 13.41 7.91 -6.94
C VAL A 169 14.65 8.77 -6.74
N TYR B 1 2.48 13.47 -10.65
CA TYR B 1 1.73 12.62 -9.70
C TYR B 1 0.66 13.43 -8.96
N GLU B 2 0.19 14.52 -9.56
CA GLU B 2 -0.91 15.31 -9.01
C GLU B 2 -0.62 15.76 -7.58
N THR B 3 -1.69 16.02 -6.86
CA THR B 3 -1.66 16.21 -5.43
C THR B 3 -3.04 15.84 -4.89
N LEU B 4 -3.09 14.95 -3.91
CA LEU B 4 -4.37 14.50 -3.37
C LEU B 4 -4.88 15.52 -2.37
N SEP B 5 -5.23 15.09 -1.18
CA SEP B 5 -6.04 15.93 -0.32
CB SEP B 5 -7.50 15.89 -0.84
OG SEP B 5 -7.49 16.33 -2.21
C SEP B 5 -5.95 15.48 1.13
O SEP B 5 -6.30 14.36 1.46
P SEP B 5 -8.99 16.30 -2.82
O1P SEP B 5 -9.86 17.20 -2.04
O2P SEP B 5 -8.93 16.79 -4.36
O3P SEP B 5 -9.57 14.81 -2.76
H SEP B 5 -4.90 14.22 -0.84
HA SEP B 5 -5.67 16.95 -0.40
HB2 SEP B 5 -7.88 14.89 -0.78
HB3 SEP B 5 -8.11 16.56 -0.25
N ASP B 6 -5.44 16.37 1.97
CA ASP B 6 -5.23 16.08 3.39
C ASP B 6 -4.90 17.36 4.14
N SEP B 7 -3.69 17.86 3.90
CA SEP B 7 -3.24 19.13 4.48
CB SEP B 7 -2.62 18.91 5.87
OG SEP B 7 -3.57 18.30 6.74
C SEP B 7 -2.22 19.77 3.56
O SEP B 7 -2.41 20.89 3.08
P SEP B 7 -2.84 18.11 8.17
O1P SEP B 7 -2.42 19.44 8.68
O2P SEP B 7 -3.86 17.43 9.21
O3P SEP B 7 -1.55 17.18 7.98
H SEP B 7 -3.08 17.38 3.30
HA SEP B 7 -4.10 19.78 4.57
HB2 SEP B 7 -1.76 18.26 5.78
HB3 SEP B 7 -2.33 19.86 6.28
N GLU B 8 -1.13 19.05 3.32
CA GLU B 8 -0.13 19.48 2.35
C GLU B 8 -0.40 18.83 1.01
N VAL A 1 -8.27 -16.04 5.77
CA VAL A 1 -7.03 -15.28 5.53
C VAL A 1 -5.98 -15.65 6.57
N ASP A 2 -5.05 -16.52 6.20
CA ASP A 2 -4.03 -16.96 7.14
C ASP A 2 -2.69 -16.31 6.84
N MET A 3 -2.17 -15.57 7.81
CA MET A 3 -0.90 -14.89 7.65
C MET A 3 0.26 -15.85 7.88
N VAL A 4 0.01 -16.91 8.63
CA VAL A 4 1.04 -17.85 9.03
C VAL A 4 1.61 -18.59 7.81
N GLN A 5 0.82 -18.68 6.76
CA GLN A 5 1.30 -19.24 5.51
C GLN A 5 2.15 -18.22 4.75
N LEU A 6 1.57 -17.06 4.49
CA LEU A 6 2.18 -16.08 3.61
C LEU A 6 3.42 -15.43 4.23
N LEU A 7 3.45 -15.26 5.56
CA LEU A 7 4.56 -14.53 6.18
C LEU A 7 5.83 -15.39 6.12
N LYS A 8 5.67 -16.68 5.84
CA LYS A 8 6.80 -17.58 5.70
C LYS A 8 7.54 -17.27 4.41
N LYS A 9 6.86 -16.57 3.51
CA LYS A 9 7.47 -16.08 2.29
C LYS A 9 7.73 -14.59 2.40
N TYR A 10 6.74 -13.88 2.90
CA TYR A 10 6.82 -12.44 3.02
C TYR A 10 5.95 -11.95 4.18
N PRO A 11 6.60 -11.56 5.29
CA PRO A 11 5.93 -11.14 6.53
C PRO A 11 5.51 -9.68 6.53
N ILE A 12 4.78 -9.29 7.57
CA ILE A 12 4.29 -7.92 7.71
C ILE A 12 5.45 -6.97 8.02
N VAL A 13 5.51 -5.85 7.30
CA VAL A 13 6.58 -4.88 7.48
C VAL A 13 6.12 -3.69 8.32
N TRP A 14 4.84 -3.36 8.23
CA TRP A 14 4.30 -2.21 8.95
C TRP A 14 2.85 -2.46 9.32
N GLN A 15 2.40 -1.78 10.37
CA GLN A 15 1.02 -1.86 10.79
C GLN A 15 0.64 -0.53 11.42
N GLY A 16 -0.36 0.12 10.85
CA GLY A 16 -0.80 1.40 11.34
C GLY A 16 -2.09 1.82 10.70
N LEU A 17 -2.12 3.02 10.13
CA LEU A 17 -3.30 3.50 9.46
C LEU A 17 -2.94 4.28 8.20
N LEU A 18 -3.85 4.30 7.26
CA LEU A 18 -3.75 5.17 6.11
C LEU A 18 -4.79 6.29 6.26
N ALA A 19 -4.50 7.46 5.71
CA ALA A 19 -5.41 8.59 5.84
C ALA A 19 -5.37 9.48 4.61
N LEU A 20 -6.51 9.70 3.99
CA LEU A 20 -6.60 10.64 2.89
C LEU A 20 -7.84 11.49 3.07
N LYS A 21 -7.73 12.78 2.78
CA LYS A 21 -8.74 13.78 3.15
C LYS A 21 -8.87 13.83 4.67
N ASN A 22 -9.82 13.07 5.17
CA ASN A 22 -10.04 12.93 6.60
C ASN A 22 -10.39 11.49 6.92
N ASP A 23 -10.30 10.64 5.90
CA ASP A 23 -10.70 9.24 6.01
C ASP A 23 -9.52 8.38 6.44
N THR A 24 -9.70 7.60 7.48
CA THR A 24 -8.65 6.75 7.99
C THR A 24 -9.03 5.27 7.95
N ALA A 25 -8.05 4.43 7.69
CA ALA A 25 -8.25 2.98 7.71
C ALA A 25 -6.99 2.33 8.28
N ALA A 26 -7.15 1.62 9.38
CA ALA A 26 -6.02 0.93 10.00
C ALA A 26 -5.62 -0.27 9.16
N VAL A 27 -4.40 -0.24 8.66
CA VAL A 27 -3.93 -1.28 7.75
C VAL A 27 -2.63 -1.93 8.22
N GLN A 28 -2.53 -3.20 7.89
CA GLN A 28 -1.31 -3.96 8.08
C GLN A 28 -0.66 -4.19 6.72
N LEU A 29 0.59 -3.80 6.61
CA LEU A 29 1.30 -3.91 5.36
C LEU A 29 2.12 -5.18 5.31
N HIS A 30 1.64 -6.12 4.53
CA HIS A 30 2.34 -7.37 4.32
C HIS A 30 3.39 -7.15 3.24
N PHE A 31 4.57 -7.71 3.42
CA PHE A 31 5.57 -7.64 2.38
C PHE A 31 5.13 -8.50 1.22
N VAL A 32 5.29 -8.01 0.00
CA VAL A 32 4.95 -8.79 -1.16
C VAL A 32 6.19 -9.12 -1.98
N SER A 33 6.90 -8.08 -2.37
CA SER A 33 8.01 -8.19 -3.31
C SER A 33 8.89 -6.95 -3.24
N GLY A 34 10.03 -6.98 -3.91
CA GLY A 34 10.91 -5.82 -3.90
C GLY A 34 11.86 -5.82 -2.73
N ASN A 35 12.33 -4.64 -2.36
CA ASN A 35 13.29 -4.52 -1.28
C ASN A 35 12.60 -4.11 0.02
N ASN A 36 12.60 -5.00 1.00
CA ASN A 36 11.93 -4.76 2.28
C ASN A 36 12.56 -3.59 3.03
N VAL A 37 13.84 -3.35 2.79
CA VAL A 37 14.55 -2.25 3.43
C VAL A 37 13.90 -0.92 3.06
N LEU A 38 13.37 -0.84 1.85
CA LEU A 38 12.68 0.35 1.37
C LEU A 38 11.49 0.67 2.26
N ALA A 39 10.76 -0.37 2.67
CA ALA A 39 9.60 -0.16 3.52
C ALA A 39 10.01 0.35 4.89
N HIS A 40 11.09 -0.22 5.43
CA HIS A 40 11.57 0.20 6.74
C HIS A 40 12.03 1.66 6.72
N ARG A 41 12.60 2.09 5.61
CA ARG A 41 13.13 3.45 5.50
C ARG A 41 12.07 4.42 4.99
N SER A 42 10.91 3.93 4.55
CA SER A 42 9.84 4.80 4.10
C SER A 42 8.72 4.90 5.13
N LEU A 43 8.39 3.77 5.75
CA LEU A 43 7.26 3.72 6.66
C LEU A 43 7.67 4.25 8.02
N PRO A 44 7.16 5.44 8.36
CA PRO A 44 7.57 6.17 9.57
C PRO A 44 6.95 5.61 10.84
N LEU A 45 7.67 5.76 11.93
CA LEU A 45 7.18 5.35 13.24
C LEU A 45 7.92 6.10 14.33
N SER A 46 7.35 6.10 15.52
CA SER A 46 7.92 6.76 16.68
C SER A 46 7.03 6.48 17.88
N GLU A 47 5.74 6.61 17.68
CA GLU A 47 4.76 6.36 18.72
C GLU A 47 3.51 5.71 18.12
N GLY A 48 3.26 4.47 18.51
CA GLY A 48 2.11 3.74 17.98
C GLY A 48 2.27 3.43 16.51
N GLY A 49 1.59 4.19 15.68
CA GLY A 49 1.68 4.01 14.24
C GLY A 49 1.01 5.15 13.50
N PRO A 50 1.81 6.09 12.96
CA PRO A 50 1.29 7.26 12.25
C PRO A 50 0.56 6.89 10.95
N PRO A 51 -0.52 7.61 10.64
CA PRO A 51 -1.29 7.37 9.42
C PRO A 51 -0.64 8.00 8.19
N LEU A 52 -0.37 7.17 7.19
CA LEU A 52 0.18 7.64 5.92
C LEU A 52 -0.87 8.46 5.16
N ARG A 53 -0.56 9.72 4.89
CA ARG A 53 -1.53 10.60 4.24
C ARG A 53 -1.35 10.62 2.72
N ILE A 54 -2.45 10.66 1.99
CA ILE A 54 -2.40 10.67 0.53
C ILE A 54 -2.56 12.09 -0.02
N ALA A 55 -1.44 12.64 -0.48
CA ALA A 55 -1.40 14.03 -0.93
C ALA A 55 -1.17 14.12 -2.44
N GLN A 56 -1.04 12.98 -3.09
CA GLN A 56 -0.84 12.92 -4.54
C GLN A 56 -1.47 11.67 -5.13
N ARG A 57 -1.45 11.55 -6.45
CA ARG A 57 -2.07 10.42 -7.12
C ARG A 57 -1.51 10.22 -8.54
N MET A 58 -1.31 8.97 -8.92
CA MET A 58 -0.84 8.65 -10.27
C MET A 58 -1.93 7.97 -11.06
N ARG A 59 -2.33 8.56 -12.17
CA ARG A 59 -3.38 7.99 -12.99
C ARG A 59 -2.87 6.70 -13.63
N LEU A 60 -3.39 5.57 -13.19
CA LEU A 60 -2.93 4.29 -13.69
C LEU A 60 -3.42 4.11 -15.13
N GLU A 61 -2.53 4.41 -16.05
CA GLU A 61 -2.82 4.27 -17.46
C GLU A 61 -2.03 3.11 -18.02
N ALA A 62 -2.39 2.63 -19.20
CA ALA A 62 -1.69 1.53 -19.85
C ALA A 62 -0.20 1.84 -19.94
N THR A 63 0.10 3.02 -20.46
CA THR A 63 1.47 3.49 -20.60
C THR A 63 2.18 3.59 -19.25
N GLN A 64 1.45 4.07 -18.25
CA GLN A 64 1.99 4.21 -16.90
C GLN A 64 2.37 2.85 -16.33
N LEU A 65 1.42 1.91 -16.40
CA LEU A 65 1.60 0.58 -15.83
C LEU A 65 2.78 -0.14 -16.49
N GLU A 66 3.01 0.14 -17.76
CA GLU A 66 4.18 -0.40 -18.46
C GLU A 66 5.45 0.06 -17.77
N GLY A 67 5.53 1.37 -17.56
CA GLY A 67 6.68 1.96 -16.90
C GLY A 67 6.82 1.49 -15.46
N VAL A 68 5.69 1.36 -14.77
CA VAL A 68 5.69 0.88 -13.40
C VAL A 68 6.25 -0.54 -13.32
N ALA A 69 5.77 -1.43 -14.19
CA ALA A 69 6.22 -2.81 -14.21
C ALA A 69 7.73 -2.92 -14.44
N ARG A 70 8.28 -1.96 -15.18
CA ARG A 70 9.70 -1.92 -15.45
C ARG A 70 10.52 -1.86 -14.17
N ARG A 71 10.07 -1.06 -13.21
CA ARG A 71 10.77 -0.96 -11.93
C ARG A 71 10.29 -2.04 -10.96
N MET A 72 9.17 -2.68 -11.30
CA MET A 72 8.63 -3.74 -10.47
C MET A 72 9.37 -5.04 -10.71
N THR A 73 9.94 -5.18 -11.89
CA THR A 73 10.72 -6.36 -12.20
C THR A 73 12.16 -6.18 -11.71
N VAL A 74 12.43 -5.04 -11.09
CA VAL A 74 13.72 -4.76 -10.51
C VAL A 74 13.59 -4.61 -9.00
N GLU A 75 13.61 -5.73 -8.29
CA GLU A 75 13.48 -5.70 -6.85
C GLU A 75 14.76 -5.17 -6.24
N THR A 76 14.65 -3.95 -5.73
CA THR A 76 15.76 -3.14 -5.20
C THR A 76 15.37 -1.67 -5.28
N ASP A 77 14.78 -1.31 -6.43
CA ASP A 77 14.41 0.08 -6.68
C ASP A 77 13.03 0.38 -6.13
N TYR A 78 12.20 -0.64 -6.05
CA TYR A 78 10.87 -0.47 -5.50
C TYR A 78 10.62 -1.53 -4.43
N CYS A 79 9.62 -1.28 -3.61
CA CYS A 79 9.14 -2.26 -2.67
C CYS A 79 7.65 -2.45 -2.90
N LEU A 80 7.21 -3.69 -2.89
CA LEU A 80 5.82 -3.99 -3.08
C LEU A 80 5.21 -4.40 -1.75
N LEU A 81 4.14 -3.72 -1.36
CA LEU A 81 3.50 -3.98 -0.09
C LEU A 81 2.02 -4.24 -0.27
N LEU A 82 1.46 -4.99 0.66
CA LEU A 82 0.05 -5.33 0.61
C LEU A 82 -0.63 -4.81 1.87
N ALA A 83 -1.43 -3.76 1.73
CA ALA A 83 -2.09 -3.17 2.90
C ALA A 83 -3.49 -3.74 3.06
N LEU A 84 -3.73 -4.29 4.23
CA LEU A 84 -4.99 -4.91 4.58
C LEU A 84 -5.56 -4.29 5.85
N PRO A 85 -6.88 -4.18 5.97
CA PRO A 85 -7.52 -3.66 7.19
C PRO A 85 -7.17 -4.50 8.41
N CYS A 86 -6.49 -3.89 9.38
CA CYS A 86 -6.10 -4.59 10.59
C CYS A 86 -6.93 -4.14 11.78
N GLY A 87 -7.83 -5.00 12.20
CA GLY A 87 -8.71 -4.69 13.31
C GLY A 87 -8.28 -5.39 14.58
N ARG A 88 -8.51 -4.73 15.72
CA ARG A 88 -8.19 -5.32 17.03
C ARG A 88 -8.96 -6.62 17.24
N ASP A 89 -10.16 -6.67 16.72
CA ASP A 89 -10.99 -7.84 16.80
C ASP A 89 -11.75 -7.94 15.49
N GLN A 90 -12.51 -9.01 15.27
CA GLN A 90 -13.25 -9.16 14.02
C GLN A 90 -14.16 -7.96 13.82
N GLU A 91 -14.67 -7.42 14.92
CA GLU A 91 -15.48 -6.22 14.90
C GLU A 91 -14.71 -5.08 14.25
N ASP A 92 -13.52 -4.80 14.76
CA ASP A 92 -12.70 -3.71 14.24
C ASP A 92 -12.27 -4.00 12.82
N VAL A 93 -11.99 -5.26 12.53
CA VAL A 93 -11.60 -5.68 11.19
C VAL A 93 -12.67 -5.29 10.18
N VAL A 94 -13.92 -5.61 10.50
CA VAL A 94 -15.05 -5.25 9.65
C VAL A 94 -15.12 -3.74 9.49
N SER A 95 -14.95 -3.04 10.60
CA SER A 95 -14.98 -1.58 10.61
C SER A 95 -13.89 -1.00 9.73
N GLN A 96 -12.66 -1.52 9.85
CA GLN A 96 -11.56 -1.06 9.02
C GLN A 96 -11.82 -1.40 7.56
N THR A 97 -12.34 -2.60 7.33
CA THR A 97 -12.63 -3.06 5.98
C THR A 97 -13.62 -2.14 5.28
N GLU A 98 -14.76 -1.91 5.94
CA GLU A 98 -15.81 -1.07 5.35
C GLU A 98 -15.34 0.36 5.15
N SER A 99 -14.54 0.86 6.10
CA SER A 99 -14.00 2.19 5.99
C SER A 99 -13.00 2.27 4.84
N LEU A 100 -12.13 1.27 4.75
CA LEU A 100 -11.12 1.24 3.70
C LEU A 100 -11.76 1.11 2.33
N LYS A 101 -12.71 0.21 2.19
CA LYS A 101 -13.35 -0.03 0.91
C LYS A 101 -14.14 1.18 0.44
N ALA A 102 -14.68 1.93 1.39
CA ALA A 102 -15.45 3.11 1.06
C ALA A 102 -14.55 4.32 0.82
N ALA A 103 -13.54 4.47 1.66
CA ALA A 103 -12.73 5.69 1.66
C ALA A 103 -11.56 5.62 0.69
N PHE A 104 -10.84 4.51 0.68
CA PHE A 104 -9.66 4.38 -0.15
C PHE A 104 -9.96 3.61 -1.42
N ILE A 105 -10.59 2.44 -1.25
CA ILE A 105 -10.86 1.55 -2.37
C ILE A 105 -11.76 2.22 -3.40
N THR A 106 -12.96 2.61 -2.99
CA THR A 106 -13.92 3.24 -3.88
C THR A 106 -13.35 4.52 -4.50
N TYR A 107 -12.50 5.20 -3.74
CA TYR A 107 -11.94 6.47 -4.19
C TYR A 107 -10.81 6.25 -5.21
N LEU A 108 -9.80 5.49 -4.82
CA LEU A 108 -8.67 5.21 -5.69
C LEU A 108 -9.12 4.58 -7.00
N GLN A 109 -10.11 3.72 -6.94
CA GLN A 109 -10.61 3.05 -8.13
C GLN A 109 -11.43 4.04 -8.97
N ALA A 110 -12.10 4.97 -8.30
CA ALA A 110 -12.90 5.99 -8.98
C ALA A 110 -11.99 6.91 -9.79
N LYS A 111 -10.85 7.23 -9.22
CA LYS A 111 -9.89 8.12 -9.86
C LYS A 111 -9.05 7.37 -10.88
N GLN A 112 -9.05 6.04 -10.79
CA GLN A 112 -8.12 5.21 -11.55
C GLN A 112 -6.71 5.69 -11.30
N ALA A 113 -6.36 5.86 -10.03
CA ALA A 113 -5.09 6.48 -9.69
C ALA A 113 -4.32 5.68 -8.65
N ALA A 114 -3.17 6.22 -8.27
CA ALA A 114 -2.32 5.65 -7.22
C ALA A 114 -2.15 6.65 -6.10
N GLY A 115 -2.61 6.29 -4.92
CA GLY A 115 -2.47 7.17 -3.77
C GLY A 115 -1.03 7.43 -3.43
N ILE A 116 -0.54 8.61 -3.76
CA ILE A 116 0.86 8.93 -3.58
C ILE A 116 1.10 9.53 -2.22
N ILE A 117 1.98 8.88 -1.47
CA ILE A 117 2.35 9.35 -0.16
C ILE A 117 3.83 9.68 -0.13
N ASN A 118 4.14 10.97 0.02
CA ASN A 118 5.51 11.44 0.06
C ASN A 118 6.00 11.47 1.49
N VAL A 119 6.88 10.54 1.81
CA VAL A 119 7.29 10.35 3.19
C VAL A 119 8.79 10.55 3.36
N PRO A 120 9.20 11.22 4.46
CA PRO A 120 10.61 11.36 4.81
C PRO A 120 11.13 10.12 5.55
N ASN A 121 12.36 9.75 5.24
CA ASN A 121 12.99 8.59 5.88
C ASN A 121 13.33 8.88 7.33
N PRO A 122 12.97 7.97 8.24
CA PRO A 122 13.20 8.12 9.67
C PRO A 122 14.68 8.38 9.99
N GLY A 123 14.94 9.50 10.66
CA GLY A 123 16.30 9.84 11.03
C GLY A 123 16.85 10.99 10.20
N SER A 124 16.60 10.97 8.91
CA SER A 124 17.15 11.98 8.01
C SER A 124 16.07 12.96 7.58
N ASN A 125 14.83 12.49 7.53
CA ASN A 125 13.68 13.30 7.16
C ASN A 125 13.76 13.73 5.69
N GLN A 126 14.38 12.89 4.86
CA GLN A 126 14.40 13.12 3.43
C GLN A 126 13.11 12.57 2.81
N PRO A 127 12.26 13.46 2.28
CA PRO A 127 10.93 13.08 1.78
C PRO A 127 10.95 12.55 0.35
N ALA A 128 12.10 12.04 -0.08
CA ALA A 128 12.28 11.56 -1.44
C ALA A 128 11.74 10.13 -1.61
N TYR A 129 10.53 9.89 -1.15
CA TYR A 129 9.92 8.57 -1.25
C TYR A 129 8.48 8.69 -1.70
N VAL A 130 8.11 7.84 -2.66
CA VAL A 130 6.77 7.79 -3.18
C VAL A 130 6.16 6.42 -2.94
N LEU A 131 5.15 6.39 -2.09
CA LEU A 131 4.35 5.19 -1.95
C LEU A 131 3.11 5.32 -2.80
N GLN A 132 2.99 4.47 -3.81
CA GLN A 132 1.84 4.48 -4.69
C GLN A 132 0.82 3.48 -4.21
N ILE A 133 -0.31 3.98 -3.74
CA ILE A 133 -1.37 3.13 -3.28
C ILE A 133 -2.33 2.81 -4.43
N PHE A 134 -2.14 1.64 -5.02
CA PHE A 134 -2.99 1.18 -6.10
C PHE A 134 -4.22 0.48 -5.54
N PRO A 135 -5.39 0.71 -6.15
CA PRO A 135 -6.63 0.03 -5.76
C PRO A 135 -6.59 -1.45 -6.10
N PRO A 136 -7.60 -2.24 -5.66
CA PRO A 136 -7.70 -3.66 -5.98
C PRO A 136 -8.06 -3.91 -7.45
N CYS A 137 -7.40 -3.16 -8.34
CA CYS A 137 -7.62 -3.27 -9.77
C CYS A 137 -6.96 -4.53 -10.33
N GLU A 138 -7.37 -4.92 -11.52
CA GLU A 138 -6.84 -6.13 -12.18
C GLU A 138 -5.31 -6.11 -12.22
N PHE A 139 -4.75 -4.93 -12.50
CA PHE A 139 -3.30 -4.73 -12.51
C PHE A 139 -2.67 -5.25 -11.22
N SER A 140 -3.29 -4.94 -10.11
CA SER A 140 -2.78 -5.33 -8.80
C SER A 140 -2.85 -6.85 -8.64
N GLU A 141 -4.06 -7.41 -8.77
CA GLU A 141 -4.29 -8.83 -8.54
C GLU A 141 -3.41 -9.71 -9.42
N SER A 142 -3.26 -9.32 -10.67
CA SER A 142 -2.49 -10.12 -11.61
C SER A 142 -1.01 -10.14 -11.23
N HIS A 143 -0.46 -8.97 -10.93
CA HIS A 143 0.93 -8.87 -10.53
C HIS A 143 1.15 -9.53 -9.18
N LEU A 144 0.17 -9.40 -8.29
CA LEU A 144 0.22 -10.05 -6.99
C LEU A 144 0.27 -11.56 -7.14
N SER A 145 -0.44 -12.08 -8.14
CA SER A 145 -0.44 -13.50 -8.43
C SER A 145 0.96 -13.96 -8.83
N ARG A 146 1.65 -13.12 -9.58
CA ARG A 146 2.99 -13.43 -10.05
C ARG A 146 4.05 -13.19 -8.98
N LEU A 147 3.80 -12.20 -8.14
CA LEU A 147 4.80 -11.74 -7.17
C LEU A 147 4.63 -12.37 -5.79
N ALA A 148 3.40 -12.76 -5.45
CA ALA A 148 3.11 -13.33 -4.12
C ALA A 148 1.82 -14.14 -4.14
N PRO A 149 1.87 -15.38 -4.63
CA PRO A 149 0.72 -16.27 -4.66
C PRO A 149 0.38 -16.80 -3.27
N ASP A 150 1.36 -16.73 -2.36
CA ASP A 150 1.20 -17.23 -1.00
C ASP A 150 0.23 -16.36 -0.24
N LEU A 151 0.45 -15.06 -0.29
CA LEU A 151 -0.41 -14.11 0.37
C LEU A 151 -1.63 -13.83 -0.51
N LEU A 152 -1.46 -14.01 -1.81
CA LEU A 152 -2.54 -13.82 -2.78
C LEU A 152 -3.80 -14.60 -2.38
N ALA A 153 -3.62 -15.88 -2.09
CA ALA A 153 -4.74 -16.74 -1.75
C ALA A 153 -5.48 -16.26 -0.50
N SER A 154 -4.80 -15.43 0.28
CA SER A 154 -5.40 -14.86 1.47
C SER A 154 -6.16 -13.57 1.14
N ILE A 155 -5.61 -12.77 0.23
CA ILE A 155 -6.20 -11.48 -0.09
C ILE A 155 -7.39 -11.62 -1.03
N SER A 156 -7.47 -12.73 -1.75
CA SER A 156 -8.60 -12.99 -2.64
C SER A 156 -9.95 -12.85 -1.89
N ASN A 157 -9.93 -13.13 -0.59
CA ASN A 157 -11.12 -12.96 0.24
C ASN A 157 -11.22 -11.50 0.70
N ILE A 158 -10.10 -10.93 1.09
CA ILE A 158 -10.06 -9.55 1.58
C ILE A 158 -9.65 -8.62 0.44
N SER A 159 -10.18 -8.95 -0.74
CA SER A 159 -10.06 -8.17 -1.96
C SER A 159 -10.16 -6.64 -1.78
N PRO A 160 -11.04 -6.11 -0.88
CA PRO A 160 -11.01 -4.68 -0.55
C PRO A 160 -9.68 -4.29 0.14
N HIS A 161 -8.63 -4.23 -0.66
CA HIS A 161 -7.30 -3.96 -0.15
C HIS A 161 -6.56 -3.02 -1.08
N LEU A 162 -5.37 -2.60 -0.66
CA LEU A 162 -4.55 -1.72 -1.46
C LEU A 162 -3.20 -2.36 -1.74
N MET A 163 -2.64 -2.04 -2.89
CA MET A 163 -1.30 -2.50 -3.23
C MET A 163 -0.37 -1.29 -3.25
N ILE A 164 0.49 -1.22 -2.25
CA ILE A 164 1.31 -0.03 -2.06
C ILE A 164 2.73 -0.24 -2.57
N VAL A 165 3.09 0.57 -3.57
CA VAL A 165 4.39 0.47 -4.21
C VAL A 165 5.32 1.58 -3.70
N ILE A 166 6.39 1.19 -3.05
CA ILE A 166 7.38 2.13 -2.56
C ILE A 166 8.45 2.34 -3.61
N ALA A 167 8.51 3.54 -4.16
CA ALA A 167 9.49 3.84 -5.20
C ALA A 167 10.57 4.77 -4.67
N SER A 168 11.81 4.37 -4.86
CA SER A 168 12.94 5.19 -4.48
C SER A 168 13.41 6.01 -5.68
N VAL A 169 13.69 7.28 -5.44
CA VAL A 169 14.14 8.17 -6.49
C VAL A 169 15.52 8.74 -6.15
N TYR B 1 3.05 13.73 -10.20
CA TYR B 1 2.13 12.76 -9.57
C TYR B 1 0.87 13.44 -9.03
N GLU B 2 0.40 14.49 -9.72
CA GLU B 2 -0.87 15.14 -9.36
C GLU B 2 -0.81 15.64 -7.91
N THR B 3 -1.96 15.95 -7.33
CA THR B 3 -2.04 16.32 -5.93
C THR B 3 -3.40 15.91 -5.39
N LEU B 4 -3.43 15.11 -4.33
CA LEU B 4 -4.69 14.66 -3.77
C LEU B 4 -5.18 15.63 -2.71
N SEP B 5 -5.49 15.15 -1.51
CA SEP B 5 -6.32 15.94 -0.61
CB SEP B 5 -7.79 15.79 -1.06
OG SEP B 5 -7.89 16.21 -2.42
C SEP B 5 -6.13 15.51 0.84
O SEP B 5 -6.24 14.32 1.15
P SEP B 5 -9.42 16.07 -2.93
O1P SEP B 5 -10.29 16.92 -2.09
O2P SEP B 5 -9.51 16.53 -4.47
O3P SEP B 5 -9.89 14.54 -2.80
H SEP B 5 -5.12 14.28 -1.21
HA SEP B 5 -6.03 16.97 -0.71
HB2 SEP B 5 -8.09 14.76 -0.96
HB3 SEP B 5 -8.42 16.42 -0.45
N ASP B 6 -5.83 16.47 1.68
CA ASP B 6 -5.57 16.23 3.10
C ASP B 6 -5.60 17.54 3.85
N SEP B 7 -4.63 18.40 3.57
CA SEP B 7 -4.51 19.70 4.21
CB SEP B 7 -3.95 19.57 5.64
OG SEP B 7 -4.80 18.73 6.42
C SEP B 7 -3.59 20.60 3.40
O SEP B 7 -3.78 21.82 3.33
P SEP B 7 -4.15 18.65 7.90
O1P SEP B 7 -4.06 20.01 8.47
O2P SEP B 7 -5.06 17.72 8.84
O3P SEP B 7 -2.68 18.02 7.79
H SEP B 7 -3.96 18.15 2.88
HA SEP B 7 -5.49 20.15 4.24
HB2 SEP B 7 -2.96 19.13 5.60
HB3 SEP B 7 -3.90 20.55 6.10
N GLU B 8 -2.57 20.00 2.79
CA GLU B 8 -1.56 20.74 2.05
C GLU B 8 -0.92 19.85 1.01
N VAL A 1 -8.18 -15.02 6.12
CA VAL A 1 -6.80 -14.70 5.67
C VAL A 1 -5.79 -15.32 6.62
N ASP A 2 -5.20 -16.43 6.20
CA ASP A 2 -4.21 -17.11 7.03
C ASP A 2 -2.82 -16.68 6.64
N MET A 3 -2.16 -15.95 7.53
CA MET A 3 -0.84 -15.42 7.26
C MET A 3 0.23 -16.47 7.48
N VAL A 4 -0.11 -17.53 8.22
CA VAL A 4 0.85 -18.59 8.53
C VAL A 4 1.42 -19.20 7.26
N GLN A 5 0.68 -19.09 6.17
CA GLN A 5 1.16 -19.52 4.87
C GLN A 5 2.11 -18.47 4.29
N LEU A 6 1.60 -17.27 4.10
CA LEU A 6 2.30 -16.24 3.36
C LEU A 6 3.50 -15.67 4.12
N LEU A 7 3.44 -15.62 5.46
CA LEU A 7 4.52 -15.00 6.23
C LEU A 7 5.81 -15.81 6.10
N LYS A 8 5.66 -17.07 5.67
CA LYS A 8 6.80 -17.94 5.46
C LYS A 8 7.65 -17.40 4.31
N LYS A 9 7.00 -16.66 3.42
CA LYS A 9 7.68 -16.04 2.30
C LYS A 9 7.82 -14.55 2.53
N TYR A 10 6.77 -13.91 3.03
CA TYR A 10 6.77 -12.47 3.24
C TYR A 10 5.87 -12.08 4.41
N PRO A 11 6.51 -11.72 5.54
CA PRO A 11 5.82 -11.28 6.76
C PRO A 11 5.43 -9.81 6.74
N ILE A 12 4.73 -9.37 7.78
CA ILE A 12 4.27 -7.99 7.90
C ILE A 12 5.44 -7.04 8.17
N VAL A 13 5.49 -5.94 7.43
CA VAL A 13 6.55 -4.95 7.58
C VAL A 13 6.05 -3.75 8.39
N TRP A 14 4.75 -3.50 8.37
CA TRP A 14 4.19 -2.37 9.07
C TRP A 14 2.72 -2.62 9.41
N GLN A 15 2.23 -1.93 10.42
CA GLN A 15 0.84 -2.02 10.83
C GLN A 15 0.45 -0.69 11.46
N GLY A 16 -0.51 -0.02 10.88
CA GLY A 16 -0.92 1.29 11.35
C GLY A 16 -2.18 1.75 10.68
N LEU A 17 -2.17 2.97 10.17
CA LEU A 17 -3.35 3.53 9.51
C LEU A 17 -2.97 4.34 8.29
N LEU A 18 -3.88 4.37 7.32
CA LEU A 18 -3.77 5.24 6.17
C LEU A 18 -4.79 6.37 6.35
N ALA A 19 -4.54 7.52 5.75
CA ALA A 19 -5.44 8.64 5.87
C ALA A 19 -5.43 9.51 4.62
N LEU A 20 -6.60 9.75 4.05
CA LEU A 20 -6.71 10.70 2.95
C LEU A 20 -7.97 11.54 3.15
N LYS A 21 -7.89 12.83 2.84
CA LYS A 21 -8.95 13.80 3.18
C LYS A 21 -9.10 13.86 4.70
N ASN A 22 -10.00 13.04 5.22
CA ASN A 22 -10.16 12.86 6.65
C ASN A 22 -10.51 11.41 6.94
N ASP A 23 -10.38 10.59 5.91
CA ASP A 23 -10.74 9.18 5.98
C ASP A 23 -9.55 8.37 6.49
N THR A 24 -9.72 7.75 7.64
CA THR A 24 -8.66 6.95 8.23
C THR A 24 -9.04 5.47 8.20
N ALA A 25 -8.09 4.63 7.77
CA ALA A 25 -8.30 3.20 7.75
C ALA A 25 -7.08 2.48 8.30
N ALA A 26 -7.27 1.73 9.38
CA ALA A 26 -6.19 0.98 9.99
C ALA A 26 -5.84 -0.23 9.14
N VAL A 27 -4.61 -0.25 8.65
CA VAL A 27 -4.17 -1.30 7.75
C VAL A 27 -2.88 -1.96 8.22
N GLN A 28 -2.77 -3.24 7.92
CA GLN A 28 -1.57 -4.01 8.15
C GLN A 28 -0.87 -4.25 6.83
N LEU A 29 0.39 -3.88 6.77
CA LEU A 29 1.16 -3.99 5.55
C LEU A 29 1.98 -5.25 5.52
N HIS A 30 1.53 -6.19 4.72
CA HIS A 30 2.25 -7.43 4.52
C HIS A 30 3.28 -7.22 3.41
N PHE A 31 4.47 -7.76 3.59
CA PHE A 31 5.48 -7.68 2.56
C PHE A 31 5.05 -8.53 1.38
N VAL A 32 5.26 -8.03 0.18
CA VAL A 32 4.94 -8.79 -1.01
C VAL A 32 6.19 -9.14 -1.80
N SER A 33 6.94 -8.11 -2.15
CA SER A 33 8.08 -8.25 -3.05
C SER A 33 8.97 -7.03 -2.95
N GLY A 34 10.14 -7.10 -3.57
CA GLY A 34 11.01 -5.93 -3.64
C GLY A 34 11.94 -5.80 -2.46
N ASN A 35 12.30 -4.56 -2.15
CA ASN A 35 13.27 -4.25 -1.09
C ASN A 35 12.55 -4.00 0.22
N ASN A 36 12.66 -4.93 1.17
CA ASN A 36 11.99 -4.78 2.46
C ASN A 36 12.56 -3.60 3.24
N VAL A 37 13.83 -3.29 3.02
CA VAL A 37 14.49 -2.19 3.70
C VAL A 37 13.84 -0.86 3.28
N LEU A 38 13.36 -0.81 2.05
CA LEU A 38 12.65 0.36 1.57
C LEU A 38 11.43 0.64 2.42
N ALA A 39 10.72 -0.40 2.81
CA ALA A 39 9.54 -0.23 3.65
C ALA A 39 9.93 0.29 5.02
N HIS A 40 11.03 -0.21 5.54
CA HIS A 40 11.53 0.23 6.84
C HIS A 40 11.86 1.72 6.83
N ARG A 41 12.46 2.18 5.73
CA ARG A 41 12.88 3.57 5.62
C ARG A 41 11.78 4.48 5.05
N SER A 42 10.71 3.90 4.55
CA SER A 42 9.61 4.69 3.96
C SER A 42 8.42 4.78 4.91
N LEU A 43 8.15 3.70 5.60
CA LEU A 43 7.04 3.67 6.54
C LEU A 43 7.48 4.31 7.85
N PRO A 44 6.93 5.48 8.18
CA PRO A 44 7.36 6.25 9.33
C PRO A 44 7.05 5.57 10.65
N LEU A 45 8.06 5.54 11.49
CA LEU A 45 7.96 4.93 12.81
C LEU A 45 9.00 5.52 13.74
N SER A 46 8.69 5.52 15.04
CA SER A 46 9.52 6.13 16.05
C SER A 46 8.77 6.18 17.36
N GLU A 47 7.49 6.52 17.27
CA GLU A 47 6.65 6.72 18.45
C GLU A 47 5.38 5.89 18.35
N GLY A 48 5.17 5.30 17.20
CA GLY A 48 3.97 4.54 16.94
C GLY A 48 3.69 4.43 15.46
N GLY A 49 4.16 5.42 14.71
CA GLY A 49 3.99 5.41 13.28
C GLY A 49 2.77 6.19 12.82
N PRO A 50 2.98 7.45 12.42
CA PRO A 50 1.89 8.32 11.94
C PRO A 50 1.22 7.76 10.69
N PRO A 51 -0.09 7.99 10.53
CA PRO A 51 -0.85 7.50 9.39
C PRO A 51 -0.35 8.07 8.06
N LEU A 52 -0.21 7.21 7.08
CA LEU A 52 0.22 7.62 5.74
C LEU A 52 -0.86 8.44 5.07
N ARG A 53 -0.62 9.75 4.92
CA ARG A 53 -1.61 10.64 4.33
C ARG A 53 -1.43 10.72 2.82
N ILE A 54 -2.53 10.62 2.07
CA ILE A 54 -2.47 10.63 0.62
C ILE A 54 -2.59 12.06 0.07
N ALA A 55 -1.46 12.55 -0.41
CA ALA A 55 -1.35 13.92 -0.86
C ALA A 55 -0.97 14.01 -2.32
N GLN A 56 -1.02 12.87 -3.02
CA GLN A 56 -0.69 12.82 -4.44
C GLN A 56 -1.38 11.63 -5.11
N ARG A 57 -1.37 11.60 -6.44
CA ARG A 57 -2.06 10.55 -7.19
C ARG A 57 -1.52 10.43 -8.62
N MET A 58 -1.45 9.19 -9.11
CA MET A 58 -0.99 8.93 -10.48
C MET A 58 -2.08 8.24 -11.28
N ARG A 59 -2.31 8.70 -12.50
CA ARG A 59 -3.36 8.12 -13.34
C ARG A 59 -2.95 6.72 -13.79
N LEU A 60 -3.61 5.70 -13.27
CA LEU A 60 -3.26 4.34 -13.64
C LEU A 60 -3.76 4.05 -15.05
N GLU A 61 -2.86 4.18 -16.00
CA GLU A 61 -3.15 3.90 -17.40
C GLU A 61 -2.30 2.73 -17.86
N ALA A 62 -2.55 2.24 -19.06
CA ALA A 62 -1.85 1.08 -19.59
C ALA A 62 -0.34 1.32 -19.61
N THR A 63 0.07 2.43 -20.21
CA THR A 63 1.48 2.76 -20.32
C THR A 63 2.07 3.14 -18.96
N GLN A 64 1.28 3.84 -18.16
CA GLN A 64 1.72 4.27 -16.84
C GLN A 64 2.00 3.09 -15.93
N LEU A 65 1.05 2.16 -15.86
CA LEU A 65 1.19 0.99 -15.01
C LEU A 65 2.38 0.14 -15.44
N GLU A 66 2.62 0.09 -16.74
CA GLU A 66 3.79 -0.59 -17.28
C GLU A 66 5.06 0.14 -16.87
N GLY A 67 5.02 1.46 -16.98
CA GLY A 67 6.11 2.30 -16.51
C GLY A 67 6.46 2.00 -15.06
N VAL A 68 5.44 1.81 -14.24
CA VAL A 68 5.64 1.41 -12.86
C VAL A 68 6.22 0.00 -12.81
N ALA A 69 5.60 -0.91 -13.54
CA ALA A 69 6.01 -2.32 -13.57
C ALA A 69 7.47 -2.47 -14.01
N ARG A 70 7.94 -1.51 -14.80
CA ARG A 70 9.33 -1.51 -15.25
C ARG A 70 10.29 -1.49 -14.07
N ARG A 71 10.01 -0.64 -13.10
CA ARG A 71 10.85 -0.54 -11.91
C ARG A 71 10.38 -1.54 -10.85
N MET A 72 9.28 -2.23 -11.13
CA MET A 72 8.75 -3.24 -10.23
C MET A 72 9.40 -4.59 -10.47
N THR A 73 10.07 -4.74 -11.60
CA THR A 73 10.74 -5.99 -11.90
C THR A 73 12.15 -5.99 -11.30
N VAL A 74 12.47 -4.93 -10.58
CA VAL A 74 13.78 -4.80 -9.97
C VAL A 74 13.65 -4.75 -8.44
N GLU A 75 13.69 -5.91 -7.81
CA GLU A 75 13.63 -5.97 -6.36
C GLU A 75 14.91 -5.38 -5.78
N THR A 76 14.75 -4.21 -5.14
CA THR A 76 15.83 -3.42 -4.54
C THR A 76 15.52 -1.94 -4.79
N ASP A 77 15.08 -1.64 -6.00
CA ASP A 77 14.74 -0.27 -6.38
C ASP A 77 13.36 0.11 -5.87
N TYR A 78 12.48 -0.87 -5.77
CA TYR A 78 11.15 -0.63 -5.26
C TYR A 78 10.81 -1.64 -4.17
N CYS A 79 9.74 -1.37 -3.45
CA CYS A 79 9.22 -2.33 -2.49
C CYS A 79 7.73 -2.53 -2.76
N LEU A 80 7.30 -3.76 -2.72
CA LEU A 80 5.90 -4.07 -2.92
C LEU A 80 5.27 -4.45 -1.59
N LEU A 81 4.18 -3.78 -1.24
CA LEU A 81 3.51 -4.03 0.02
C LEU A 81 2.03 -4.29 -0.20
N LEU A 82 1.45 -5.04 0.72
CA LEU A 82 0.04 -5.37 0.65
C LEU A 82 -0.66 -4.86 1.90
N ALA A 83 -1.45 -3.81 1.76
CA ALA A 83 -2.13 -3.22 2.89
C ALA A 83 -3.53 -3.78 3.03
N LEU A 84 -3.77 -4.42 4.15
CA LEU A 84 -5.06 -5.04 4.47
C LEU A 84 -5.68 -4.38 5.68
N PRO A 85 -7.01 -4.30 5.74
CA PRO A 85 -7.72 -3.77 6.90
C PRO A 85 -7.41 -4.58 8.17
N CYS A 86 -6.92 -3.91 9.19
CA CYS A 86 -6.61 -4.58 10.45
C CYS A 86 -7.46 -4.02 11.58
N GLY A 87 -8.30 -4.88 12.15
CA GLY A 87 -9.15 -4.49 13.24
C GLY A 87 -8.64 -5.00 14.56
N ARG A 88 -8.86 -4.23 15.63
CA ARG A 88 -8.44 -4.64 16.96
C ARG A 88 -9.18 -5.90 17.36
N ASP A 89 -10.43 -5.96 16.93
CA ASP A 89 -11.30 -7.09 17.21
C ASP A 89 -11.94 -7.52 15.91
N GLN A 90 -12.55 -8.70 15.88
CA GLN A 90 -13.21 -9.19 14.67
C GLN A 90 -14.25 -8.18 14.19
N GLU A 91 -14.97 -7.57 15.14
CA GLU A 91 -15.95 -6.56 14.81
C GLU A 91 -15.27 -5.32 14.23
N ASP A 92 -14.16 -4.93 14.85
CA ASP A 92 -13.39 -3.78 14.39
C ASP A 92 -12.89 -4.02 12.99
N VAL A 93 -12.49 -5.26 12.72
CA VAL A 93 -12.05 -5.66 11.40
C VAL A 93 -13.14 -5.38 10.37
N VAL A 94 -14.36 -5.77 10.70
CA VAL A 94 -15.51 -5.52 9.84
C VAL A 94 -15.67 -4.01 9.61
N SER A 95 -15.62 -3.27 10.70
CA SER A 95 -15.77 -1.82 10.68
C SER A 95 -14.68 -1.17 9.81
N GLN A 96 -13.45 -1.60 10.01
CA GLN A 96 -12.32 -1.08 9.25
C GLN A 96 -12.42 -1.48 7.78
N THR A 97 -12.81 -2.72 7.51
CA THR A 97 -12.95 -3.20 6.15
C THR A 97 -13.93 -2.32 5.36
N GLU A 98 -15.13 -2.13 5.91
CA GLU A 98 -16.16 -1.35 5.22
C GLU A 98 -15.73 0.12 5.09
N SER A 99 -14.97 0.60 6.04
CA SER A 99 -14.45 1.96 6.00
C SER A 99 -13.43 2.10 4.87
N LEU A 100 -12.48 1.17 4.82
CA LEU A 100 -11.43 1.20 3.81
C LEU A 100 -12.03 1.06 2.40
N LYS A 101 -13.01 0.17 2.27
CA LYS A 101 -13.67 -0.05 0.98
C LYS A 101 -14.27 1.25 0.45
N ALA A 102 -15.00 1.94 1.29
CA ALA A 102 -15.69 3.15 0.88
C ALA A 102 -14.75 4.33 0.73
N ALA A 103 -13.78 4.45 1.63
CA ALA A 103 -12.96 5.65 1.71
C ALA A 103 -11.74 5.59 0.79
N PHE A 104 -11.01 4.49 0.80
CA PHE A 104 -9.80 4.38 -0.01
C PHE A 104 -10.05 3.61 -1.30
N ILE A 105 -10.67 2.46 -1.17
CA ILE A 105 -10.91 1.58 -2.31
C ILE A 105 -11.78 2.28 -3.35
N THR A 106 -12.94 2.73 -2.93
CA THR A 106 -13.88 3.40 -3.82
C THR A 106 -13.26 4.66 -4.42
N TYR A 107 -12.62 5.47 -3.58
CA TYR A 107 -11.98 6.70 -4.05
C TYR A 107 -10.90 6.37 -5.08
N LEU A 108 -9.99 5.48 -4.74
CA LEU A 108 -8.81 5.23 -5.55
C LEU A 108 -9.18 4.60 -6.87
N GLN A 109 -10.22 3.76 -6.84
CA GLN A 109 -10.68 3.11 -8.05
C GLN A 109 -11.48 4.08 -8.92
N ALA A 110 -12.27 4.94 -8.27
CA ALA A 110 -13.10 5.91 -8.98
C ALA A 110 -12.22 6.98 -9.62
N LYS A 111 -11.21 7.43 -8.89
CA LYS A 111 -10.28 8.44 -9.40
C LYS A 111 -9.28 7.81 -10.36
N GLN A 112 -9.26 6.47 -10.41
CA GLN A 112 -8.37 5.72 -11.30
C GLN A 112 -6.92 6.13 -11.08
N ALA A 113 -6.48 6.18 -9.83
CA ALA A 113 -5.18 6.73 -9.53
C ALA A 113 -4.37 5.86 -8.57
N ALA A 114 -3.11 6.25 -8.41
CA ALA A 114 -2.23 5.69 -7.40
C ALA A 114 -2.07 6.70 -6.27
N GLY A 115 -2.49 6.33 -5.08
CA GLY A 115 -2.36 7.23 -3.94
C GLY A 115 -0.91 7.42 -3.55
N ILE A 116 -0.37 8.58 -3.90
CA ILE A 116 1.05 8.85 -3.69
C ILE A 116 1.29 9.48 -2.33
N ILE A 117 2.25 8.94 -1.62
CA ILE A 117 2.62 9.44 -0.31
C ILE A 117 4.14 9.62 -0.23
N ASN A 118 4.59 10.86 -0.20
CA ASN A 118 6.02 11.17 -0.09
C ASN A 118 6.47 11.09 1.36
N VAL A 119 7.62 10.47 1.56
CA VAL A 119 8.15 10.27 2.90
C VAL A 119 9.59 10.75 2.99
N PRO A 120 9.93 11.47 4.07
CA PRO A 120 11.31 11.83 4.34
C PRO A 120 12.07 10.71 5.06
N ASN A 121 13.29 10.46 4.61
CA ASN A 121 14.13 9.41 5.17
C ASN A 121 14.54 9.78 6.59
N PRO A 122 14.35 8.86 7.55
CA PRO A 122 14.70 9.10 8.96
C PRO A 122 16.17 9.47 9.15
N GLY A 123 16.41 10.74 9.47
CA GLY A 123 17.76 11.21 9.70
C GLY A 123 18.27 12.07 8.57
N SER A 124 17.83 11.76 7.36
CA SER A 124 18.24 12.49 6.17
C SER A 124 17.20 13.56 5.83
N ASN A 125 15.94 13.26 6.16
CA ASN A 125 14.81 14.14 5.86
C ASN A 125 14.56 14.20 4.35
N GLN A 126 15.21 13.29 3.63
CA GLN A 126 15.05 13.18 2.19
C GLN A 126 13.66 12.66 1.85
N PRO A 127 12.80 13.51 1.26
CA PRO A 127 11.43 13.15 0.93
C PRO A 127 11.31 12.42 -0.40
N ALA A 128 12.41 11.81 -0.83
CA ALA A 128 12.47 11.12 -2.11
C ALA A 128 11.91 9.71 -2.01
N TYR A 129 10.76 9.59 -1.38
CA TYR A 129 10.06 8.31 -1.29
C TYR A 129 8.65 8.46 -1.78
N VAL A 130 8.23 7.53 -2.61
CA VAL A 130 6.88 7.50 -3.12
C VAL A 130 6.23 6.17 -2.84
N LEU A 131 5.22 6.18 -1.99
CA LEU A 131 4.38 5.01 -1.80
C LEU A 131 3.16 5.16 -2.67
N GLN A 132 3.06 4.32 -3.67
CA GLN A 132 1.94 4.37 -4.59
C GLN A 132 0.87 3.39 -4.15
N ILE A 133 -0.24 3.93 -3.69
CA ILE A 133 -1.34 3.11 -3.24
C ILE A 133 -2.30 2.84 -4.39
N PHE A 134 -2.16 1.67 -4.98
CA PHE A 134 -3.02 1.27 -6.07
C PHE A 134 -4.25 0.55 -5.53
N PRO A 135 -5.43 0.84 -6.10
CA PRO A 135 -6.67 0.14 -5.73
C PRO A 135 -6.60 -1.33 -6.14
N PRO A 136 -7.58 -2.15 -5.69
CA PRO A 136 -7.64 -3.56 -6.05
C PRO A 136 -8.05 -3.79 -7.51
N CYS A 137 -7.32 -3.15 -8.42
CA CYS A 137 -7.58 -3.27 -9.84
C CYS A 137 -6.96 -4.55 -10.40
N GLU A 138 -7.41 -4.96 -11.58
CA GLU A 138 -6.95 -6.20 -12.20
C GLU A 138 -5.42 -6.26 -12.27
N PHE A 139 -4.80 -5.13 -12.61
CA PHE A 139 -3.35 -5.02 -12.70
C PHE A 139 -2.70 -5.41 -11.37
N SER A 140 -3.25 -4.91 -10.28
CA SER A 140 -2.72 -5.18 -8.95
C SER A 140 -2.79 -6.68 -8.65
N GLU A 141 -4.00 -7.23 -8.69
CA GLU A 141 -4.22 -8.63 -8.31
C GLU A 141 -3.41 -9.58 -9.18
N SER A 142 -3.30 -9.26 -10.46
CA SER A 142 -2.57 -10.12 -11.38
C SER A 142 -1.08 -10.14 -11.04
N HIS A 143 -0.50 -8.95 -10.88
CA HIS A 143 0.92 -8.85 -10.56
C HIS A 143 1.20 -9.43 -9.18
N LEU A 144 0.23 -9.30 -8.28
CA LEU A 144 0.34 -9.87 -6.95
C LEU A 144 0.43 -11.38 -7.00
N SER A 145 -0.27 -12.00 -7.94
CA SER A 145 -0.24 -13.44 -8.08
C SER A 145 1.10 -13.90 -8.63
N ARG A 146 1.68 -13.07 -9.49
CA ARG A 146 2.96 -13.39 -10.12
C ARG A 146 4.12 -13.13 -9.17
N LEU A 147 3.94 -12.15 -8.28
CA LEU A 147 5.00 -11.75 -7.35
C LEU A 147 4.88 -12.48 -6.01
N ALA A 148 3.65 -12.66 -5.53
CA ALA A 148 3.42 -13.27 -4.24
C ALA A 148 2.17 -14.13 -4.23
N PRO A 149 2.22 -15.33 -4.84
CA PRO A 149 1.08 -16.25 -4.90
C PRO A 149 0.71 -16.79 -3.52
N ASP A 150 1.63 -16.68 -2.58
CA ASP A 150 1.43 -17.20 -1.24
C ASP A 150 0.43 -16.35 -0.48
N LEU A 151 0.66 -15.05 -0.49
CA LEU A 151 -0.25 -14.13 0.18
C LEU A 151 -1.42 -13.82 -0.75
N LEU A 152 -1.18 -13.93 -2.06
CA LEU A 152 -2.23 -13.74 -3.07
C LEU A 152 -3.42 -14.63 -2.76
N ALA A 153 -3.14 -15.88 -2.40
CA ALA A 153 -4.18 -16.85 -2.12
C ALA A 153 -5.00 -16.46 -0.89
N SER A 154 -4.46 -15.56 -0.08
CA SER A 154 -5.15 -15.07 1.09
C SER A 154 -5.97 -13.83 0.74
N ILE A 155 -5.46 -13.01 -0.18
CA ILE A 155 -6.11 -11.75 -0.51
C ILE A 155 -7.20 -11.92 -1.56
N SER A 156 -7.23 -13.07 -2.20
CA SER A 156 -8.28 -13.39 -3.15
C SER A 156 -9.66 -13.28 -2.48
N ASN A 157 -9.69 -13.58 -1.18
CA ASN A 157 -10.91 -13.41 -0.39
C ASN A 157 -11.05 -11.97 0.07
N ILE A 158 -9.93 -11.34 0.40
CA ILE A 158 -9.97 -9.98 0.91
C ILE A 158 -9.50 -9.01 -0.18
N SER A 159 -10.04 -9.25 -1.37
CA SER A 159 -10.00 -8.32 -2.49
C SER A 159 -10.06 -6.84 -2.09
N PRO A 160 -10.91 -6.43 -1.11
CA PRO A 160 -10.85 -5.05 -0.60
C PRO A 160 -9.53 -4.75 0.10
N HIS A 161 -8.53 -4.39 -0.69
CA HIS A 161 -7.20 -4.12 -0.17
C HIS A 161 -6.49 -3.12 -1.08
N LEU A 162 -5.33 -2.68 -0.64
CA LEU A 162 -4.53 -1.75 -1.42
C LEU A 162 -3.15 -2.34 -1.71
N MET A 163 -2.64 -2.09 -2.90
CA MET A 163 -1.31 -2.52 -3.26
C MET A 163 -0.38 -1.32 -3.24
N ILE A 164 0.53 -1.30 -2.29
CA ILE A 164 1.38 -0.14 -2.07
C ILE A 164 2.78 -0.36 -2.61
N VAL A 165 3.17 0.48 -3.56
CA VAL A 165 4.45 0.38 -4.22
C VAL A 165 5.40 1.48 -3.75
N ILE A 166 6.46 1.09 -3.05
CA ILE A 166 7.43 2.04 -2.56
C ILE A 166 8.55 2.21 -3.58
N ALA A 167 8.66 3.39 -4.15
CA ALA A 167 9.66 3.64 -5.17
C ALA A 167 10.72 4.61 -4.66
N SER A 168 11.98 4.21 -4.83
CA SER A 168 13.10 5.10 -4.56
C SER A 168 13.17 6.18 -5.62
N VAL A 169 13.00 7.43 -5.23
CA VAL A 169 12.99 8.53 -6.18
C VAL A 169 14.40 9.12 -6.32
N TYR B 1 3.18 13.82 -10.11
CA TYR B 1 2.22 12.89 -9.46
C TYR B 1 1.05 13.64 -8.84
N GLU B 2 0.73 14.81 -9.39
CA GLU B 2 -0.43 15.58 -8.97
C GLU B 2 -0.33 15.90 -7.47
N THR B 3 -1.47 16.21 -6.87
CA THR B 3 -1.59 16.37 -5.44
C THR B 3 -3.01 15.99 -5.04
N LEU B 4 -3.17 15.19 -3.99
CA LEU B 4 -4.50 14.82 -3.54
C LEU B 4 -5.02 15.82 -2.52
N SEP B 5 -5.34 15.38 -1.32
CA SEP B 5 -6.19 16.21 -0.48
CB SEP B 5 -7.64 16.07 -0.96
OG SEP B 5 -7.71 16.41 -2.36
C SEP B 5 -6.10 15.84 1.00
O SEP B 5 -7.08 15.43 1.61
P SEP B 5 -9.23 16.27 -2.88
O1P SEP B 5 -10.11 17.18 -2.10
O2P SEP B 5 -9.29 16.67 -4.44
O3P SEP B 5 -9.74 14.76 -2.68
H SEP B 5 -4.98 14.51 -0.98
HA SEP B 5 -5.88 17.23 -0.60
HB2 SEP B 5 -7.98 15.05 -0.83
HB3 SEP B 5 -8.28 16.74 -0.40
N ASP B 6 -4.91 15.96 1.58
CA ASP B 6 -4.74 15.77 3.02
C ASP B 6 -3.44 16.35 3.55
N SEP B 7 -3.52 17.57 4.07
CA SEP B 7 -2.45 18.18 4.86
CB SEP B 7 -2.04 17.26 6.01
OG SEP B 7 -3.19 16.93 6.80
C SEP B 7 -1.22 18.51 4.03
O SEP B 7 -0.18 18.87 4.59
P SEP B 7 -2.68 15.96 7.98
O1P SEP B 7 -1.65 16.66 8.80
O2P SEP B 7 -3.92 15.55 8.92
O3P SEP B 7 -2.03 14.64 7.34
H SEP B 7 -4.35 18.08 3.90
HA SEP B 7 -2.84 19.10 5.28
HB2 SEP B 7 -1.62 16.34 5.61
HB3 SEP B 7 -1.32 17.75 6.63
N GLU B 8 -1.31 18.42 2.72
CA GLU B 8 -0.15 18.67 1.88
C GLU B 8 -0.58 18.99 0.45
N VAL A 1 -5.20 -19.79 2.49
CA VAL A 1 -5.67 -18.39 2.50
C VAL A 1 -5.44 -17.73 3.86
N ASP A 2 -4.61 -18.36 4.66
CA ASP A 2 -4.31 -17.85 6.00
C ASP A 2 -2.91 -17.26 6.05
N MET A 3 -2.70 -16.31 6.95
CA MET A 3 -1.43 -15.58 7.04
C MET A 3 -0.26 -16.49 7.40
N VAL A 4 -0.53 -17.57 8.15
CA VAL A 4 0.54 -18.45 8.64
C VAL A 4 1.38 -19.04 7.50
N GLN A 5 0.80 -19.12 6.32
CA GLN A 5 1.56 -19.61 5.17
C GLN A 5 2.39 -18.48 4.56
N LEU A 6 1.72 -17.40 4.17
CA LEU A 6 2.37 -16.32 3.44
C LEU A 6 3.43 -15.61 4.27
N LEU A 7 3.23 -15.47 5.58
CA LEU A 7 4.14 -14.66 6.39
C LEU A 7 5.52 -15.32 6.48
N LYS A 8 5.56 -16.61 6.13
CA LYS A 8 6.81 -17.35 6.16
C LYS A 8 7.64 -17.01 4.92
N LYS A 9 6.98 -16.51 3.89
CA LYS A 9 7.66 -16.07 2.69
C LYS A 9 7.84 -14.56 2.73
N TYR A 10 6.78 -13.88 3.13
CA TYR A 10 6.80 -12.43 3.22
C TYR A 10 5.91 -11.96 4.38
N PRO A 11 6.54 -11.63 5.51
CA PRO A 11 5.85 -11.17 6.72
C PRO A 11 5.52 -9.67 6.70
N ILE A 12 4.78 -9.24 7.72
CA ILE A 12 4.35 -7.86 7.85
C ILE A 12 5.52 -6.92 8.18
N VAL A 13 5.59 -5.81 7.47
CA VAL A 13 6.67 -4.85 7.65
C VAL A 13 6.20 -3.64 8.48
N TRP A 14 4.92 -3.31 8.38
CA TRP A 14 4.39 -2.12 9.02
C TRP A 14 2.95 -2.35 9.45
N GLN A 15 2.53 -1.62 10.46
CA GLN A 15 1.15 -1.71 10.94
C GLN A 15 0.74 -0.38 11.53
N GLY A 16 -0.32 0.18 10.97
CA GLY A 16 -0.80 1.47 11.43
C GLY A 16 -2.07 1.86 10.72
N LEU A 17 -2.10 3.06 10.18
CA LEU A 17 -3.28 3.54 9.48
C LEU A 17 -2.90 4.32 8.23
N LEU A 18 -3.79 4.30 7.25
CA LEU A 18 -3.69 5.17 6.10
C LEU A 18 -4.73 6.28 6.25
N ALA A 19 -4.46 7.46 5.72
CA ALA A 19 -5.38 8.58 5.87
C ALA A 19 -5.40 9.48 4.65
N LEU A 20 -6.57 9.71 4.09
CA LEU A 20 -6.72 10.68 3.01
C LEU A 20 -7.98 11.51 3.23
N LYS A 21 -7.92 12.79 2.84
CA LYS A 21 -8.95 13.77 3.18
C LYS A 21 -9.05 13.95 4.69
N ASN A 22 -9.92 13.16 5.29
CA ASN A 22 -10.11 13.15 6.73
C ASN A 22 -10.49 11.76 7.18
N ASP A 23 -10.31 10.77 6.30
CA ASP A 23 -10.72 9.41 6.60
C ASP A 23 -9.50 8.54 6.87
N THR A 24 -9.65 7.60 7.81
CA THR A 24 -8.56 6.74 8.21
C THR A 24 -8.94 5.26 8.10
N ALA A 25 -7.98 4.45 7.71
CA ALA A 25 -8.15 3.01 7.67
C ALA A 25 -6.92 2.34 8.27
N ALA A 26 -7.11 1.67 9.38
CA ALA A 26 -6.02 0.97 10.04
C ALA A 26 -5.64 -0.26 9.24
N VAL A 27 -4.42 -0.25 8.73
CA VAL A 27 -3.96 -1.32 7.86
C VAL A 27 -2.63 -1.90 8.32
N GLN A 28 -2.46 -3.17 8.06
CA GLN A 28 -1.22 -3.87 8.31
C GLN A 28 -0.57 -4.21 6.97
N LEU A 29 0.66 -3.78 6.80
CA LEU A 29 1.36 -3.93 5.54
C LEU A 29 2.20 -5.18 5.50
N HIS A 30 1.79 -6.11 4.66
CA HIS A 30 2.51 -7.34 4.46
C HIS A 30 3.55 -7.12 3.37
N PHE A 31 4.74 -7.64 3.56
CA PHE A 31 5.75 -7.59 2.52
C PHE A 31 5.30 -8.46 1.36
N VAL A 32 5.48 -7.98 0.14
CA VAL A 32 5.13 -8.77 -1.02
C VAL A 32 6.37 -9.12 -1.83
N SER A 33 7.08 -8.10 -2.27
CA SER A 33 8.20 -8.26 -3.19
C SER A 33 9.11 -7.05 -3.15
N GLY A 34 10.26 -7.14 -3.81
CA GLY A 34 11.19 -6.03 -3.85
C GLY A 34 12.18 -6.07 -2.70
N ASN A 35 12.61 -4.90 -2.24
CA ASN A 35 13.57 -4.84 -1.14
C ASN A 35 12.87 -4.33 0.12
N ASN A 36 12.86 -5.17 1.15
CA ASN A 36 12.13 -4.88 2.38
C ASN A 36 12.69 -3.65 3.10
N VAL A 37 13.99 -3.39 2.91
CA VAL A 37 14.64 -2.27 3.57
C VAL A 37 13.99 -0.95 3.18
N LEU A 38 13.51 -0.88 1.95
CA LEU A 38 12.82 0.32 1.46
C LEU A 38 11.62 0.65 2.33
N ALA A 39 10.86 -0.38 2.70
CA ALA A 39 9.66 -0.18 3.50
C ALA A 39 10.02 0.29 4.91
N HIS A 40 11.09 -0.27 5.45
CA HIS A 40 11.51 0.09 6.80
C HIS A 40 11.96 1.55 6.85
N ARG A 41 12.61 2.00 5.79
CA ARG A 41 13.13 3.35 5.73
C ARG A 41 12.12 4.35 5.15
N SER A 42 10.98 3.87 4.67
CA SER A 42 9.94 4.76 4.18
C SER A 42 8.79 4.87 5.17
N LEU A 43 8.39 3.75 5.73
CA LEU A 43 7.21 3.70 6.58
C LEU A 43 7.56 4.21 7.98
N PRO A 44 7.03 5.38 8.34
CA PRO A 44 7.37 6.06 9.59
C PRO A 44 6.82 5.36 10.82
N LEU A 45 7.51 5.50 11.93
CA LEU A 45 7.09 4.93 13.20
C LEU A 45 7.89 5.49 14.36
N SER A 46 7.29 5.45 15.53
CA SER A 46 7.94 5.85 16.76
C SER A 46 7.26 5.16 17.94
N GLU A 47 5.95 5.16 17.92
CA GLU A 47 5.13 4.49 18.93
C GLU A 47 4.51 3.23 18.34
N GLY A 48 4.38 3.23 17.03
CA GLY A 48 3.81 2.11 16.33
C GLY A 48 3.71 2.40 14.84
N GLY A 49 3.29 3.62 14.50
CA GLY A 49 3.15 3.99 13.11
C GLY A 49 2.08 5.05 12.91
N PRO A 50 2.46 6.24 12.43
CA PRO A 50 1.52 7.32 12.13
C PRO A 50 0.81 7.11 10.80
N PRO A 51 -0.40 7.66 10.65
CA PRO A 51 -1.20 7.51 9.43
C PRO A 51 -0.54 8.09 8.19
N LEU A 52 -0.29 7.22 7.20
CA LEU A 52 0.23 7.63 5.91
C LEU A 52 -0.84 8.43 5.15
N ARG A 53 -0.54 9.69 4.84
CA ARG A 53 -1.53 10.57 4.23
C ARG A 53 -1.34 10.67 2.71
N ILE A 54 -2.44 10.67 1.98
CA ILE A 54 -2.41 10.67 0.52
C ILE A 54 -2.55 12.08 -0.05
N ALA A 55 -1.45 12.60 -0.58
CA ALA A 55 -1.41 13.97 -1.06
C ALA A 55 -1.12 14.04 -2.56
N GLN A 56 -0.99 12.88 -3.21
CA GLN A 56 -0.78 12.82 -4.65
C GLN A 56 -1.46 11.59 -5.23
N ARG A 57 -1.51 11.49 -6.56
CA ARG A 57 -2.14 10.36 -7.22
C ARG A 57 -1.64 10.20 -8.66
N MET A 58 -1.40 8.97 -9.07
CA MET A 58 -0.88 8.72 -10.41
C MET A 58 -1.93 8.07 -11.30
N ARG A 59 -2.09 8.60 -12.49
CA ARG A 59 -3.07 8.09 -13.43
C ARG A 59 -2.73 6.65 -13.82
N LEU A 60 -3.51 5.67 -13.37
CA LEU A 60 -3.21 4.30 -13.76
C LEU A 60 -3.78 4.03 -15.14
N GLU A 61 -2.91 4.16 -16.11
CA GLU A 61 -3.22 3.90 -17.51
C GLU A 61 -2.47 2.66 -17.96
N ALA A 62 -2.84 2.11 -19.11
CA ALA A 62 -2.17 0.93 -19.64
C ALA A 62 -0.67 1.15 -19.73
N THR A 63 -0.28 2.23 -20.39
CA THR A 63 1.13 2.57 -20.57
C THR A 63 1.79 2.89 -19.23
N GLN A 64 1.07 3.59 -18.37
CA GLN A 64 1.57 3.98 -17.06
C GLN A 64 1.83 2.76 -16.18
N LEU A 65 0.93 1.79 -16.23
CA LEU A 65 1.06 0.58 -15.43
C LEU A 65 2.32 -0.19 -15.84
N GLU A 66 2.61 -0.20 -17.14
CA GLU A 66 3.83 -0.84 -17.62
C GLU A 66 5.04 -0.03 -17.17
N GLY A 67 4.85 1.28 -17.08
CA GLY A 67 5.88 2.15 -16.54
C GLY A 67 6.13 1.87 -15.07
N VAL A 68 5.08 1.48 -14.36
CA VAL A 68 5.21 1.07 -12.96
C VAL A 68 5.92 -0.28 -12.89
N ALA A 69 5.51 -1.21 -13.74
CA ALA A 69 6.11 -2.54 -13.79
C ALA A 69 7.61 -2.45 -14.10
N ARG A 70 7.99 -1.38 -14.78
CA ARG A 70 9.38 -1.11 -15.11
C ARG A 70 10.26 -1.09 -13.86
N ARG A 71 9.78 -0.42 -12.81
CA ARG A 71 10.52 -0.36 -11.56
C ARG A 71 10.18 -1.54 -10.66
N MET A 72 9.11 -2.24 -11.01
CA MET A 72 8.63 -3.36 -10.20
C MET A 72 9.38 -4.65 -10.54
N THR A 73 9.99 -4.69 -11.71
CA THR A 73 10.70 -5.87 -12.14
C THR A 73 12.15 -5.85 -11.64
N VAL A 74 12.49 -4.83 -10.86
CA VAL A 74 13.83 -4.72 -10.31
C VAL A 74 13.77 -4.53 -8.79
N GLU A 75 14.05 -5.61 -8.06
CA GLU A 75 14.08 -5.54 -6.61
C GLU A 75 15.17 -4.58 -6.16
N THR A 76 14.85 -3.79 -5.12
CA THR A 76 15.76 -2.81 -4.52
C THR A 76 15.51 -1.43 -5.13
N ASP A 77 15.02 -1.42 -6.36
CA ASP A 77 14.57 -0.19 -6.97
C ASP A 77 13.20 0.18 -6.43
N TYR A 78 12.41 -0.84 -6.11
CA TYR A 78 11.10 -0.64 -5.53
C TYR A 78 10.86 -1.62 -4.40
N CYS A 79 9.82 -1.38 -3.62
CA CYS A 79 9.36 -2.33 -2.64
C CYS A 79 7.87 -2.53 -2.82
N LEU A 80 7.45 -3.78 -2.76
CA LEU A 80 6.05 -4.09 -2.95
C LEU A 80 5.43 -4.47 -1.60
N LEU A 81 4.35 -3.80 -1.26
CA LEU A 81 3.68 -4.03 0.01
C LEU A 81 2.20 -4.29 -0.19
N LEU A 82 1.62 -5.04 0.71
CA LEU A 82 0.22 -5.38 0.64
C LEU A 82 -0.48 -4.84 1.88
N ALA A 83 -1.29 -3.79 1.72
CA ALA A 83 -1.96 -3.18 2.85
C ALA A 83 -3.35 -3.78 3.02
N LEU A 84 -3.54 -4.37 4.18
CA LEU A 84 -4.82 -5.00 4.55
C LEU A 84 -5.35 -4.36 5.83
N PRO A 85 -6.66 -4.17 5.92
CA PRO A 85 -7.27 -3.63 7.13
C PRO A 85 -6.99 -4.51 8.35
N CYS A 86 -6.62 -3.90 9.47
CA CYS A 86 -6.34 -4.64 10.67
C CYS A 86 -7.20 -4.12 11.83
N GLY A 87 -8.10 -4.98 12.31
CA GLY A 87 -8.99 -4.60 13.37
C GLY A 87 -8.60 -5.19 14.70
N ARG A 88 -8.84 -4.45 15.77
CA ARG A 88 -8.59 -4.94 17.13
C ARG A 88 -9.48 -6.13 17.40
N ASP A 89 -10.75 -5.96 17.09
CA ASP A 89 -11.75 -6.97 17.35
C ASP A 89 -12.49 -7.29 16.06
N GLN A 90 -13.39 -8.27 16.10
CA GLN A 90 -14.16 -8.65 14.93
C GLN A 90 -14.87 -7.44 14.33
N GLU A 91 -15.54 -6.68 15.18
CA GLU A 91 -16.28 -5.51 14.74
C GLU A 91 -15.33 -4.45 14.18
N ASP A 92 -14.17 -4.31 14.81
CA ASP A 92 -13.18 -3.33 14.38
C ASP A 92 -12.65 -3.70 13.01
N VAL A 93 -12.40 -4.99 12.82
CA VAL A 93 -11.96 -5.52 11.53
C VAL A 93 -12.96 -5.18 10.44
N VAL A 94 -14.24 -5.34 10.76
CA VAL A 94 -15.32 -5.00 9.85
C VAL A 94 -15.28 -3.52 9.55
N SER A 95 -15.23 -2.74 10.62
CA SER A 95 -15.18 -1.30 10.57
C SER A 95 -14.02 -0.79 9.72
N GLN A 96 -12.81 -1.31 9.96
CA GLN A 96 -11.63 -0.87 9.22
C GLN A 96 -11.75 -1.21 7.75
N THR A 97 -12.25 -2.40 7.46
CA THR A 97 -12.48 -2.81 6.09
C THR A 97 -13.51 -1.88 5.44
N GLU A 98 -14.57 -1.60 6.19
CA GLU A 98 -15.62 -0.71 5.73
C GLU A 98 -15.07 0.68 5.42
N SER A 99 -14.32 1.25 6.36
CA SER A 99 -13.73 2.57 6.20
C SER A 99 -12.80 2.59 4.99
N LEU A 100 -11.97 1.56 4.87
CA LEU A 100 -11.00 1.46 3.78
C LEU A 100 -11.70 1.41 2.44
N LYS A 101 -12.76 0.61 2.36
CA LYS A 101 -13.53 0.50 1.12
C LYS A 101 -14.09 1.85 0.71
N ALA A 102 -14.76 2.51 1.63
CA ALA A 102 -15.43 3.76 1.33
C ALA A 102 -14.45 4.91 1.07
N ALA A 103 -13.32 4.89 1.76
CA ALA A 103 -12.41 6.02 1.72
C ALA A 103 -11.31 5.84 0.69
N PHE A 104 -10.67 4.67 0.67
CA PHE A 104 -9.53 4.43 -0.19
C PHE A 104 -9.92 3.67 -1.44
N ILE A 105 -10.60 2.55 -1.26
CA ILE A 105 -10.92 1.64 -2.36
C ILE A 105 -11.80 2.33 -3.40
N THR A 106 -12.98 2.76 -2.97
CA THR A 106 -13.93 3.41 -3.86
C THR A 106 -13.31 4.65 -4.52
N TYR A 107 -12.54 5.41 -3.74
CA TYR A 107 -11.96 6.65 -4.23
C TYR A 107 -10.84 6.39 -5.23
N LEU A 108 -9.84 5.62 -4.83
CA LEU A 108 -8.70 5.33 -5.68
C LEU A 108 -9.15 4.71 -7.00
N GLN A 109 -10.14 3.82 -6.94
CA GLN A 109 -10.62 3.17 -8.15
C GLN A 109 -11.49 4.13 -8.96
N ALA A 110 -12.17 5.05 -8.26
CA ALA A 110 -12.98 6.07 -8.92
C ALA A 110 -12.09 7.00 -9.73
N LYS A 111 -10.94 7.32 -9.16
CA LYS A 111 -9.97 8.18 -9.81
C LYS A 111 -9.19 7.42 -10.86
N GLN A 112 -9.20 6.09 -10.75
CA GLN A 112 -8.31 5.25 -11.55
C GLN A 112 -6.87 5.77 -11.41
N ALA A 113 -6.45 5.94 -10.17
CA ALA A 113 -5.16 6.53 -9.88
C ALA A 113 -4.39 5.73 -8.84
N ALA A 114 -3.21 6.24 -8.47
CA ALA A 114 -2.38 5.65 -7.42
C ALA A 114 -2.21 6.63 -6.29
N GLY A 115 -2.67 6.26 -5.10
CA GLY A 115 -2.53 7.13 -3.95
C GLY A 115 -1.08 7.33 -3.58
N ILE A 116 -0.56 8.49 -3.91
CA ILE A 116 0.86 8.78 -3.69
C ILE A 116 1.09 9.38 -2.33
N ILE A 117 1.94 8.73 -1.56
CA ILE A 117 2.33 9.23 -0.27
C ILE A 117 3.83 9.50 -0.26
N ASN A 118 4.19 10.77 -0.31
CA ASN A 118 5.59 11.17 -0.27
C ASN A 118 6.05 11.25 1.17
N VAL A 119 6.89 10.32 1.55
CA VAL A 119 7.30 10.19 2.94
C VAL A 119 8.79 10.44 3.10
N PRO A 120 9.17 11.19 4.13
CA PRO A 120 10.57 11.45 4.45
C PRO A 120 11.27 10.25 5.10
N ASN A 121 12.52 10.03 4.71
CA ASN A 121 13.34 8.98 5.29
C ASN A 121 13.77 9.39 6.70
N PRO A 122 13.43 8.55 7.71
CA PRO A 122 13.72 8.83 9.13
C PRO A 122 15.15 9.27 9.37
N GLY A 123 15.31 10.39 10.07
CA GLY A 123 16.62 10.89 10.38
C GLY A 123 17.06 11.95 9.39
N SER A 124 16.70 11.76 8.14
CA SER A 124 17.11 12.68 7.08
C SER A 124 15.99 13.67 6.76
N ASN A 125 14.75 13.23 6.98
CA ASN A 125 13.56 14.03 6.65
C ASN A 125 13.49 14.29 5.15
N GLN A 126 14.17 13.45 4.38
CA GLN A 126 14.15 13.56 2.92
C GLN A 126 12.95 12.81 2.36
N PRO A 127 11.93 13.53 1.86
CA PRO A 127 10.68 12.94 1.35
C PRO A 127 10.82 12.31 -0.03
N ALA A 128 12.05 11.91 -0.38
CA ALA A 128 12.32 11.34 -1.69
C ALA A 128 11.86 9.89 -1.79
N TYR A 129 10.62 9.64 -1.37
CA TYR A 129 10.03 8.32 -1.45
C TYR A 129 8.57 8.43 -1.88
N VAL A 130 8.20 7.59 -2.83
CA VAL A 130 6.83 7.57 -3.32
C VAL A 130 6.20 6.21 -3.03
N LEU A 131 5.17 6.22 -2.19
CA LEU A 131 4.37 5.03 -2.00
C LEU A 131 3.11 5.15 -2.83
N GLN A 132 3.02 4.29 -3.83
CA GLN A 132 1.90 4.30 -4.77
C GLN A 132 0.84 3.33 -4.29
N ILE A 133 -0.29 3.86 -3.88
CA ILE A 133 -1.40 3.05 -3.40
C ILE A 133 -2.37 2.77 -4.53
N PHE A 134 -2.26 1.58 -5.10
CA PHE A 134 -3.16 1.16 -6.17
C PHE A 134 -4.37 0.43 -5.60
N PRO A 135 -5.57 0.70 -6.13
CA PRO A 135 -6.79 0.01 -5.73
C PRO A 135 -6.81 -1.44 -6.20
N PRO A 136 -7.76 -2.25 -5.70
CA PRO A 136 -7.91 -3.66 -6.11
C PRO A 136 -8.31 -3.78 -7.59
N CYS A 137 -7.31 -3.68 -8.45
CA CYS A 137 -7.53 -3.71 -9.89
C CYS A 137 -6.96 -4.98 -10.50
N GLU A 138 -7.39 -5.30 -11.71
CA GLU A 138 -6.95 -6.49 -12.43
C GLU A 138 -5.41 -6.53 -12.54
N PHE A 139 -4.81 -5.36 -12.75
CA PHE A 139 -3.36 -5.26 -12.88
C PHE A 139 -2.66 -5.62 -11.56
N SER A 140 -3.20 -5.13 -10.45
CA SER A 140 -2.59 -5.39 -9.15
C SER A 140 -2.59 -6.89 -8.84
N GLU A 141 -3.78 -7.52 -8.89
CA GLU A 141 -3.89 -8.94 -8.59
C GLU A 141 -3.04 -9.78 -9.54
N SER A 142 -2.99 -9.37 -10.80
CA SER A 142 -2.19 -10.07 -11.80
C SER A 142 -0.73 -10.16 -11.36
N HIS A 143 -0.14 -9.01 -11.03
CA HIS A 143 1.26 -8.97 -10.63
C HIS A 143 1.45 -9.52 -9.23
N LEU A 144 0.43 -9.37 -8.39
CA LEU A 144 0.47 -9.95 -7.05
C LEU A 144 0.55 -11.47 -7.12
N SER A 145 -0.18 -12.06 -8.05
CA SER A 145 -0.15 -13.51 -8.25
C SER A 145 1.25 -13.96 -8.70
N ARG A 146 1.85 -13.15 -9.57
CA ARG A 146 3.17 -13.43 -10.08
C ARG A 146 4.26 -13.22 -9.02
N LEU A 147 4.13 -12.13 -8.29
CA LEU A 147 5.15 -11.72 -7.33
C LEU A 147 5.02 -12.43 -5.99
N ALA A 148 3.80 -12.58 -5.49
CA ALA A 148 3.59 -13.25 -4.21
C ALA A 148 2.33 -14.10 -4.22
N PRO A 149 2.43 -15.33 -4.74
CA PRO A 149 1.27 -16.21 -4.91
C PRO A 149 0.70 -16.72 -3.58
N ASP A 150 1.54 -16.78 -2.54
CA ASP A 150 1.12 -17.38 -1.28
C ASP A 150 0.14 -16.46 -0.58
N LEU A 151 0.49 -15.19 -0.52
CA LEU A 151 -0.35 -14.21 0.13
C LEU A 151 -1.50 -13.83 -0.82
N LEU A 152 -1.24 -13.92 -2.12
CA LEU A 152 -2.24 -13.59 -3.14
C LEU A 152 -3.54 -14.37 -2.91
N ALA A 153 -3.40 -15.69 -2.78
CA ALA A 153 -4.58 -16.54 -2.59
C ALA A 153 -5.32 -16.16 -1.31
N SER A 154 -4.60 -15.58 -0.36
CA SER A 154 -5.19 -15.18 0.91
C SER A 154 -5.94 -13.85 0.75
N ILE A 155 -5.41 -12.95 -0.07
CA ILE A 155 -6.03 -11.64 -0.25
C ILE A 155 -7.19 -11.71 -1.23
N SER A 156 -7.33 -12.84 -1.91
CA SER A 156 -8.46 -13.06 -2.80
C SER A 156 -9.77 -12.96 -1.99
N ASN A 157 -9.67 -13.26 -0.69
CA ASN A 157 -10.81 -13.11 0.21
C ASN A 157 -10.97 -11.64 0.61
N ILE A 158 -9.85 -10.99 0.87
CA ILE A 158 -9.85 -9.60 1.33
C ILE A 158 -9.41 -8.68 0.18
N SER A 159 -9.90 -9.01 -1.02
CA SER A 159 -9.74 -8.20 -2.22
C SER A 159 -9.89 -6.68 -1.96
N PRO A 160 -10.84 -6.22 -1.13
CA PRO A 160 -10.87 -4.83 -0.66
C PRO A 160 -9.60 -4.46 0.10
N HIS A 161 -8.53 -4.20 -0.64
CA HIS A 161 -7.24 -3.85 -0.08
C HIS A 161 -6.49 -2.96 -1.03
N LEU A 162 -5.28 -2.58 -0.67
CA LEU A 162 -4.47 -1.70 -1.49
C LEU A 162 -3.12 -2.33 -1.79
N MET A 163 -2.63 -2.12 -3.00
CA MET A 163 -1.30 -2.56 -3.37
C MET A 163 -0.37 -1.36 -3.35
N ILE A 164 0.55 -1.35 -2.41
CA ILE A 164 1.40 -0.19 -2.20
C ILE A 164 2.81 -0.44 -2.74
N VAL A 165 3.20 0.42 -3.68
CA VAL A 165 4.50 0.33 -4.32
C VAL A 165 5.43 1.44 -3.83
N ILE A 166 6.50 1.06 -3.17
CA ILE A 166 7.49 2.02 -2.69
C ILE A 166 8.56 2.21 -3.74
N ALA A 167 8.59 3.39 -4.33
CA ALA A 167 9.55 3.69 -5.37
C ALA A 167 10.63 4.64 -4.89
N SER A 168 11.89 4.25 -5.11
CA SER A 168 13.02 5.10 -4.81
C SER A 168 13.06 6.29 -5.77
N VAL A 169 12.86 7.48 -5.24
CA VAL A 169 12.90 8.68 -6.07
C VAL A 169 14.34 9.09 -6.35
N TYR B 1 3.19 13.71 -10.15
CA TYR B 1 2.26 12.69 -9.65
C TYR B 1 0.95 13.32 -9.16
N GLU B 2 0.52 14.38 -9.83
CA GLU B 2 -0.74 15.05 -9.50
C GLU B 2 -0.70 15.48 -8.04
N THR B 3 -1.86 15.70 -7.43
CA THR B 3 -1.92 15.96 -6.01
C THR B 3 -3.30 15.62 -5.49
N LEU B 4 -3.36 14.75 -4.49
CA LEU B 4 -4.63 14.36 -3.91
C LEU B 4 -5.08 15.42 -2.90
N SEP B 5 -5.43 15.02 -1.70
CA SEP B 5 -6.20 15.89 -0.83
CB SEP B 5 -7.65 15.97 -1.34
OG SEP B 5 -7.63 16.43 -2.69
C SEP B 5 -6.17 15.39 0.61
O SEP B 5 -6.79 14.38 0.92
P SEP B 5 -9.14 16.51 -3.25
O1P SEP B 5 -9.93 17.45 -2.42
O2P SEP B 5 -9.10 17.02 -4.78
O3P SEP B 5 -9.82 15.05 -3.18
H SEP B 5 -5.14 14.13 -1.36
HA SEP B 5 -5.76 16.87 -0.87
HB2 SEP B 5 -8.10 14.98 -1.30
HB3 SEP B 5 -8.21 16.65 -0.74
N ASP B 6 -5.42 16.08 1.46
CA ASP B 6 -5.34 15.73 2.87
C ASP B 6 -4.71 16.86 3.68
N SEP B 7 -3.41 17.08 3.48
CA SEP B 7 -2.70 18.09 4.23
CB SEP B 7 -1.87 17.47 5.35
OG SEP B 7 -2.73 16.73 6.22
C SEP B 7 -1.78 18.90 3.30
O SEP B 7 -1.70 20.12 3.42
P SEP B 7 -1.81 16.08 7.37
O1P SEP B 7 -1.14 17.16 8.12
O2P SEP B 7 -2.73 15.24 8.38
O3P SEP B 7 -0.72 15.11 6.71
H SEP B 7 -2.94 16.52 2.83
HA SEP B 7 -3.42 18.76 4.66
HB2 SEP B 7 -1.13 16.81 4.93
HB3 SEP B 7 -1.39 18.24 5.92
N GLU B 8 -1.09 18.22 2.38
CA GLU B 8 -0.24 18.92 1.43
C GLU B 8 -1.09 19.65 0.40
N VAL A 1 -7.57 -17.72 3.25
CA VAL A 1 -7.36 -16.34 3.75
C VAL A 1 -6.34 -16.34 4.91
N ASP A 2 -5.59 -17.42 5.03
CA ASP A 2 -4.67 -17.61 6.14
C ASP A 2 -3.37 -16.83 5.91
N MET A 3 -3.07 -15.94 6.84
CA MET A 3 -1.86 -15.12 6.75
C MET A 3 -0.64 -15.86 7.28
N VAL A 4 -0.87 -16.98 7.97
CA VAL A 4 0.22 -17.74 8.60
C VAL A 4 1.03 -18.50 7.56
N GLN A 5 0.43 -18.77 6.42
CA GLN A 5 1.13 -19.44 5.34
C GLN A 5 1.97 -18.42 4.56
N LEU A 6 1.36 -17.30 4.21
CA LEU A 6 2.01 -16.31 3.34
C LEU A 6 3.21 -15.65 4.03
N LEU A 7 3.13 -15.40 5.33
CA LEU A 7 4.19 -14.65 6.01
C LEU A 7 5.45 -15.49 6.13
N LYS A 8 5.31 -16.80 5.90
CA LYS A 8 6.46 -17.69 5.88
C LYS A 8 7.34 -17.36 4.68
N LYS A 9 6.74 -16.75 3.66
CA LYS A 9 7.47 -16.31 2.49
C LYS A 9 7.69 -14.81 2.55
N TYR A 10 6.66 -14.09 2.93
CA TYR A 10 6.73 -12.63 3.04
C TYR A 10 5.85 -12.13 4.19
N PRO A 11 6.49 -11.78 5.31
CA PRO A 11 5.82 -11.35 6.53
C PRO A 11 5.43 -9.88 6.51
N ILE A 12 4.71 -9.46 7.55
CA ILE A 12 4.26 -8.09 7.69
C ILE A 12 5.43 -7.17 8.01
N VAL A 13 5.50 -6.05 7.30
CA VAL A 13 6.59 -5.10 7.48
C VAL A 13 6.15 -3.89 8.33
N TRP A 14 4.86 -3.62 8.33
CA TRP A 14 4.33 -2.46 9.04
C TRP A 14 2.87 -2.66 9.39
N GLN A 15 2.44 -1.98 10.43
CA GLN A 15 1.06 -2.04 10.88
C GLN A 15 0.68 -0.69 11.45
N GLY A 16 -0.33 -0.07 10.86
CA GLY A 16 -0.75 1.24 11.30
C GLY A 16 -2.03 1.66 10.63
N LEU A 17 -2.08 2.88 10.13
CA LEU A 17 -3.27 3.38 9.47
C LEU A 17 -2.92 4.20 8.24
N LEU A 18 -3.82 4.16 7.26
CA LEU A 18 -3.75 5.03 6.11
C LEU A 18 -4.81 6.11 6.26
N ALA A 19 -4.52 7.32 5.83
CA ALA A 19 -5.45 8.42 5.98
C ALA A 19 -5.45 9.33 4.76
N LEU A 20 -6.62 9.54 4.17
CA LEU A 20 -6.74 10.49 3.07
C LEU A 20 -8.02 11.30 3.26
N LYS A 21 -7.98 12.57 2.87
CA LYS A 21 -9.02 13.54 3.23
C LYS A 21 -9.03 13.71 4.74
N ASN A 22 -9.89 12.93 5.38
CA ASN A 22 -9.96 12.90 6.83
C ASN A 22 -10.34 11.50 7.29
N ASP A 23 -10.31 10.54 6.37
CA ASP A 23 -10.74 9.19 6.68
C ASP A 23 -9.54 8.29 6.96
N THR A 24 -9.65 7.44 7.97
CA THR A 24 -8.53 6.61 8.39
C THR A 24 -8.90 5.12 8.37
N ALA A 25 -8.08 4.33 7.71
CA ALA A 25 -8.24 2.89 7.68
C ALA A 25 -6.99 2.23 8.23
N ALA A 26 -7.14 1.54 9.35
CA ALA A 26 -6.02 0.86 9.96
C ALA A 26 -5.65 -0.36 9.14
N VAL A 27 -4.42 -0.39 8.66
CA VAL A 27 -3.99 -1.45 7.77
C VAL A 27 -2.67 -2.06 8.24
N GLN A 28 -2.52 -3.34 7.96
CA GLN A 28 -1.27 -4.05 8.20
C GLN A 28 -0.66 -4.42 6.86
N LEU A 29 0.59 -4.03 6.67
CA LEU A 29 1.25 -4.19 5.39
C LEU A 29 2.07 -5.46 5.35
N HIS A 30 1.64 -6.39 4.53
CA HIS A 30 2.39 -7.60 4.28
C HIS A 30 3.40 -7.34 3.19
N PHE A 31 4.59 -7.88 3.33
CA PHE A 31 5.60 -7.76 2.29
C PHE A 31 5.16 -8.61 1.10
N VAL A 32 5.31 -8.07 -0.10
CA VAL A 32 4.97 -8.82 -1.29
C VAL A 32 6.19 -9.09 -2.15
N SER A 33 6.92 -8.03 -2.45
CA SER A 33 8.01 -8.08 -3.42
C SER A 33 8.93 -6.87 -3.24
N GLY A 34 10.07 -6.88 -3.91
CA GLY A 34 10.95 -5.74 -3.87
C GLY A 34 11.94 -5.81 -2.72
N ASN A 35 12.32 -4.65 -2.21
CA ASN A 35 13.29 -4.58 -1.13
C ASN A 35 12.60 -4.26 0.19
N ASN A 36 12.70 -5.18 1.14
CA ASN A 36 12.03 -5.04 2.44
C ASN A 36 12.54 -3.82 3.22
N VAL A 37 13.83 -3.53 3.10
CA VAL A 37 14.43 -2.39 3.79
C VAL A 37 13.75 -1.09 3.36
N LEU A 38 13.33 -1.04 2.10
CA LEU A 38 12.64 0.14 1.57
C LEU A 38 11.39 0.45 2.39
N ALA A 39 10.66 -0.58 2.79
CA ALA A 39 9.46 -0.37 3.58
C ALA A 39 9.83 0.16 4.95
N HIS A 40 10.81 -0.47 5.59
CA HIS A 40 11.24 -0.06 6.92
C HIS A 40 11.72 1.39 6.92
N ARG A 41 12.37 1.80 5.83
CA ARG A 41 12.94 3.15 5.74
C ARG A 41 11.93 4.17 5.18
N SER A 42 10.81 3.70 4.65
CA SER A 42 9.80 4.61 4.11
C SER A 42 8.62 4.77 5.06
N LEU A 43 8.26 3.69 5.72
CA LEU A 43 7.09 3.69 6.58
C LEU A 43 7.43 4.35 7.90
N PRO A 44 6.83 5.53 8.14
CA PRO A 44 7.25 6.43 9.22
C PRO A 44 7.02 5.87 10.61
N LEU A 45 7.99 6.12 11.47
CA LEU A 45 7.91 5.74 12.87
C LEU A 45 8.83 6.60 13.70
N SER A 46 8.48 6.76 14.95
CA SER A 46 9.26 7.53 15.88
C SER A 46 8.82 7.21 17.30
N GLU A 47 7.51 7.20 17.50
CA GLU A 47 6.92 6.94 18.80
C GLU A 47 6.11 5.66 18.75
N GLY A 48 5.30 5.57 17.71
CA GLY A 48 4.47 4.41 17.50
C GLY A 48 4.26 4.15 16.02
N GLY A 49 3.70 5.13 15.34
CA GLY A 49 3.46 5.00 13.91
C GLY A 49 2.43 5.99 13.40
N PRO A 50 2.88 7.12 12.82
CA PRO A 50 1.97 8.10 12.24
C PRO A 50 1.35 7.58 10.94
N PRO A 51 0.07 7.89 10.71
CA PRO A 51 -0.66 7.39 9.54
C PRO A 51 -0.14 7.96 8.24
N LEU A 52 -0.14 7.13 7.20
CA LEU A 52 0.27 7.54 5.87
C LEU A 52 -0.84 8.33 5.19
N ARG A 53 -0.58 9.60 4.87
CA ARG A 53 -1.60 10.46 4.27
C ARG A 53 -1.37 10.63 2.77
N ILE A 54 -2.46 10.66 2.02
CA ILE A 54 -2.39 10.68 0.57
C ILE A 54 -2.43 12.11 0.01
N ALA A 55 -1.27 12.56 -0.46
CA ALA A 55 -1.10 13.93 -0.91
C ALA A 55 -0.96 14.03 -2.42
N GLN A 56 -0.89 12.88 -3.10
CA GLN A 56 -0.78 12.87 -4.57
C GLN A 56 -1.46 11.63 -5.16
N ARG A 57 -1.48 11.54 -6.49
CA ARG A 57 -2.13 10.42 -7.18
C ARG A 57 -1.54 10.20 -8.58
N MET A 58 -1.29 8.95 -8.94
CA MET A 58 -0.79 8.62 -10.27
C MET A 58 -1.85 7.91 -11.08
N ARG A 59 -2.21 8.46 -12.22
CA ARG A 59 -3.27 7.89 -13.02
C ARG A 59 -2.79 6.60 -13.68
N LEU A 60 -3.32 5.47 -13.24
CA LEU A 60 -2.88 4.18 -13.75
C LEU A 60 -3.35 4.00 -15.19
N GLU A 61 -2.45 4.28 -16.12
CA GLU A 61 -2.70 4.09 -17.53
C GLU A 61 -1.82 2.98 -18.06
N ALA A 62 -2.10 2.49 -19.26
CA ALA A 62 -1.31 1.43 -19.87
C ALA A 62 0.18 1.81 -19.90
N THR A 63 0.46 3.02 -20.34
CA THR A 63 1.81 3.54 -20.41
C THR A 63 2.45 3.63 -19.03
N GLN A 64 1.64 4.02 -18.05
CA GLN A 64 2.13 4.21 -16.69
C GLN A 64 2.37 2.88 -16.00
N LEU A 65 1.51 1.90 -16.27
CA LEU A 65 1.64 0.57 -15.70
C LEU A 65 2.95 -0.07 -16.14
N GLU A 66 3.35 0.20 -17.38
CA GLU A 66 4.64 -0.24 -17.89
C GLU A 66 5.76 0.41 -17.08
N GLY A 67 5.62 1.71 -16.87
CA GLY A 67 6.59 2.45 -16.06
C GLY A 67 6.64 1.95 -14.62
N VAL A 68 5.50 1.53 -14.09
CA VAL A 68 5.46 0.90 -12.78
C VAL A 68 6.19 -0.42 -12.81
N ALA A 69 5.86 -1.26 -13.79
CA ALA A 69 6.52 -2.55 -13.95
C ALA A 69 8.02 -2.39 -14.19
N ARG A 70 8.39 -1.25 -14.76
CA ARG A 70 9.79 -0.92 -15.01
C ARG A 70 10.59 -1.01 -13.71
N ARG A 71 10.07 -0.42 -12.64
CA ARG A 71 10.74 -0.45 -11.35
C ARG A 71 10.39 -1.73 -10.59
N MET A 72 9.35 -2.43 -11.05
CA MET A 72 8.91 -3.66 -10.39
C MET A 72 9.72 -4.85 -10.84
N THR A 73 10.39 -4.71 -11.98
CA THR A 73 11.24 -5.78 -12.49
C THR A 73 12.59 -5.75 -11.79
N VAL A 74 12.93 -4.61 -11.23
CA VAL A 74 14.17 -4.46 -10.49
C VAL A 74 13.87 -4.40 -8.99
N GLU A 75 13.63 -5.56 -8.41
CA GLU A 75 13.38 -5.64 -6.99
C GLU A 75 14.63 -5.23 -6.23
N THR A 76 14.55 -4.04 -5.63
CA THR A 76 15.66 -3.35 -4.95
C THR A 76 15.35 -1.86 -4.95
N ASP A 77 14.93 -1.37 -6.11
CA ASP A 77 14.60 0.05 -6.28
C ASP A 77 13.18 0.34 -5.89
N TYR A 78 12.38 -0.70 -5.76
CA TYR A 78 11.01 -0.52 -5.29
C TYR A 78 10.69 -1.58 -4.24
N CYS A 79 9.64 -1.33 -3.49
CA CYS A 79 9.14 -2.30 -2.56
C CYS A 79 7.65 -2.49 -2.80
N LEU A 80 7.21 -3.72 -2.85
CA LEU A 80 5.81 -4.00 -3.06
C LEU A 80 5.20 -4.45 -1.74
N LEU A 81 4.14 -3.78 -1.33
CA LEU A 81 3.50 -4.06 -0.06
C LEU A 81 2.03 -4.34 -0.24
N LEU A 82 1.46 -5.09 0.68
CA LEU A 82 0.06 -5.43 0.63
C LEU A 82 -0.63 -4.92 1.90
N ALA A 83 -1.44 -3.87 1.76
CA ALA A 83 -2.10 -3.29 2.93
C ALA A 83 -3.49 -3.88 3.10
N LEU A 84 -3.72 -4.44 4.27
CA LEU A 84 -4.98 -5.08 4.63
C LEU A 84 -5.55 -4.46 5.90
N PRO A 85 -6.88 -4.32 5.99
CA PRO A 85 -7.54 -3.77 7.17
C PRO A 85 -7.25 -4.59 8.43
N CYS A 86 -6.60 -3.95 9.39
CA CYS A 86 -6.28 -4.62 10.65
C CYS A 86 -7.12 -4.04 11.78
N GLY A 87 -7.91 -4.89 12.41
CA GLY A 87 -8.79 -4.44 13.46
C GLY A 87 -8.27 -4.79 14.83
N ARG A 88 -8.53 -3.91 15.78
CA ARG A 88 -8.15 -4.11 17.18
C ARG A 88 -9.01 -5.20 17.79
N ASP A 89 -10.17 -5.36 17.22
CA ASP A 89 -11.17 -6.29 17.71
C ASP A 89 -11.95 -6.81 16.53
N GLN A 90 -12.78 -7.83 16.73
CA GLN A 90 -13.62 -8.37 15.68
C GLN A 90 -14.45 -7.24 15.05
N GLU A 91 -15.09 -6.45 15.90
CA GLU A 91 -15.89 -5.33 15.46
C GLU A 91 -15.04 -4.32 14.70
N ASP A 92 -13.82 -4.14 15.17
CA ASP A 92 -12.91 -3.16 14.59
C ASP A 92 -12.50 -3.60 13.18
N VAL A 93 -12.26 -4.89 13.01
CA VAL A 93 -11.88 -5.44 11.72
C VAL A 93 -12.97 -5.16 10.69
N VAL A 94 -14.22 -5.27 11.13
CA VAL A 94 -15.37 -4.98 10.29
C VAL A 94 -15.35 -3.51 9.89
N SER A 95 -15.15 -2.68 10.90
CA SER A 95 -15.08 -1.26 10.74
C SER A 95 -13.97 -0.84 9.78
N GLN A 96 -12.78 -1.41 9.97
CA GLN A 96 -11.63 -1.07 9.11
C GLN A 96 -11.89 -1.48 7.67
N THR A 97 -12.42 -2.70 7.50
CA THR A 97 -12.75 -3.20 6.17
C THR A 97 -13.74 -2.26 5.49
N GLU A 98 -14.78 -1.89 6.23
CA GLU A 98 -15.81 -1.00 5.75
C GLU A 98 -15.22 0.35 5.37
N SER A 99 -14.46 0.93 6.28
CA SER A 99 -13.88 2.25 6.08
C SER A 99 -12.95 2.26 4.87
N LEU A 100 -12.10 1.23 4.77
CA LEU A 100 -11.11 1.18 3.71
C LEU A 100 -11.75 1.08 2.34
N LYS A 101 -12.76 0.22 2.19
CA LYS A 101 -13.38 0.01 0.89
C LYS A 101 -14.21 1.23 0.49
N ALA A 102 -14.68 1.97 1.47
CA ALA A 102 -15.46 3.16 1.22
C ALA A 102 -14.57 4.36 0.93
N ALA A 103 -13.48 4.48 1.68
CA ALA A 103 -12.66 5.68 1.65
C ALA A 103 -11.51 5.59 0.65
N PHE A 104 -10.81 4.46 0.66
CA PHE A 104 -9.62 4.31 -0.17
C PHE A 104 -9.94 3.55 -1.44
N ILE A 105 -10.59 2.42 -1.30
CA ILE A 105 -10.91 1.56 -2.44
C ILE A 105 -11.80 2.29 -3.43
N THR A 106 -12.96 2.74 -2.97
CA THR A 106 -13.91 3.46 -3.81
C THR A 106 -13.25 4.68 -4.48
N TYR A 107 -12.44 5.40 -3.71
CA TYR A 107 -11.76 6.59 -4.22
C TYR A 107 -10.70 6.21 -5.27
N LEU A 108 -9.75 5.36 -4.89
CA LEU A 108 -8.66 4.98 -5.79
C LEU A 108 -9.17 4.40 -7.09
N GLN A 109 -10.18 3.53 -6.99
CA GLN A 109 -10.72 2.87 -8.16
C GLN A 109 -11.43 3.88 -9.07
N ALA A 110 -12.12 4.84 -8.45
CA ALA A 110 -12.87 5.86 -9.19
C ALA A 110 -11.92 6.79 -9.91
N LYS A 111 -10.81 7.10 -9.27
CA LYS A 111 -9.81 7.98 -9.86
C LYS A 111 -8.98 7.24 -10.90
N GLN A 112 -9.01 5.90 -10.82
CA GLN A 112 -8.10 5.07 -11.59
C GLN A 112 -6.68 5.57 -11.39
N ALA A 113 -6.28 5.69 -10.14
CA ALA A 113 -5.02 6.32 -9.80
C ALA A 113 -4.24 5.54 -8.74
N ALA A 114 -3.11 6.12 -8.34
CA ALA A 114 -2.28 5.59 -7.28
C ALA A 114 -2.15 6.60 -6.15
N GLY A 115 -2.63 6.22 -4.97
CA GLY A 115 -2.53 7.11 -3.83
C GLY A 115 -1.09 7.37 -3.44
N ILE A 116 -0.59 8.53 -3.78
CA ILE A 116 0.81 8.85 -3.58
C ILE A 116 1.04 9.44 -2.21
N ILE A 117 1.88 8.77 -1.43
CA ILE A 117 2.27 9.25 -0.12
C ILE A 117 3.77 9.47 -0.07
N ASN A 118 4.16 10.71 0.16
CA ASN A 118 5.57 11.07 0.19
C ASN A 118 6.07 11.10 1.62
N VAL A 119 7.13 10.36 1.87
CA VAL A 119 7.74 10.36 3.20
C VAL A 119 9.18 10.84 3.10
N PRO A 120 9.75 11.33 4.21
CA PRO A 120 11.13 11.84 4.22
C PRO A 120 12.18 10.79 3.85
N ASN A 121 13.17 11.25 3.10
CA ASN A 121 14.27 10.41 2.65
C ASN A 121 15.58 11.20 2.76
N PRO A 122 16.28 11.07 3.89
CA PRO A 122 17.53 11.77 4.15
C PRO A 122 18.63 11.36 3.18
N GLY A 123 18.94 12.26 2.25
CA GLY A 123 20.00 11.99 1.30
C GLY A 123 19.64 12.41 -0.10
N SER A 124 18.35 12.43 -0.42
CA SER A 124 17.93 12.75 -1.79
C SER A 124 17.41 14.19 -1.89
N ASN A 125 16.69 14.64 -0.87
CA ASN A 125 16.16 16.01 -0.83
C ASN A 125 15.45 16.25 0.50
N GLN A 126 14.21 15.76 0.58
CA GLN A 126 13.44 15.79 1.83
C GLN A 126 12.40 14.66 1.82
N PRO A 127 11.38 14.70 0.94
CA PRO A 127 10.30 13.73 0.92
C PRO A 127 10.45 12.70 -0.20
N ALA A 128 11.70 12.42 -0.60
CA ALA A 128 11.98 11.60 -1.78
C ALA A 128 11.65 10.11 -1.61
N TYR A 129 10.46 9.81 -1.13
CA TYR A 129 9.91 8.46 -1.17
C TYR A 129 8.48 8.53 -1.66
N VAL A 130 8.14 7.67 -2.60
CA VAL A 130 6.78 7.60 -3.11
C VAL A 130 6.17 6.25 -2.82
N LEU A 131 5.14 6.26 -1.98
CA LEU A 131 4.34 5.07 -1.79
C LEU A 131 3.07 5.20 -2.62
N GLN A 132 2.97 4.38 -3.65
CA GLN A 132 1.83 4.41 -4.55
C GLN A 132 0.79 3.42 -4.10
N ILE A 133 -0.33 3.92 -3.64
CA ILE A 133 -1.43 3.09 -3.21
C ILE A 133 -2.35 2.77 -4.38
N PHE A 134 -2.15 1.60 -4.97
CA PHE A 134 -2.99 1.15 -6.07
C PHE A 134 -4.22 0.42 -5.52
N PRO A 135 -5.38 0.62 -6.15
CA PRO A 135 -6.62 -0.07 -5.77
C PRO A 135 -6.55 -1.57 -6.09
N PRO A 136 -7.56 -2.35 -5.65
CA PRO A 136 -7.63 -3.79 -5.96
C PRO A 136 -7.98 -4.06 -7.43
N CYS A 137 -7.41 -3.26 -8.32
CA CYS A 137 -7.65 -3.37 -9.75
C CYS A 137 -6.99 -4.63 -10.31
N GLU A 138 -7.44 -5.05 -11.49
CA GLU A 138 -6.91 -6.24 -12.16
C GLU A 138 -5.39 -6.18 -12.24
N PHE A 139 -4.86 -5.00 -12.51
CA PHE A 139 -3.41 -4.77 -12.54
C PHE A 139 -2.75 -5.29 -11.27
N SER A 140 -3.25 -4.85 -10.13
CA SER A 140 -2.69 -5.21 -8.85
C SER A 140 -2.80 -6.72 -8.61
N GLU A 141 -4.04 -7.22 -8.68
CA GLU A 141 -4.33 -8.62 -8.37
C GLU A 141 -3.47 -9.56 -9.20
N SER A 142 -3.31 -9.25 -10.48
CA SER A 142 -2.59 -10.13 -11.39
C SER A 142 -1.11 -10.19 -11.02
N HIS A 143 -0.49 -9.03 -10.81
CA HIS A 143 0.92 -8.98 -10.45
C HIS A 143 1.14 -9.65 -9.09
N LEU A 144 0.18 -9.48 -8.20
CA LEU A 144 0.23 -10.12 -6.89
C LEU A 144 0.19 -11.64 -7.03
N SER A 145 -0.53 -12.12 -8.04
CA SER A 145 -0.65 -13.56 -8.27
C SER A 145 0.69 -14.15 -8.69
N ARG A 146 1.50 -13.33 -9.35
CA ARG A 146 2.84 -13.76 -9.75
C ARG A 146 3.82 -13.54 -8.59
N LEU A 147 3.89 -12.31 -8.11
CA LEU A 147 4.89 -11.89 -7.15
C LEU A 147 4.71 -12.59 -5.79
N ALA A 148 3.46 -12.77 -5.37
CA ALA A 148 3.17 -13.38 -4.09
C ALA A 148 1.91 -14.24 -4.16
N PRO A 149 1.99 -15.42 -4.78
CA PRO A 149 0.84 -16.31 -4.93
C PRO A 149 0.38 -16.88 -3.60
N ASP A 150 1.27 -16.83 -2.61
CA ASP A 150 0.97 -17.35 -1.29
C ASP A 150 0.03 -16.41 -0.56
N LEU A 151 0.38 -15.14 -0.53
CA LEU A 151 -0.44 -14.16 0.13
C LEU A 151 -1.63 -13.80 -0.77
N LEU A 152 -1.43 -13.90 -2.08
CA LEU A 152 -2.49 -13.65 -3.05
C LEU A 152 -3.71 -14.51 -2.74
N ALA A 153 -3.48 -15.78 -2.50
CA ALA A 153 -4.56 -16.71 -2.20
C ALA A 153 -5.31 -16.28 -0.95
N SER A 154 -4.61 -15.63 -0.04
CA SER A 154 -5.21 -15.17 1.20
C SER A 154 -5.97 -13.86 0.99
N ILE A 155 -5.48 -13.02 0.08
CA ILE A 155 -6.11 -11.73 -0.16
C ILE A 155 -7.27 -11.86 -1.13
N SER A 156 -7.39 -13.02 -1.76
CA SER A 156 -8.49 -13.30 -2.67
C SER A 156 -9.83 -13.07 -1.94
N ASN A 157 -9.86 -13.37 -0.65
CA ASN A 157 -11.06 -13.19 0.15
C ASN A 157 -11.17 -11.74 0.64
N ILE A 158 -10.03 -11.12 0.89
CA ILE A 158 -9.99 -9.73 1.35
C ILE A 158 -9.55 -8.83 0.19
N SER A 159 -10.03 -9.18 -1.00
CA SER A 159 -9.85 -8.40 -2.21
C SER A 159 -9.97 -6.88 -1.99
N PRO A 160 -10.92 -6.37 -1.17
CA PRO A 160 -10.90 -4.97 -0.75
C PRO A 160 -9.63 -4.61 0.01
N HIS A 161 -8.56 -4.36 -0.75
CA HIS A 161 -7.27 -4.06 -0.18
C HIS A 161 -6.53 -3.08 -1.07
N LEU A 162 -5.35 -2.67 -0.64
CA LEU A 162 -4.54 -1.77 -1.43
C LEU A 162 -3.18 -2.39 -1.71
N MET A 163 -2.62 -2.08 -2.86
CA MET A 163 -1.28 -2.52 -3.22
C MET A 163 -0.36 -1.32 -3.19
N ILE A 164 0.49 -1.25 -2.18
CA ILE A 164 1.31 -0.08 -1.96
C ILE A 164 2.72 -0.28 -2.51
N VAL A 165 3.07 0.52 -3.50
CA VAL A 165 4.36 0.42 -4.18
C VAL A 165 5.30 1.52 -3.71
N ILE A 166 6.37 1.13 -3.05
CA ILE A 166 7.36 2.07 -2.55
C ILE A 166 8.45 2.27 -3.60
N ALA A 167 8.65 3.51 -4.01
CA ALA A 167 9.70 3.85 -4.95
C ALA A 167 10.71 4.79 -4.30
N SER A 168 11.99 4.42 -4.38
CA SER A 168 13.04 5.26 -3.83
C SER A 168 13.61 6.18 -4.91
N VAL A 169 13.72 7.46 -4.56
CA VAL A 169 14.26 8.44 -5.49
C VAL A 169 15.72 8.73 -5.14
N TYR B 1 2.64 13.46 -10.68
CA TYR B 1 1.88 12.61 -9.76
C TYR B 1 0.73 13.36 -9.11
N GLU B 2 0.25 14.41 -9.78
CA GLU B 2 -0.89 15.19 -9.28
C GLU B 2 -0.64 15.71 -7.88
N THR B 3 -1.73 16.09 -7.24
CA THR B 3 -1.75 16.39 -5.83
C THR B 3 -3.12 15.98 -5.31
N LEU B 4 -3.20 15.11 -4.31
CA LEU B 4 -4.50 14.73 -3.78
C LEU B 4 -5.00 15.78 -2.82
N SEP B 5 -5.26 15.40 -1.57
CA SEP B 5 -6.11 16.25 -0.76
CB SEP B 5 -7.56 16.03 -1.19
OG SEP B 5 -7.66 16.30 -2.59
C SEP B 5 -5.89 15.98 0.72
O SEP B 5 -6.46 15.05 1.30
P SEP B 5 -9.16 16.08 -3.12
O1P SEP B 5 -10.09 16.98 -2.40
O2P SEP B 5 -9.22 16.39 -4.71
O3P SEP B 5 -9.60 14.55 -2.87
H SEP B 5 -4.87 14.58 -1.20
HA SEP B 5 -5.84 17.28 -0.96
HB2 SEP B 5 -7.85 15.00 -0.99
HB3 SEP B 5 -8.22 16.70 -0.65
N ASP B 6 -5.02 16.78 1.29
CA ASP B 6 -4.67 16.69 2.71
C ASP B 6 -4.09 18.03 3.15
N SEP B 7 -3.01 18.43 2.48
CA SEP B 7 -2.41 19.74 2.72
CB SEP B 7 -0.96 19.75 2.22
OG SEP B 7 -0.21 18.74 2.89
C SEP B 7 -3.21 20.82 2.00
O SEP B 7 -2.94 22.01 2.12
P SEP B 7 1.30 18.81 2.31
O1P SEP B 7 1.87 20.15 2.56
O2P SEP B 7 2.21 17.70 3.03
O3P SEP B 7 1.27 18.53 0.73
H SEP B 7 -2.61 17.83 1.83
HA SEP B 7 -2.43 19.93 3.77
HB2 SEP B 7 -0.95 19.55 1.16
HB3 SEP B 7 -0.53 20.71 2.42
N GLU B 8 -4.20 20.37 1.24
CA GLU B 8 -5.04 21.28 0.45
C GLU B 8 -6.22 21.76 1.27
N VAL A 1 -7.45 -19.70 4.03
CA VAL A 1 -6.18 -18.99 3.75
C VAL A 1 -5.64 -18.31 5.00
N ASP A 2 -4.48 -18.76 5.46
CA ASP A 2 -3.87 -18.23 6.66
C ASP A 2 -2.67 -17.34 6.32
N MET A 3 -2.48 -16.29 7.09
CA MET A 3 -1.30 -15.44 6.93
C MET A 3 -0.07 -16.16 7.46
N VAL A 4 -0.33 -17.16 8.30
CA VAL A 4 0.73 -18.02 8.83
C VAL A 4 1.47 -18.74 7.70
N GLN A 5 0.78 -18.90 6.58
CA GLN A 5 1.40 -19.47 5.40
C GLN A 5 2.27 -18.42 4.70
N LEU A 6 1.63 -17.32 4.30
CA LEU A 6 2.28 -16.29 3.49
C LEU A 6 3.44 -15.62 4.21
N LEU A 7 3.34 -15.41 5.53
CA LEU A 7 4.35 -14.61 6.22
C LEU A 7 5.68 -15.36 6.29
N LYS A 8 5.63 -16.66 6.04
CA LYS A 8 6.85 -17.46 6.03
C LYS A 8 7.63 -17.17 4.75
N LYS A 9 6.96 -16.56 3.79
CA LYS A 9 7.63 -16.10 2.59
C LYS A 9 7.79 -14.60 2.62
N TYR A 10 6.74 -13.92 3.05
CA TYR A 10 6.73 -12.47 3.11
C TYR A 10 5.84 -11.97 4.27
N PRO A 11 6.48 -11.57 5.37
CA PRO A 11 5.82 -11.08 6.58
C PRO A 11 5.47 -9.59 6.55
N ILE A 12 4.76 -9.13 7.57
CA ILE A 12 4.35 -7.73 7.67
C ILE A 12 5.54 -6.83 7.99
N VAL A 13 5.60 -5.69 7.32
CA VAL A 13 6.71 -4.76 7.50
C VAL A 13 6.29 -3.55 8.34
N TRP A 14 4.99 -3.24 8.34
CA TRP A 14 4.48 -2.06 9.03
C TRP A 14 3.00 -2.22 9.34
N GLN A 15 2.55 -1.57 10.39
CA GLN A 15 1.15 -1.62 10.76
C GLN A 15 0.74 -0.30 11.40
N GLY A 16 -0.22 0.37 10.79
CA GLY A 16 -0.67 1.64 11.29
C GLY A 16 -1.96 2.04 10.64
N LEU A 17 -2.02 3.24 10.12
CA LEU A 17 -3.21 3.72 9.44
C LEU A 17 -2.85 4.49 8.18
N LEU A 18 -3.79 4.54 7.26
CA LEU A 18 -3.70 5.42 6.11
C LEU A 18 -4.74 6.53 6.28
N ALA A 19 -4.49 7.69 5.72
CA ALA A 19 -5.41 8.81 5.89
C ALA A 19 -5.48 9.67 4.64
N LEU A 20 -6.68 9.86 4.11
CA LEU A 20 -6.86 10.80 3.02
C LEU A 20 -8.16 11.56 3.25
N LYS A 21 -8.16 12.85 2.91
CA LYS A 21 -9.25 13.76 3.29
C LYS A 21 -9.30 13.89 4.80
N ASN A 22 -10.16 13.07 5.41
CA ASN A 22 -10.27 12.97 6.85
C ASN A 22 -10.54 11.52 7.22
N ASP A 23 -10.42 10.65 6.23
CA ASP A 23 -10.76 9.25 6.41
C ASP A 23 -9.51 8.45 6.76
N THR A 24 -9.58 7.68 7.83
CA THR A 24 -8.47 6.86 8.26
C THR A 24 -8.83 5.39 8.23
N ALA A 25 -7.93 4.59 7.69
CA ALA A 25 -8.09 3.14 7.67
C ALA A 25 -6.84 2.49 8.22
N ALA A 26 -6.98 1.78 9.34
CA ALA A 26 -5.86 1.08 9.93
C ALA A 26 -5.49 -0.11 9.06
N VAL A 27 -4.26 -0.10 8.59
CA VAL A 27 -3.80 -1.15 7.69
C VAL A 27 -2.49 -1.77 8.18
N GLN A 28 -2.35 -3.04 7.90
CA GLN A 28 -1.13 -3.78 8.13
C GLN A 28 -0.52 -4.16 6.79
N LEU A 29 0.72 -3.79 6.59
CA LEU A 29 1.36 -3.99 5.30
C LEU A 29 2.19 -5.25 5.29
N HIS A 30 1.75 -6.21 4.51
CA HIS A 30 2.50 -7.42 4.30
C HIS A 30 3.52 -7.17 3.21
N PHE A 31 4.73 -7.69 3.40
CA PHE A 31 5.73 -7.63 2.35
C PHE A 31 5.26 -8.48 1.20
N VAL A 32 5.42 -7.98 -0.02
CA VAL A 32 5.05 -8.77 -1.18
C VAL A 32 6.28 -9.08 -2.03
N SER A 33 7.00 -8.03 -2.40
CA SER A 33 8.07 -8.12 -3.37
C SER A 33 9.02 -6.94 -3.23
N GLY A 34 10.15 -6.98 -3.92
CA GLY A 34 11.07 -5.87 -3.94
C GLY A 34 12.07 -5.89 -2.81
N ASN A 35 12.45 -4.71 -2.33
CA ASN A 35 13.41 -4.59 -1.24
C ASN A 35 12.71 -4.16 0.04
N ASN A 36 12.61 -5.07 1.01
CA ASN A 36 11.87 -4.82 2.24
C ASN A 36 12.51 -3.68 3.05
N VAL A 37 13.80 -3.49 2.88
CA VAL A 37 14.52 -2.42 3.57
C VAL A 37 13.93 -1.06 3.22
N LEU A 38 13.42 -0.93 2.00
CA LEU A 38 12.77 0.30 1.56
C LEU A 38 11.61 0.65 2.46
N ALA A 39 10.78 -0.35 2.80
CA ALA A 39 9.61 -0.12 3.63
C ALA A 39 10.03 0.33 5.02
N HIS A 40 11.05 -0.32 5.56
CA HIS A 40 11.55 0.03 6.88
C HIS A 40 11.98 1.49 6.93
N ARG A 41 12.65 1.94 5.88
CA ARG A 41 13.19 3.30 5.85
C ARG A 41 12.20 4.32 5.29
N SER A 42 11.04 3.87 4.81
CA SER A 42 10.04 4.80 4.32
C SER A 42 8.89 4.95 5.31
N LEU A 43 8.47 3.86 5.90
CA LEU A 43 7.29 3.84 6.73
C LEU A 43 7.59 4.39 8.13
N PRO A 44 6.97 5.53 8.47
CA PRO A 44 7.21 6.22 9.74
C PRO A 44 6.48 5.56 10.91
N LEU A 45 7.07 5.70 12.10
CA LEU A 45 6.45 5.16 13.30
C LEU A 45 6.87 5.98 14.52
N SER A 46 6.21 5.69 15.64
CA SER A 46 6.43 6.41 16.88
C SER A 46 5.45 5.93 17.95
N GLU A 47 4.17 6.10 17.66
CA GLU A 47 3.10 5.75 18.59
C GLU A 47 2.55 4.37 18.28
N GLY A 48 2.89 3.88 17.12
CA GLY A 48 2.43 2.59 16.66
C GLY A 48 2.44 2.53 15.15
N GLY A 49 1.65 3.41 14.55
CA GLY A 49 1.64 3.54 13.11
C GLY A 49 0.97 4.82 12.67
N PRO A 50 1.72 5.92 12.56
CA PRO A 50 1.17 7.21 12.11
C PRO A 50 0.53 7.08 10.73
N PRO A 51 -0.58 7.79 10.51
CA PRO A 51 -1.37 7.62 9.30
C PRO A 51 -0.68 8.18 8.06
N LEU A 52 -0.40 7.30 7.11
CA LEU A 52 0.14 7.72 5.82
C LEU A 52 -0.93 8.49 5.05
N ARG A 53 -0.72 9.79 4.90
CA ARG A 53 -1.75 10.63 4.30
C ARG A 53 -1.50 10.84 2.82
N ILE A 54 -2.57 10.82 2.05
CA ILE A 54 -2.49 10.84 0.60
C ILE A 54 -2.60 12.26 0.04
N ALA A 55 -1.47 12.77 -0.43
CA ALA A 55 -1.39 14.14 -0.90
C ALA A 55 -1.07 14.20 -2.39
N GLN A 56 -1.03 13.04 -3.03
CA GLN A 56 -0.73 12.96 -4.46
C GLN A 56 -1.43 11.76 -5.08
N ARG A 57 -1.50 11.71 -6.41
CA ARG A 57 -2.17 10.61 -7.11
C ARG A 57 -1.61 10.45 -8.51
N MET A 58 -1.39 9.21 -8.93
CA MET A 58 -0.91 8.94 -10.27
C MET A 58 -1.98 8.27 -11.10
N ARG A 59 -2.35 8.88 -12.22
CA ARG A 59 -3.37 8.31 -13.09
C ARG A 59 -2.89 6.98 -13.64
N LEU A 60 -3.52 5.88 -13.19
CA LEU A 60 -3.07 4.58 -13.62
C LEU A 60 -3.43 4.37 -15.10
N GLU A 61 -2.42 4.59 -15.91
CA GLU A 61 -2.53 4.43 -17.35
C GLU A 61 -1.84 3.15 -17.73
N ALA A 62 -2.25 2.52 -18.82
CA ALA A 62 -1.56 1.33 -19.30
C ALA A 62 -0.08 1.63 -19.47
N THR A 63 0.21 2.74 -20.12
CA THR A 63 1.58 3.22 -20.31
C THR A 63 2.29 3.43 -18.98
N GLN A 64 1.58 4.03 -18.02
CA GLN A 64 2.14 4.31 -16.70
C GLN A 64 2.43 3.02 -15.95
N LEU A 65 1.47 2.10 -15.98
CA LEU A 65 1.60 0.83 -15.30
C LEU A 65 2.76 0.03 -15.90
N GLU A 66 2.93 0.14 -17.21
CA GLU A 66 4.09 -0.43 -17.89
C GLU A 66 5.37 0.10 -17.27
N GLY A 67 5.45 1.42 -17.17
CA GLY A 67 6.61 2.05 -16.55
C GLY A 67 6.81 1.64 -15.11
N VAL A 68 5.71 1.56 -14.36
CA VAL A 68 5.77 1.12 -12.96
C VAL A 68 6.28 -0.32 -12.88
N ALA A 69 5.70 -1.19 -13.69
CA ALA A 69 6.05 -2.61 -13.69
C ALA A 69 7.51 -2.82 -14.02
N ARG A 70 8.09 -1.95 -14.83
CA ARG A 70 9.49 -2.03 -15.21
C ARG A 70 10.40 -1.94 -13.98
N ARG A 71 10.07 -1.07 -13.05
CA ARG A 71 10.86 -0.95 -11.83
C ARG A 71 10.38 -1.95 -10.78
N MET A 72 9.24 -2.58 -11.06
CA MET A 72 8.76 -3.70 -10.26
C MET A 72 9.44 -4.98 -10.72
N THR A 73 9.95 -4.92 -11.94
CA THR A 73 10.67 -5.98 -12.56
C THR A 73 12.09 -6.06 -11.98
N VAL A 74 12.50 -5.00 -11.29
CA VAL A 74 13.79 -4.95 -10.65
C VAL A 74 13.62 -4.84 -9.13
N GLU A 75 13.55 -5.98 -8.46
CA GLU A 75 13.37 -5.99 -7.02
C GLU A 75 14.65 -5.49 -6.36
N THR A 76 14.56 -4.28 -5.81
CA THR A 76 15.68 -3.55 -5.21
C THR A 76 15.37 -2.05 -5.32
N ASP A 77 14.94 -1.65 -6.52
CA ASP A 77 14.61 -0.26 -6.78
C ASP A 77 13.27 0.11 -6.15
N TYR A 78 12.38 -0.87 -6.06
CA TYR A 78 11.09 -0.65 -5.46
C TYR A 78 10.83 -1.68 -4.37
N CYS A 79 9.82 -1.41 -3.57
CA CYS A 79 9.32 -2.36 -2.60
C CYS A 79 7.84 -2.51 -2.79
N LEU A 80 7.36 -3.74 -2.80
CA LEU A 80 5.95 -4.00 -3.00
C LEU A 80 5.32 -4.40 -1.67
N LEU A 81 4.26 -3.72 -1.30
CA LEU A 81 3.60 -3.96 -0.03
C LEU A 81 2.12 -4.24 -0.24
N LEU A 82 1.54 -4.97 0.70
CA LEU A 82 0.14 -5.32 0.65
C LEU A 82 -0.56 -4.78 1.90
N ALA A 83 -1.37 -3.74 1.76
CA ALA A 83 -2.03 -3.15 2.91
C ALA A 83 -3.42 -3.74 3.11
N LEU A 84 -3.63 -4.28 4.29
CA LEU A 84 -4.89 -4.88 4.67
C LEU A 84 -5.43 -4.22 5.93
N PRO A 85 -6.76 -4.05 6.02
CA PRO A 85 -7.39 -3.45 7.20
C PRO A 85 -7.14 -4.27 8.47
N CYS A 86 -6.35 -3.72 9.37
CA CYS A 86 -5.99 -4.42 10.60
C CYS A 86 -6.90 -3.99 11.74
N GLY A 87 -7.69 -4.92 12.21
CA GLY A 87 -8.62 -4.64 13.28
C GLY A 87 -8.15 -5.18 14.62
N ARG A 88 -8.46 -4.44 15.67
CA ARG A 88 -8.19 -4.84 17.02
C ARG A 88 -8.90 -6.14 17.35
N ASP A 89 -10.19 -6.20 17.00
CA ASP A 89 -11.01 -7.36 17.24
C ASP A 89 -11.82 -7.67 16.00
N GLN A 90 -12.63 -8.72 16.04
CA GLN A 90 -13.39 -9.17 14.88
C GLN A 90 -14.23 -8.04 14.29
N GLU A 91 -14.94 -7.32 15.15
CA GLU A 91 -15.80 -6.23 14.69
C GLU A 91 -14.95 -5.09 14.15
N ASP A 92 -13.84 -4.82 14.83
CA ASP A 92 -12.93 -3.75 14.40
C ASP A 92 -12.39 -4.05 13.02
N VAL A 93 -12.03 -5.31 12.80
CA VAL A 93 -11.55 -5.77 11.50
C VAL A 93 -12.59 -5.49 10.43
N VAL A 94 -13.83 -5.88 10.70
CA VAL A 94 -14.93 -5.64 9.78
C VAL A 94 -15.10 -4.14 9.53
N SER A 95 -15.15 -3.38 10.62
CA SER A 95 -15.34 -1.95 10.54
C SER A 95 -14.24 -1.27 9.73
N GLN A 96 -12.99 -1.68 9.94
CA GLN A 96 -11.88 -1.12 9.18
C GLN A 96 -11.94 -1.55 7.72
N THR A 97 -12.38 -2.79 7.49
CA THR A 97 -12.51 -3.30 6.13
C THR A 97 -13.55 -2.50 5.35
N GLU A 98 -14.75 -2.38 5.90
CA GLU A 98 -15.83 -1.66 5.24
C GLU A 98 -15.49 -0.18 5.06
N SER A 99 -14.77 0.38 6.02
CA SER A 99 -14.37 1.78 5.94
C SER A 99 -13.31 1.98 4.86
N LEU A 100 -12.36 1.05 4.78
CA LEU A 100 -11.29 1.15 3.79
C LEU A 100 -11.86 1.06 2.38
N LYS A 101 -12.76 0.11 2.14
CA LYS A 101 -13.33 -0.07 0.81
C LYS A 101 -14.19 1.12 0.42
N ALA A 102 -14.80 1.77 1.39
CA ALA A 102 -15.65 2.92 1.12
C ALA A 102 -14.81 4.19 0.95
N ALA A 103 -13.79 4.36 1.77
CA ALA A 103 -13.05 5.61 1.81
C ALA A 103 -11.85 5.63 0.85
N PHE A 104 -11.07 4.57 0.86
CA PHE A 104 -9.85 4.53 0.06
C PHE A 104 -10.06 3.79 -1.26
N ILE A 105 -10.65 2.61 -1.17
CA ILE A 105 -10.87 1.77 -2.35
C ILE A 105 -11.77 2.48 -3.35
N THR A 106 -12.95 2.90 -2.89
CA THR A 106 -13.90 3.61 -3.75
C THR A 106 -13.24 4.86 -4.37
N TYR A 107 -12.45 5.56 -3.59
CA TYR A 107 -11.76 6.75 -4.07
C TYR A 107 -10.72 6.38 -5.13
N LEU A 108 -9.77 5.53 -4.78
CA LEU A 108 -8.69 5.14 -5.69
C LEU A 108 -9.24 4.57 -6.99
N GLN A 109 -10.28 3.75 -6.89
CA GLN A 109 -10.84 3.09 -8.06
C GLN A 109 -11.62 4.10 -8.91
N ALA A 110 -12.32 5.03 -8.26
CA ALA A 110 -13.10 6.04 -8.97
C ALA A 110 -12.18 7.03 -9.68
N LYS A 111 -11.04 7.30 -9.07
CA LYS A 111 -10.06 8.20 -9.66
C LYS A 111 -9.22 7.48 -10.70
N GLN A 112 -9.22 6.15 -10.63
CA GLN A 112 -8.27 5.32 -11.37
C GLN A 112 -6.88 5.90 -11.22
N ALA A 113 -6.39 5.95 -10.00
CA ALA A 113 -5.12 6.60 -9.70
C ALA A 113 -4.30 5.78 -8.71
N ALA A 114 -3.14 6.33 -8.35
CA ALA A 114 -2.28 5.76 -7.34
C ALA A 114 -2.14 6.75 -6.20
N GLY A 115 -2.59 6.36 -5.01
CA GLY A 115 -2.46 7.22 -3.85
C GLY A 115 -1.00 7.45 -3.51
N ILE A 116 -0.49 8.60 -3.89
CA ILE A 116 0.92 8.89 -3.73
C ILE A 116 1.20 9.53 -2.38
N ILE A 117 2.15 8.94 -1.68
CA ILE A 117 2.58 9.46 -0.41
C ILE A 117 4.09 9.60 -0.39
N ASN A 118 4.56 10.84 -0.49
CA ASN A 118 5.98 11.13 -0.32
C ASN A 118 6.30 11.20 1.16
N VAL A 119 7.14 10.30 1.59
CA VAL A 119 7.47 10.20 2.99
C VAL A 119 8.96 10.40 3.21
N PRO A 120 9.34 11.20 4.20
CA PRO A 120 10.73 11.38 4.56
C PRO A 120 11.24 10.19 5.37
N ASN A 121 12.43 9.73 5.00
CA ASN A 121 13.08 8.61 5.68
C ASN A 121 13.29 8.96 7.14
N PRO A 122 12.62 8.22 8.06
CA PRO A 122 12.71 8.47 9.50
C PRO A 122 14.16 8.59 9.98
N GLY A 123 14.53 9.80 10.35
CA GLY A 123 15.88 10.05 10.84
C GLY A 123 16.76 10.69 9.79
N SER A 124 16.57 10.31 8.53
CA SER A 124 17.39 10.80 7.44
C SER A 124 16.72 11.99 6.74
N ASN A 125 15.40 12.12 6.95
CA ASN A 125 14.61 13.24 6.42
C ASN A 125 14.57 13.23 4.89
N GLN A 126 14.93 12.10 4.29
CA GLN A 126 14.94 11.98 2.84
C GLN A 126 13.53 11.69 2.32
N PRO A 127 12.89 12.66 1.66
CA PRO A 127 11.51 12.53 1.17
C PRO A 127 11.46 11.96 -0.23
N ALA A 128 12.56 11.35 -0.66
CA ALA A 128 12.68 10.81 -2.00
C ALA A 128 12.03 9.43 -2.09
N TYR A 129 10.88 9.29 -1.45
CA TYR A 129 10.15 8.05 -1.47
C TYR A 129 8.72 8.29 -1.90
N VAL A 130 8.26 7.48 -2.82
CA VAL A 130 6.89 7.53 -3.27
C VAL A 130 6.20 6.21 -3.02
N LEU A 131 5.24 6.21 -2.13
CA LEU A 131 4.41 5.05 -1.93
C LEU A 131 3.16 5.22 -2.77
N GLN A 132 3.03 4.38 -3.78
CA GLN A 132 1.89 4.43 -4.67
C GLN A 132 0.84 3.46 -4.20
N ILE A 133 -0.27 4.01 -3.72
CA ILE A 133 -1.36 3.20 -3.25
C ILE A 133 -2.33 2.91 -4.39
N PHE A 134 -2.19 1.74 -4.98
CA PHE A 134 -3.06 1.34 -6.08
C PHE A 134 -4.27 0.61 -5.52
N PRO A 135 -5.45 0.82 -6.13
CA PRO A 135 -6.67 0.12 -5.75
C PRO A 135 -6.58 -1.37 -6.12
N PRO A 136 -7.52 -2.19 -5.63
CA PRO A 136 -7.58 -3.62 -5.96
C PRO A 136 -7.95 -3.88 -7.43
N CYS A 137 -7.18 -3.29 -8.32
CA CYS A 137 -7.40 -3.40 -9.74
C CYS A 137 -6.79 -4.68 -10.30
N GLU A 138 -7.23 -5.07 -11.49
CA GLU A 138 -6.76 -6.30 -12.11
C GLU A 138 -5.23 -6.31 -12.25
N PHE A 139 -4.65 -5.18 -12.64
CA PHE A 139 -3.21 -5.06 -12.80
C PHE A 139 -2.52 -5.34 -11.46
N SER A 140 -3.11 -4.82 -10.39
CA SER A 140 -2.59 -5.05 -9.05
C SER A 140 -2.61 -6.55 -8.71
N GLU A 141 -3.80 -7.13 -8.77
CA GLU A 141 -3.99 -8.51 -8.33
C GLU A 141 -3.23 -9.48 -9.23
N SER A 142 -3.13 -9.15 -10.51
CA SER A 142 -2.44 -10.01 -11.45
C SER A 142 -0.95 -10.06 -11.10
N HIS A 143 -0.34 -8.90 -10.89
CA HIS A 143 1.06 -8.86 -10.51
C HIS A 143 1.26 -9.44 -9.13
N LEU A 144 0.25 -9.29 -8.27
CA LEU A 144 0.30 -9.90 -6.94
C LEU A 144 0.33 -11.42 -7.04
N SER A 145 -0.46 -11.96 -7.97
CA SER A 145 -0.49 -13.41 -8.19
C SER A 145 0.87 -13.90 -8.66
N ARG A 146 1.57 -13.04 -9.38
CA ARG A 146 2.88 -13.36 -9.92
C ARG A 146 3.97 -13.19 -8.86
N LEU A 147 3.89 -12.09 -8.14
CA LEU A 147 4.94 -11.69 -7.20
C LEU A 147 4.80 -12.38 -5.83
N ALA A 148 3.57 -12.63 -5.40
CA ALA A 148 3.34 -13.29 -4.13
C ALA A 148 2.07 -14.13 -4.17
N PRO A 149 2.16 -15.36 -4.70
CA PRO A 149 1.00 -16.22 -4.89
C PRO A 149 0.37 -16.69 -3.58
N ASP A 150 1.16 -16.76 -2.52
CA ASP A 150 0.67 -17.31 -1.27
C ASP A 150 -0.24 -16.33 -0.57
N LEU A 151 0.23 -15.11 -0.41
CA LEU A 151 -0.55 -14.09 0.23
C LEU A 151 -1.68 -13.66 -0.72
N LEU A 152 -1.44 -13.78 -2.03
CA LEU A 152 -2.46 -13.46 -3.04
C LEU A 152 -3.73 -14.25 -2.79
N ALA A 153 -3.60 -15.56 -2.67
CA ALA A 153 -4.75 -16.42 -2.44
C ALA A 153 -5.45 -16.04 -1.13
N SER A 154 -4.68 -15.51 -0.19
CA SER A 154 -5.20 -15.10 1.09
C SER A 154 -5.96 -13.76 0.98
N ILE A 155 -5.48 -12.88 0.11
CA ILE A 155 -6.11 -11.57 -0.05
C ILE A 155 -7.29 -11.65 -0.99
N SER A 156 -7.45 -12.78 -1.67
CA SER A 156 -8.59 -12.99 -2.54
C SER A 156 -9.89 -12.99 -1.71
N ASN A 157 -9.73 -13.15 -0.39
CA ASN A 157 -10.85 -13.04 0.53
C ASN A 157 -11.01 -11.57 0.96
N ILE A 158 -9.89 -10.90 1.15
CA ILE A 158 -9.89 -9.51 1.57
C ILE A 158 -9.51 -8.61 0.37
N SER A 159 -10.07 -8.98 -0.78
CA SER A 159 -9.98 -8.21 -2.02
C SER A 159 -10.06 -6.69 -1.80
N PRO A 160 -10.97 -6.16 -0.94
CA PRO A 160 -10.93 -4.75 -0.54
C PRO A 160 -9.62 -4.40 0.18
N HIS A 161 -8.57 -4.22 -0.60
CA HIS A 161 -7.26 -3.93 -0.07
C HIS A 161 -6.54 -2.95 -0.97
N LEU A 162 -5.37 -2.51 -0.54
CA LEU A 162 -4.56 -1.61 -1.34
C LEU A 162 -3.21 -2.22 -1.65
N MET A 163 -2.72 -1.98 -2.84
CA MET A 163 -1.40 -2.46 -3.24
C MET A 163 -0.46 -1.27 -3.26
N ILE A 164 0.46 -1.23 -2.31
CA ILE A 164 1.30 -0.06 -2.12
C ILE A 164 2.71 -0.30 -2.62
N VAL A 165 3.11 0.50 -3.59
CA VAL A 165 4.43 0.39 -4.20
C VAL A 165 5.35 1.48 -3.66
N ILE A 166 6.41 1.08 -2.99
CA ILE A 166 7.42 2.02 -2.51
C ILE A 166 8.49 2.17 -3.56
N ALA A 167 8.57 3.34 -4.17
CA ALA A 167 9.51 3.58 -5.23
C ALA A 167 10.56 4.59 -4.82
N SER A 168 11.82 4.21 -5.01
CA SER A 168 12.92 5.13 -4.84
C SER A 168 12.98 6.09 -6.02
N VAL A 169 13.30 7.35 -5.76
CA VAL A 169 13.48 8.32 -6.83
C VAL A 169 14.81 8.08 -7.53
N TYR B 1 3.55 14.32 -9.09
CA TYR B 1 2.58 13.20 -9.12
C TYR B 1 1.19 13.69 -8.73
N GLU B 2 0.79 14.81 -9.32
CA GLU B 2 -0.51 15.43 -9.02
C GLU B 2 -0.57 15.77 -7.52
N THR B 3 -1.70 16.26 -7.05
CA THR B 3 -1.87 16.57 -5.65
C THR B 3 -3.26 16.17 -5.18
N LEU B 4 -3.34 15.34 -4.15
CA LEU B 4 -4.63 14.95 -3.61
C LEU B 4 -5.07 15.93 -2.54
N SEP B 5 -5.49 15.42 -1.39
CA SEP B 5 -6.38 16.18 -0.53
CB SEP B 5 -7.77 16.19 -1.21
OG SEP B 5 -7.65 16.77 -2.51
C SEP B 5 -6.45 15.58 0.86
O SEP B 5 -6.85 14.42 1.01
P SEP B 5 -9.09 16.79 -3.24
O1P SEP B 5 -10.05 17.58 -2.44
O2P SEP B 5 -8.93 17.42 -4.71
O3P SEP B 5 -9.63 15.28 -3.38
H SEP B 5 -5.16 14.53 -1.09
HA SEP B 5 -6.01 17.19 -0.47
HB2 SEP B 5 -8.14 15.18 -1.28
HB3 SEP B 5 -8.44 16.79 -0.61
N ASP B 6 -6.07 16.35 1.85
CA ASP B 6 -6.09 15.93 3.23
C ASP B 6 -6.17 17.17 4.11
N SEP B 7 -5.05 17.88 4.20
CA SEP B 7 -4.99 19.18 4.86
CB SEP B 7 -4.79 19.00 6.38
OG SEP B 7 -5.86 18.25 6.93
C SEP B 7 -3.83 19.97 4.27
O SEP B 7 -3.29 20.88 4.91
P SEP B 7 -5.59 18.12 8.51
O1P SEP B 7 -5.52 19.47 9.12
O2P SEP B 7 -6.78 17.27 9.20
O3P SEP B 7 -4.19 17.36 8.75
H SEP B 7 -4.23 17.51 3.80
HA SEP B 7 -5.92 19.69 4.68
HB2 SEP B 7 -3.86 18.48 6.55
HB3 SEP B 7 -4.75 19.98 6.84
N GLU B 8 -3.49 19.65 3.03
CA GLU B 8 -2.33 20.24 2.38
C GLU B 8 -2.70 20.75 0.99
N VAL A 1 -5.29 -18.69 2.43
CA VAL A 1 -6.04 -17.95 3.47
C VAL A 1 -5.30 -18.00 4.81
N ASP A 2 -4.12 -18.57 4.78
CA ASP A 2 -3.33 -18.76 5.99
C ASP A 2 -2.16 -17.80 6.04
N MET A 3 -2.03 -17.04 7.13
CA MET A 3 -0.94 -16.08 7.28
C MET A 3 0.38 -16.80 7.59
N VAL A 4 0.29 -17.96 8.21
CA VAL A 4 1.49 -18.74 8.56
C VAL A 4 2.19 -19.24 7.29
N GLN A 5 1.44 -19.37 6.22
CA GLN A 5 2.01 -19.71 4.93
C GLN A 5 2.77 -18.53 4.36
N LEU A 6 2.06 -17.42 4.18
CA LEU A 6 2.58 -16.29 3.42
C LEU A 6 3.71 -15.57 4.15
N LEU A 7 3.68 -15.50 5.49
CA LEU A 7 4.68 -14.71 6.21
C LEU A 7 6.05 -15.39 6.13
N LYS A 8 6.04 -16.66 5.72
CA LYS A 8 7.27 -17.41 5.54
C LYS A 8 8.05 -16.83 4.37
N LYS A 9 7.34 -16.34 3.37
CA LYS A 9 7.98 -15.73 2.22
C LYS A 9 7.99 -14.22 2.35
N TYR A 10 6.87 -13.68 2.77
CA TYR A 10 6.73 -12.24 2.86
C TYR A 10 5.88 -11.85 4.07
N PRO A 11 6.55 -11.49 5.17
CA PRO A 11 5.91 -11.11 6.44
C PRO A 11 5.45 -9.66 6.47
N ILE A 12 4.75 -9.29 7.55
CA ILE A 12 4.24 -7.94 7.72
C ILE A 12 5.37 -6.96 8.00
N VAL A 13 5.33 -5.80 7.34
CA VAL A 13 6.39 -4.80 7.46
C VAL A 13 5.92 -3.58 8.24
N TRP A 14 4.61 -3.34 8.26
CA TRP A 14 4.07 -2.14 8.90
C TRP A 14 2.66 -2.42 9.41
N GLN A 15 2.26 -1.70 10.44
CA GLN A 15 0.91 -1.80 10.96
C GLN A 15 0.50 -0.47 11.57
N GLY A 16 -0.55 0.10 11.05
CA GLY A 16 -1.02 1.39 11.52
C GLY A 16 -2.29 1.79 10.82
N LEU A 17 -2.37 3.03 10.37
CA LEU A 17 -3.55 3.50 9.67
C LEU A 17 -3.17 4.31 8.44
N LEU A 18 -4.06 4.34 7.47
CA LEU A 18 -3.95 5.23 6.33
C LEU A 18 -4.99 6.33 6.47
N ALA A 19 -4.72 7.50 5.90
CA ALA A 19 -5.64 8.63 6.03
C ALA A 19 -5.62 9.53 4.79
N LEU A 20 -6.79 9.73 4.19
CA LEU A 20 -6.92 10.68 3.10
C LEU A 20 -8.23 11.45 3.27
N LYS A 21 -8.21 12.74 2.92
CA LYS A 21 -9.32 13.64 3.25
C LYS A 21 -9.46 13.75 4.76
N ASN A 22 -10.34 12.94 5.31
CA ASN A 22 -10.51 12.81 6.74
C ASN A 22 -10.81 11.35 7.07
N ASP A 23 -10.63 10.49 6.07
CA ASP A 23 -10.98 9.08 6.21
C ASP A 23 -9.78 8.29 6.68
N THR A 24 -9.97 7.51 7.72
CA THR A 24 -8.91 6.70 8.28
C THR A 24 -9.27 5.21 8.22
N ALA A 25 -8.29 4.40 7.86
CA ALA A 25 -8.44 2.96 7.84
C ALA A 25 -7.21 2.30 8.41
N ALA A 26 -7.37 1.57 9.50
CA ALA A 26 -6.24 0.87 10.10
C ALA A 26 -5.86 -0.33 9.23
N VAL A 27 -4.60 -0.37 8.84
CA VAL A 27 -4.13 -1.40 7.94
C VAL A 27 -2.81 -2.01 8.40
N GLN A 28 -2.65 -3.29 8.10
CA GLN A 28 -1.39 -3.97 8.31
C GLN A 28 -0.80 -4.31 6.96
N LEU A 29 0.43 -3.88 6.74
CA LEU A 29 1.08 -4.04 5.47
C LEU A 29 1.90 -5.31 5.41
N HIS A 30 1.45 -6.23 4.59
CA HIS A 30 2.19 -7.44 4.34
C HIS A 30 3.20 -7.18 3.23
N PHE A 31 4.40 -7.69 3.39
CA PHE A 31 5.38 -7.62 2.32
C PHE A 31 4.92 -8.50 1.18
N VAL A 32 5.13 -8.06 -0.04
CA VAL A 32 4.82 -8.88 -1.20
C VAL A 32 6.09 -9.22 -1.97
N SER A 33 6.82 -8.17 -2.36
CA SER A 33 7.96 -8.30 -3.25
C SER A 33 8.85 -7.07 -3.12
N GLY A 34 10.01 -7.10 -3.75
CA GLY A 34 10.92 -5.97 -3.68
C GLY A 34 11.87 -6.07 -2.50
N ASN A 35 12.29 -4.91 -1.99
CA ASN A 35 13.19 -4.87 -0.84
C ASN A 35 12.45 -4.39 0.40
N ASN A 36 12.39 -5.25 1.41
CA ASN A 36 11.64 -4.95 2.64
C ASN A 36 12.24 -3.75 3.37
N VAL A 37 13.55 -3.55 3.20
CA VAL A 37 14.24 -2.43 3.83
C VAL A 37 13.62 -1.11 3.42
N LEU A 38 13.15 -1.05 2.17
CA LEU A 38 12.48 0.14 1.67
C LEU A 38 11.25 0.46 2.49
N ALA A 39 10.44 -0.55 2.79
CA ALA A 39 9.22 -0.33 3.53
C ALA A 39 9.53 0.11 4.95
N HIS A 40 10.53 -0.52 5.54
CA HIS A 40 10.94 -0.19 6.90
C HIS A 40 11.38 1.28 7.01
N ARG A 41 12.09 1.75 5.98
CA ARG A 41 12.61 3.11 6.00
C ARG A 41 11.62 4.14 5.43
N SER A 42 10.63 3.67 4.68
CA SER A 42 9.63 4.59 4.11
C SER A 42 8.43 4.71 5.03
N LEU A 43 8.00 3.59 5.59
CA LEU A 43 6.86 3.55 6.47
C LEU A 43 7.28 3.99 7.85
N PRO A 44 6.82 5.17 8.28
CA PRO A 44 7.20 5.73 9.57
C PRO A 44 6.44 5.11 10.72
N LEU A 45 7.17 4.88 11.79
CA LEU A 45 6.62 4.32 13.02
C LEU A 45 5.75 3.11 12.75
N SER A 46 4.82 2.89 13.67
CA SER A 46 3.71 1.99 13.46
C SER A 46 2.60 2.33 14.46
N GLU A 47 3.01 2.65 15.68
CA GLU A 47 2.08 3.02 16.73
C GLU A 47 2.51 4.31 17.41
N GLY A 48 1.55 5.02 17.98
CA GLY A 48 1.85 6.26 18.66
C GLY A 48 2.34 7.33 17.71
N GLY A 49 1.76 7.37 16.52
CA GLY A 49 2.18 8.32 15.53
C GLY A 49 1.12 8.60 14.49
N PRO A 50 1.43 9.43 13.49
CA PRO A 50 0.48 9.80 12.44
C PRO A 50 0.31 8.71 11.39
N PRO A 51 -0.94 8.51 10.93
CA PRO A 51 -1.24 7.59 9.84
C PRO A 51 -0.67 8.08 8.51
N LEU A 52 -0.49 7.17 7.56
CA LEU A 52 0.00 7.53 6.24
C LEU A 52 -1.06 8.34 5.49
N ARG A 53 -0.82 9.63 5.30
CA ARG A 53 -1.77 10.49 4.63
C ARG A 53 -1.49 10.53 3.12
N ILE A 54 -2.56 10.62 2.34
CA ILE A 54 -2.44 10.63 0.89
C ILE A 54 -2.52 12.06 0.33
N ALA A 55 -1.41 12.54 -0.18
CA ALA A 55 -1.31 13.92 -0.63
C ALA A 55 -1.03 14.01 -2.13
N GLN A 56 -1.03 12.87 -2.82
CA GLN A 56 -0.81 12.86 -4.27
C GLN A 56 -1.48 11.63 -4.90
N ARG A 57 -1.53 11.61 -6.24
CA ARG A 57 -2.19 10.52 -6.97
C ARG A 57 -1.59 10.35 -8.37
N MET A 58 -1.42 9.09 -8.77
CA MET A 58 -0.93 8.78 -10.12
C MET A 58 -1.98 8.03 -10.91
N ARG A 59 -2.54 8.66 -11.92
CA ARG A 59 -3.51 7.99 -12.78
C ARG A 59 -2.88 6.78 -13.45
N LEU A 60 -3.32 5.59 -13.05
CA LEU A 60 -2.74 4.37 -13.58
C LEU A 60 -3.10 4.22 -15.05
N GLU A 61 -2.17 4.62 -15.90
CA GLU A 61 -2.34 4.57 -17.33
C GLU A 61 -1.43 3.49 -17.91
N ALA A 62 -1.69 3.09 -19.15
CA ALA A 62 -0.92 2.03 -19.80
C ALA A 62 0.58 2.33 -19.75
N THR A 63 0.95 3.52 -20.18
CA THR A 63 2.34 3.93 -20.20
C THR A 63 2.90 4.03 -18.77
N GLN A 64 2.06 4.49 -17.85
CA GLN A 64 2.44 4.59 -16.46
C GLN A 64 2.70 3.21 -15.86
N LEU A 65 1.91 2.23 -16.27
CA LEU A 65 2.07 0.86 -15.79
C LEU A 65 3.40 0.28 -16.25
N GLU A 66 3.86 0.73 -17.41
CA GLU A 66 5.18 0.35 -17.90
C GLU A 66 6.25 0.98 -17.02
N GLY A 67 6.05 2.23 -16.69
CA GLY A 67 6.93 2.91 -15.74
C GLY A 67 6.99 2.17 -14.41
N VAL A 68 5.83 1.77 -13.92
CA VAL A 68 5.75 0.99 -12.69
C VAL A 68 6.46 -0.36 -12.88
N ALA A 69 6.22 -0.99 -14.02
CA ALA A 69 6.85 -2.27 -14.33
C ALA A 69 8.37 -2.17 -14.27
N ARG A 70 8.92 -1.07 -14.76
CA ARG A 70 10.37 -0.86 -14.77
C ARG A 70 10.96 -0.93 -13.36
N ARG A 71 10.30 -0.29 -12.40
CA ARG A 71 10.79 -0.32 -11.03
C ARG A 71 10.48 -1.66 -10.37
N MET A 72 9.51 -2.38 -10.94
CA MET A 72 9.16 -3.72 -10.47
C MET A 72 10.08 -4.75 -11.12
N THR A 73 10.82 -4.30 -12.13
CA THR A 73 11.74 -5.11 -12.86
C THR A 73 12.99 -5.37 -12.03
N VAL A 74 13.25 -4.47 -11.09
CA VAL A 74 14.40 -4.59 -10.21
C VAL A 74 13.96 -4.51 -8.75
N GLU A 75 13.88 -5.66 -8.09
CA GLU A 75 13.50 -5.68 -6.70
C GLU A 75 14.67 -5.22 -5.84
N THR A 76 14.50 -4.02 -5.29
CA THR A 76 15.53 -3.27 -4.54
C THR A 76 15.27 -1.79 -4.78
N ASP A 77 14.89 -1.48 -6.01
CA ASP A 77 14.52 -0.11 -6.37
C ASP A 77 13.11 0.20 -5.92
N TYR A 78 12.29 -0.85 -5.84
CA TYR A 78 10.94 -0.69 -5.35
C TYR A 78 10.63 -1.75 -4.29
N CYS A 79 9.58 -1.51 -3.54
CA CYS A 79 9.06 -2.49 -2.63
C CYS A 79 7.58 -2.66 -2.91
N LEU A 80 7.13 -3.89 -2.94
CA LEU A 80 5.73 -4.19 -3.21
C LEU A 80 5.08 -4.59 -1.90
N LEU A 81 4.00 -3.91 -1.54
CA LEU A 81 3.33 -4.15 -0.28
C LEU A 81 1.86 -4.44 -0.48
N LEU A 82 1.28 -5.10 0.50
CA LEU A 82 -0.12 -5.44 0.49
C LEU A 82 -0.77 -4.90 1.77
N ALA A 83 -1.57 -3.86 1.64
CA ALA A 83 -2.21 -3.26 2.81
C ALA A 83 -3.60 -3.83 3.03
N LEU A 84 -3.80 -4.37 4.21
CA LEU A 84 -5.07 -4.99 4.59
C LEU A 84 -5.62 -4.33 5.86
N PRO A 85 -6.94 -4.15 5.94
CA PRO A 85 -7.57 -3.57 7.13
C PRO A 85 -7.34 -4.43 8.37
N CYS A 86 -6.56 -3.90 9.30
CA CYS A 86 -6.26 -4.62 10.53
C CYS A 86 -7.16 -4.14 11.65
N GLY A 87 -7.93 -5.05 12.21
CA GLY A 87 -8.84 -4.69 13.26
C GLY A 87 -8.28 -4.98 14.63
N ARG A 88 -8.57 -4.09 15.57
CA ARG A 88 -8.20 -4.27 16.96
C ARG A 88 -8.96 -5.45 17.54
N ASP A 89 -10.14 -5.63 17.01
CA ASP A 89 -11.00 -6.73 17.36
C ASP A 89 -11.76 -7.16 16.11
N GLN A 90 -12.45 -8.28 16.15
CA GLN A 90 -13.25 -8.72 15.00
C GLN A 90 -14.26 -7.63 14.62
N GLU A 91 -14.82 -6.97 15.63
CA GLU A 91 -15.74 -5.86 15.40
C GLU A 91 -15.02 -4.74 14.64
N ASP A 92 -13.82 -4.42 15.11
CA ASP A 92 -12.99 -3.40 14.50
C ASP A 92 -12.67 -3.75 13.06
N VAL A 93 -12.30 -5.02 12.86
CA VAL A 93 -11.99 -5.52 11.52
C VAL A 93 -13.10 -5.22 10.53
N VAL A 94 -14.33 -5.38 10.98
CA VAL A 94 -15.49 -5.13 10.15
C VAL A 94 -15.53 -3.65 9.78
N SER A 95 -15.45 -2.83 10.81
CA SER A 95 -15.49 -1.40 10.68
C SER A 95 -14.37 -0.88 9.78
N GLN A 96 -13.16 -1.41 9.95
CA GLN A 96 -12.00 -0.96 9.19
C GLN A 96 -12.13 -1.37 7.72
N THR A 97 -12.61 -2.59 7.48
CA THR A 97 -12.74 -3.10 6.13
C THR A 97 -13.71 -2.25 5.31
N GLU A 98 -14.91 -2.03 5.85
CA GLU A 98 -15.92 -1.25 5.13
C GLU A 98 -15.50 0.22 5.00
N SER A 99 -14.78 0.72 5.99
CA SER A 99 -14.26 2.08 5.93
C SER A 99 -13.24 2.18 4.79
N LEU A 100 -12.34 1.21 4.72
CA LEU A 100 -11.30 1.20 3.71
C LEU A 100 -11.89 1.09 2.31
N LYS A 101 -12.84 0.16 2.13
CA LYS A 101 -13.39 -0.08 0.81
C LYS A 101 -14.18 1.12 0.29
N ALA A 102 -14.74 1.90 1.21
CA ALA A 102 -15.49 3.08 0.82
C ALA A 102 -14.57 4.29 0.66
N ALA A 103 -13.62 4.44 1.57
CA ALA A 103 -12.82 5.66 1.65
C ALA A 103 -11.62 5.63 0.72
N PHE A 104 -10.90 4.52 0.71
CA PHE A 104 -9.68 4.41 -0.09
C PHE A 104 -9.95 3.66 -1.39
N ILE A 105 -10.58 2.51 -1.27
CA ILE A 105 -10.85 1.64 -2.43
C ILE A 105 -11.74 2.36 -3.44
N THR A 106 -12.90 2.82 -3.00
CA THR A 106 -13.83 3.50 -3.88
C THR A 106 -13.21 4.77 -4.48
N TYR A 107 -12.43 5.48 -3.68
CA TYR A 107 -11.75 6.69 -4.15
C TYR A 107 -10.69 6.33 -5.19
N LEU A 108 -9.76 5.45 -4.83
CA LEU A 108 -8.67 5.07 -5.73
C LEU A 108 -9.21 4.51 -7.04
N GLN A 109 -10.23 3.69 -6.96
CA GLN A 109 -10.79 3.05 -8.15
C GLN A 109 -11.51 4.09 -9.02
N ALA A 110 -12.20 5.04 -8.39
CA ALA A 110 -12.92 6.07 -9.11
C ALA A 110 -11.96 7.01 -9.82
N LYS A 111 -10.86 7.31 -9.15
CA LYS A 111 -9.84 8.17 -9.73
C LYS A 111 -8.99 7.40 -10.74
N GLN A 112 -9.04 6.07 -10.64
CA GLN A 112 -8.12 5.19 -11.37
C GLN A 112 -6.69 5.67 -11.17
N ALA A 113 -6.33 5.89 -9.91
CA ALA A 113 -5.05 6.52 -9.61
C ALA A 113 -4.25 5.71 -8.60
N ALA A 114 -3.12 6.28 -8.21
CA ALA A 114 -2.26 5.72 -7.18
C ALA A 114 -2.14 6.70 -6.04
N GLY A 115 -2.59 6.31 -4.86
CA GLY A 115 -2.46 7.15 -3.70
C GLY A 115 -1.00 7.37 -3.34
N ILE A 116 -0.50 8.54 -3.68
CA ILE A 116 0.92 8.83 -3.52
C ILE A 116 1.18 9.42 -2.16
N ILE A 117 2.04 8.74 -1.42
CA ILE A 117 2.48 9.23 -0.13
C ILE A 117 3.98 9.46 -0.17
N ASN A 118 4.36 10.73 -0.22
CA ASN A 118 5.77 11.11 -0.27
C ASN A 118 6.32 11.24 1.13
N VAL A 119 7.26 10.38 1.46
CA VAL A 119 7.81 10.36 2.80
C VAL A 119 9.32 10.63 2.75
N PRO A 120 9.78 11.63 3.54
CA PRO A 120 11.19 11.95 3.63
C PRO A 120 11.98 10.87 4.36
N ASN A 121 13.16 10.56 3.84
CA ASN A 121 14.03 9.56 4.41
C ASN A 121 14.47 9.98 5.81
N PRO A 122 14.09 9.19 6.84
CA PRO A 122 14.40 9.50 8.23
C PRO A 122 15.89 9.71 8.46
N GLY A 123 16.26 10.95 8.71
CA GLY A 123 17.64 11.28 8.97
C GLY A 123 18.22 12.18 7.89
N SER A 124 17.75 12.01 6.67
CA SER A 124 18.23 12.81 5.54
C SER A 124 17.19 13.84 5.12
N ASN A 125 15.92 13.57 5.47
CA ASN A 125 14.80 14.47 5.18
C ASN A 125 14.54 14.57 3.67
N GLN A 126 15.16 13.69 2.90
CA GLN A 126 14.96 13.66 1.46
C GLN A 126 13.66 12.93 1.12
N PRO A 127 12.69 13.63 0.53
CA PRO A 127 11.36 13.09 0.20
C PRO A 127 11.36 12.19 -1.03
N ALA A 128 12.53 11.60 -1.32
CA ALA A 128 12.71 10.80 -2.52
C ALA A 128 12.02 9.43 -2.45
N TYR A 129 10.95 9.34 -1.68
CA TYR A 129 10.21 8.11 -1.57
C TYR A 129 8.76 8.31 -1.94
N VAL A 130 8.26 7.43 -2.78
CA VAL A 130 6.89 7.46 -3.22
C VAL A 130 6.22 6.14 -2.94
N LEU A 131 5.20 6.17 -2.10
CA LEU A 131 4.35 5.02 -1.91
C LEU A 131 3.11 5.18 -2.75
N GLN A 132 2.98 4.34 -3.76
CA GLN A 132 1.84 4.39 -4.65
C GLN A 132 0.79 3.41 -4.18
N ILE A 133 -0.32 3.93 -3.69
CA ILE A 133 -1.39 3.11 -3.21
C ILE A 133 -2.40 2.86 -4.34
N PHE A 134 -2.28 1.72 -4.97
CA PHE A 134 -3.19 1.35 -6.06
C PHE A 134 -4.39 0.60 -5.49
N PRO A 135 -5.56 0.75 -6.12
CA PRO A 135 -6.76 0.02 -5.72
C PRO A 135 -6.64 -1.47 -6.08
N PRO A 136 -7.58 -2.31 -5.61
CA PRO A 136 -7.60 -3.75 -5.93
C PRO A 136 -7.99 -4.02 -7.39
N CYS A 137 -7.44 -3.22 -8.29
CA CYS A 137 -7.71 -3.31 -9.71
C CYS A 137 -7.03 -4.54 -10.32
N GLU A 138 -7.49 -4.92 -11.52
CA GLU A 138 -6.93 -6.06 -12.25
C GLU A 138 -5.40 -6.05 -12.22
N PHE A 139 -4.82 -4.88 -12.51
CA PHE A 139 -3.38 -4.68 -12.51
C PHE A 139 -2.75 -5.21 -11.22
N SER A 140 -3.24 -4.72 -10.09
CA SER A 140 -2.72 -5.09 -8.79
C SER A 140 -2.77 -6.60 -8.58
N GLU A 141 -3.96 -7.15 -8.69
CA GLU A 141 -4.19 -8.57 -8.41
C GLU A 141 -3.37 -9.45 -9.34
N SER A 142 -3.22 -9.02 -10.58
CA SER A 142 -2.47 -9.79 -11.56
C SER A 142 -1.05 -10.08 -11.09
N HIS A 143 -0.26 -9.02 -10.88
CA HIS A 143 1.11 -9.23 -10.47
C HIS A 143 1.19 -9.77 -9.04
N LEU A 144 0.12 -9.58 -8.27
CA LEU A 144 0.06 -10.16 -6.94
C LEU A 144 0.01 -11.68 -7.02
N SER A 145 -0.67 -12.19 -8.04
CA SER A 145 -0.77 -13.63 -8.24
C SER A 145 0.58 -14.19 -8.68
N ARG A 146 1.31 -13.41 -9.46
CA ARG A 146 2.60 -13.83 -9.98
C ARG A 146 3.71 -13.65 -8.94
N LEU A 147 3.62 -12.57 -8.17
CA LEU A 147 4.68 -12.21 -7.22
C LEU A 147 4.46 -12.85 -5.85
N ALA A 148 3.20 -13.05 -5.45
CA ALA A 148 2.89 -13.58 -4.13
C ALA A 148 1.57 -14.34 -4.10
N PRO A 149 1.53 -15.54 -4.69
CA PRO A 149 0.33 -16.37 -4.67
C PRO A 149 0.05 -16.95 -3.28
N ASP A 150 1.07 -16.92 -2.43
CA ASP A 150 0.97 -17.47 -1.09
C ASP A 150 0.11 -16.57 -0.22
N LEU A 151 0.36 -15.27 -0.30
CA LEU A 151 -0.45 -14.31 0.43
C LEU A 151 -1.71 -14.01 -0.38
N LEU A 152 -1.61 -14.14 -1.71
CA LEU A 152 -2.73 -13.92 -2.61
C LEU A 152 -3.97 -14.71 -2.16
N ALA A 153 -3.77 -15.98 -1.85
CA ALA A 153 -4.88 -16.84 -1.46
C ALA A 153 -5.57 -16.34 -0.20
N SER A 154 -4.89 -15.49 0.56
CA SER A 154 -5.46 -14.92 1.76
C SER A 154 -6.20 -13.62 1.45
N ILE A 155 -5.72 -12.89 0.44
CA ILE A 155 -6.32 -11.62 0.08
C ILE A 155 -7.50 -11.80 -0.86
N SER A 156 -7.63 -12.98 -1.44
CA SER A 156 -8.78 -13.30 -2.29
C SER A 156 -10.09 -13.16 -1.52
N ASN A 157 -10.03 -13.24 -0.21
CA ASN A 157 -11.20 -13.00 0.64
C ASN A 157 -11.31 -11.53 0.96
N ILE A 158 -10.18 -10.90 1.18
CA ILE A 158 -10.12 -9.49 1.53
C ILE A 158 -9.64 -8.67 0.32
N SER A 159 -10.18 -9.05 -0.84
CA SER A 159 -10.01 -8.30 -2.09
C SER A 159 -10.08 -6.77 -1.89
N PRO A 160 -11.02 -6.23 -1.07
CA PRO A 160 -10.95 -4.84 -0.65
C PRO A 160 -9.63 -4.54 0.08
N HIS A 161 -8.60 -4.26 -0.70
CA HIS A 161 -7.27 -4.01 -0.17
C HIS A 161 -6.53 -3.04 -1.07
N LEU A 162 -5.39 -2.56 -0.60
CA LEU A 162 -4.59 -1.62 -1.35
C LEU A 162 -3.24 -2.22 -1.67
N MET A 163 -2.83 -2.09 -2.92
CA MET A 163 -1.53 -2.57 -3.35
C MET A 163 -0.57 -1.39 -3.41
N ILE A 164 0.37 -1.36 -2.49
CA ILE A 164 1.20 -0.19 -2.30
C ILE A 164 2.62 -0.43 -2.81
N VAL A 165 3.03 0.40 -3.76
CA VAL A 165 4.34 0.30 -4.37
C VAL A 165 5.27 1.39 -3.83
N ILE A 166 6.30 0.99 -3.11
CA ILE A 166 7.28 1.91 -2.58
C ILE A 166 8.42 2.07 -3.58
N ALA A 167 8.59 3.27 -4.11
CA ALA A 167 9.63 3.50 -5.09
C ALA A 167 10.55 4.62 -4.68
N SER A 168 11.85 4.38 -4.78
CA SER A 168 12.83 5.44 -4.59
C SER A 168 13.04 6.15 -5.91
N VAL A 169 12.63 7.41 -5.97
CA VAL A 169 12.75 8.19 -7.20
C VAL A 169 14.17 8.75 -7.34
N TYR B 1 2.40 13.96 -10.18
CA TYR B 1 1.56 13.09 -9.32
C TYR B 1 0.47 13.87 -8.61
N GLU B 2 0.03 14.97 -9.22
CA GLU B 2 -1.07 15.77 -8.67
C GLU B 2 -0.79 16.21 -7.24
N THR B 3 -1.85 16.60 -6.56
CA THR B 3 -1.84 16.82 -5.13
C THR B 3 -3.20 16.41 -4.59
N LEU B 4 -3.24 15.41 -3.70
CA LEU B 4 -4.51 14.99 -3.16
C LEU B 4 -4.93 15.93 -2.04
N SEP B 5 -5.30 15.40 -0.89
CA SEP B 5 -6.18 16.16 -0.03
CB SEP B 5 -7.61 15.94 -0.54
OG SEP B 5 -7.62 16.31 -1.92
C SEP B 5 -6.02 15.80 1.44
O SEP B 5 -6.58 14.82 1.93
P SEP B 5 -9.08 16.11 -2.57
O1P SEP B 5 -10.06 16.96 -1.85
O2P SEP B 5 -9.02 16.54 -4.13
O3P SEP B 5 -9.52 14.57 -2.45
H SEP B 5 -4.97 14.50 -0.60
HA SEP B 5 -5.93 17.20 -0.16
HB2 SEP B 5 -7.89 14.90 -0.42
HB3 SEP B 5 -8.30 16.58 0.01
N ASP B 6 -5.19 16.60 2.11
CA ASP B 6 -4.92 16.50 3.54
C ASP B 6 -3.96 17.62 3.91
N SEP B 7 -2.70 17.43 3.53
CA SEP B 7 -1.68 18.47 3.61
CB SEP B 7 -1.11 18.60 5.04
OG SEP B 7 -2.14 18.92 5.97
C SEP B 7 -0.56 18.12 2.63
O SEP B 7 -0.52 18.62 1.51
P SEP B 7 -1.45 19.04 7.42
O1P SEP B 7 -0.41 20.10 7.39
O2P SEP B 7 -2.56 19.41 8.52
O3P SEP B 7 -0.76 17.64 7.80
H SEP B 7 -2.45 16.56 3.17
HA SEP B 7 -2.13 19.40 3.31
HB2 SEP B 7 -0.65 17.66 5.32
HB3 SEP B 7 -0.36 19.38 5.05
N GLU B 8 0.31 17.22 3.08
CA GLU B 8 1.39 16.66 2.26
C GLU B 8 2.32 15.84 3.15
N VAL A 1 -8.56 -17.21 5.89
CA VAL A 1 -7.22 -17.12 5.28
C VAL A 1 -6.15 -16.92 6.36
N ASP A 2 -5.12 -17.74 6.30
CA ASP A 2 -4.09 -17.73 7.32
C ASP A 2 -2.85 -17.01 6.84
N MET A 3 -2.53 -15.89 7.48
CA MET A 3 -1.34 -15.11 7.13
C MET A 3 -0.09 -15.82 7.64
N VAL A 4 -0.32 -16.83 8.47
CA VAL A 4 0.75 -17.67 9.01
C VAL A 4 1.48 -18.40 7.89
N GLN A 5 0.83 -18.55 6.75
CA GLN A 5 1.45 -19.19 5.61
C GLN A 5 2.32 -18.19 4.83
N LEU A 6 1.69 -17.12 4.35
CA LEU A 6 2.33 -16.16 3.46
C LEU A 6 3.56 -15.49 4.09
N LEU A 7 3.56 -15.29 5.40
CA LEU A 7 4.65 -14.54 6.03
C LEU A 7 5.96 -15.32 5.96
N LYS A 8 5.86 -16.61 5.65
CA LYS A 8 7.04 -17.44 5.40
C LYS A 8 7.88 -16.84 4.28
N LYS A 9 7.21 -16.41 3.24
CA LYS A 9 7.90 -15.84 2.08
C LYS A 9 7.95 -14.32 2.21
N TYR A 10 6.87 -13.74 2.71
CA TYR A 10 6.78 -12.29 2.83
C TYR A 10 5.93 -11.89 4.05
N PRO A 11 6.63 -11.48 5.13
CA PRO A 11 6.01 -11.08 6.41
C PRO A 11 5.60 -9.61 6.46
N ILE A 12 4.92 -9.23 7.54
CA ILE A 12 4.46 -7.86 7.73
C ILE A 12 5.62 -6.91 8.03
N VAL A 13 5.66 -5.79 7.31
CA VAL A 13 6.72 -4.81 7.48
C VAL A 13 6.27 -3.63 8.34
N TRP A 14 4.97 -3.33 8.30
CA TRP A 14 4.43 -2.18 9.00
C TRP A 14 2.98 -2.41 9.37
N GLN A 15 2.52 -1.73 10.40
CA GLN A 15 1.13 -1.83 10.80
C GLN A 15 0.70 -0.52 11.45
N GLY A 16 -0.30 0.11 10.88
CA GLY A 16 -0.78 1.38 11.39
C GLY A 16 -2.05 1.80 10.71
N LEU A 17 -2.10 3.03 10.24
CA LEU A 17 -3.27 3.51 9.54
C LEU A 17 -2.89 4.31 8.31
N LEU A 18 -3.79 4.32 7.34
CA LEU A 18 -3.71 5.22 6.21
C LEU A 18 -4.76 6.30 6.40
N ALA A 19 -4.54 7.47 5.83
CA ALA A 19 -5.48 8.58 6.00
C ALA A 19 -5.56 9.46 4.77
N LEU A 20 -6.75 9.64 4.23
CA LEU A 20 -6.92 10.59 3.15
C LEU A 20 -8.23 11.36 3.34
N LYS A 21 -8.22 12.64 2.96
CA LYS A 21 -9.33 13.56 3.26
C LYS A 21 -9.55 13.66 4.76
N ASN A 22 -10.45 12.84 5.27
CA ASN A 22 -10.73 12.80 6.69
C ASN A 22 -10.98 11.37 7.14
N ASP A 23 -10.76 10.42 6.23
CA ASP A 23 -11.01 9.03 6.53
C ASP A 23 -9.72 8.28 6.78
N THR A 24 -9.67 7.55 7.88
CA THR A 24 -8.55 6.72 8.21
C THR A 24 -8.90 5.24 8.07
N ALA A 25 -7.89 4.43 7.83
CA ALA A 25 -8.07 2.99 7.75
C ALA A 25 -6.85 2.29 8.35
N ALA A 26 -7.05 1.61 9.47
CA ALA A 26 -5.97 0.87 10.11
C ALA A 26 -5.62 -0.34 9.26
N VAL A 27 -4.41 -0.35 8.76
CA VAL A 27 -3.95 -1.41 7.88
C VAL A 27 -2.61 -1.99 8.32
N GLN A 28 -2.45 -3.27 8.06
CA GLN A 28 -1.19 -3.95 8.27
C GLN A 28 -0.57 -4.26 6.92
N LEU A 29 0.64 -3.83 6.72
CA LEU A 29 1.33 -3.98 5.45
C LEU A 29 2.15 -5.24 5.41
N HIS A 30 1.70 -6.17 4.59
CA HIS A 30 2.43 -7.40 4.37
C HIS A 30 3.42 -7.17 3.23
N PHE A 31 4.63 -7.66 3.39
CA PHE A 31 5.60 -7.59 2.32
C PHE A 31 5.11 -8.44 1.16
N VAL A 32 5.32 -7.97 -0.06
CA VAL A 32 4.97 -8.76 -1.22
C VAL A 32 6.22 -9.12 -2.01
N SER A 33 6.93 -8.08 -2.44
CA SER A 33 8.05 -8.24 -3.36
C SER A 33 8.94 -7.00 -3.30
N GLY A 34 10.09 -7.06 -3.96
CA GLY A 34 10.98 -5.92 -3.98
C GLY A 34 11.97 -5.94 -2.82
N ASN A 35 12.36 -4.74 -2.38
CA ASN A 35 13.31 -4.60 -1.29
C ASN A 35 12.59 -4.27 0.01
N ASN A 36 12.60 -5.20 0.95
CA ASN A 36 11.89 -5.04 2.23
C ASN A 36 12.43 -3.85 3.02
N VAL A 37 13.72 -3.57 2.86
CA VAL A 37 14.36 -2.49 3.59
C VAL A 37 13.75 -1.14 3.20
N LEU A 38 13.31 -1.03 1.94
CA LEU A 38 12.65 0.18 1.46
C LEU A 38 11.44 0.51 2.29
N ALA A 39 10.68 -0.52 2.68
CA ALA A 39 9.50 -0.31 3.49
C ALA A 39 9.89 0.19 4.87
N HIS A 40 10.87 -0.47 5.47
CA HIS A 40 11.31 -0.11 6.81
C HIS A 40 11.90 1.30 6.85
N ARG A 41 12.44 1.77 5.72
CA ARG A 41 13.02 3.11 5.65
C ARG A 41 12.00 4.17 5.22
N SER A 42 10.86 3.76 4.68
CA SER A 42 9.85 4.71 4.23
C SER A 42 8.68 4.81 5.21
N LEU A 43 8.30 3.67 5.77
CA LEU A 43 7.13 3.63 6.63
C LEU A 43 7.50 4.13 8.02
N PRO A 44 6.83 5.18 8.48
CA PRO A 44 7.16 5.85 9.73
C PRO A 44 6.76 5.07 10.97
N LEU A 45 7.73 4.87 11.83
CA LEU A 45 7.53 4.19 13.10
C LEU A 45 8.45 4.78 14.16
N SER A 46 8.62 4.07 15.27
CA SER A 46 9.56 4.44 16.34
C SER A 46 8.98 5.54 17.24
N GLU A 47 8.03 6.30 16.71
CA GLU A 47 7.43 7.38 17.47
C GLU A 47 5.93 7.45 17.24
N GLY A 48 5.18 6.76 18.09
CA GLY A 48 3.74 6.71 17.98
C GLY A 48 3.26 5.90 16.79
N GLY A 49 3.53 6.41 15.60
CA GLY A 49 3.12 5.76 14.38
C GLY A 49 2.22 6.65 13.55
N PRO A 50 2.78 7.70 12.92
CA PRO A 50 2.01 8.61 12.07
C PRO A 50 1.43 7.90 10.85
N PRO A 51 0.11 8.03 10.63
CA PRO A 51 -0.56 7.38 9.52
C PRO A 51 -0.11 7.94 8.18
N LEU A 52 -0.06 7.07 7.18
CA LEU A 52 0.30 7.46 5.83
C LEU A 52 -0.86 8.22 5.18
N ARG A 53 -0.66 9.51 4.94
CA ARG A 53 -1.71 10.35 4.41
C ARG A 53 -1.48 10.62 2.92
N ILE A 54 -2.57 10.65 2.16
CA ILE A 54 -2.50 10.71 0.71
C ILE A 54 -2.63 12.15 0.19
N ALA A 55 -1.51 12.66 -0.32
CA ALA A 55 -1.44 14.04 -0.77
C ALA A 55 -1.27 14.13 -2.28
N GLN A 56 -1.17 12.99 -2.95
CA GLN A 56 -1.00 12.95 -4.41
C GLN A 56 -1.63 11.69 -5.00
N ARG A 57 -1.71 11.63 -6.34
CA ARG A 57 -2.30 10.49 -7.03
C ARG A 57 -1.77 10.38 -8.46
N MET A 58 -1.53 9.16 -8.91
CA MET A 58 -1.06 8.91 -10.28
C MET A 58 -2.14 8.23 -11.10
N ARG A 59 -2.54 8.86 -12.18
CA ARG A 59 -3.56 8.27 -13.04
C ARG A 59 -3.05 6.96 -13.62
N LEU A 60 -3.62 5.84 -13.19
CA LEU A 60 -3.15 4.55 -13.67
C LEU A 60 -3.53 4.37 -15.13
N GLU A 61 -2.57 4.63 -15.99
CA GLU A 61 -2.74 4.49 -17.42
C GLU A 61 -1.89 3.34 -17.93
N ALA A 62 -2.22 2.82 -19.11
CA ALA A 62 -1.48 1.72 -19.70
C ALA A 62 0.01 2.04 -19.78
N THR A 63 0.35 3.18 -20.34
CA THR A 63 1.74 3.61 -20.47
C THR A 63 2.42 3.71 -19.11
N GLN A 64 1.70 4.27 -18.14
CA GLN A 64 2.21 4.38 -16.78
C GLN A 64 2.48 3.01 -16.18
N LEU A 65 1.51 2.11 -16.30
CA LEU A 65 1.60 0.77 -15.72
C LEU A 65 2.79 0.00 -16.29
N GLU A 66 3.08 0.23 -17.57
CA GLU A 66 4.24 -0.37 -18.21
C GLU A 66 5.51 0.04 -17.48
N GLY A 67 5.65 1.35 -17.30
CA GLY A 67 6.80 1.89 -16.59
C GLY A 67 6.88 1.40 -15.16
N VAL A 68 5.72 1.31 -14.52
CA VAL A 68 5.65 0.82 -13.14
C VAL A 68 6.18 -0.61 -13.05
N ALA A 69 5.58 -1.51 -13.82
CA ALA A 69 5.92 -2.92 -13.75
C ALA A 69 7.36 -3.18 -14.18
N ARG A 70 7.87 -2.35 -15.07
CA ARG A 70 9.22 -2.53 -15.57
C ARG A 70 10.26 -2.09 -14.55
N ARG A 71 9.88 -1.23 -13.62
CA ARG A 71 10.75 -0.94 -12.48
C ARG A 71 10.46 -1.92 -11.35
N MET A 72 9.34 -2.63 -11.48
CA MET A 72 8.94 -3.63 -10.49
C MET A 72 9.67 -4.94 -10.71
N THR A 73 10.22 -5.12 -11.90
CA THR A 73 11.00 -6.31 -12.20
C THR A 73 12.36 -6.21 -11.53
N VAL A 74 12.74 -4.99 -11.19
CA VAL A 74 14.00 -4.73 -10.50
C VAL A 74 13.77 -4.64 -9.00
N GLU A 75 13.64 -5.80 -8.35
CA GLU A 75 13.47 -5.84 -6.91
C GLU A 75 14.75 -5.35 -6.24
N THR A 76 14.65 -4.15 -5.68
CA THR A 76 15.76 -3.42 -5.04
C THR A 76 15.45 -1.92 -5.13
N ASP A 77 14.96 -1.51 -6.30
CA ASP A 77 14.62 -0.11 -6.54
C ASP A 77 13.26 0.23 -5.98
N TYR A 78 12.38 -0.77 -5.95
CA TYR A 78 11.04 -0.56 -5.43
C TYR A 78 10.74 -1.58 -4.35
N CYS A 79 9.69 -1.33 -3.60
CA CYS A 79 9.19 -2.29 -2.64
C CYS A 79 7.70 -2.48 -2.90
N LEU A 80 7.27 -3.72 -2.89
CA LEU A 80 5.88 -4.03 -3.10
C LEU A 80 5.26 -4.43 -1.77
N LEU A 81 4.18 -3.76 -1.39
CA LEU A 81 3.54 -4.00 -0.12
C LEU A 81 2.06 -4.26 -0.31
N LEU A 82 1.50 -5.03 0.60
CA LEU A 82 0.09 -5.35 0.56
C LEU A 82 -0.57 -4.85 1.84
N ALA A 83 -1.38 -3.80 1.72
CA ALA A 83 -2.02 -3.22 2.91
C ALA A 83 -3.40 -3.80 3.11
N LEU A 84 -3.60 -4.39 4.27
CA LEU A 84 -4.86 -5.01 4.64
C LEU A 84 -5.42 -4.39 5.90
N PRO A 85 -6.74 -4.18 5.96
CA PRO A 85 -7.40 -3.62 7.15
C PRO A 85 -7.17 -4.49 8.38
N CYS A 86 -6.43 -3.97 9.35
CA CYS A 86 -6.13 -4.71 10.56
C CYS A 86 -7.03 -4.25 11.69
N GLY A 87 -7.83 -5.17 12.19
CA GLY A 87 -8.75 -4.85 13.25
C GLY A 87 -8.29 -5.33 14.60
N ARG A 88 -8.61 -4.56 15.63
CA ARG A 88 -8.28 -4.91 17.00
C ARG A 88 -9.25 -5.96 17.50
N ASP A 89 -10.44 -5.88 16.97
CA ASP A 89 -11.52 -6.76 17.34
C ASP A 89 -12.21 -7.23 16.06
N GLN A 90 -13.05 -8.24 16.16
CA GLN A 90 -13.81 -8.73 15.01
C GLN A 90 -14.58 -7.59 14.36
N GLU A 91 -15.20 -6.77 15.19
CA GLU A 91 -15.96 -5.61 14.72
C GLU A 91 -15.03 -4.54 14.17
N ASP A 92 -13.84 -4.41 14.76
CA ASP A 92 -12.88 -3.43 14.32
C ASP A 92 -12.41 -3.75 12.91
N VAL A 93 -12.17 -5.04 12.68
CA VAL A 93 -11.79 -5.54 11.37
C VAL A 93 -12.84 -5.16 10.34
N VAL A 94 -14.09 -5.46 10.66
CA VAL A 94 -15.22 -5.12 9.79
C VAL A 94 -15.27 -3.62 9.54
N SER A 95 -15.21 -2.85 10.61
CA SER A 95 -15.26 -1.40 10.54
C SER A 95 -14.15 -0.86 9.63
N GLN A 96 -12.92 -1.29 9.87
CA GLN A 96 -11.78 -0.80 9.09
C GLN A 96 -11.89 -1.23 7.64
N THR A 97 -12.38 -2.43 7.39
CA THR A 97 -12.58 -2.92 6.04
C THR A 97 -13.64 -2.08 5.34
N GLU A 98 -14.73 -1.80 6.03
CA GLU A 98 -15.81 -1.01 5.53
C GLU A 98 -15.33 0.40 5.18
N SER A 99 -14.59 1.00 6.10
CA SER A 99 -14.06 2.34 5.93
C SER A 99 -13.04 2.39 4.79
N LEU A 100 -12.10 1.43 4.79
CA LEU A 100 -11.07 1.37 3.76
C LEU A 100 -11.69 1.22 2.38
N LYS A 101 -12.68 0.33 2.30
CA LYS A 101 -13.34 0.05 1.03
C LYS A 101 -14.05 1.29 0.48
N ALA A 102 -14.60 2.10 1.37
CA ALA A 102 -15.32 3.31 0.94
C ALA A 102 -14.36 4.48 0.69
N ALA A 103 -13.37 4.62 1.55
CA ALA A 103 -12.53 5.81 1.54
C ALA A 103 -11.35 5.68 0.58
N PHE A 104 -10.67 4.54 0.62
CA PHE A 104 -9.47 4.35 -0.17
C PHE A 104 -9.77 3.56 -1.42
N ILE A 105 -10.43 2.42 -1.25
CA ILE A 105 -10.73 1.53 -2.36
C ILE A 105 -11.59 2.22 -3.39
N THR A 106 -12.74 2.72 -2.97
CA THR A 106 -13.66 3.41 -3.85
C THR A 106 -12.96 4.59 -4.54
N TYR A 107 -12.27 5.41 -3.76
CA TYR A 107 -11.57 6.57 -4.29
C TYR A 107 -10.52 6.16 -5.32
N LEU A 108 -9.58 5.31 -4.92
CA LEU A 108 -8.51 4.87 -5.80
C LEU A 108 -9.04 4.26 -7.08
N GLN A 109 -10.07 3.44 -6.97
CA GLN A 109 -10.60 2.75 -8.14
C GLN A 109 -11.42 3.70 -9.02
N ALA A 110 -12.20 4.57 -8.39
CA ALA A 110 -13.06 5.51 -9.10
C ALA A 110 -12.24 6.51 -9.89
N LYS A 111 -11.23 7.06 -9.23
CA LYS A 111 -10.37 8.07 -9.84
C LYS A 111 -9.36 7.41 -10.77
N GLN A 112 -9.27 6.08 -10.68
CA GLN A 112 -8.27 5.31 -11.42
C GLN A 112 -6.89 5.90 -11.21
N ALA A 113 -6.42 5.87 -9.98
CA ALA A 113 -5.17 6.55 -9.65
C ALA A 113 -4.32 5.71 -8.71
N ALA A 114 -3.19 6.30 -8.31
CA ALA A 114 -2.30 5.73 -7.32
C ALA A 114 -2.13 6.70 -6.17
N GLY A 115 -2.53 6.29 -4.98
CA GLY A 115 -2.41 7.16 -3.82
C GLY A 115 -0.96 7.44 -3.50
N ILE A 116 -0.49 8.62 -3.83
CA ILE A 116 0.90 8.98 -3.67
C ILE A 116 1.13 9.59 -2.29
N ILE A 117 2.05 8.99 -1.56
CA ILE A 117 2.42 9.48 -0.25
C ILE A 117 3.92 9.75 -0.20
N ASN A 118 4.28 11.03 -0.22
CA ASN A 118 5.67 11.42 -0.05
C ASN A 118 6.03 11.40 1.41
N VAL A 119 6.88 10.49 1.79
CA VAL A 119 7.25 10.35 3.19
C VAL A 119 8.72 10.70 3.39
N PRO A 120 8.99 11.60 4.34
CA PRO A 120 10.35 11.93 4.73
C PRO A 120 10.91 10.93 5.73
N ASN A 121 12.15 10.54 5.52
CA ASN A 121 12.81 9.59 6.41
C ASN A 121 12.94 10.14 7.83
N PRO A 122 12.26 9.49 8.79
CA PRO A 122 12.18 9.96 10.18
C PRO A 122 13.53 10.31 10.77
N GLY A 123 13.67 11.54 11.25
CA GLY A 123 14.90 11.98 11.84
C GLY A 123 15.63 12.98 10.97
N SER A 124 15.80 12.63 9.71
CA SER A 124 16.52 13.49 8.78
C SER A 124 15.54 14.32 7.95
N ASN A 125 14.33 13.80 7.79
CA ASN A 125 13.25 14.48 7.07
C ASN A 125 13.64 14.77 5.63
N GLN A 126 13.66 13.71 4.83
CA GLN A 126 13.84 13.81 3.39
C GLN A 126 12.72 13.06 2.70
N PRO A 127 11.79 13.79 2.05
CA PRO A 127 10.58 13.23 1.45
C PRO A 127 10.84 12.52 0.12
N ALA A 128 12.06 12.06 -0.08
CA ALA A 128 12.46 11.40 -1.32
C ALA A 128 11.93 9.97 -1.39
N TYR A 129 10.65 9.79 -1.09
CA TYR A 129 10.00 8.49 -1.20
C TYR A 129 8.59 8.65 -1.72
N VAL A 130 8.24 7.82 -2.69
CA VAL A 130 6.89 7.76 -3.22
C VAL A 130 6.28 6.40 -2.93
N LEU A 131 5.24 6.39 -2.12
CA LEU A 131 4.44 5.19 -1.96
C LEU A 131 3.19 5.33 -2.80
N GLN A 132 3.07 4.46 -3.80
CA GLN A 132 1.91 4.46 -4.68
C GLN A 132 0.88 3.47 -4.19
N ILE A 133 -0.23 3.98 -3.72
CA ILE A 133 -1.32 3.14 -3.26
C ILE A 133 -2.27 2.84 -4.41
N PHE A 134 -2.10 1.66 -5.01
CA PHE A 134 -2.96 1.24 -6.10
C PHE A 134 -4.17 0.50 -5.55
N PRO A 135 -5.34 0.66 -6.20
CA PRO A 135 -6.57 -0.02 -5.81
C PRO A 135 -6.50 -1.53 -6.09
N PRO A 136 -7.50 -2.29 -5.64
CA PRO A 136 -7.61 -3.74 -5.93
C PRO A 136 -7.96 -4.01 -7.40
N CYS A 137 -7.25 -3.32 -8.30
CA CYS A 137 -7.50 -3.42 -9.72
C CYS A 137 -6.82 -4.66 -10.30
N GLU A 138 -7.25 -5.06 -11.51
CA GLU A 138 -6.72 -6.22 -12.21
C GLU A 138 -5.20 -6.13 -12.32
N PHE A 139 -4.70 -4.92 -12.58
CA PHE A 139 -3.27 -4.64 -12.62
C PHE A 139 -2.56 -5.19 -11.38
N SER A 140 -3.13 -4.87 -10.23
CA SER A 140 -2.59 -5.32 -8.96
C SER A 140 -2.70 -6.83 -8.85
N GLU A 141 -3.91 -7.34 -9.06
CA GLU A 141 -4.19 -8.77 -8.92
C GLU A 141 -3.24 -9.62 -9.72
N SER A 142 -3.08 -9.29 -11.00
CA SER A 142 -2.27 -10.08 -11.90
C SER A 142 -0.82 -10.14 -11.41
N HIS A 143 -0.27 -8.98 -11.12
CA HIS A 143 1.12 -8.89 -10.65
C HIS A 143 1.28 -9.55 -9.29
N LEU A 144 0.27 -9.41 -8.44
CA LEU A 144 0.27 -10.05 -7.13
C LEU A 144 0.25 -11.57 -7.27
N SER A 145 -0.43 -12.07 -8.28
CA SER A 145 -0.52 -13.51 -8.51
C SER A 145 0.86 -14.08 -8.84
N ARG A 146 1.64 -13.31 -9.57
CA ARG A 146 2.99 -13.72 -9.92
C ARG A 146 3.94 -13.49 -8.75
N LEU A 147 3.91 -12.27 -8.23
CA LEU A 147 4.87 -11.82 -7.24
C LEU A 147 4.66 -12.46 -5.87
N ALA A 148 3.41 -12.73 -5.49
CA ALA A 148 3.12 -13.33 -4.20
C ALA A 148 1.84 -14.16 -4.23
N PRO A 149 1.93 -15.42 -4.66
CA PRO A 149 0.76 -16.30 -4.80
C PRO A 149 0.21 -16.78 -3.45
N ASP A 150 1.05 -16.79 -2.43
CA ASP A 150 0.66 -17.33 -1.12
C ASP A 150 -0.24 -16.33 -0.42
N LEU A 151 0.24 -15.09 -0.31
CA LEU A 151 -0.53 -14.04 0.32
C LEU A 151 -1.71 -13.70 -0.60
N LEU A 152 -1.52 -13.91 -1.91
CA LEU A 152 -2.59 -13.74 -2.89
C LEU A 152 -3.83 -14.51 -2.48
N ALA A 153 -3.64 -15.78 -2.14
CA ALA A 153 -4.76 -16.63 -1.77
C ALA A 153 -5.46 -16.11 -0.52
N SER A 154 -4.74 -15.34 0.26
CA SER A 154 -5.29 -14.76 1.48
C SER A 154 -6.06 -13.47 1.17
N ILE A 155 -5.56 -12.71 0.20
CA ILE A 155 -6.17 -11.43 -0.14
C ILE A 155 -7.36 -11.62 -1.05
N SER A 156 -7.46 -12.79 -1.68
CA SER A 156 -8.61 -13.12 -2.50
C SER A 156 -9.92 -13.05 -1.68
N ASN A 157 -9.79 -13.17 -0.36
CA ASN A 157 -10.92 -13.00 0.54
C ASN A 157 -11.06 -11.55 0.96
N ILE A 158 -9.94 -10.88 1.17
CA ILE A 158 -9.94 -9.49 1.61
C ILE A 158 -9.58 -8.59 0.42
N SER A 159 -10.14 -8.96 -0.73
CA SER A 159 -10.08 -8.19 -1.97
C SER A 159 -10.13 -6.67 -1.76
N PRO A 160 -11.03 -6.12 -0.90
CA PRO A 160 -10.97 -4.70 -0.53
C PRO A 160 -9.67 -4.34 0.19
N HIS A 161 -8.59 -4.23 -0.58
CA HIS A 161 -7.28 -3.91 -0.06
C HIS A 161 -6.51 -3.05 -1.05
N LEU A 162 -5.33 -2.61 -0.66
CA LEU A 162 -4.52 -1.74 -1.49
C LEU A 162 -3.17 -2.38 -1.79
N MET A 163 -2.60 -2.02 -2.92
CA MET A 163 -1.26 -2.47 -3.29
C MET A 163 -0.33 -1.26 -3.26
N ILE A 164 0.55 -1.21 -2.29
CA ILE A 164 1.37 -0.04 -2.07
C ILE A 164 2.79 -0.25 -2.60
N VAL A 165 3.15 0.54 -3.59
CA VAL A 165 4.46 0.45 -4.24
C VAL A 165 5.38 1.55 -3.75
N ILE A 166 6.45 1.16 -3.08
CA ILE A 166 7.45 2.10 -2.60
C ILE A 166 8.53 2.27 -3.65
N ALA A 167 8.75 3.49 -4.11
CA ALA A 167 9.76 3.74 -5.11
C ALA A 167 10.78 4.77 -4.65
N SER A 168 12.04 4.40 -4.71
CA SER A 168 13.14 5.35 -4.53
C SER A 168 13.77 5.68 -5.88
N VAL A 169 13.57 6.89 -6.35
CA VAL A 169 14.09 7.32 -7.64
C VAL A 169 15.16 8.39 -7.44
N TYR B 1 2.21 13.96 -10.37
CA TYR B 1 1.43 13.03 -9.51
C TYR B 1 0.27 13.74 -8.83
N GLU B 2 -0.29 14.75 -9.49
CA GLU B 2 -1.46 15.46 -8.96
C GLU B 2 -1.21 16.00 -7.55
N THR B 3 -2.30 16.34 -6.90
CA THR B 3 -2.34 16.62 -5.48
C THR B 3 -3.66 16.10 -4.93
N LEU B 4 -3.59 15.13 -4.02
CA LEU B 4 -4.81 14.58 -3.45
C LEU B 4 -5.37 15.57 -2.44
N SEP B 5 -5.74 15.10 -1.26
CA SEP B 5 -6.62 15.91 -0.44
CB SEP B 5 -8.06 15.81 -0.99
OG SEP B 5 -8.04 16.23 -2.36
C SEP B 5 -6.55 15.47 1.01
O SEP B 5 -7.55 15.04 1.59
P SEP B 5 -9.52 16.14 -2.99
O1P SEP B 5 -10.44 17.03 -2.23
O2P SEP B 5 -9.47 16.61 -4.54
O3P SEP B 5 -10.06 14.64 -2.91
H SEP B 5 -5.40 14.23 -0.92
HA SEP B 5 -6.29 16.93 -0.51
HB2 SEP B 5 -8.40 14.80 -0.92
HB3 SEP B 5 -8.71 16.47 -0.43
N ASP B 6 -5.36 15.56 1.58
CA ASP B 6 -5.15 15.20 2.98
C ASP B 6 -5.16 16.46 3.83
N SEP B 7 -4.39 17.45 3.42
CA SEP B 7 -4.35 18.73 4.10
CB SEP B 7 -3.01 18.90 4.84
OG SEP B 7 -2.86 17.83 5.77
C SEP B 7 -4.54 19.86 3.10
O SEP B 7 -4.97 20.95 3.46
P SEP B 7 -1.44 18.05 6.52
O1P SEP B 7 -1.44 19.35 7.21
O2P SEP B 7 -1.19 16.88 7.60
O3P SEP B 7 -0.25 18.03 5.44
H SEP B 7 -3.82 17.30 2.63
HA SEP B 7 -5.15 18.76 4.82
HB2 SEP B 7 -2.21 18.87 4.12
HB3 SEP B 7 -3.00 19.83 5.37
N GLU B 8 -4.22 19.58 1.84
CA GLU B 8 -4.42 20.54 0.77
C GLU B 8 -5.76 20.28 0.08
N VAL A 1 -7.35 -15.79 4.79
CA VAL A 1 -6.59 -14.61 5.24
C VAL A 1 -5.58 -15.00 6.30
N ASP A 2 -4.90 -16.11 6.08
CA ASP A 2 -3.97 -16.65 7.05
C ASP A 2 -2.57 -16.06 6.87
N MET A 3 -2.14 -15.27 7.85
CA MET A 3 -0.83 -14.65 7.81
C MET A 3 0.26 -15.66 8.10
N VAL A 4 -0.11 -16.72 8.80
CA VAL A 4 0.84 -17.74 9.24
C VAL A 4 1.44 -18.48 8.03
N GLN A 5 0.71 -18.48 6.94
CA GLN A 5 1.22 -19.07 5.70
C GLN A 5 2.14 -18.09 4.98
N LEU A 6 1.59 -16.94 4.61
CA LEU A 6 2.27 -15.99 3.77
C LEU A 6 3.51 -15.37 4.42
N LEU A 7 3.49 -15.19 5.75
CA LEU A 7 4.58 -14.48 6.41
C LEU A 7 5.88 -15.29 6.33
N LYS A 8 5.74 -16.59 6.02
CA LYS A 8 6.89 -17.46 5.89
C LYS A 8 7.70 -17.08 4.66
N LYS A 9 7.03 -16.52 3.67
CA LYS A 9 7.69 -16.11 2.45
C LYS A 9 7.88 -14.60 2.45
N TYR A 10 6.84 -13.89 2.88
CA TYR A 10 6.84 -12.44 2.92
C TYR A 10 6.04 -11.92 4.12
N PRO A 11 6.75 -11.60 5.20
CA PRO A 11 6.14 -11.15 6.46
C PRO A 11 5.72 -9.68 6.45
N ILE A 12 5.03 -9.27 7.51
CA ILE A 12 4.54 -7.90 7.63
C ILE A 12 5.69 -6.93 7.92
N VAL A 13 5.65 -5.78 7.25
CA VAL A 13 6.68 -4.77 7.40
C VAL A 13 6.20 -3.58 8.24
N TRP A 14 4.91 -3.27 8.16
CA TRP A 14 4.39 -2.10 8.83
C TRP A 14 2.98 -2.36 9.35
N GLN A 15 2.59 -1.61 10.36
CA GLN A 15 1.24 -1.69 10.91
C GLN A 15 0.85 -0.34 11.48
N GLY A 16 -0.21 0.23 10.96
CA GLY A 16 -0.67 1.53 11.41
C GLY A 16 -1.98 1.89 10.77
N LEU A 17 -2.07 3.10 10.24
CA LEU A 17 -3.29 3.53 9.58
C LEU A 17 -2.97 4.30 8.32
N LEU A 18 -3.92 4.31 7.41
CA LEU A 18 -3.86 5.19 6.25
C LEU A 18 -4.92 6.27 6.42
N ALA A 19 -4.64 7.47 5.93
CA ALA A 19 -5.58 8.57 6.06
C ALA A 19 -5.55 9.45 4.82
N LEU A 20 -6.70 9.69 4.22
CA LEU A 20 -6.79 10.64 3.13
C LEU A 20 -8.07 11.47 3.29
N LYS A 21 -7.96 12.77 2.97
CA LYS A 21 -9.02 13.75 3.23
C LYS A 21 -9.27 13.87 4.73
N ASN A 22 -10.13 12.99 5.24
CA ASN A 22 -10.41 12.91 6.67
C ASN A 22 -10.78 11.48 7.04
N ASP A 23 -10.57 10.55 6.12
CA ASP A 23 -10.97 9.16 6.35
C ASP A 23 -9.75 8.32 6.71
N THR A 24 -9.92 7.42 7.66
CA THR A 24 -8.80 6.61 8.14
C THR A 24 -9.12 5.12 8.10
N ALA A 25 -8.13 4.33 7.76
CA ALA A 25 -8.24 2.88 7.78
C ALA A 25 -6.97 2.27 8.34
N ALA A 26 -7.08 1.63 9.50
CA ALA A 26 -5.94 0.96 10.10
C ALA A 26 -5.54 -0.24 9.26
N VAL A 27 -4.32 -0.23 8.79
CA VAL A 27 -3.85 -1.27 7.88
C VAL A 27 -2.51 -1.86 8.33
N GLN A 28 -2.35 -3.14 8.02
CA GLN A 28 -1.09 -3.83 8.21
C GLN A 28 -0.48 -4.10 6.84
N LEU A 29 0.75 -3.66 6.68
CA LEU A 29 1.43 -3.79 5.41
C LEU A 29 2.28 -5.03 5.35
N HIS A 30 1.88 -5.93 4.48
CA HIS A 30 2.61 -7.16 4.27
C HIS A 30 3.66 -6.95 3.21
N PHE A 31 4.81 -7.54 3.37
CA PHE A 31 5.80 -7.55 2.33
C PHE A 31 5.30 -8.43 1.21
N VAL A 32 5.42 -7.98 -0.03
CA VAL A 32 5.04 -8.79 -1.16
C VAL A 32 6.26 -9.13 -1.99
N SER A 33 6.96 -8.10 -2.44
CA SER A 33 8.06 -8.24 -3.38
C SER A 33 8.95 -7.01 -3.33
N GLY A 34 10.09 -7.07 -3.98
CA GLY A 34 10.99 -5.93 -3.99
C GLY A 34 11.92 -5.95 -2.80
N ASN A 35 12.37 -4.78 -2.37
CA ASN A 35 13.27 -4.70 -1.22
C ASN A 35 12.52 -4.27 0.03
N ASN A 36 12.50 -5.13 1.02
CA ASN A 36 11.79 -4.86 2.27
C ASN A 36 12.41 -3.69 3.02
N VAL A 37 13.71 -3.50 2.83
CA VAL A 37 14.43 -2.40 3.46
C VAL A 37 13.83 -1.06 3.05
N LEU A 38 13.34 -0.98 1.83
CA LEU A 38 12.68 0.22 1.32
C LEU A 38 11.50 0.59 2.19
N ALA A 39 10.72 -0.40 2.59
CA ALA A 39 9.56 -0.15 3.43
C ALA A 39 9.99 0.28 4.82
N HIS A 40 11.03 -0.35 5.33
CA HIS A 40 11.54 -0.04 6.65
C HIS A 40 12.10 1.39 6.69
N ARG A 41 12.66 1.84 5.57
CA ARG A 41 13.25 3.17 5.50
C ARG A 41 12.23 4.23 5.06
N SER A 42 11.06 3.81 4.58
CA SER A 42 10.04 4.77 4.15
C SER A 42 8.92 4.88 5.16
N LEU A 43 8.48 3.75 5.68
CA LEU A 43 7.31 3.71 6.53
C LEU A 43 7.68 4.17 7.94
N PRO A 44 7.15 5.34 8.34
CA PRO A 44 7.52 5.99 9.58
C PRO A 44 6.72 5.48 10.77
N LEU A 45 7.16 5.87 11.96
CA LEU A 45 6.47 5.53 13.19
C LEU A 45 7.08 6.27 14.36
N SER A 46 6.36 6.30 15.47
CA SER A 46 6.86 6.84 16.72
C SER A 46 6.23 6.07 17.85
N GLU A 47 4.93 5.81 17.71
CA GLU A 47 4.22 4.92 18.61
C GLU A 47 3.77 3.70 17.83
N GLY A 48 2.76 3.00 18.35
CA GLY A 48 2.29 1.79 17.69
C GLY A 48 1.45 2.05 16.45
N GLY A 49 2.04 2.73 15.47
CA GLY A 49 1.37 2.91 14.20
C GLY A 49 0.82 4.31 13.98
N PRO A 50 1.46 5.10 13.10
CA PRO A 50 0.94 6.38 12.65
C PRO A 50 0.09 6.24 11.37
N PRO A 51 -0.59 7.31 10.95
CA PRO A 51 -1.36 7.31 9.71
C PRO A 51 -0.59 7.91 8.52
N LEU A 52 -0.47 7.12 7.46
CA LEU A 52 0.09 7.60 6.20
C LEU A 52 -0.97 8.39 5.43
N ARG A 53 -0.68 9.65 5.10
CA ARG A 53 -1.67 10.51 4.48
C ARG A 53 -1.44 10.66 2.96
N ILE A 54 -2.53 10.73 2.20
CA ILE A 54 -2.45 10.74 0.74
C ILE A 54 -2.56 12.17 0.17
N ALA A 55 -1.43 12.66 -0.31
CA ALA A 55 -1.34 14.04 -0.78
C ALA A 55 -1.07 14.11 -2.27
N GLN A 56 -1.00 12.97 -2.94
CA GLN A 56 -0.78 12.92 -4.39
C GLN A 56 -1.47 11.69 -5.01
N ARG A 57 -1.49 11.63 -6.35
CA ARG A 57 -2.11 10.52 -7.06
C ARG A 57 -1.52 10.36 -8.46
N MET A 58 -1.34 9.11 -8.87
CA MET A 58 -0.78 8.80 -10.18
C MET A 58 -1.86 8.24 -11.09
N ARG A 59 -2.04 8.83 -12.25
CA ARG A 59 -3.01 8.34 -13.21
C ARG A 59 -2.61 6.95 -13.68
N LEU A 60 -3.36 5.93 -13.30
CA LEU A 60 -3.00 4.60 -13.73
C LEU A 60 -3.40 4.40 -15.19
N GLU A 61 -2.40 4.55 -16.04
CA GLU A 61 -2.58 4.34 -17.47
C GLU A 61 -1.86 3.07 -17.86
N ALA A 62 -2.25 2.49 -18.99
CA ALA A 62 -1.57 1.32 -19.51
C ALA A 62 -0.10 1.65 -19.73
N THR A 63 0.13 2.84 -20.27
CA THR A 63 1.47 3.35 -20.52
C THR A 63 2.25 3.49 -19.20
N GLN A 64 1.55 3.98 -18.18
CA GLN A 64 2.17 4.19 -16.88
C GLN A 64 2.46 2.86 -16.20
N LEU A 65 1.54 1.92 -16.31
CA LEU A 65 1.71 0.60 -15.72
C LEU A 65 2.91 -0.10 -16.35
N GLU A 66 3.13 0.14 -17.63
CA GLU A 66 4.31 -0.34 -18.33
C GLU A 66 5.56 0.15 -17.61
N GLY A 67 5.61 1.45 -17.36
CA GLY A 67 6.72 2.04 -16.64
C GLY A 67 6.87 1.48 -15.24
N VAL A 68 5.74 1.37 -14.53
CA VAL A 68 5.74 0.83 -13.17
C VAL A 68 6.30 -0.59 -13.16
N ALA A 69 5.74 -1.45 -14.00
CA ALA A 69 6.17 -2.84 -14.07
C ALA A 69 7.65 -2.94 -14.47
N ARG A 70 8.09 -1.99 -15.28
CA ARG A 70 9.48 -1.96 -15.73
C ARG A 70 10.44 -1.78 -14.55
N ARG A 71 10.05 -0.95 -13.58
CA ARG A 71 10.85 -0.79 -12.37
C ARG A 71 10.47 -1.81 -11.31
N MET A 72 9.36 -2.52 -11.54
CA MET A 72 8.92 -3.56 -10.62
C MET A 72 9.68 -4.86 -10.84
N THR A 73 10.18 -5.04 -12.06
CA THR A 73 10.89 -6.26 -12.40
C THR A 73 12.29 -6.27 -11.79
N VAL A 74 12.69 -5.14 -11.24
CA VAL A 74 13.99 -5.02 -10.60
C VAL A 74 13.83 -4.86 -9.09
N GLU A 75 13.76 -5.98 -8.39
CA GLU A 75 13.58 -5.96 -6.94
C GLU A 75 14.84 -5.43 -6.27
N THR A 76 14.70 -4.23 -5.72
CA THR A 76 15.75 -3.48 -5.03
C THR A 76 15.46 -1.99 -5.19
N ASP A 77 15.01 -1.63 -6.39
CA ASP A 77 14.70 -0.24 -6.71
C ASP A 77 13.32 0.12 -6.19
N TYR A 78 12.43 -0.86 -6.15
CA TYR A 78 11.09 -0.63 -5.64
C TYR A 78 10.77 -1.65 -4.55
N CYS A 79 9.70 -1.38 -3.82
CA CYS A 79 9.18 -2.34 -2.88
C CYS A 79 7.69 -2.52 -3.13
N LEU A 80 7.24 -3.75 -3.11
CA LEU A 80 5.83 -4.04 -3.29
C LEU A 80 5.24 -4.43 -1.95
N LEU A 81 4.20 -3.75 -1.54
CA LEU A 81 3.57 -3.99 -0.24
C LEU A 81 2.10 -4.28 -0.39
N LEU A 82 1.54 -4.94 0.59
CA LEU A 82 0.14 -5.29 0.58
C LEU A 82 -0.53 -4.78 1.86
N ALA A 83 -1.34 -3.73 1.72
CA ALA A 83 -1.98 -3.14 2.88
C ALA A 83 -3.38 -3.71 3.08
N LEU A 84 -3.59 -4.25 4.27
CA LEU A 84 -4.88 -4.85 4.63
C LEU A 84 -5.38 -4.25 5.93
N PRO A 85 -6.70 -4.08 6.07
CA PRO A 85 -7.29 -3.55 7.31
C PRO A 85 -6.97 -4.41 8.53
N CYS A 86 -6.15 -3.87 9.43
CA CYS A 86 -5.78 -4.60 10.64
C CYS A 86 -6.67 -4.19 11.79
N GLY A 87 -7.49 -5.12 12.26
CA GLY A 87 -8.44 -4.81 13.29
C GLY A 87 -7.95 -5.16 14.67
N ARG A 88 -8.36 -4.36 15.64
CA ARG A 88 -8.03 -4.57 17.05
C ARG A 88 -8.84 -5.74 17.59
N ASP A 89 -9.85 -6.08 16.82
CA ASP A 89 -10.72 -7.20 17.12
C ASP A 89 -11.39 -7.61 15.81
N GLN A 90 -12.02 -8.76 15.77
CA GLN A 90 -12.68 -9.22 14.55
C GLN A 90 -13.73 -8.22 14.10
N GLU A 91 -14.47 -7.67 15.06
CA GLU A 91 -15.47 -6.66 14.78
C GLU A 91 -14.81 -5.39 14.27
N ASP A 92 -13.64 -5.07 14.82
CA ASP A 92 -12.88 -3.92 14.41
C ASP A 92 -12.45 -4.07 12.96
N VAL A 93 -11.98 -5.28 12.64
CA VAL A 93 -11.55 -5.62 11.28
C VAL A 93 -12.67 -5.34 10.29
N VAL A 94 -13.88 -5.71 10.67
CA VAL A 94 -15.04 -5.53 9.81
C VAL A 94 -15.26 -4.05 9.55
N SER A 95 -15.24 -3.30 10.62
CA SER A 95 -15.43 -1.87 10.58
C SER A 95 -14.32 -1.17 9.79
N GLN A 96 -13.09 -1.63 9.95
CA GLN A 96 -11.96 -1.05 9.21
C GLN A 96 -12.04 -1.40 7.73
N THR A 97 -12.42 -2.63 7.43
CA THR A 97 -12.54 -3.09 6.05
C THR A 97 -13.53 -2.24 5.27
N GLU A 98 -14.73 -2.07 5.82
CA GLU A 98 -15.78 -1.32 5.16
C GLU A 98 -15.41 0.16 5.04
N SER A 99 -14.65 0.67 6.00
CA SER A 99 -14.18 2.03 5.93
C SER A 99 -13.13 2.19 4.84
N LEU A 100 -12.25 1.19 4.73
CA LEU A 100 -11.20 1.23 3.73
C LEU A 100 -11.77 1.17 2.32
N LYS A 101 -12.72 0.25 2.09
CA LYS A 101 -13.29 0.10 0.77
C LYS A 101 -14.07 1.34 0.36
N ALA A 102 -14.71 1.99 1.31
CA ALA A 102 -15.50 3.17 1.02
C ALA A 102 -14.61 4.40 0.82
N ALA A 103 -13.56 4.52 1.64
CA ALA A 103 -12.75 5.72 1.66
C ALA A 103 -11.57 5.66 0.69
N PHE A 104 -10.85 4.55 0.70
CA PHE A 104 -9.64 4.43 -0.11
C PHE A 104 -9.91 3.68 -1.40
N ILE A 105 -10.54 2.53 -1.29
CA ILE A 105 -10.78 1.65 -2.44
C ILE A 105 -11.66 2.35 -3.47
N THR A 106 -12.85 2.77 -3.05
CA THR A 106 -13.78 3.45 -3.93
C THR A 106 -13.15 4.72 -4.52
N TYR A 107 -12.44 5.47 -3.70
CA TYR A 107 -11.76 6.68 -4.16
C TYR A 107 -10.70 6.34 -5.22
N LEU A 108 -9.74 5.49 -4.86
CA LEU A 108 -8.64 5.16 -5.75
C LEU A 108 -9.14 4.61 -7.07
N GLN A 109 -10.19 3.79 -7.02
CA GLN A 109 -10.70 3.16 -8.22
C GLN A 109 -11.54 4.15 -9.04
N ALA A 110 -12.30 4.99 -8.36
CA ALA A 110 -13.15 5.97 -9.03
C ALA A 110 -12.33 7.06 -9.69
N LYS A 111 -11.22 7.42 -9.06
CA LYS A 111 -10.34 8.44 -9.60
C LYS A 111 -9.32 7.81 -10.54
N GLN A 112 -9.29 6.46 -10.55
CA GLN A 112 -8.34 5.69 -11.35
C GLN A 112 -6.92 6.23 -11.19
N ALA A 113 -6.40 6.15 -9.97
CA ALA A 113 -5.10 6.72 -9.68
C ALA A 113 -4.32 5.86 -8.70
N ALA A 114 -3.14 6.35 -8.34
CA ALA A 114 -2.31 5.74 -7.32
C ALA A 114 -2.16 6.72 -6.16
N GLY A 115 -2.63 6.33 -4.99
CA GLY A 115 -2.50 7.18 -3.82
C GLY A 115 -1.05 7.42 -3.46
N ILE A 116 -0.54 8.59 -3.82
CA ILE A 116 0.86 8.89 -3.61
C ILE A 116 1.08 9.51 -2.25
N ILE A 117 1.96 8.87 -1.50
CA ILE A 117 2.37 9.39 -0.21
C ILE A 117 3.86 9.67 -0.21
N ASN A 118 4.22 10.94 -0.24
CA ASN A 118 5.62 11.33 -0.14
C ASN A 118 6.01 11.35 1.31
N VAL A 119 6.78 10.38 1.71
CA VAL A 119 7.08 10.17 3.09
C VAL A 119 8.52 10.52 3.40
N PRO A 120 8.75 11.28 4.49
CA PRO A 120 10.09 11.53 4.98
C PRO A 120 10.61 10.36 5.81
N ASN A 121 11.84 9.97 5.52
CA ASN A 121 12.49 8.86 6.20
C ASN A 121 12.48 9.06 7.70
N PRO A 122 11.90 8.11 8.45
CA PRO A 122 11.84 8.18 9.91
C PRO A 122 13.23 8.36 10.51
N GLY A 123 13.49 9.55 11.01
CA GLY A 123 14.79 9.86 11.56
C GLY A 123 15.52 10.93 10.78
N SER A 124 15.56 10.78 9.46
CA SER A 124 16.30 11.71 8.62
C SER A 124 15.38 12.78 8.03
N ASN A 125 14.09 12.48 8.00
CA ASN A 125 13.06 13.41 7.51
C ASN A 125 13.25 13.72 6.03
N GLN A 126 13.86 12.80 5.31
CA GLN A 126 14.05 12.95 3.87
C GLN A 126 12.84 12.38 3.12
N PRO A 127 12.06 13.26 2.48
CA PRO A 127 10.78 12.87 1.84
C PRO A 127 10.95 12.32 0.43
N ALA A 128 12.13 11.81 0.13
CA ALA A 128 12.42 11.31 -1.21
C ALA A 128 11.90 9.88 -1.39
N TYR A 129 10.62 9.67 -1.12
CA TYR A 129 10.00 8.37 -1.27
C TYR A 129 8.58 8.51 -1.77
N VAL A 130 8.24 7.72 -2.78
CA VAL A 130 6.90 7.67 -3.31
C VAL A 130 6.26 6.33 -3.02
N LEU A 131 5.22 6.33 -2.21
CA LEU A 131 4.40 5.15 -2.03
C LEU A 131 3.15 5.29 -2.86
N GLN A 132 3.04 4.44 -3.87
CA GLN A 132 1.91 4.47 -4.76
C GLN A 132 0.86 3.47 -4.30
N ILE A 133 -0.26 3.99 -3.81
CA ILE A 133 -1.34 3.16 -3.34
C ILE A 133 -2.32 2.87 -4.46
N PHE A 134 -2.18 1.72 -5.08
CA PHE A 134 -3.06 1.33 -6.18
C PHE A 134 -4.29 0.61 -5.64
N PRO A 135 -5.46 0.86 -6.24
CA PRO A 135 -6.70 0.19 -5.87
C PRO A 135 -6.70 -1.27 -6.31
N PRO A 136 -7.62 -2.09 -5.77
CA PRO A 136 -7.74 -3.50 -6.14
C PRO A 136 -8.21 -3.68 -7.58
N CYS A 137 -7.26 -3.67 -8.48
CA CYS A 137 -7.54 -3.77 -9.90
C CYS A 137 -7.01 -5.08 -10.44
N GLU A 138 -7.49 -5.49 -11.60
CA GLU A 138 -7.04 -6.73 -12.21
C GLU A 138 -5.52 -6.72 -12.37
N PHE A 139 -4.96 -5.55 -12.63
CA PHE A 139 -3.52 -5.41 -12.80
C PHE A 139 -2.78 -5.67 -11.49
N SER A 140 -3.30 -5.14 -10.39
CA SER A 140 -2.67 -5.32 -9.09
C SER A 140 -2.72 -6.80 -8.70
N GLU A 141 -3.91 -7.37 -8.74
CA GLU A 141 -4.13 -8.74 -8.29
C GLU A 141 -3.36 -9.74 -9.16
N SER A 142 -3.26 -9.44 -10.45
CA SER A 142 -2.61 -10.36 -11.38
C SER A 142 -1.12 -10.52 -11.06
N HIS A 143 -0.37 -9.42 -11.00
CA HIS A 143 1.05 -9.55 -10.67
C HIS A 143 1.23 -9.94 -9.19
N LEU A 144 0.21 -9.70 -8.38
CA LEU A 144 0.23 -10.18 -7.00
C LEU A 144 0.24 -11.70 -6.97
N SER A 145 -0.47 -12.32 -7.92
CA SER A 145 -0.53 -13.77 -8.02
C SER A 145 0.83 -14.30 -8.50
N ARG A 146 1.49 -13.49 -9.32
CA ARG A 146 2.81 -13.82 -9.85
C ARG A 146 3.89 -13.64 -8.79
N LEU A 147 3.80 -12.53 -8.07
CA LEU A 147 4.83 -12.11 -7.14
C LEU A 147 4.67 -12.75 -5.75
N ALA A 148 3.45 -12.89 -5.27
CA ALA A 148 3.20 -13.45 -3.94
C ALA A 148 1.90 -14.23 -3.89
N PRO A 149 1.92 -15.49 -4.32
CA PRO A 149 0.72 -16.33 -4.44
C PRO A 149 0.12 -16.74 -3.09
N ASP A 150 0.95 -16.85 -2.06
CA ASP A 150 0.48 -17.40 -0.79
C ASP A 150 -0.32 -16.36 -0.02
N LEU A 151 0.11 -15.11 -0.11
CA LEU A 151 -0.62 -14.02 0.49
C LEU A 151 -1.77 -13.64 -0.45
N LEU A 152 -1.54 -13.82 -1.75
CA LEU A 152 -2.56 -13.56 -2.78
C LEU A 152 -3.84 -14.33 -2.45
N ALA A 153 -3.68 -15.59 -2.07
CA ALA A 153 -4.82 -16.44 -1.77
C ALA A 153 -5.63 -15.89 -0.59
N SER A 154 -4.96 -15.12 0.27
CA SER A 154 -5.63 -14.49 1.39
C SER A 154 -6.37 -13.23 0.92
N ILE A 155 -5.75 -12.47 0.03
CA ILE A 155 -6.28 -11.19 -0.37
C ILE A 155 -7.35 -11.32 -1.45
N SER A 156 -7.37 -12.47 -2.11
CA SER A 156 -8.39 -12.76 -3.12
C SER A 156 -9.80 -12.68 -2.49
N ASN A 157 -9.88 -12.92 -1.18
CA ASN A 157 -11.13 -12.77 -0.45
C ASN A 157 -11.29 -11.34 0.06
N ILE A 158 -10.17 -10.74 0.44
CA ILE A 158 -10.18 -9.41 1.04
C ILE A 158 -9.83 -8.36 -0.05
N SER A 159 -10.24 -8.71 -1.27
CA SER A 159 -10.16 -7.84 -2.45
C SER A 159 -10.27 -6.33 -2.16
N PRO A 160 -11.18 -5.86 -1.27
CA PRO A 160 -11.14 -4.46 -0.80
C PRO A 160 -9.84 -4.13 -0.05
N HIS A 161 -8.74 -4.15 -0.79
CA HIS A 161 -7.42 -3.90 -0.23
C HIS A 161 -6.63 -2.98 -1.14
N LEU A 162 -5.45 -2.57 -0.69
CA LEU A 162 -4.62 -1.68 -1.47
C LEU A 162 -3.28 -2.32 -1.79
N MET A 163 -2.72 -1.97 -2.93
CA MET A 163 -1.39 -2.42 -3.31
C MET A 163 -0.45 -1.22 -3.32
N ILE A 164 0.47 -1.19 -2.39
CA ILE A 164 1.31 -0.03 -2.20
C ILE A 164 2.72 -0.27 -2.72
N VAL A 165 3.11 0.52 -3.71
CA VAL A 165 4.42 0.40 -4.33
C VAL A 165 5.36 1.50 -3.84
N ILE A 166 6.43 1.11 -3.17
CA ILE A 166 7.41 2.06 -2.70
C ILE A 166 8.50 2.23 -3.75
N ALA A 167 8.60 3.43 -4.30
CA ALA A 167 9.57 3.69 -5.34
C ALA A 167 10.64 4.66 -4.87
N SER A 168 11.90 4.26 -5.05
CA SER A 168 13.02 5.15 -4.81
C SER A 168 13.06 6.24 -5.86
N VAL A 169 13.33 7.47 -5.43
CA VAL A 169 13.41 8.59 -6.36
C VAL A 169 14.66 9.43 -6.07
N TYR B 1 2.83 13.70 -10.23
CA TYR B 1 1.94 12.81 -9.47
C TYR B 1 0.77 13.57 -8.86
N GLU B 2 0.35 14.65 -9.52
CA GLU B 2 -0.82 15.41 -9.09
C GLU B 2 -0.69 15.85 -7.64
N THR B 3 -1.83 16.18 -7.04
CA THR B 3 -1.93 16.38 -5.60
C THR B 3 -3.29 15.88 -5.15
N LEU B 4 -3.33 15.04 -4.12
CA LEU B 4 -4.60 14.52 -3.65
C LEU B 4 -5.26 15.54 -2.72
N SEP B 5 -5.61 15.11 -1.52
CA SEP B 5 -6.53 15.90 -0.72
CB SEP B 5 -7.94 15.80 -1.31
OG SEP B 5 -7.92 16.27 -2.67
C SEP B 5 -6.51 15.41 0.71
O SEP B 5 -6.97 14.31 1.00
P SEP B 5 -9.40 16.16 -3.31
O1P SEP B 5 -10.34 17.00 -2.52
O2P SEP B 5 -9.35 16.69 -4.83
O3P SEP B 5 -9.89 14.63 -3.29
H SEP B 5 -5.22 14.28 -1.15
HA SEP B 5 -6.20 16.93 -0.74
HB2 SEP B 5 -8.28 14.77 -1.29
HB3 SEP B 5 -8.62 16.41 -0.74
N ASP B 6 -5.93 16.21 1.59
CA ASP B 6 -5.74 15.82 2.98
C ASP B 6 -5.52 17.07 3.81
N SEP B 7 -4.86 16.92 4.95
CA SEP B 7 -4.54 18.03 5.82
CB SEP B 7 -4.25 17.54 7.24
OG SEP B 7 -5.39 16.84 7.73
C SEP B 7 -3.32 18.79 5.27
O SEP B 7 -2.89 19.80 5.83
P SEP B 7 -5.04 16.34 9.22
O1P SEP B 7 -4.73 17.51 10.08
O2P SEP B 7 -6.30 15.55 9.84
O3P SEP B 7 -3.77 15.36 9.18
H SEP B 7 -4.59 16.00 5.22
HA SEP B 7 -5.38 18.70 5.84
HB2 SEP B 7 -3.40 16.88 7.22
HB3 SEP B 7 -4.05 18.38 7.88
N GLU B 8 -2.77 18.28 4.17
CA GLU B 8 -1.65 18.93 3.51
C GLU B 8 -2.12 19.61 2.23
N VAL A 1 -4.92 -18.43 2.11
CA VAL A 1 -4.27 -19.32 3.10
C VAL A 1 -4.06 -18.57 4.41
N ASP A 2 -3.38 -19.21 5.35
CA ASP A 2 -3.15 -18.62 6.66
C ASP A 2 -1.98 -17.64 6.60
N MET A 3 -2.03 -16.57 7.40
CA MET A 3 -0.99 -15.55 7.41
C MET A 3 0.36 -16.13 7.85
N VAL A 4 0.33 -17.14 8.71
CA VAL A 4 1.55 -17.81 9.16
C VAL A 4 2.24 -18.51 7.99
N GLN A 5 1.49 -18.81 6.95
CA GLN A 5 2.05 -19.36 5.74
C GLN A 5 2.70 -18.27 4.90
N LEU A 6 1.95 -17.21 4.63
CA LEU A 6 2.39 -16.17 3.71
C LEU A 6 3.58 -15.39 4.26
N LEU A 7 3.63 -15.16 5.58
CA LEU A 7 4.68 -14.31 6.14
C LEU A 7 6.02 -15.04 6.13
N LYS A 8 5.98 -16.36 5.94
CA LYS A 8 7.20 -17.14 5.81
C LYS A 8 7.88 -16.76 4.50
N LYS A 9 7.08 -16.33 3.54
CA LYS A 9 7.59 -15.86 2.27
C LYS A 9 7.77 -14.35 2.34
N TYR A 10 6.79 -13.68 2.92
CA TYR A 10 6.83 -12.23 3.05
C TYR A 10 5.99 -11.77 4.25
N PRO A 11 6.67 -11.32 5.31
CA PRO A 11 6.06 -10.92 6.57
C PRO A 11 5.60 -9.46 6.63
N ILE A 12 4.91 -9.11 7.70
CA ILE A 12 4.39 -7.75 7.88
C ILE A 12 5.52 -6.77 8.17
N VAL A 13 5.51 -5.64 7.46
CA VAL A 13 6.56 -4.64 7.60
C VAL A 13 6.09 -3.45 8.45
N TRP A 14 4.80 -3.14 8.37
CA TRP A 14 4.25 -1.97 9.05
C TRP A 14 2.83 -2.25 9.50
N GLN A 15 2.40 -1.56 10.53
CA GLN A 15 1.04 -1.72 11.03
C GLN A 15 0.58 -0.43 11.68
N GLY A 16 -0.49 0.14 11.15
CA GLY A 16 -1.00 1.39 11.68
C GLY A 16 -2.27 1.79 10.99
N LEU A 17 -2.29 2.98 10.40
CA LEU A 17 -3.47 3.46 9.69
C LEU A 17 -3.06 4.21 8.43
N LEU A 18 -3.99 4.29 7.49
CA LEU A 18 -3.86 5.16 6.35
C LEU A 18 -4.87 6.29 6.49
N ALA A 19 -4.55 7.45 5.94
CA ALA A 19 -5.45 8.59 6.05
C ALA A 19 -5.38 9.48 4.81
N LEU A 20 -6.53 9.76 4.23
CA LEU A 20 -6.61 10.71 3.14
C LEU A 20 -7.83 11.61 3.33
N LYS A 21 -7.68 12.89 3.01
CA LYS A 21 -8.70 13.90 3.35
C LYS A 21 -8.79 14.00 4.88
N ASN A 22 -9.71 13.23 5.44
CA ASN A 22 -9.84 13.08 6.88
C ASN A 22 -10.31 11.66 7.19
N ASP A 23 -10.20 10.80 6.19
CA ASP A 23 -10.68 9.43 6.31
C ASP A 23 -9.54 8.50 6.69
N THR A 24 -9.71 7.78 7.79
CA THR A 24 -8.69 6.89 8.29
C THR A 24 -9.10 5.42 8.21
N ALA A 25 -8.18 4.58 7.81
CA ALA A 25 -8.39 3.13 7.79
C ALA A 25 -7.18 2.43 8.37
N ALA A 26 -7.37 1.74 9.50
CA ALA A 26 -6.27 1.03 10.12
C ALA A 26 -5.87 -0.17 9.29
N VAL A 27 -4.60 -0.21 8.91
CA VAL A 27 -4.11 -1.26 8.02
C VAL A 27 -2.81 -1.87 8.53
N GLN A 28 -2.62 -3.14 8.24
CA GLN A 28 -1.36 -3.81 8.45
C GLN A 28 -0.74 -4.15 7.10
N LEU A 29 0.49 -3.76 6.91
CA LEU A 29 1.16 -3.90 5.64
C LEU A 29 1.99 -5.16 5.59
N HIS A 30 1.57 -6.07 4.74
CA HIS A 30 2.30 -7.29 4.49
C HIS A 30 3.30 -7.04 3.38
N PHE A 31 4.52 -7.52 3.54
CA PHE A 31 5.50 -7.43 2.48
C PHE A 31 5.07 -8.33 1.34
N VAL A 32 5.23 -7.88 0.12
CA VAL A 32 4.91 -8.70 -1.03
C VAL A 32 6.15 -9.02 -1.84
N SER A 33 6.83 -7.99 -2.29
CA SER A 33 7.94 -8.13 -3.23
C SER A 33 8.83 -6.90 -3.20
N GLY A 34 9.96 -6.95 -3.86
CA GLY A 34 10.84 -5.80 -3.92
C GLY A 34 11.82 -5.77 -2.78
N ASN A 35 12.24 -4.56 -2.41
CA ASN A 35 13.22 -4.40 -1.34
C ASN A 35 12.53 -4.01 -0.04
N ASN A 36 12.58 -4.90 0.94
CA ASN A 36 11.90 -4.69 2.22
C ASN A 36 12.48 -3.51 2.97
N VAL A 37 13.79 -3.28 2.81
CA VAL A 37 14.46 -2.17 3.48
C VAL A 37 13.83 -0.84 3.08
N LEU A 38 13.34 -0.77 1.84
CA LEU A 38 12.63 0.42 1.37
C LEU A 38 11.43 0.72 2.25
N ALA A 39 10.65 -0.31 2.56
CA ALA A 39 9.47 -0.13 3.39
C ALA A 39 9.88 0.27 4.79
N HIS A 40 10.92 -0.36 5.29
CA HIS A 40 11.44 -0.08 6.61
C HIS A 40 11.82 1.40 6.75
N ARG A 41 12.43 1.95 5.71
CA ARG A 41 12.90 3.34 5.74
C ARG A 41 11.84 4.34 5.27
N SER A 42 10.79 3.85 4.61
CA SER A 42 9.73 4.74 4.11
C SER A 42 8.56 4.84 5.08
N LEU A 43 8.20 3.71 5.67
CA LEU A 43 7.04 3.64 6.54
C LEU A 43 7.40 4.18 7.92
N PRO A 44 6.88 5.36 8.26
CA PRO A 44 7.26 6.08 9.47
C PRO A 44 6.66 5.47 10.74
N LEU A 45 7.42 5.58 11.83
CA LEU A 45 6.98 5.09 13.12
C LEU A 45 7.99 5.44 14.20
N SER A 46 7.49 5.52 15.41
CA SER A 46 8.31 5.63 16.59
C SER A 46 7.78 4.69 17.65
N GLU A 47 6.46 4.64 17.74
CA GLU A 47 5.75 3.69 18.58
C GLU A 47 4.44 3.31 17.93
N GLY A 48 4.44 2.17 17.27
CA GLY A 48 3.29 1.75 16.51
C GLY A 48 3.39 2.20 15.06
N GLY A 49 2.62 3.19 14.69
CA GLY A 49 2.66 3.69 13.33
C GLY A 49 1.62 4.76 13.04
N PRO A 50 2.07 6.00 12.79
CA PRO A 50 1.18 7.10 12.43
C PRO A 50 0.58 6.92 11.03
N PRO A 51 -0.62 7.46 10.80
CA PRO A 51 -1.35 7.27 9.55
C PRO A 51 -0.64 7.88 8.34
N LEU A 52 -0.39 7.05 7.33
CA LEU A 52 0.15 7.52 6.05
C LEU A 52 -0.89 8.35 5.32
N ARG A 53 -0.54 9.59 4.96
CA ARG A 53 -1.51 10.51 4.39
C ARG A 53 -1.30 10.67 2.87
N ILE A 54 -2.40 10.78 2.13
CA ILE A 54 -2.35 10.79 0.67
C ILE A 54 -2.42 12.21 0.09
N ALA A 55 -1.27 12.66 -0.41
CA ALA A 55 -1.12 14.03 -0.86
C ALA A 55 -1.05 14.12 -2.38
N GLN A 56 -0.95 12.98 -3.05
CA GLN A 56 -0.85 12.94 -4.52
C GLN A 56 -1.56 11.70 -5.08
N ARG A 57 -1.63 11.60 -6.40
CA ARG A 57 -2.27 10.47 -7.05
C ARG A 57 -1.75 10.26 -8.47
N MET A 58 -1.50 9.00 -8.83
CA MET A 58 -1.00 8.68 -10.15
C MET A 58 -2.07 8.03 -10.99
N ARG A 59 -2.51 8.70 -12.03
CA ARG A 59 -3.47 8.12 -12.95
C ARG A 59 -2.85 6.89 -13.57
N LEU A 60 -3.34 5.71 -13.23
CA LEU A 60 -2.71 4.49 -13.68
C LEU A 60 -2.91 4.35 -15.19
N GLU A 61 -1.87 4.75 -15.91
CA GLU A 61 -1.86 4.71 -17.37
C GLU A 61 -1.20 3.43 -17.83
N ALA A 62 -1.55 2.99 -19.03
CA ALA A 62 -0.88 1.84 -19.62
C ALA A 62 0.63 2.10 -19.69
N THR A 63 0.97 3.32 -20.07
CA THR A 63 2.37 3.75 -20.13
C THR A 63 3.00 3.72 -18.75
N GLN A 64 2.25 4.18 -17.74
CA GLN A 64 2.73 4.16 -16.37
C GLN A 64 2.97 2.74 -15.91
N LEU A 65 1.99 1.87 -16.15
CA LEU A 65 2.06 0.48 -15.73
C LEU A 65 3.27 -0.22 -16.35
N GLU A 66 3.59 0.16 -17.59
CA GLU A 66 4.79 -0.31 -18.26
C GLU A 66 6.03 0.04 -17.45
N GLY A 67 6.12 1.32 -17.11
CA GLY A 67 7.24 1.79 -16.31
C GLY A 67 7.26 1.17 -14.92
N VAL A 68 6.09 1.03 -14.32
CA VAL A 68 5.96 0.37 -13.04
C VAL A 68 6.48 -1.05 -13.12
N ALA A 69 6.03 -1.77 -14.15
CA ALA A 69 6.44 -3.15 -14.38
C ALA A 69 7.95 -3.27 -14.41
N ARG A 70 8.61 -2.34 -15.08
CA ARG A 70 10.05 -2.34 -15.20
C ARG A 70 10.74 -2.25 -13.84
N ARG A 71 10.25 -1.37 -12.97
CA ARG A 71 10.84 -1.25 -11.63
C ARG A 71 10.40 -2.39 -10.73
N MET A 72 9.35 -3.11 -11.15
CA MET A 72 8.93 -4.32 -10.44
C MET A 72 9.76 -5.50 -10.94
N THR A 73 10.36 -5.30 -12.09
CA THR A 73 11.26 -6.25 -12.70
C THR A 73 12.62 -6.19 -12.00
N VAL A 74 12.89 -5.07 -11.36
CA VAL A 74 14.12 -4.87 -10.60
C VAL A 74 13.80 -4.69 -9.12
N GLU A 75 13.64 -5.80 -8.41
CA GLU A 75 13.36 -5.73 -6.99
C GLU A 75 14.58 -5.22 -6.25
N THR A 76 14.47 -3.97 -5.80
CA THR A 76 15.55 -3.19 -5.17
C THR A 76 15.18 -1.72 -5.28
N ASP A 77 14.69 -1.35 -6.46
CA ASP A 77 14.34 0.04 -6.75
C ASP A 77 12.94 0.36 -6.26
N TYR A 78 12.15 -0.68 -6.00
CA TYR A 78 10.81 -0.49 -5.48
C TYR A 78 10.54 -1.52 -4.39
N CYS A 79 9.51 -1.25 -3.62
CA CYS A 79 9.02 -2.20 -2.65
C CYS A 79 7.54 -2.41 -2.89
N LEU A 80 7.11 -3.66 -2.86
CA LEU A 80 5.72 -3.98 -3.06
C LEU A 80 5.11 -4.37 -1.72
N LEU A 81 4.04 -3.70 -1.34
CA LEU A 81 3.40 -3.94 -0.05
C LEU A 81 1.92 -4.23 -0.23
N LEU A 82 1.37 -4.95 0.73
CA LEU A 82 -0.03 -5.30 0.71
C LEU A 82 -0.71 -4.74 1.95
N ALA A 83 -1.52 -3.70 1.79
CA ALA A 83 -2.17 -3.06 2.94
C ALA A 83 -3.56 -3.64 3.16
N LEU A 84 -3.76 -4.16 4.36
CA LEU A 84 -5.02 -4.79 4.73
C LEU A 84 -5.56 -4.19 6.02
N PRO A 85 -6.88 -4.02 6.12
CA PRO A 85 -7.52 -3.46 7.33
C PRO A 85 -7.25 -4.32 8.56
N CYS A 86 -6.57 -3.74 9.55
CA CYS A 86 -6.20 -4.48 10.75
C CYS A 86 -7.14 -4.14 11.91
N GLY A 87 -8.00 -5.07 12.26
CA GLY A 87 -8.94 -4.84 13.33
C GLY A 87 -8.55 -5.55 14.61
N ARG A 88 -8.86 -4.92 15.74
CA ARG A 88 -8.62 -5.50 17.04
C ARG A 88 -9.47 -6.76 17.23
N ASP A 89 -10.66 -6.70 16.67
CA ASP A 89 -11.62 -7.79 16.76
C ASP A 89 -12.19 -8.00 15.38
N GLN A 90 -12.84 -9.13 15.14
CA GLN A 90 -13.44 -9.39 13.84
C GLN A 90 -14.40 -8.27 13.45
N GLU A 91 -15.13 -7.76 14.44
CA GLU A 91 -16.03 -6.65 14.24
C GLU A 91 -15.26 -5.41 13.80
N ASP A 92 -14.15 -5.16 14.47
CA ASP A 92 -13.30 -4.02 14.17
C ASP A 92 -12.73 -4.15 12.77
N VAL A 93 -12.34 -5.37 12.43
CA VAL A 93 -11.84 -5.68 11.10
C VAL A 93 -12.89 -5.32 10.06
N VAL A 94 -14.12 -5.74 10.29
CA VAL A 94 -15.24 -5.41 9.41
C VAL A 94 -15.38 -3.90 9.29
N SER A 95 -15.38 -3.24 10.44
CA SER A 95 -15.49 -1.79 10.50
C SER A 95 -14.42 -1.11 9.65
N GLN A 96 -13.16 -1.48 9.89
CA GLN A 96 -12.04 -0.89 9.19
C GLN A 96 -12.06 -1.25 7.70
N THR A 97 -12.49 -2.47 7.38
CA THR A 97 -12.62 -2.89 6.00
C THR A 97 -13.62 -1.99 5.27
N GLU A 98 -14.79 -1.84 5.86
CA GLU A 98 -15.84 -1.05 5.29
C GLU A 98 -15.42 0.41 5.13
N SER A 99 -14.78 0.95 6.16
CA SER A 99 -14.26 2.32 6.11
C SER A 99 -13.22 2.45 4.99
N LEU A 100 -12.31 1.50 4.92
CA LEU A 100 -11.28 1.48 3.89
C LEU A 100 -11.92 1.41 2.50
N LYS A 101 -12.94 0.57 2.38
CA LYS A 101 -13.69 0.44 1.14
C LYS A 101 -14.25 1.78 0.69
N ALA A 102 -14.97 2.44 1.58
CA ALA A 102 -15.62 3.70 1.27
C ALA A 102 -14.62 4.82 1.02
N ALA A 103 -13.56 4.86 1.82
CA ALA A 103 -12.66 6.02 1.83
C ALA A 103 -11.51 5.88 0.84
N PHE A 104 -10.86 4.73 0.82
CA PHE A 104 -9.68 4.54 -0.01
C PHE A 104 -10.03 3.80 -1.30
N ILE A 105 -10.70 2.67 -1.14
CA ILE A 105 -11.03 1.81 -2.28
C ILE A 105 -11.91 2.55 -3.28
N THR A 106 -13.01 3.10 -2.80
CA THR A 106 -13.94 3.82 -3.65
C THR A 106 -13.27 5.03 -4.31
N TYR A 107 -12.44 5.73 -3.55
CA TYR A 107 -11.72 6.89 -4.06
C TYR A 107 -10.71 6.47 -5.13
N LEU A 108 -9.80 5.57 -4.77
CA LEU A 108 -8.75 5.13 -5.68
C LEU A 108 -9.32 4.57 -6.97
N GLN A 109 -10.36 3.76 -6.86
CA GLN A 109 -10.94 3.10 -8.01
C GLN A 109 -11.65 4.13 -8.91
N ALA A 110 -12.28 5.13 -8.27
CA ALA A 110 -13.00 6.16 -8.99
C ALA A 110 -12.04 7.04 -9.78
N LYS A 111 -10.90 7.32 -9.19
CA LYS A 111 -9.89 8.13 -9.83
C LYS A 111 -9.10 7.32 -10.83
N GLN A 112 -9.18 5.99 -10.71
CA GLN A 112 -8.30 5.09 -11.47
C GLN A 112 -6.86 5.57 -11.29
N ALA A 113 -6.46 5.71 -10.04
CA ALA A 113 -5.20 6.35 -9.73
C ALA A 113 -4.39 5.57 -8.69
N ALA A 114 -3.28 6.14 -8.30
CA ALA A 114 -2.42 5.60 -7.25
C ALA A 114 -2.30 6.61 -6.13
N GLY A 115 -2.74 6.25 -4.94
CA GLY A 115 -2.63 7.15 -3.79
C GLY A 115 -1.18 7.39 -3.45
N ILE A 116 -0.69 8.57 -3.81
CA ILE A 116 0.72 8.88 -3.66
C ILE A 116 1.02 9.50 -2.30
N ILE A 117 1.90 8.85 -1.57
CA ILE A 117 2.35 9.35 -0.29
C ILE A 117 3.84 9.60 -0.30
N ASN A 118 4.23 10.87 -0.23
CA ASN A 118 5.64 11.25 -0.17
C ASN A 118 6.09 11.25 1.27
N VAL A 119 7.14 10.51 1.55
CA VAL A 119 7.63 10.42 2.91
C VAL A 119 9.14 10.67 2.97
N PRO A 120 9.57 11.59 3.86
CA PRO A 120 10.98 11.87 4.08
C PRO A 120 11.65 10.78 4.90
N ASN A 121 12.89 10.47 4.55
CA ASN A 121 13.69 9.52 5.32
C ASN A 121 14.69 10.29 6.17
N PRO A 122 14.38 10.45 7.48
CA PRO A 122 15.08 11.34 8.42
C PRO A 122 16.59 11.46 8.20
N GLY A 123 16.98 12.48 7.42
CA GLY A 123 18.38 12.77 7.19
C GLY A 123 19.15 11.61 6.57
N SER A 124 18.44 10.60 6.10
CA SER A 124 19.07 9.40 5.61
C SER A 124 19.00 9.33 4.08
N ASN A 125 18.10 10.09 3.47
CA ASN A 125 18.00 10.10 2.02
C ASN A 125 17.34 11.38 1.52
N GLN A 126 16.01 11.45 1.66
CA GLN A 126 15.22 12.55 1.09
C GLN A 126 13.74 12.22 1.23
N PRO A 127 12.83 13.20 0.99
CA PRO A 127 11.40 12.94 0.79
C PRO A 127 11.13 12.34 -0.59
N ALA A 128 12.16 11.75 -1.16
CA ALA A 128 12.10 11.20 -2.51
C ALA A 128 11.55 9.78 -2.49
N TYR A 129 10.51 9.59 -1.68
CA TYR A 129 9.86 8.29 -1.61
C TYR A 129 8.42 8.45 -1.98
N VAL A 130 7.96 7.58 -2.86
CA VAL A 130 6.59 7.58 -3.29
C VAL A 130 5.96 6.23 -3.01
N LEU A 131 5.00 6.24 -2.10
CA LEU A 131 4.19 5.07 -1.88
C LEU A 131 2.92 5.20 -2.70
N GLN A 132 2.81 4.35 -3.72
CA GLN A 132 1.69 4.39 -4.63
C GLN A 132 0.63 3.41 -4.16
N ILE A 133 -0.48 3.94 -3.72
CA ILE A 133 -1.58 3.12 -3.23
C ILE A 133 -2.53 2.82 -4.38
N PHE A 134 -2.37 1.64 -4.97
CA PHE A 134 -3.24 1.20 -6.05
C PHE A 134 -4.49 0.52 -5.48
N PRO A 135 -5.65 0.74 -6.09
CA PRO A 135 -6.89 0.10 -5.69
C PRO A 135 -6.92 -1.38 -6.08
N PRO A 136 -7.90 -2.15 -5.59
CA PRO A 136 -8.06 -3.56 -5.98
C PRO A 136 -8.46 -3.69 -7.44
N CYS A 137 -7.49 -3.53 -8.32
CA CYS A 137 -7.71 -3.51 -9.76
C CYS A 137 -7.08 -4.73 -10.42
N GLU A 138 -7.51 -5.01 -11.65
CA GLU A 138 -6.93 -6.07 -12.46
C GLU A 138 -5.40 -6.03 -12.43
N PHE A 139 -4.85 -4.83 -12.47
CA PHE A 139 -3.41 -4.62 -12.45
C PHE A 139 -2.80 -5.16 -11.16
N SER A 140 -3.32 -4.73 -10.02
CA SER A 140 -2.74 -5.10 -8.74
C SER A 140 -2.90 -6.60 -8.48
N GLU A 141 -4.13 -7.08 -8.56
CA GLU A 141 -4.44 -8.46 -8.21
C GLU A 141 -3.66 -9.44 -9.08
N SER A 142 -3.51 -9.11 -10.36
CA SER A 142 -2.81 -9.99 -11.28
C SER A 142 -1.33 -10.10 -10.90
N HIS A 143 -0.68 -8.96 -10.70
CA HIS A 143 0.74 -8.95 -10.35
C HIS A 143 0.95 -9.57 -8.97
N LEU A 144 -0.03 -9.41 -8.11
CA LEU A 144 0.01 -10.02 -6.78
C LEU A 144 -0.03 -11.54 -6.89
N SER A 145 -0.70 -12.05 -7.91
CA SER A 145 -0.81 -13.49 -8.11
C SER A 145 0.51 -14.03 -8.64
N ARG A 146 1.21 -13.20 -9.39
CA ARG A 146 2.50 -13.57 -9.96
C ARG A 146 3.61 -13.45 -8.92
N LEU A 147 3.62 -12.31 -8.23
CA LEU A 147 4.68 -11.97 -7.29
C LEU A 147 4.54 -12.70 -5.95
N ALA A 148 3.31 -12.78 -5.45
CA ALA A 148 3.08 -13.35 -4.13
C ALA A 148 1.85 -14.25 -4.10
N PRO A 149 1.92 -15.43 -4.72
CA PRO A 149 0.80 -16.37 -4.74
C PRO A 149 0.45 -16.89 -3.35
N ASP A 150 1.42 -16.75 -2.42
CA ASP A 150 1.25 -17.22 -1.06
C ASP A 150 0.19 -16.39 -0.36
N LEU A 151 0.47 -15.10 -0.27
CA LEU A 151 -0.42 -14.19 0.40
C LEU A 151 -1.61 -13.87 -0.50
N LEU A 152 -1.41 -13.98 -1.82
CA LEU A 152 -2.48 -13.76 -2.80
C LEU A 152 -3.67 -14.65 -2.47
N ALA A 153 -3.39 -15.91 -2.16
CA ALA A 153 -4.45 -16.87 -1.86
C ALA A 153 -5.24 -16.48 -0.62
N SER A 154 -4.65 -15.60 0.19
CA SER A 154 -5.32 -15.11 1.39
C SER A 154 -6.13 -13.84 1.06
N ILE A 155 -5.60 -13.02 0.18
CA ILE A 155 -6.23 -11.74 -0.12
C ILE A 155 -7.35 -11.88 -1.14
N SER A 156 -7.45 -13.04 -1.76
CA SER A 156 -8.53 -13.32 -2.68
C SER A 156 -9.89 -13.20 -1.98
N ASN A 157 -9.88 -13.40 -0.66
CA ASN A 157 -11.06 -13.17 0.16
C ASN A 157 -11.16 -11.71 0.53
N ILE A 158 -10.03 -11.12 0.87
CA ILE A 158 -9.97 -9.77 1.41
C ILE A 158 -9.59 -8.79 0.26
N SER A 159 -10.07 -9.14 -0.93
CA SER A 159 -9.95 -8.33 -2.14
C SER A 159 -10.04 -6.81 -1.91
N PRO A 160 -10.98 -6.30 -1.06
CA PRO A 160 -10.95 -4.90 -0.65
C PRO A 160 -9.66 -4.54 0.08
N HIS A 161 -8.63 -4.19 -0.68
CA HIS A 161 -7.33 -3.88 -0.14
C HIS A 161 -6.59 -2.91 -1.03
N LEU A 162 -5.39 -2.53 -0.62
CA LEU A 162 -4.58 -1.58 -1.38
C LEU A 162 -3.20 -2.16 -1.64
N MET A 163 -2.75 -2.05 -2.87
CA MET A 163 -1.39 -2.48 -3.23
C MET A 163 -0.49 -1.26 -3.22
N ILE A 164 0.41 -1.21 -2.25
CA ILE A 164 1.24 -0.04 -2.07
C ILE A 164 2.64 -0.25 -2.64
N VAL A 165 2.97 0.55 -3.65
CA VAL A 165 4.24 0.46 -4.33
C VAL A 165 5.19 1.57 -3.87
N ILE A 166 6.26 1.18 -3.19
CA ILE A 166 7.24 2.14 -2.71
C ILE A 166 8.34 2.34 -3.75
N ALA A 167 8.42 3.52 -4.32
CA ALA A 167 9.44 3.81 -5.31
C ALA A 167 10.45 4.81 -4.78
N SER A 168 11.72 4.47 -4.88
CA SER A 168 12.79 5.37 -4.51
C SER A 168 13.32 6.11 -5.74
N VAL A 169 13.06 7.41 -5.80
CA VAL A 169 13.48 8.19 -6.95
C VAL A 169 14.80 8.91 -6.65
N TYR B 1 2.75 13.55 -10.45
CA TYR B 1 1.87 12.66 -9.66
C TYR B 1 0.66 13.41 -9.11
N GLU B 2 0.26 14.49 -9.78
CA GLU B 2 -0.94 15.23 -9.41
C GLU B 2 -0.84 15.69 -7.94
N THR B 3 -1.96 15.97 -7.32
CA THR B 3 -2.02 16.29 -5.91
C THR B 3 -3.38 15.88 -5.38
N LEU B 4 -3.41 15.03 -4.34
CA LEU B 4 -4.66 14.56 -3.79
C LEU B 4 -5.25 15.63 -2.88
N SEP B 5 -5.41 15.30 -1.61
CA SEP B 5 -6.19 16.16 -0.74
CB SEP B 5 -7.69 16.00 -1.06
OG SEP B 5 -7.88 16.38 -2.44
C SEP B 5 -5.86 15.78 0.69
O SEP B 5 -6.45 14.88 1.27
P SEP B 5 -9.41 16.24 -2.88
O1P SEP B 5 -10.26 17.11 -2.03
O2P SEP B 5 -9.55 16.67 -4.42
O3P SEP B 5 -9.89 14.72 -2.73
H SEP B 5 -4.99 14.49 -1.24
HA SEP B 5 -5.90 17.19 -0.91
HB2 SEP B 5 -7.99 14.96 -0.92
HB3 SEP B 5 -8.28 16.64 -0.43
N ASP B 6 -4.86 16.47 1.20
CA ASP B 6 -4.10 15.97 2.33
C ASP B 6 -4.36 16.77 3.60
N SEP B 7 -3.77 16.29 4.69
CA SEP B 7 -3.82 16.97 5.98
CB SEP B 7 -3.26 16.07 7.07
OG SEP B 7 -4.02 14.85 7.14
C SEP B 7 -3.02 18.26 5.91
O SEP B 7 -3.25 19.20 6.67
P SEP B 7 -3.36 13.95 8.31
O1P SEP B 7 -3.43 14.69 9.60
O2P SEP B 7 -4.18 12.57 8.44
O3P SEP B 7 -1.83 13.64 7.96
H SEP B 7 -3.30 15.43 4.64
HA SEP B 7 -4.85 17.21 6.19
HB2 SEP B 7 -2.23 15.83 6.85
HB3 SEP B 7 -3.32 16.57 8.02
N GLU B 8 -2.06 18.30 4.98
CA GLU B 8 -1.29 19.51 4.72
C GLU B 8 -2.14 20.49 3.93
N VAL A 1 -6.94 -20.19 3.83
CA VAL A 1 -5.61 -19.60 3.51
C VAL A 1 -5.15 -18.67 4.62
N ASP A 2 -4.27 -19.17 5.48
CA ASP A 2 -3.84 -18.45 6.65
C ASP A 2 -2.60 -17.61 6.38
N MET A 3 -2.46 -16.54 7.16
CA MET A 3 -1.29 -15.67 7.08
C MET A 3 -0.02 -16.43 7.46
N VAL A 4 -0.21 -17.50 8.22
CA VAL A 4 0.90 -18.33 8.69
C VAL A 4 1.66 -18.97 7.53
N GLN A 5 0.99 -19.13 6.39
CA GLN A 5 1.67 -19.64 5.22
C GLN A 5 2.42 -18.52 4.50
N LEU A 6 1.72 -17.44 4.20
CA LEU A 6 2.28 -16.36 3.41
C LEU A 6 3.42 -15.64 4.13
N LEU A 7 3.32 -15.47 5.46
CA LEU A 7 4.32 -14.67 6.18
C LEU A 7 5.65 -15.41 6.24
N LYS A 8 5.60 -16.72 5.96
CA LYS A 8 6.80 -17.53 5.94
C LYS A 8 7.65 -17.14 4.75
N LYS A 9 6.99 -16.63 3.71
CA LYS A 9 7.67 -16.20 2.52
C LYS A 9 7.84 -14.68 2.54
N TYR A 10 6.77 -14.00 2.96
CA TYR A 10 6.80 -12.56 3.10
C TYR A 10 5.92 -12.09 4.27
N PRO A 11 6.57 -11.67 5.37
CA PRO A 11 5.90 -11.19 6.59
C PRO A 11 5.53 -9.70 6.56
N ILE A 12 4.82 -9.27 7.60
CA ILE A 12 4.38 -7.88 7.71
C ILE A 12 5.56 -6.96 8.03
N VAL A 13 5.58 -5.80 7.40
CA VAL A 13 6.66 -4.83 7.59
C VAL A 13 6.22 -3.64 8.43
N TRP A 14 4.93 -3.31 8.38
CA TRP A 14 4.41 -2.15 9.09
C TRP A 14 2.94 -2.36 9.41
N GLN A 15 2.46 -1.68 10.44
CA GLN A 15 1.07 -1.78 10.84
C GLN A 15 0.62 -0.49 11.51
N GLY A 16 -0.39 0.13 10.93
CA GLY A 16 -0.89 1.37 11.46
C GLY A 16 -2.16 1.78 10.77
N LEU A 17 -2.18 2.97 10.20
CA LEU A 17 -3.36 3.47 9.50
C LEU A 17 -2.96 4.23 8.25
N LEU A 18 -3.91 4.34 7.34
CA LEU A 18 -3.79 5.24 6.20
C LEU A 18 -4.83 6.34 6.35
N ALA A 19 -4.55 7.52 5.81
CA ALA A 19 -5.47 8.64 5.94
C ALA A 19 -5.49 9.51 4.69
N LEU A 20 -6.66 9.72 4.13
CA LEU A 20 -6.80 10.66 3.02
C LEU A 20 -8.06 11.48 3.19
N LYS A 21 -8.00 12.76 2.83
CA LYS A 21 -9.07 13.73 3.11
C LYS A 21 -9.31 13.83 4.61
N ASN A 22 -10.27 13.07 5.08
CA ASN A 22 -10.64 13.05 6.49
C ASN A 22 -10.85 11.60 6.93
N ASP A 23 -10.57 10.66 6.03
CA ASP A 23 -10.88 9.27 6.28
C ASP A 23 -9.64 8.49 6.66
N THR A 24 -9.78 7.62 7.65
CA THR A 24 -8.67 6.81 8.13
C THR A 24 -9.04 5.33 8.12
N ALA A 25 -8.10 4.49 7.70
CA ALA A 25 -8.28 3.05 7.71
C ALA A 25 -7.06 2.36 8.28
N ALA A 26 -7.25 1.63 9.37
CA ALA A 26 -6.14 0.90 9.97
C ALA A 26 -5.74 -0.28 9.12
N VAL A 27 -4.49 -0.29 8.69
CA VAL A 27 -4.00 -1.31 7.79
C VAL A 27 -2.67 -1.90 8.26
N GLN A 28 -2.48 -3.16 7.96
CA GLN A 28 -1.23 -3.84 8.19
C GLN A 28 -0.60 -4.17 6.84
N LEU A 29 0.66 -3.81 6.69
CA LEU A 29 1.35 -3.97 5.43
C LEU A 29 2.19 -5.22 5.40
N HIS A 30 1.74 -6.17 4.59
CA HIS A 30 2.47 -7.40 4.38
C HIS A 30 3.51 -7.16 3.30
N PHE A 31 4.72 -7.67 3.49
CA PHE A 31 5.72 -7.61 2.45
C PHE A 31 5.27 -8.50 1.30
N VAL A 32 5.42 -8.00 0.07
CA VAL A 32 5.07 -8.81 -1.08
C VAL A 32 6.31 -9.11 -1.91
N SER A 33 7.00 -8.05 -2.32
CA SER A 33 8.10 -8.15 -3.25
C SER A 33 8.99 -6.92 -3.12
N GLY A 34 10.13 -6.94 -3.79
CA GLY A 34 10.99 -5.78 -3.80
C GLY A 34 11.99 -5.78 -2.66
N ASN A 35 12.37 -4.60 -2.23
CA ASN A 35 13.33 -4.45 -1.16
C ASN A 35 12.64 -4.04 0.13
N ASN A 36 12.59 -4.96 1.10
CA ASN A 36 11.88 -4.73 2.35
C ASN A 36 12.47 -3.55 3.13
N VAL A 37 13.76 -3.32 2.95
CA VAL A 37 14.44 -2.20 3.61
C VAL A 37 13.81 -0.88 3.20
N LEU A 38 13.35 -0.81 1.95
CA LEU A 38 12.66 0.38 1.46
C LEU A 38 11.45 0.70 2.31
N ALA A 39 10.70 -0.32 2.71
CA ALA A 39 9.54 -0.11 3.55
C ALA A 39 9.93 0.40 4.91
N HIS A 40 10.94 -0.23 5.49
CA HIS A 40 11.40 0.13 6.82
C HIS A 40 11.89 1.58 6.86
N ARG A 41 12.48 2.05 5.77
CA ARG A 41 13.02 3.41 5.70
C ARG A 41 11.98 4.42 5.20
N SER A 42 10.87 3.96 4.64
CA SER A 42 9.86 4.87 4.10
C SER A 42 8.68 5.00 5.04
N LEU A 43 8.34 3.92 5.72
CA LEU A 43 7.20 3.89 6.60
C LEU A 43 7.58 4.53 7.93
N PRO A 44 6.95 5.68 8.23
CA PRO A 44 7.34 6.52 9.36
C PRO A 44 6.85 6.01 10.70
N LEU A 45 7.59 6.35 11.73
CA LEU A 45 7.23 6.00 13.10
C LEU A 45 7.86 7.00 14.06
N SER A 46 7.04 7.51 14.98
CA SER A 46 7.49 8.53 15.91
C SER A 46 6.75 8.40 17.25
N GLU A 47 5.97 7.34 17.37
CA GLU A 47 5.09 7.15 18.52
C GLU A 47 4.63 5.70 18.60
N GLY A 48 3.68 5.36 17.76
CA GLY A 48 3.24 4.00 17.62
C GLY A 48 3.19 3.60 16.16
N GLY A 49 2.36 4.29 15.41
CA GLY A 49 2.25 4.06 13.97
C GLY A 49 1.46 5.15 13.29
N PRO A 50 2.12 6.25 12.91
CA PRO A 50 1.44 7.40 12.29
C PRO A 50 0.81 7.05 10.95
N PRO A 51 -0.44 7.47 10.74
CA PRO A 51 -1.19 7.16 9.52
C PRO A 51 -0.62 7.85 8.29
N LEU A 52 -0.33 7.06 7.26
CA LEU A 52 0.18 7.58 6.01
C LEU A 52 -0.89 8.39 5.28
N ARG A 53 -0.64 9.67 5.07
CA ARG A 53 -1.61 10.55 4.42
C ARG A 53 -1.37 10.65 2.91
N ILE A 54 -2.45 10.51 2.14
CA ILE A 54 -2.37 10.52 0.70
C ILE A 54 -2.37 11.95 0.16
N ALA A 55 -1.22 12.36 -0.32
CA ALA A 55 -0.99 13.74 -0.71
C ALA A 55 -0.99 13.92 -2.21
N GLN A 56 -0.93 12.80 -2.93
CA GLN A 56 -0.86 12.83 -4.39
C GLN A 56 -1.51 11.58 -4.98
N ARG A 57 -1.56 11.49 -6.31
CA ARG A 57 -2.16 10.34 -6.99
C ARG A 57 -1.57 10.15 -8.38
N MET A 58 -1.36 8.89 -8.78
CA MET A 58 -0.91 8.59 -10.13
C MET A 58 -2.02 7.94 -10.91
N ARG A 59 -2.56 8.66 -11.87
CA ARG A 59 -3.65 8.15 -12.68
C ARG A 59 -3.20 6.88 -13.39
N LEU A 60 -3.74 5.75 -13.00
CA LEU A 60 -3.28 4.48 -13.51
C LEU A 60 -3.63 4.34 -14.99
N GLU A 61 -2.63 4.62 -15.81
CA GLU A 61 -2.76 4.49 -17.26
C GLU A 61 -2.05 3.22 -17.69
N ALA A 62 -2.42 2.70 -18.86
CA ALA A 62 -1.81 1.47 -19.36
C ALA A 62 -0.29 1.60 -19.45
N THR A 63 0.16 2.68 -20.09
CA THR A 63 1.58 2.95 -20.21
C THR A 63 2.24 3.14 -18.84
N GLN A 64 1.53 3.83 -17.95
CA GLN A 64 2.05 4.11 -16.61
C GLN A 64 2.22 2.83 -15.80
N LEU A 65 1.24 1.93 -15.91
CA LEU A 65 1.29 0.67 -15.17
C LEU A 65 2.48 -0.18 -15.61
N GLU A 66 2.80 -0.11 -16.90
CA GLU A 66 3.98 -0.78 -17.42
C GLU A 66 5.23 -0.10 -16.88
N GLY A 67 5.19 1.22 -16.85
CA GLY A 67 6.28 2.00 -16.27
C GLY A 67 6.51 1.63 -14.83
N VAL A 68 5.44 1.44 -14.08
CA VAL A 68 5.53 0.95 -12.71
C VAL A 68 6.17 -0.43 -12.68
N ALA A 69 5.63 -1.33 -13.49
CA ALA A 69 6.11 -2.70 -13.57
C ALA A 69 7.58 -2.77 -13.96
N ARG A 70 8.06 -1.75 -14.65
CA ARG A 70 9.44 -1.70 -15.10
C ARG A 70 10.39 -1.75 -13.91
N ARG A 71 10.05 -1.04 -12.84
CA ARG A 71 10.86 -1.09 -11.62
C ARG A 71 10.42 -2.24 -10.72
N MET A 72 9.24 -2.79 -11.01
CA MET A 72 8.68 -3.87 -10.20
C MET A 72 9.41 -5.19 -10.48
N THR A 73 10.07 -5.26 -11.61
CA THR A 73 10.82 -6.46 -11.95
C THR A 73 12.25 -6.35 -11.40
N VAL A 74 12.52 -5.27 -10.68
CA VAL A 74 13.85 -5.04 -10.11
C VAL A 74 13.75 -4.79 -8.61
N GLU A 75 13.85 -5.85 -7.82
CA GLU A 75 13.78 -5.74 -6.37
C GLU A 75 15.01 -4.99 -5.84
N THR A 76 14.75 -3.77 -5.36
CA THR A 76 15.77 -2.82 -4.84
C THR A 76 15.36 -1.41 -5.23
N ASP A 77 14.82 -1.27 -6.45
CA ASP A 77 14.36 0.02 -6.94
C ASP A 77 12.96 0.33 -6.43
N TYR A 78 12.26 -0.71 -6.02
CA TYR A 78 10.93 -0.54 -5.45
C TYR A 78 10.71 -1.55 -4.34
N CYS A 79 9.68 -1.32 -3.55
CA CYS A 79 9.21 -2.28 -2.58
C CYS A 79 7.72 -2.48 -2.79
N LEU A 80 7.28 -3.71 -2.76
CA LEU A 80 5.88 -4.02 -2.94
C LEU A 80 5.28 -4.42 -1.60
N LEU A 81 4.21 -3.75 -1.23
CA LEU A 81 3.57 -4.01 0.05
C LEU A 81 2.08 -4.28 -0.15
N LEU A 82 1.52 -5.03 0.76
CA LEU A 82 0.11 -5.38 0.70
C LEU A 82 -0.58 -4.86 1.96
N ALA A 83 -1.38 -3.81 1.82
CA ALA A 83 -2.06 -3.22 2.97
C ALA A 83 -3.45 -3.81 3.15
N LEU A 84 -3.65 -4.40 4.31
CA LEU A 84 -4.93 -5.02 4.66
C LEU A 84 -5.51 -4.38 5.90
N PRO A 85 -6.83 -4.25 5.97
CA PRO A 85 -7.49 -3.68 7.15
C PRO A 85 -7.25 -4.53 8.40
N CYS A 86 -6.47 -3.99 9.32
CA CYS A 86 -6.15 -4.72 10.54
C CYS A 86 -7.09 -4.29 11.67
N GLY A 87 -7.89 -5.22 12.13
CA GLY A 87 -8.87 -4.90 13.13
C GLY A 87 -8.47 -5.34 14.52
N ARG A 88 -8.87 -4.54 15.50
CA ARG A 88 -8.64 -4.83 16.91
C ARG A 88 -9.49 -6.03 17.33
N ASP A 89 -10.50 -6.28 16.54
CA ASP A 89 -11.43 -7.38 16.75
C ASP A 89 -12.06 -7.70 15.40
N GLN A 90 -12.70 -8.85 15.27
CA GLN A 90 -13.35 -9.22 14.02
C GLN A 90 -14.37 -8.17 13.62
N GLU A 91 -15.03 -7.59 14.63
CA GLU A 91 -16.00 -6.54 14.39
C GLU A 91 -15.28 -5.28 13.91
N ASP A 92 -14.14 -4.99 14.53
CA ASP A 92 -13.31 -3.84 14.16
C ASP A 92 -12.83 -4.00 12.73
N VAL A 93 -12.44 -5.22 12.38
CA VAL A 93 -11.98 -5.54 11.02
C VAL A 93 -13.04 -5.17 10.00
N VAL A 94 -14.28 -5.53 10.31
CA VAL A 94 -15.39 -5.28 9.40
C VAL A 94 -15.56 -3.79 9.20
N SER A 95 -15.68 -3.10 10.31
CA SER A 95 -15.82 -1.67 10.34
C SER A 95 -14.68 -0.98 9.57
N GLN A 96 -13.44 -1.37 9.86
CA GLN A 96 -12.28 -0.77 9.21
C GLN A 96 -12.21 -1.15 7.73
N THR A 97 -12.64 -2.36 7.39
CA THR A 97 -12.68 -2.78 6.00
C THR A 97 -13.59 -1.87 5.20
N GLU A 98 -14.79 -1.62 5.73
CA GLU A 98 -15.74 -0.74 5.06
C GLU A 98 -15.22 0.67 4.98
N SER A 99 -14.68 1.15 6.08
CA SER A 99 -14.03 2.46 6.09
C SER A 99 -12.97 2.56 4.99
N LEU A 100 -12.19 1.51 4.84
CA LEU A 100 -11.18 1.45 3.79
C LEU A 100 -11.82 1.37 2.42
N LYS A 101 -12.84 0.54 2.30
CA LYS A 101 -13.59 0.39 1.05
C LYS A 101 -14.16 1.72 0.60
N ALA A 102 -14.98 2.31 1.46
CA ALA A 102 -15.66 3.56 1.14
C ALA A 102 -14.68 4.72 0.91
N ALA A 103 -13.57 4.74 1.64
CA ALA A 103 -12.69 5.89 1.62
C ALA A 103 -11.52 5.74 0.64
N PHE A 104 -10.85 4.61 0.67
CA PHE A 104 -9.65 4.42 -0.14
C PHE A 104 -9.95 3.63 -1.40
N ILE A 105 -10.62 2.50 -1.24
CA ILE A 105 -10.91 1.60 -2.35
C ILE A 105 -11.77 2.31 -3.38
N THR A 106 -12.87 2.90 -2.91
CA THR A 106 -13.77 3.65 -3.77
C THR A 106 -13.02 4.79 -4.46
N TYR A 107 -12.29 5.58 -3.68
CA TYR A 107 -11.55 6.72 -4.21
C TYR A 107 -10.53 6.29 -5.26
N LEU A 108 -9.60 5.41 -4.87
CA LEU A 108 -8.53 4.98 -5.76
C LEU A 108 -9.06 4.43 -7.07
N GLN A 109 -10.13 3.64 -7.00
CA GLN A 109 -10.66 3.00 -8.18
C GLN A 109 -11.49 3.98 -9.00
N ALA A 110 -12.24 4.85 -8.32
CA ALA A 110 -13.10 5.83 -9.00
C ALA A 110 -12.29 6.87 -9.74
N LYS A 111 -11.20 7.29 -9.13
CA LYS A 111 -10.31 8.27 -9.73
C LYS A 111 -9.36 7.58 -10.71
N GLN A 112 -9.29 6.26 -10.60
CA GLN A 112 -8.33 5.45 -11.37
C GLN A 112 -6.92 6.00 -11.19
N ALA A 113 -6.41 5.91 -9.98
CA ALA A 113 -5.11 6.50 -9.68
C ALA A 113 -4.35 5.68 -8.64
N ALA A 114 -3.20 6.21 -8.24
CA ALA A 114 -2.35 5.60 -7.22
C ALA A 114 -2.16 6.57 -6.06
N GLY A 115 -2.59 6.18 -4.87
CA GLY A 115 -2.47 7.05 -3.72
C GLY A 115 -1.03 7.33 -3.37
N ILE A 116 -0.55 8.50 -3.71
CA ILE A 116 0.84 8.84 -3.53
C ILE A 116 1.08 9.46 -2.17
N ILE A 117 1.94 8.82 -1.41
CA ILE A 117 2.33 9.32 -0.12
C ILE A 117 3.82 9.56 -0.08
N ASN A 118 4.21 10.83 -0.09
CA ASN A 118 5.63 11.18 -0.06
C ASN A 118 6.13 11.16 1.36
N VAL A 119 7.22 10.42 1.59
CA VAL A 119 7.80 10.33 2.92
C VAL A 119 9.26 10.78 2.89
N PRO A 120 9.74 11.37 3.98
CA PRO A 120 11.13 11.69 4.14
C PRO A 120 11.89 10.58 4.85
N ASN A 121 13.06 10.26 4.33
CA ASN A 121 13.89 9.19 4.87
C ASN A 121 14.44 9.59 6.25
N PRO A 122 13.99 8.92 7.32
CA PRO A 122 14.37 9.23 8.70
C PRO A 122 15.88 9.33 8.90
N GLY A 123 16.34 10.53 9.22
CA GLY A 123 17.75 10.77 9.42
C GLY A 123 18.34 11.59 8.28
N SER A 124 17.78 11.42 7.10
CA SER A 124 18.26 12.11 5.93
C SER A 124 17.34 13.28 5.57
N ASN A 125 16.09 13.20 6.04
CA ASN A 125 15.07 14.23 5.82
C ASN A 125 14.77 14.39 4.32
N GLN A 126 15.12 13.36 3.55
CA GLN A 126 14.91 13.39 2.10
C GLN A 126 13.56 12.81 1.74
N PRO A 127 12.64 13.65 1.23
CA PRO A 127 11.27 13.23 0.89
C PRO A 127 11.17 12.65 -0.51
N ALA A 128 12.28 12.14 -1.03
CA ALA A 128 12.32 11.57 -2.38
C ALA A 128 11.83 10.13 -2.36
N TYR A 129 10.68 9.90 -1.73
CA TYR A 129 10.08 8.58 -1.68
C TYR A 129 8.61 8.67 -2.01
N VAL A 130 8.17 7.77 -2.88
CA VAL A 130 6.79 7.72 -3.30
C VAL A 130 6.19 6.37 -2.96
N LEU A 131 5.20 6.37 -2.08
CA LEU A 131 4.41 5.19 -1.85
C LEU A 131 3.14 5.28 -2.67
N GLN A 132 3.03 4.42 -3.67
CA GLN A 132 1.88 4.41 -4.56
C GLN A 132 0.85 3.41 -4.09
N ILE A 133 -0.27 3.91 -3.63
CA ILE A 133 -1.35 3.06 -3.17
C ILE A 133 -2.29 2.73 -4.33
N PHE A 134 -2.11 1.55 -4.90
CA PHE A 134 -2.95 1.09 -5.99
C PHE A 134 -4.17 0.37 -5.44
N PRO A 135 -5.34 0.60 -6.04
CA PRO A 135 -6.58 -0.06 -5.64
C PRO A 135 -6.56 -1.56 -5.97
N PRO A 136 -7.58 -2.32 -5.52
CA PRO A 136 -7.70 -3.75 -5.84
C PRO A 136 -8.06 -3.99 -7.31
N CYS A 137 -7.50 -3.18 -8.19
CA CYS A 137 -7.76 -3.26 -9.61
C CYS A 137 -6.97 -4.40 -10.23
N GLU A 138 -7.38 -4.79 -11.45
CA GLU A 138 -6.74 -5.86 -12.20
C GLU A 138 -5.20 -5.75 -12.17
N PHE A 139 -4.69 -4.54 -12.29
CA PHE A 139 -3.24 -4.30 -12.25
C PHE A 139 -2.59 -4.92 -11.02
N SER A 140 -3.12 -4.62 -9.84
CA SER A 140 -2.49 -5.06 -8.61
C SER A 140 -2.60 -6.57 -8.43
N GLU A 141 -3.82 -7.09 -8.50
CA GLU A 141 -4.06 -8.52 -8.26
C GLU A 141 -3.27 -9.40 -9.24
N SER A 142 -3.17 -8.95 -10.48
CA SER A 142 -2.43 -9.69 -11.49
C SER A 142 -0.95 -9.78 -11.11
N HIS A 143 -0.36 -8.65 -10.78
CA HIS A 143 1.05 -8.62 -10.39
C HIS A 143 1.25 -9.33 -9.05
N LEU A 144 0.26 -9.25 -8.18
CA LEU A 144 0.29 -9.95 -6.91
C LEU A 144 0.31 -11.46 -7.12
N SER A 145 -0.45 -11.93 -8.09
CA SER A 145 -0.49 -13.34 -8.42
C SER A 145 0.85 -13.79 -9.00
N ARG A 146 1.55 -12.84 -9.61
CA ARG A 146 2.86 -13.10 -10.19
C ARG A 146 3.94 -13.09 -9.10
N LEU A 147 3.90 -12.07 -8.27
CA LEU A 147 4.96 -11.79 -7.31
C LEU A 147 4.79 -12.55 -5.99
N ALA A 148 3.55 -12.79 -5.59
CA ALA A 148 3.28 -13.41 -4.29
C ALA A 148 1.98 -14.22 -4.30
N PRO A 149 2.00 -15.39 -4.95
CA PRO A 149 0.82 -16.26 -5.04
C PRO A 149 0.45 -16.84 -3.67
N ASP A 150 1.39 -16.76 -2.73
CA ASP A 150 1.19 -17.30 -1.40
C ASP A 150 0.22 -16.44 -0.63
N LEU A 151 0.52 -15.15 -0.55
CA LEU A 151 -0.32 -14.22 0.15
C LEU A 151 -1.52 -13.85 -0.73
N LEU A 152 -1.32 -13.88 -2.05
CA LEU A 152 -2.38 -13.60 -3.01
C LEU A 152 -3.57 -14.51 -2.75
N ALA A 153 -3.29 -15.78 -2.50
CA ALA A 153 -4.33 -16.76 -2.27
C ALA A 153 -5.13 -16.43 -1.01
N SER A 154 -4.55 -15.65 -0.12
CA SER A 154 -5.20 -15.26 1.12
C SER A 154 -5.99 -13.96 0.92
N ILE A 155 -5.51 -13.10 0.04
CA ILE A 155 -6.13 -11.79 -0.14
C ILE A 155 -7.30 -11.86 -1.12
N SER A 156 -7.43 -12.98 -1.82
CA SER A 156 -8.57 -13.18 -2.71
C SER A 156 -9.88 -13.16 -1.91
N ASN A 157 -9.78 -13.42 -0.61
CA ASN A 157 -10.92 -13.31 0.29
C ASN A 157 -11.08 -11.88 0.76
N ILE A 158 -9.95 -11.22 1.01
CA ILE A 158 -9.96 -9.84 1.47
C ILE A 158 -9.55 -8.91 0.32
N SER A 159 -10.08 -9.23 -0.86
CA SER A 159 -9.96 -8.40 -2.07
C SER A 159 -10.02 -6.89 -1.79
N PRO A 160 -10.94 -6.39 -0.94
CA PRO A 160 -10.88 -5.00 -0.48
C PRO A 160 -9.57 -4.68 0.24
N HIS A 161 -8.57 -4.28 -0.54
CA HIS A 161 -7.23 -4.01 -0.01
C HIS A 161 -6.49 -3.07 -0.94
N LEU A 162 -5.28 -2.70 -0.54
CA LEU A 162 -4.46 -1.79 -1.33
C LEU A 162 -3.08 -2.38 -1.57
N MET A 163 -2.57 -2.20 -2.78
CA MET A 163 -1.22 -2.60 -3.10
C MET A 163 -0.32 -1.38 -3.10
N ILE A 164 0.54 -1.28 -2.12
CA ILE A 164 1.34 -0.09 -1.93
C ILE A 164 2.76 -0.29 -2.45
N VAL A 165 3.11 0.49 -3.46
CA VAL A 165 4.41 0.39 -4.12
C VAL A 165 5.34 1.51 -3.65
N ILE A 166 6.41 1.14 -2.99
CA ILE A 166 7.39 2.10 -2.54
C ILE A 166 8.46 2.27 -3.60
N ALA A 167 8.52 3.45 -4.20
CA ALA A 167 9.46 3.68 -5.28
C ALA A 167 10.50 4.73 -4.88
N SER A 168 11.76 4.37 -5.05
CA SER A 168 12.84 5.33 -4.89
C SER A 168 13.04 6.11 -6.18
N VAL A 169 13.21 7.42 -6.05
CA VAL A 169 13.48 8.26 -7.18
C VAL A 169 14.87 8.89 -7.03
N TYR B 1 2.51 13.54 -10.33
CA TYR B 1 1.63 12.70 -9.49
C TYR B 1 0.47 13.50 -8.91
N GLU B 2 -0.01 14.48 -9.67
CA GLU B 2 -1.16 15.29 -9.24
C GLU B 2 -0.93 15.87 -7.85
N THR B 3 -2.03 16.10 -7.15
CA THR B 3 -2.01 16.43 -5.74
C THR B 3 -3.34 15.98 -5.12
N LEU B 4 -3.29 15.04 -4.18
CA LEU B 4 -4.51 14.55 -3.56
C LEU B 4 -4.98 15.54 -2.53
N SEP B 5 -5.26 15.08 -1.32
CA SEP B 5 -6.05 15.88 -0.41
CB SEP B 5 -7.53 15.79 -0.84
OG SEP B 5 -7.60 16.26 -2.21
C SEP B 5 -5.81 15.40 1.01
O SEP B 5 -6.48 14.49 1.49
P SEP B 5 -9.11 16.21 -2.77
O1P SEP B 5 -9.99 17.06 -1.93
O2P SEP B 5 -9.12 16.74 -4.30
O3P SEP B 5 -9.65 14.70 -2.75
H SEP B 5 -4.90 14.20 -1.03
HA SEP B 5 -5.72 16.90 -0.50
HB2 SEP B 5 -7.86 14.76 -0.79
HB3 SEP B 5 -8.14 16.42 -0.22
N ASP B 6 -4.81 15.99 1.64
CA ASP B 6 -4.32 15.52 2.94
C ASP B 6 -4.25 16.66 3.94
N SEP B 7 -3.48 16.48 5.01
CA SEP B 7 -3.37 17.49 6.06
CB SEP B 7 -4.35 17.14 7.18
OG SEP B 7 -5.67 17.09 6.66
C SEP B 7 -1.94 17.56 6.60
O SEP B 7 -1.74 18.03 7.72
P SEP B 7 -6.66 16.73 7.88
O1P SEP B 7 -6.55 17.76 8.94
O2P SEP B 7 -8.17 16.65 7.35
O3P SEP B 7 -6.25 15.29 8.49
H SEP B 7 -2.97 15.65 5.09
HA SEP B 7 -3.63 18.44 5.63
HB2 SEP B 7 -4.09 16.19 7.61
HB3 SEP B 7 -4.30 17.92 7.94
N GLU B 8 -0.97 17.11 5.80
CA GLU B 8 0.43 17.08 6.21
C GLU B 8 0.66 16.11 7.36
N VAL A 1 -8.75 -15.35 6.49
CA VAL A 1 -7.47 -15.52 5.77
C VAL A 1 -6.40 -16.07 6.72
N ASP A 2 -5.50 -16.86 6.19
CA ASP A 2 -4.43 -17.45 7.00
C ASP A 2 -3.12 -16.75 6.70
N MET A 3 -2.62 -15.99 7.67
CA MET A 3 -1.36 -15.31 7.51
C MET A 3 -0.20 -16.25 7.81
N VAL A 4 -0.49 -17.27 8.62
CA VAL A 4 0.55 -18.17 9.11
C VAL A 4 1.24 -18.90 7.96
N GLN A 5 0.54 -19.03 6.84
CA GLN A 5 1.15 -19.57 5.63
C GLN A 5 1.97 -18.49 4.92
N LEU A 6 1.30 -17.41 4.51
CA LEU A 6 1.92 -16.37 3.72
C LEU A 6 3.07 -15.66 4.45
N LEU A 7 2.95 -15.43 5.76
CA LEU A 7 3.94 -14.62 6.46
C LEU A 7 5.28 -15.36 6.55
N LYS A 8 5.25 -16.68 6.32
CA LYS A 8 6.47 -17.46 6.32
C LYS A 8 7.24 -17.26 5.03
N LYS A 9 6.55 -16.71 4.03
CA LYS A 9 7.19 -16.35 2.79
C LYS A 9 7.45 -14.86 2.77
N TYR A 10 6.45 -14.11 3.22
CA TYR A 10 6.55 -12.67 3.26
C TYR A 10 5.67 -12.12 4.40
N PRO A 11 6.31 -11.72 5.51
CA PRO A 11 5.65 -11.23 6.72
C PRO A 11 5.31 -9.74 6.67
N ILE A 12 4.62 -9.27 7.70
CA ILE A 12 4.23 -7.86 7.81
C ILE A 12 5.43 -6.98 8.07
N VAL A 13 5.47 -5.82 7.41
CA VAL A 13 6.55 -4.87 7.57
C VAL A 13 6.12 -3.64 8.39
N TRP A 14 4.81 -3.35 8.34
CA TRP A 14 4.26 -2.18 9.02
C TRP A 14 2.80 -2.42 9.36
N GLN A 15 2.36 -1.89 10.47
CA GLN A 15 0.98 -2.00 10.87
C GLN A 15 0.52 -0.70 11.52
N GLY A 16 -0.47 -0.09 10.93
CA GLY A 16 -0.97 1.18 11.45
C GLY A 16 -2.25 1.57 10.75
N LEU A 17 -2.29 2.79 10.23
CA LEU A 17 -3.46 3.26 9.53
C LEU A 17 -3.07 4.07 8.30
N LEU A 18 -3.94 4.05 7.32
CA LEU A 18 -3.84 4.95 6.18
C LEU A 18 -4.91 6.02 6.35
N ALA A 19 -4.63 7.23 5.91
CA ALA A 19 -5.58 8.33 6.11
C ALA A 19 -5.62 9.26 4.90
N LEU A 20 -6.80 9.44 4.32
CA LEU A 20 -6.96 10.42 3.26
C LEU A 20 -8.28 11.17 3.45
N LYS A 21 -8.31 12.44 3.08
CA LYS A 21 -9.44 13.34 3.36
C LYS A 21 -9.68 13.44 4.85
N ASN A 22 -10.57 12.58 5.35
CA ASN A 22 -10.92 12.55 6.75
C ASN A 22 -11.13 11.11 7.20
N ASP A 23 -10.87 10.16 6.32
CA ASP A 23 -11.12 8.76 6.64
C ASP A 23 -9.83 8.03 6.96
N THR A 24 -9.87 7.23 8.03
CA THR A 24 -8.74 6.44 8.45
C THR A 24 -9.05 4.94 8.34
N ALA A 25 -8.14 4.19 7.74
CA ALA A 25 -8.28 2.75 7.65
C ALA A 25 -7.05 2.09 8.23
N ALA A 26 -7.24 1.39 9.35
CA ALA A 26 -6.14 0.67 9.97
C ALA A 26 -5.77 -0.52 9.12
N VAL A 27 -4.52 -0.56 8.68
CA VAL A 27 -4.07 -1.60 7.79
C VAL A 27 -2.75 -2.21 8.24
N GLN A 28 -2.60 -3.49 7.95
CA GLN A 28 -1.36 -4.20 8.17
C GLN A 28 -0.71 -4.48 6.81
N LEU A 29 0.52 -4.05 6.67
CA LEU A 29 1.22 -4.17 5.42
C LEU A 29 2.05 -5.43 5.35
N HIS A 30 1.60 -6.36 4.54
CA HIS A 30 2.31 -7.59 4.32
C HIS A 30 3.34 -7.37 3.24
N PHE A 31 4.55 -7.89 3.44
CA PHE A 31 5.57 -7.82 2.41
C PHE A 31 5.14 -8.69 1.24
N VAL A 32 5.35 -8.20 0.03
CA VAL A 32 5.06 -8.98 -1.15
C VAL A 32 6.34 -9.28 -1.92
N SER A 33 7.04 -8.21 -2.29
CA SER A 33 8.19 -8.28 -3.17
C SER A 33 9.00 -6.99 -3.07
N GLY A 34 10.16 -6.93 -3.71
CA GLY A 34 10.96 -5.71 -3.69
C GLY A 34 11.93 -5.68 -2.54
N ASN A 35 12.47 -4.50 -2.27
CA ASN A 35 13.44 -4.35 -1.18
C ASN A 35 12.74 -3.96 0.11
N ASN A 36 12.68 -4.90 1.05
CA ASN A 36 11.97 -4.69 2.31
C ASN A 36 12.59 -3.54 3.10
N VAL A 37 13.87 -3.26 2.85
CA VAL A 37 14.56 -2.16 3.51
C VAL A 37 13.90 -0.82 3.15
N LEU A 38 13.38 -0.74 1.93
CA LEU A 38 12.67 0.45 1.48
C LEU A 38 11.47 0.71 2.36
N ALA A 39 10.77 -0.35 2.75
CA ALA A 39 9.58 -0.21 3.57
C ALA A 39 9.95 0.29 4.96
N HIS A 40 11.03 -0.23 5.51
CA HIS A 40 11.50 0.19 6.82
C HIS A 40 11.80 1.68 6.85
N ARG A 41 12.43 2.16 5.77
CA ARG A 41 12.87 3.55 5.73
C ARG A 41 11.80 4.50 5.16
N SER A 42 10.71 3.93 4.66
CA SER A 42 9.63 4.75 4.12
C SER A 42 8.44 4.79 5.09
N LEU A 43 8.14 3.65 5.67
CA LEU A 43 7.01 3.52 6.57
C LEU A 43 7.42 4.03 7.95
N PRO A 44 6.80 5.13 8.39
CA PRO A 44 7.14 5.77 9.65
C PRO A 44 6.54 5.04 10.84
N LEU A 45 7.37 4.86 11.85
CA LEU A 45 6.98 4.11 13.03
C LEU A 45 7.91 4.42 14.20
N SER A 46 7.69 3.75 15.33
CA SER A 46 8.48 3.94 16.56
C SER A 46 8.16 5.26 17.23
N GLU A 47 7.83 6.28 16.45
CA GLU A 47 7.45 7.57 17.00
C GLU A 47 5.97 7.83 16.79
N GLY A 48 5.18 7.50 17.80
CA GLY A 48 3.75 7.73 17.75
C GLY A 48 3.01 6.69 16.92
N GLY A 49 3.55 6.39 15.75
CA GLY A 49 2.90 5.49 14.83
C GLY A 49 1.91 6.23 13.95
N PRO A 50 2.40 7.12 13.08
CA PRO A 50 1.54 8.00 12.29
C PRO A 50 0.90 7.31 11.10
N PRO A 51 -0.36 7.64 10.81
CA PRO A 51 -1.08 7.10 9.67
C PRO A 51 -0.56 7.68 8.36
N LEU A 52 -0.36 6.82 7.37
CA LEU A 52 0.11 7.26 6.07
C LEU A 52 -0.98 8.06 5.35
N ARG A 53 -0.74 9.35 5.18
CA ARG A 53 -1.73 10.23 4.58
C ARG A 53 -1.47 10.38 3.08
N ILE A 54 -2.54 10.36 2.30
CA ILE A 54 -2.42 10.39 0.85
C ILE A 54 -2.43 11.83 0.32
N ALA A 55 -1.26 12.27 -0.12
CA ALA A 55 -1.04 13.66 -0.51
C ALA A 55 -0.93 13.80 -2.02
N GLN A 56 -0.91 12.69 -2.75
CA GLN A 56 -0.81 12.72 -4.20
C GLN A 56 -1.49 11.50 -4.81
N ARG A 57 -1.54 11.46 -6.15
CA ARG A 57 -2.17 10.36 -6.88
C ARG A 57 -1.49 10.15 -8.23
N MET A 58 -1.29 8.89 -8.60
CA MET A 58 -0.73 8.56 -9.91
C MET A 58 -1.80 7.93 -10.79
N ARG A 59 -2.26 8.66 -11.78
CA ARG A 59 -3.26 8.13 -12.69
C ARG A 59 -2.73 6.90 -13.41
N LEU A 60 -3.27 5.73 -13.09
CA LEU A 60 -2.77 4.50 -13.65
C LEU A 60 -3.25 4.36 -15.10
N GLU A 61 -2.39 4.74 -16.01
CA GLU A 61 -2.65 4.64 -17.43
C GLU A 61 -1.84 3.51 -18.03
N ALA A 62 -2.14 3.15 -19.26
CA ALA A 62 -1.40 2.09 -19.96
C ALA A 62 0.09 2.40 -19.96
N THR A 63 0.43 3.62 -20.38
CA THR A 63 1.82 4.07 -20.41
C THR A 63 2.43 4.07 -19.00
N GLN A 64 1.64 4.49 -18.03
CA GLN A 64 2.11 4.59 -16.65
C GLN A 64 2.40 3.21 -16.08
N LEU A 65 1.51 2.26 -16.34
CA LEU A 65 1.66 0.90 -15.84
C LEU A 65 2.96 0.27 -16.35
N GLU A 66 3.32 0.61 -17.58
CA GLU A 66 4.59 0.18 -18.16
C GLU A 66 5.75 0.69 -17.31
N GLY A 67 5.68 1.97 -16.96
CA GLY A 67 6.68 2.58 -16.10
C GLY A 67 6.71 1.95 -14.72
N VAL A 68 5.54 1.62 -14.19
CA VAL A 68 5.43 0.96 -12.90
C VAL A 68 6.12 -0.41 -12.95
N ALA A 69 5.73 -1.24 -13.91
CA ALA A 69 6.29 -2.57 -14.05
C ALA A 69 7.80 -2.51 -14.32
N ARG A 70 8.22 -1.42 -14.97
CA ARG A 70 9.62 -1.20 -15.30
C ARG A 70 10.47 -1.16 -14.02
N ARG A 71 9.97 -0.48 -12.99
CA ARG A 71 10.68 -0.38 -11.72
C ARG A 71 10.35 -1.56 -10.81
N MET A 72 9.34 -2.34 -11.19
CA MET A 72 8.91 -3.49 -10.38
C MET A 72 9.73 -4.72 -10.69
N THR A 73 10.40 -4.72 -11.83
CA THR A 73 11.19 -5.87 -12.24
C THR A 73 12.57 -5.81 -11.58
N VAL A 74 12.86 -4.71 -10.91
CA VAL A 74 14.13 -4.56 -10.21
C VAL A 74 13.89 -4.39 -8.71
N GLU A 75 13.93 -5.50 -7.99
CA GLU A 75 13.73 -5.45 -6.56
C GLU A 75 14.97 -4.88 -5.89
N THR A 76 14.81 -3.64 -5.40
CA THR A 76 15.87 -2.81 -4.84
C THR A 76 15.45 -1.35 -5.00
N ASP A 77 14.88 -1.06 -6.16
CA ASP A 77 14.46 0.30 -6.50
C ASP A 77 13.06 0.56 -5.99
N TYR A 78 12.29 -0.52 -5.87
CA TYR A 78 10.95 -0.44 -5.35
C TYR A 78 10.74 -1.51 -4.29
N CYS A 79 9.69 -1.33 -3.51
CA CYS A 79 9.23 -2.35 -2.59
C CYS A 79 7.75 -2.56 -2.83
N LEU A 80 7.34 -3.80 -2.84
CA LEU A 80 5.95 -4.13 -3.06
C LEU A 80 5.33 -4.56 -1.74
N LEU A 81 4.22 -3.91 -1.39
CA LEU A 81 3.55 -4.19 -0.14
C LEU A 81 2.08 -4.48 -0.36
N LEU A 82 1.51 -5.24 0.56
CA LEU A 82 0.10 -5.56 0.49
C LEU A 82 -0.59 -5.03 1.75
N ALA A 83 -1.39 -3.98 1.60
CA ALA A 83 -2.06 -3.40 2.76
C ALA A 83 -3.45 -3.99 2.91
N LEU A 84 -3.67 -4.61 4.06
CA LEU A 84 -4.95 -5.23 4.39
C LEU A 84 -5.50 -4.64 5.67
N PRO A 85 -6.82 -4.51 5.79
CA PRO A 85 -7.46 -3.96 7.00
C PRO A 85 -7.12 -4.78 8.25
N CYS A 86 -6.61 -4.09 9.28
CA CYS A 86 -6.29 -4.75 10.53
C CYS A 86 -7.12 -4.14 11.65
N GLY A 87 -7.97 -4.95 12.25
CA GLY A 87 -8.83 -4.47 13.31
C GLY A 87 -8.33 -4.89 14.67
N ARG A 88 -8.55 -4.03 15.65
CA ARG A 88 -8.22 -4.35 17.04
C ARG A 88 -8.99 -5.56 17.48
N ASP A 89 -10.28 -5.55 17.17
CA ASP A 89 -11.16 -6.63 17.54
C ASP A 89 -11.97 -7.02 16.32
N GLN A 90 -12.80 -8.04 16.45
CA GLN A 90 -13.65 -8.47 15.35
C GLN A 90 -14.49 -7.32 14.82
N GLU A 91 -15.05 -6.54 15.75
CA GLU A 91 -15.85 -5.38 15.40
C GLU A 91 -15.00 -4.38 14.63
N ASP A 92 -13.80 -4.11 15.13
CA ASP A 92 -12.90 -3.14 14.52
C ASP A 92 -12.51 -3.58 13.13
N VAL A 93 -12.25 -4.86 12.98
CA VAL A 93 -11.87 -5.44 11.68
C VAL A 93 -12.92 -5.09 10.63
N VAL A 94 -14.18 -5.29 10.99
CA VAL A 94 -15.29 -4.95 10.10
C VAL A 94 -15.28 -3.47 9.76
N SER A 95 -15.11 -2.65 10.80
CA SER A 95 -15.10 -1.21 10.67
C SER A 95 -13.94 -0.74 9.80
N GLN A 96 -12.74 -1.29 10.02
CA GLN A 96 -11.57 -0.91 9.25
C GLN A 96 -11.76 -1.29 7.79
N THR A 97 -12.30 -2.48 7.57
CA THR A 97 -12.53 -2.97 6.22
C THR A 97 -13.46 -2.03 5.45
N GLU A 98 -14.62 -1.74 6.03
CA GLU A 98 -15.61 -0.90 5.35
C GLU A 98 -15.11 0.53 5.16
N SER A 99 -14.33 1.03 6.12
CA SER A 99 -13.75 2.36 6.02
C SER A 99 -12.75 2.39 4.87
N LEU A 100 -11.92 1.36 4.79
CA LEU A 100 -10.94 1.25 3.72
C LEU A 100 -11.63 1.15 2.37
N LYS A 101 -12.67 0.34 2.31
CA LYS A 101 -13.45 0.17 1.09
C LYS A 101 -14.01 1.51 0.63
N ALA A 102 -14.77 2.14 1.51
CA ALA A 102 -15.46 3.38 1.18
C ALA A 102 -14.51 4.54 0.92
N ALA A 103 -13.38 4.57 1.63
CA ALA A 103 -12.49 5.73 1.58
C ALA A 103 -11.37 5.56 0.57
N PHE A 104 -10.71 4.42 0.59
CA PHE A 104 -9.53 4.21 -0.25
C PHE A 104 -9.87 3.44 -1.50
N ILE A 105 -10.56 2.32 -1.33
CA ILE A 105 -10.90 1.44 -2.46
C ILE A 105 -11.80 2.16 -3.45
N THR A 106 -12.90 2.73 -2.97
CA THR A 106 -13.82 3.47 -3.80
C THR A 106 -13.12 4.65 -4.49
N TYR A 107 -12.33 5.38 -3.71
CA TYR A 107 -11.63 6.56 -4.22
C TYR A 107 -10.57 6.18 -5.26
N LEU A 108 -9.63 5.31 -4.89
CA LEU A 108 -8.53 4.94 -5.76
C LEU A 108 -9.02 4.43 -7.11
N GLN A 109 -10.03 3.58 -7.07
CA GLN A 109 -10.52 2.97 -8.29
C GLN A 109 -11.31 3.97 -9.13
N ALA A 110 -12.02 4.88 -8.46
CA ALA A 110 -12.81 5.89 -9.14
C ALA A 110 -11.90 6.90 -9.84
N LYS A 111 -10.79 7.23 -9.18
CA LYS A 111 -9.82 8.14 -9.75
C LYS A 111 -8.97 7.44 -10.79
N GLN A 112 -8.96 6.10 -10.74
CA GLN A 112 -8.03 5.30 -11.51
C GLN A 112 -6.61 5.81 -11.29
N ALA A 113 -6.22 5.90 -10.03
CA ALA A 113 -4.95 6.51 -9.66
C ALA A 113 -4.22 5.69 -8.61
N ALA A 114 -3.10 6.24 -8.15
CA ALA A 114 -2.28 5.62 -7.10
C ALA A 114 -2.17 6.57 -5.93
N GLY A 115 -2.60 6.13 -4.76
CA GLY A 115 -2.48 6.95 -3.58
C GLY A 115 -1.03 7.20 -3.23
N ILE A 116 -0.54 8.38 -3.56
CA ILE A 116 0.86 8.70 -3.40
C ILE A 116 1.12 9.31 -2.02
N ILE A 117 2.04 8.72 -1.31
CA ILE A 117 2.43 9.21 0.00
C ILE A 117 3.94 9.45 0.01
N ASN A 118 4.32 10.71 0.21
CA ASN A 118 5.72 11.11 0.18
C ASN A 118 6.41 10.87 1.51
N VAL A 119 7.66 10.44 1.44
CA VAL A 119 8.45 10.19 2.64
C VAL A 119 9.86 10.73 2.46
N PRO A 120 10.33 11.58 3.38
CA PRO A 120 11.69 12.07 3.39
C PRO A 120 12.60 11.21 4.27
N ASN A 121 13.85 11.06 3.85
CA ASN A 121 14.86 10.39 4.66
C ASN A 121 15.98 11.39 4.99
N PRO A 122 15.70 12.30 5.94
CA PRO A 122 16.58 13.45 6.24
C PRO A 122 18.03 13.05 6.47
N GLY A 123 18.91 13.57 5.62
CA GLY A 123 20.33 13.33 5.76
C GLY A 123 20.85 12.32 4.76
N SER A 124 20.11 11.25 4.58
CA SER A 124 20.55 10.16 3.72
C SER A 124 19.92 10.25 2.34
N ASN A 125 18.70 10.77 2.27
CA ASN A 125 17.97 10.88 1.03
C ASN A 125 17.03 12.08 1.08
N GLN A 126 16.22 12.25 0.06
CA GLN A 126 15.27 13.35 -0.01
C GLN A 126 13.85 12.83 0.22
N PRO A 127 12.82 13.70 0.16
CA PRO A 127 11.40 13.28 0.18
C PRO A 127 11.01 12.55 -1.11
N ALA A 128 12.00 11.95 -1.76
CA ALA A 128 11.82 11.33 -3.06
C ALA A 128 11.20 9.94 -2.94
N TYR A 129 10.70 9.61 -1.75
CA TYR A 129 10.05 8.34 -1.55
C TYR A 129 8.58 8.48 -1.85
N VAL A 130 8.09 7.53 -2.62
CA VAL A 130 6.73 7.53 -3.06
C VAL A 130 6.11 6.18 -2.82
N LEU A 131 5.15 6.15 -1.92
CA LEU A 131 4.34 4.96 -1.74
C LEU A 131 3.11 5.07 -2.60
N GLN A 132 3.04 4.23 -3.62
CA GLN A 132 1.95 4.24 -4.57
C GLN A 132 0.89 3.26 -4.15
N ILE A 133 -0.25 3.77 -3.73
CA ILE A 133 -1.35 2.93 -3.29
C ILE A 133 -2.30 2.68 -4.44
N PHE A 134 -2.14 1.53 -5.08
CA PHE A 134 -3.00 1.15 -6.19
C PHE A 134 -4.23 0.41 -5.65
N PRO A 135 -5.39 0.63 -6.28
CA PRO A 135 -6.64 -0.05 -5.90
C PRO A 135 -6.56 -1.55 -6.21
N PRO A 136 -7.55 -2.34 -5.75
CA PRO A 136 -7.59 -3.79 -6.01
C PRO A 136 -7.96 -4.12 -7.46
N CYS A 137 -7.38 -3.37 -8.39
CA CYS A 137 -7.65 -3.54 -9.81
C CYS A 137 -6.92 -4.77 -10.35
N GLU A 138 -7.37 -5.26 -11.50
CA GLU A 138 -6.79 -6.42 -12.15
C GLU A 138 -5.26 -6.30 -12.22
N PHE A 139 -4.78 -5.12 -12.60
CA PHE A 139 -3.34 -4.83 -12.67
C PHE A 139 -2.63 -5.25 -11.38
N SER A 140 -3.18 -4.83 -10.26
CA SER A 140 -2.58 -5.10 -8.95
C SER A 140 -2.55 -6.60 -8.68
N GLU A 141 -3.72 -7.23 -8.76
CA GLU A 141 -3.87 -8.64 -8.42
C GLU A 141 -3.03 -9.52 -9.34
N SER A 142 -2.91 -9.09 -10.59
CA SER A 142 -2.15 -9.84 -11.59
C SER A 142 -0.68 -9.95 -11.18
N HIS A 143 -0.09 -8.82 -10.84
CA HIS A 143 1.30 -8.80 -10.40
C HIS A 143 1.45 -9.56 -9.09
N LEU A 144 0.44 -9.45 -8.24
CA LEU A 144 0.43 -10.16 -6.97
C LEU A 144 0.41 -11.66 -7.18
N SER A 145 -0.34 -12.10 -8.18
CA SER A 145 -0.42 -13.52 -8.53
C SER A 145 0.95 -14.06 -8.91
N ARG A 146 1.73 -13.22 -9.59
CA ARG A 146 3.06 -13.60 -10.04
C ARG A 146 4.10 -13.40 -8.95
N LEU A 147 3.97 -12.33 -8.18
CA LEU A 147 4.99 -11.94 -7.22
C LEU A 147 4.82 -12.62 -5.86
N ALA A 148 3.58 -12.91 -5.47
CA ALA A 148 3.33 -13.56 -4.17
C ALA A 148 2.03 -14.34 -4.18
N PRO A 149 2.09 -15.61 -4.60
CA PRO A 149 0.89 -16.45 -4.75
C PRO A 149 0.31 -16.94 -3.41
N ASP A 150 1.13 -16.97 -2.35
CA ASP A 150 0.67 -17.51 -1.07
C ASP A 150 -0.29 -16.54 -0.42
N LEU A 151 0.16 -15.30 -0.27
CA LEU A 151 -0.66 -14.27 0.33
C LEU A 151 -1.78 -13.90 -0.66
N LEU A 152 -1.51 -14.11 -1.94
CA LEU A 152 -2.50 -13.91 -2.99
C LEU A 152 -3.79 -14.67 -2.69
N ALA A 153 -3.65 -15.95 -2.37
CA ALA A 153 -4.81 -16.80 -2.09
C ALA A 153 -5.62 -16.23 -0.94
N SER A 154 -4.96 -15.50 -0.07
CA SER A 154 -5.61 -14.87 1.06
C SER A 154 -6.34 -13.60 0.61
N ILE A 155 -5.67 -12.80 -0.21
CA ILE A 155 -6.23 -11.52 -0.62
C ILE A 155 -7.34 -11.69 -1.63
N SER A 156 -7.37 -12.84 -2.29
CA SER A 156 -8.45 -13.16 -3.21
C SER A 156 -9.80 -13.12 -2.48
N ASN A 157 -9.78 -13.39 -1.17
CA ASN A 157 -10.98 -13.29 -0.35
C ASN A 157 -11.13 -11.88 0.20
N ILE A 158 -10.02 -11.23 0.50
CA ILE A 158 -10.05 -9.87 1.03
C ILE A 158 -9.64 -8.89 -0.07
N SER A 159 -10.18 -9.15 -1.25
CA SER A 159 -10.08 -8.29 -2.42
C SER A 159 -10.21 -6.78 -2.11
N PRO A 160 -11.08 -6.34 -1.16
CA PRO A 160 -11.05 -4.95 -0.70
C PRO A 160 -9.72 -4.63 0.00
N HIS A 161 -8.69 -4.39 -0.80
CA HIS A 161 -7.36 -4.13 -0.29
C HIS A 161 -6.62 -3.18 -1.21
N LEU A 162 -5.43 -2.79 -0.82
CA LEU A 162 -4.61 -1.91 -1.62
C LEU A 162 -3.27 -2.57 -1.94
N MET A 163 -2.68 -2.18 -3.06
CA MET A 163 -1.36 -2.66 -3.42
C MET A 163 -0.41 -1.49 -3.44
N ILE A 164 0.54 -1.49 -2.53
CA ILE A 164 1.38 -0.32 -2.30
C ILE A 164 2.80 -0.54 -2.82
N VAL A 165 3.21 0.36 -3.70
CA VAL A 165 4.53 0.31 -4.31
C VAL A 165 5.42 1.43 -3.77
N ILE A 166 6.44 1.05 -3.02
CA ILE A 166 7.40 2.01 -2.49
C ILE A 166 8.54 2.20 -3.46
N ALA A 167 8.64 3.37 -4.05
CA ALA A 167 9.69 3.62 -5.03
C ALA A 167 10.47 4.88 -4.69
N SER A 168 11.77 4.85 -4.95
CA SER A 168 12.58 6.04 -4.85
C SER A 168 12.69 6.71 -6.23
N VAL A 169 12.01 7.83 -6.41
CA VAL A 169 12.01 8.54 -7.69
C VAL A 169 11.99 10.05 -7.46
N TYR B 1 2.40 13.76 -10.10
CA TYR B 1 1.53 12.90 -9.27
C TYR B 1 0.42 13.69 -8.61
N GLU B 2 0.01 14.81 -9.21
CA GLU B 2 -1.07 15.63 -8.65
C GLU B 2 -0.75 16.07 -7.22
N THR B 3 -1.79 16.46 -6.51
CA THR B 3 -1.76 16.65 -5.07
C THR B 3 -3.13 16.27 -4.51
N LEU B 4 -3.19 15.22 -3.69
CA LEU B 4 -4.48 14.78 -3.19
C LEU B 4 -4.97 15.67 -2.07
N SEP B 5 -5.33 15.10 -0.93
CA SEP B 5 -6.25 15.78 -0.04
CB SEP B 5 -7.67 15.65 -0.64
OG SEP B 5 -7.63 16.19 -1.98
C SEP B 5 -6.21 15.23 1.38
O SEP B 5 -6.85 14.22 1.66
P SEP B 5 -9.09 16.08 -2.66
O1P SEP B 5 -10.08 16.83 -1.87
O2P SEP B 5 -9.00 16.68 -4.16
O3P SEP B 5 -9.54 14.53 -2.74
H SEP B 5 -4.94 14.23 -0.66
HA SEP B 5 -5.98 16.83 -0.02
HB2 SEP B 5 -7.96 14.61 -0.67
HB3 SEP B 5 -8.36 16.22 -0.05
N ASP B 6 -5.41 15.86 2.23
CA ASP B 6 -5.35 15.51 3.64
C ASP B 6 -4.61 16.59 4.40
N SEP B 7 -3.29 16.61 4.25
CA SEP B 7 -2.47 17.63 4.89
CB SEP B 7 -2.01 17.18 6.28
OG SEP B 7 -3.14 16.90 7.11
C SEP B 7 -1.25 17.91 4.03
O SEP B 7 -1.26 18.84 3.20
P SEP B 7 -2.57 16.45 8.54
O1P SEP B 7 -1.75 17.54 9.12
O2P SEP B 7 -3.79 16.11 9.54
O3P SEP B 7 -1.65 15.14 8.36
H SEP B 7 -2.86 15.92 3.71
HA SEP B 7 -3.06 18.53 4.98
HB2 SEP B 7 -1.41 16.29 6.19
HB3 SEP B 7 -1.43 17.97 6.74
N GLU B 8 -0.23 17.09 4.19
CA GLU B 8 1.05 17.24 3.48
C GLU B 8 1.75 15.89 3.45
N VAL A 1 -8.52 -16.13 5.77
CA VAL A 1 -7.22 -15.47 5.51
C VAL A 1 -6.16 -15.99 6.47
N ASP A 2 -5.28 -16.85 5.97
CA ASP A 2 -4.21 -17.42 6.80
C ASP A 2 -2.88 -16.77 6.45
N MET A 3 -2.33 -16.03 7.40
CA MET A 3 -1.07 -15.33 7.20
C MET A 3 0.11 -16.28 7.40
N VAL A 4 -0.14 -17.37 8.12
CA VAL A 4 0.91 -18.31 8.50
C VAL A 4 1.52 -18.97 7.26
N GLN A 5 0.76 -19.04 6.19
CA GLN A 5 1.29 -19.53 4.93
C GLN A 5 2.18 -18.49 4.24
N LEU A 6 1.61 -17.31 4.02
CA LEU A 6 2.26 -16.30 3.21
C LEU A 6 3.47 -15.68 3.90
N LEU A 7 3.46 -15.57 5.23
CA LEU A 7 4.57 -14.90 5.92
C LEU A 7 5.82 -15.78 5.85
N LYS A 8 5.62 -17.05 5.51
CA LYS A 8 6.70 -17.98 5.33
C LYS A 8 7.56 -17.55 4.14
N LYS A 9 6.95 -16.82 3.23
CA LYS A 9 7.64 -16.25 2.10
C LYS A 9 7.86 -14.75 2.28
N TYR A 10 6.82 -14.07 2.77
CA TYR A 10 6.87 -12.63 2.97
C TYR A 10 5.98 -12.19 4.14
N PRO A 11 6.60 -11.80 5.25
CA PRO A 11 5.92 -11.36 6.49
C PRO A 11 5.53 -9.88 6.47
N ILE A 12 4.81 -9.46 7.51
CA ILE A 12 4.34 -8.09 7.65
C ILE A 12 5.48 -7.14 7.97
N VAL A 13 5.53 -6.01 7.28
CA VAL A 13 6.59 -5.03 7.48
C VAL A 13 6.12 -3.85 8.35
N TRP A 14 4.84 -3.52 8.24
CA TRP A 14 4.28 -2.39 8.97
C TRP A 14 2.82 -2.64 9.32
N GLN A 15 2.37 -2.03 10.39
CA GLN A 15 0.98 -2.09 10.78
C GLN A 15 0.59 -0.75 11.41
N GLY A 16 -0.35 -0.07 10.79
CA GLY A 16 -0.74 1.25 11.24
C GLY A 16 -2.02 1.70 10.58
N LEU A 17 -2.06 2.93 10.11
CA LEU A 17 -3.24 3.44 9.44
C LEU A 17 -2.88 4.29 8.24
N LEU A 18 -3.78 4.30 7.26
CA LEU A 18 -3.69 5.21 6.14
C LEU A 18 -4.72 6.32 6.33
N ALA A 19 -4.46 7.50 5.78
CA ALA A 19 -5.38 8.61 5.93
C ALA A 19 -5.40 9.50 4.69
N LEU A 20 -6.58 9.72 4.13
CA LEU A 20 -6.71 10.65 3.01
C LEU A 20 -7.97 11.49 3.21
N LYS A 21 -7.90 12.77 2.84
CA LYS A 21 -8.94 13.74 3.17
C LYS A 21 -9.15 13.80 4.67
N ASN A 22 -10.10 13.02 5.16
CA ASN A 22 -10.38 12.92 6.59
C ASN A 22 -10.68 11.47 6.94
N ASP A 23 -10.48 10.59 5.96
CA ASP A 23 -10.84 9.18 6.10
C ASP A 23 -9.62 8.39 6.54
N THR A 24 -9.83 7.37 7.37
CA THR A 24 -8.75 6.58 7.90
C THR A 24 -9.03 5.09 7.78
N ALA A 25 -7.98 4.32 7.52
CA ALA A 25 -8.09 2.87 7.47
C ALA A 25 -6.87 2.24 8.12
N ALA A 26 -7.09 1.57 9.24
CA ALA A 26 -6.00 0.89 9.92
C ALA A 26 -5.62 -0.35 9.13
N VAL A 27 -4.43 -0.35 8.57
CA VAL A 27 -4.00 -1.41 7.69
C VAL A 27 -2.69 -2.05 8.13
N GLN A 28 -2.58 -3.33 7.86
CA GLN A 28 -1.36 -4.08 8.07
C GLN A 28 -0.73 -4.34 6.71
N LEU A 29 0.56 -4.09 6.61
CA LEU A 29 1.26 -4.20 5.35
C LEU A 29 2.11 -5.44 5.29
N HIS A 30 1.68 -6.39 4.47
CA HIS A 30 2.43 -7.60 4.24
C HIS A 30 3.45 -7.33 3.17
N PHE A 31 4.66 -7.83 3.34
CA PHE A 31 5.67 -7.73 2.30
C PHE A 31 5.24 -8.58 1.12
N VAL A 32 5.41 -8.07 -0.08
CA VAL A 32 5.07 -8.84 -1.28
C VAL A 32 6.31 -9.15 -2.10
N SER A 33 7.01 -8.08 -2.49
CA SER A 33 8.13 -8.20 -3.40
C SER A 33 9.01 -6.95 -3.29
N GLY A 34 10.16 -6.97 -3.92
CA GLY A 34 11.04 -5.80 -3.90
C GLY A 34 11.98 -5.81 -2.71
N ASN A 35 12.33 -4.63 -2.23
CA ASN A 35 13.25 -4.49 -1.12
C ASN A 35 12.53 -4.06 0.15
N ASN A 36 12.56 -4.92 1.17
CA ASN A 36 11.85 -4.66 2.42
C ASN A 36 12.48 -3.51 3.19
N VAL A 37 13.75 -3.24 2.92
CA VAL A 37 14.45 -2.12 3.54
C VAL A 37 13.77 -0.81 3.19
N LEU A 38 13.26 -0.73 1.97
CA LEU A 38 12.55 0.46 1.51
C LEU A 38 11.34 0.74 2.38
N ALA A 39 10.67 -0.32 2.82
CA ALA A 39 9.48 -0.16 3.65
C ALA A 39 9.87 0.34 5.03
N HIS A 40 10.96 -0.18 5.57
CA HIS A 40 11.41 0.20 6.91
C HIS A 40 11.71 1.70 6.99
N ARG A 41 12.25 2.24 5.91
CA ARG A 41 12.63 3.66 5.88
C ARG A 41 11.48 4.55 5.40
N SER A 42 10.57 4.01 4.60
CA SER A 42 9.47 4.81 4.07
C SER A 42 8.29 4.82 5.04
N LEU A 43 8.04 3.70 5.66
CA LEU A 43 6.95 3.59 6.61
C LEU A 43 7.39 4.13 7.96
N PRO A 44 6.66 5.12 8.49
CA PRO A 44 7.01 5.74 9.75
C PRO A 44 6.74 4.82 10.91
N LEU A 45 7.79 4.52 11.64
CA LEU A 45 7.73 3.53 12.70
C LEU A 45 8.83 3.75 13.72
N SER A 46 8.88 2.86 14.72
CA SER A 46 9.88 2.90 15.79
C SER A 46 9.66 4.07 16.75
N GLU A 47 8.64 4.86 16.51
CA GLU A 47 8.29 5.99 17.38
C GLU A 47 6.97 6.62 16.95
N GLY A 48 5.90 6.23 17.64
CA GLY A 48 4.59 6.76 17.33
C GLY A 48 3.92 6.02 16.19
N GLY A 49 4.54 6.06 15.02
CA GLY A 49 3.99 5.41 13.85
C GLY A 49 2.78 6.15 13.30
N PRO A 50 2.98 7.36 12.75
CA PRO A 50 1.90 8.19 12.22
C PRO A 50 1.24 7.56 11.00
N PRO A 51 -0.03 7.91 10.75
CA PRO A 51 -0.75 7.42 9.58
C PRO A 51 -0.17 7.95 8.27
N LEU A 52 -0.23 7.12 7.23
CA LEU A 52 0.25 7.51 5.91
C LEU A 52 -0.82 8.32 5.18
N ARG A 53 -0.55 9.59 4.96
CA ARG A 53 -1.50 10.49 4.31
C ARG A 53 -1.33 10.49 2.79
N ILE A 54 -2.43 10.53 2.07
CA ILE A 54 -2.37 10.54 0.61
C ILE A 54 -2.43 11.96 0.07
N ALA A 55 -1.29 12.42 -0.41
CA ALA A 55 -1.12 13.81 -0.82
C ALA A 55 -0.98 13.93 -2.34
N GLN A 56 -0.94 12.81 -3.04
CA GLN A 56 -0.79 12.79 -4.49
C GLN A 56 -1.45 11.56 -5.11
N ARG A 57 -1.45 11.47 -6.44
CA ARG A 57 -2.11 10.36 -7.14
C ARG A 57 -1.57 10.21 -8.57
N MET A 58 -1.39 8.97 -9.01
CA MET A 58 -0.95 8.70 -10.38
C MET A 58 -2.06 8.01 -11.17
N ARG A 59 -2.43 8.58 -12.30
CA ARG A 59 -3.48 8.00 -13.13
C ARG A 59 -3.00 6.68 -13.73
N LEU A 60 -3.54 5.56 -13.26
CA LEU A 60 -3.07 4.27 -13.72
C LEU A 60 -3.51 4.02 -15.16
N GLU A 61 -2.59 4.27 -16.07
CA GLU A 61 -2.82 4.04 -17.49
C GLU A 61 -2.04 2.82 -17.94
N ALA A 62 -2.48 2.20 -19.02
CA ALA A 62 -1.84 0.99 -19.51
C ALA A 62 -0.34 1.19 -19.72
N THR A 63 0.02 2.26 -20.43
CA THR A 63 1.42 2.58 -20.67
C THR A 63 2.16 2.88 -19.38
N GLN A 64 1.52 3.64 -18.50
CA GLN A 64 2.11 3.99 -17.21
C GLN A 64 2.39 2.75 -16.38
N LEU A 65 1.44 1.82 -16.38
CA LEU A 65 1.54 0.59 -15.59
C LEU A 65 2.70 -0.27 -16.08
N GLU A 66 2.96 -0.22 -17.38
CA GLU A 66 4.10 -0.92 -17.95
C GLU A 66 5.40 -0.31 -17.44
N GLY A 67 5.43 1.02 -17.45
CA GLY A 67 6.55 1.74 -16.89
C GLY A 67 6.78 1.40 -15.42
N VAL A 68 5.69 1.30 -14.67
CA VAL A 68 5.77 0.91 -13.26
C VAL A 68 6.35 -0.49 -13.13
N ALA A 69 5.85 -1.42 -13.94
CA ALA A 69 6.30 -2.80 -13.91
C ALA A 69 7.78 -2.91 -14.28
N ARG A 70 8.27 -1.93 -15.04
CA ARG A 70 9.67 -1.90 -15.45
C ARG A 70 10.57 -1.75 -14.23
N ARG A 71 10.11 -1.01 -13.23
CA ARG A 71 10.88 -0.86 -11.99
C ARG A 71 10.55 -2.01 -11.04
N MET A 72 9.42 -2.66 -11.28
CA MET A 72 8.95 -3.75 -10.43
C MET A 72 9.76 -5.01 -10.65
N THR A 73 10.38 -5.11 -11.82
CA THR A 73 11.18 -6.27 -12.14
C THR A 73 12.56 -6.15 -11.50
N VAL A 74 12.84 -4.99 -10.93
CA VAL A 74 14.12 -4.74 -10.27
C VAL A 74 13.93 -4.57 -8.77
N GLU A 75 14.00 -5.68 -8.05
CA GLU A 75 13.81 -5.65 -6.61
C GLU A 75 15.02 -5.00 -5.94
N THR A 76 14.78 -3.81 -5.40
CA THR A 76 15.79 -2.95 -4.74
C THR A 76 15.39 -1.50 -4.99
N ASP A 77 14.92 -1.24 -6.21
CA ASP A 77 14.51 0.10 -6.63
C ASP A 77 13.13 0.43 -6.09
N TYR A 78 12.32 -0.60 -5.95
CA TYR A 78 10.98 -0.42 -5.41
C TYR A 78 10.70 -1.48 -4.35
N CYS A 79 9.62 -1.26 -3.61
CA CYS A 79 9.14 -2.26 -2.69
C CYS A 79 7.66 -2.48 -2.95
N LEU A 80 7.26 -3.73 -2.93
CA LEU A 80 5.86 -4.08 -3.14
C LEU A 80 5.25 -4.49 -1.81
N LEU A 81 4.16 -3.85 -1.42
CA LEU A 81 3.51 -4.12 -0.15
C LEU A 81 2.04 -4.39 -0.34
N LEU A 82 1.47 -5.13 0.59
CA LEU A 82 0.07 -5.46 0.56
C LEU A 82 -0.61 -4.95 1.83
N ALA A 83 -1.43 -3.90 1.70
CA ALA A 83 -2.10 -3.34 2.87
C ALA A 83 -3.50 -3.92 3.02
N LEU A 84 -3.75 -4.45 4.21
CA LEU A 84 -5.05 -5.07 4.54
C LEU A 84 -5.62 -4.43 5.79
N PRO A 85 -6.95 -4.28 5.87
CA PRO A 85 -7.60 -3.70 7.05
C PRO A 85 -7.37 -4.55 8.30
N CYS A 86 -6.62 -4.00 9.24
CA CYS A 86 -6.32 -4.71 10.47
C CYS A 86 -7.14 -4.16 11.62
N GLY A 87 -7.94 -5.02 12.22
CA GLY A 87 -8.76 -4.59 13.33
C GLY A 87 -8.22 -5.03 14.67
N ARG A 88 -8.41 -4.18 15.67
CA ARG A 88 -8.01 -4.47 17.05
C ARG A 88 -8.86 -5.61 17.59
N ASP A 89 -10.11 -5.57 17.22
CA ASP A 89 -11.06 -6.60 17.60
C ASP A 89 -11.90 -6.93 16.37
N GLN A 90 -12.69 -8.00 16.42
CA GLN A 90 -13.52 -8.36 15.28
C GLN A 90 -14.44 -7.20 14.90
N GLU A 91 -14.92 -6.48 15.90
CA GLU A 91 -15.76 -5.30 15.68
C GLU A 91 -14.97 -4.26 14.88
N ASP A 92 -13.72 -4.04 15.30
CA ASP A 92 -12.83 -3.08 14.66
C ASP A 92 -12.51 -3.52 13.24
N VAL A 93 -12.26 -4.82 13.09
CA VAL A 93 -11.93 -5.41 11.79
C VAL A 93 -13.02 -5.10 10.78
N VAL A 94 -14.27 -5.29 11.18
CA VAL A 94 -15.40 -5.02 10.32
C VAL A 94 -15.40 -3.54 9.90
N SER A 95 -15.26 -2.67 10.87
CA SER A 95 -15.25 -1.23 10.63
C SER A 95 -14.11 -0.86 9.69
N GLN A 96 -12.91 -1.32 9.98
CA GLN A 96 -11.74 -1.00 9.18
C GLN A 96 -11.88 -1.52 7.75
N THR A 97 -12.46 -2.71 7.61
CA THR A 97 -12.66 -3.29 6.29
C THR A 97 -13.56 -2.41 5.43
N GLU A 98 -14.71 -2.05 5.99
CA GLU A 98 -15.68 -1.23 5.28
C GLU A 98 -15.15 0.18 5.11
N SER A 99 -14.48 0.67 6.13
CA SER A 99 -13.87 1.99 6.10
C SER A 99 -12.88 2.07 4.93
N LEU A 100 -12.00 1.09 4.84
CA LEU A 100 -10.99 1.08 3.78
C LEU A 100 -11.64 1.02 2.40
N LYS A 101 -12.60 0.13 2.23
CA LYS A 101 -13.19 -0.08 0.92
C LYS A 101 -14.03 1.12 0.51
N ALA A 102 -14.68 1.75 1.48
CA ALA A 102 -15.49 2.92 1.20
C ALA A 102 -14.63 4.18 1.01
N ALA A 103 -13.56 4.29 1.79
CA ALA A 103 -12.77 5.52 1.80
C ALA A 103 -11.61 5.50 0.81
N PHE A 104 -10.85 4.41 0.79
CA PHE A 104 -9.65 4.34 -0.03
C PHE A 104 -9.93 3.61 -1.33
N ILE A 105 -10.54 2.43 -1.23
CA ILE A 105 -10.83 1.61 -2.40
C ILE A 105 -11.74 2.36 -3.37
N THR A 106 -12.88 2.80 -2.87
CA THR A 106 -13.85 3.52 -3.70
C THR A 106 -13.22 4.77 -4.32
N TYR A 107 -12.37 5.45 -3.57
CA TYR A 107 -11.69 6.64 -4.07
C TYR A 107 -10.66 6.27 -5.15
N LEU A 108 -9.72 5.39 -4.80
CA LEU A 108 -8.65 4.99 -5.73
C LEU A 108 -9.22 4.44 -7.02
N GLN A 109 -10.25 3.63 -6.92
CA GLN A 109 -10.84 3.01 -8.10
C GLN A 109 -11.60 4.05 -8.93
N ALA A 110 -12.26 4.99 -8.27
CA ALA A 110 -13.03 6.02 -8.96
C ALA A 110 -12.09 6.97 -9.70
N LYS A 111 -10.94 7.25 -9.09
CA LYS A 111 -9.95 8.12 -9.70
C LYS A 111 -9.14 7.37 -10.74
N GLN A 112 -9.17 6.03 -10.66
CA GLN A 112 -8.31 5.19 -11.47
C GLN A 112 -6.87 5.65 -11.31
N ALA A 113 -6.46 5.83 -10.05
CA ALA A 113 -5.18 6.44 -9.75
C ALA A 113 -4.37 5.62 -8.76
N ALA A 114 -3.21 6.17 -8.37
CA ALA A 114 -2.35 5.60 -7.36
C ALA A 114 -2.17 6.59 -6.22
N GLY A 115 -2.61 6.22 -5.02
CA GLY A 115 -2.49 7.09 -3.88
C GLY A 115 -1.04 7.33 -3.49
N ILE A 116 -0.53 8.50 -3.82
CA ILE A 116 0.87 8.82 -3.59
C ILE A 116 1.09 9.41 -2.21
N ILE A 117 2.00 8.80 -1.48
CA ILE A 117 2.36 9.27 -0.15
C ILE A 117 3.84 9.59 -0.10
N ASN A 118 4.15 10.87 0.11
CA ASN A 118 5.52 11.33 0.20
C ASN A 118 6.02 11.26 1.62
N VAL A 119 7.16 10.61 1.83
CA VAL A 119 7.70 10.42 3.16
C VAL A 119 9.14 10.92 3.25
N PRO A 120 9.48 11.66 4.31
CA PRO A 120 10.86 11.98 4.62
C PRO A 120 11.54 10.86 5.39
N ASN A 121 12.77 10.55 5.01
CA ASN A 121 13.55 9.50 5.66
C ASN A 121 13.89 9.90 7.10
N PRO A 122 13.57 9.04 8.07
CA PRO A 122 13.81 9.31 9.49
C PRO A 122 15.29 9.57 9.79
N GLY A 123 15.63 10.84 9.97
CA GLY A 123 17.00 11.21 10.27
C GLY A 123 17.66 11.92 9.10
N SER A 124 17.22 11.58 7.90
CA SER A 124 17.79 12.19 6.70
C SER A 124 16.93 13.37 6.26
N ASN A 125 15.64 13.29 6.56
CA ASN A 125 14.67 14.35 6.25
C ASN A 125 14.42 14.44 4.74
N GLN A 126 14.97 13.51 3.98
CA GLN A 126 14.76 13.47 2.55
C GLN A 126 13.40 12.87 2.22
N PRO A 127 12.50 13.67 1.64
CA PRO A 127 11.14 13.24 1.32
C PRO A 127 11.03 12.59 -0.05
N ALA A 128 12.15 12.06 -0.53
CA ALA A 128 12.22 11.43 -1.85
C ALA A 128 11.64 10.01 -1.80
N TYR A 129 10.50 9.86 -1.14
CA TYR A 129 9.83 8.57 -1.07
C TYR A 129 8.42 8.68 -1.58
N VAL A 130 8.05 7.74 -2.42
CA VAL A 130 6.72 7.68 -2.99
C VAL A 130 6.11 6.31 -2.74
N LEU A 131 5.07 6.27 -1.94
CA LEU A 131 4.27 5.07 -1.82
C LEU A 131 3.06 5.19 -2.70
N GLN A 132 2.99 4.35 -3.71
CA GLN A 132 1.88 4.36 -4.64
C GLN A 132 0.82 3.36 -4.20
N ILE A 133 -0.31 3.88 -3.75
CA ILE A 133 -1.39 3.04 -3.30
C ILE A 133 -2.36 2.75 -4.45
N PHE A 134 -2.20 1.58 -5.05
CA PHE A 134 -3.08 1.16 -6.12
C PHE A 134 -4.28 0.44 -5.55
N PRO A 135 -5.46 0.63 -6.15
CA PRO A 135 -6.68 -0.07 -5.75
C PRO A 135 -6.60 -1.56 -6.11
N PRO A 136 -7.59 -2.36 -5.67
CA PRO A 136 -7.68 -3.79 -6.01
C PRO A 136 -8.03 -4.01 -7.49
N CYS A 137 -7.36 -3.26 -8.36
CA CYS A 137 -7.58 -3.33 -9.79
C CYS A 137 -6.77 -4.45 -10.42
N GLU A 138 -7.14 -4.82 -11.64
CA GLU A 138 -6.48 -5.88 -12.40
C GLU A 138 -4.96 -5.79 -12.30
N PHE A 139 -4.41 -4.61 -12.53
CA PHE A 139 -2.97 -4.38 -12.47
C PHE A 139 -2.38 -4.91 -11.16
N SER A 140 -3.02 -4.56 -10.07
CA SER A 140 -2.53 -4.92 -8.75
C SER A 140 -2.65 -6.43 -8.54
N GLU A 141 -3.87 -6.94 -8.66
CA GLU A 141 -4.15 -8.34 -8.36
C GLU A 141 -3.37 -9.27 -9.26
N SER A 142 -3.28 -8.93 -10.54
CA SER A 142 -2.60 -9.77 -11.49
C SER A 142 -1.12 -9.86 -11.17
N HIS A 143 -0.51 -8.71 -10.89
CA HIS A 143 0.91 -8.68 -10.54
C HIS A 143 1.14 -9.33 -9.19
N LEU A 144 0.15 -9.26 -8.31
CA LEU A 144 0.23 -9.93 -7.02
C LEU A 144 0.25 -11.44 -7.20
N SER A 145 -0.57 -11.94 -8.11
CA SER A 145 -0.60 -13.37 -8.40
C SER A 145 0.72 -13.81 -9.04
N ARG A 146 1.40 -12.86 -9.69
CA ARG A 146 2.67 -13.14 -10.35
C ARG A 146 3.84 -13.07 -9.35
N LEU A 147 3.77 -12.11 -8.43
CA LEU A 147 4.88 -11.83 -7.53
C LEU A 147 4.73 -12.55 -6.19
N ALA A 148 3.50 -12.77 -5.75
CA ALA A 148 3.24 -13.37 -4.44
C ALA A 148 1.95 -14.18 -4.43
N PRO A 149 1.97 -15.38 -5.03
CA PRO A 149 0.80 -16.26 -5.07
C PRO A 149 0.45 -16.80 -3.70
N ASP A 150 1.42 -16.74 -2.78
CA ASP A 150 1.24 -17.27 -1.44
C ASP A 150 0.28 -16.40 -0.65
N LEU A 151 0.53 -15.10 -0.67
CA LEU A 151 -0.33 -14.16 0.02
C LEU A 151 -1.53 -13.82 -0.87
N LEU A 152 -1.35 -13.89 -2.19
CA LEU A 152 -2.42 -13.60 -3.14
C LEU A 152 -3.65 -14.47 -2.84
N ALA A 153 -3.40 -15.75 -2.58
CA ALA A 153 -4.48 -16.70 -2.34
C ALA A 153 -5.24 -16.39 -1.05
N SER A 154 -4.64 -15.62 -0.16
CA SER A 154 -5.32 -15.24 1.08
C SER A 154 -6.06 -13.91 0.91
N ILE A 155 -5.60 -13.07 -0.02
CA ILE A 155 -6.21 -11.76 -0.21
C ILE A 155 -7.37 -11.82 -1.19
N SER A 156 -7.51 -12.95 -1.87
CA SER A 156 -8.62 -13.16 -2.77
C SER A 156 -9.96 -13.04 -2.03
N ASN A 157 -9.93 -13.26 -0.72
CA ASN A 157 -11.11 -13.08 0.12
C ASN A 157 -11.24 -11.63 0.56
N ILE A 158 -10.10 -11.00 0.82
CA ILE A 158 -10.09 -9.61 1.27
C ILE A 158 -9.65 -8.69 0.12
N SER A 159 -10.14 -9.04 -1.07
CA SER A 159 -10.04 -8.20 -2.28
C SER A 159 -10.16 -6.70 -2.00
N PRO A 160 -11.09 -6.22 -1.14
CA PRO A 160 -11.06 -4.84 -0.66
C PRO A 160 -9.76 -4.51 0.07
N HIS A 161 -8.70 -4.30 -0.70
CA HIS A 161 -7.38 -4.05 -0.16
C HIS A 161 -6.62 -3.11 -1.07
N LEU A 162 -5.44 -2.72 -0.65
CA LEU A 162 -4.60 -1.83 -1.44
C LEU A 162 -3.27 -2.48 -1.74
N MET A 163 -2.69 -2.13 -2.89
CA MET A 163 -1.37 -2.59 -3.25
C MET A 163 -0.44 -1.39 -3.29
N ILE A 164 0.53 -1.36 -2.38
CA ILE A 164 1.35 -0.18 -2.19
C ILE A 164 2.76 -0.38 -2.71
N VAL A 165 3.14 0.47 -3.65
CA VAL A 165 4.46 0.41 -4.28
C VAL A 165 5.36 1.53 -3.75
N ILE A 166 6.43 1.14 -3.06
CA ILE A 166 7.37 2.10 -2.53
C ILE A 166 8.50 2.35 -3.54
N ALA A 167 8.63 3.58 -3.99
CA ALA A 167 9.69 3.94 -4.92
C ALA A 167 10.70 4.84 -4.26
N SER A 168 11.97 4.47 -4.35
CA SER A 168 13.03 5.27 -3.76
C SER A 168 13.59 6.26 -4.78
N VAL A 169 13.53 7.55 -4.42
CA VAL A 169 14.04 8.66 -5.23
C VAL A 169 13.79 8.45 -6.74
N TYR B 1 3.30 13.80 -9.77
CA TYR B 1 2.30 12.79 -9.37
C TYR B 1 1.00 13.44 -8.89
N GLU B 2 0.58 14.49 -9.58
CA GLU B 2 -0.70 15.16 -9.27
C GLU B 2 -0.65 15.65 -7.81
N THR B 3 -1.82 15.82 -7.20
CA THR B 3 -1.93 16.18 -5.80
C THR B 3 -3.27 15.71 -5.27
N LEU B 4 -3.27 14.87 -4.23
CA LEU B 4 -4.51 14.39 -3.67
C LEU B 4 -5.03 15.41 -2.66
N SEP B 5 -5.37 14.97 -1.46
CA SEP B 5 -6.20 15.79 -0.60
CB SEP B 5 -7.64 15.78 -1.13
OG SEP B 5 -7.63 16.26 -2.48
C SEP B 5 -6.14 15.27 0.83
O SEP B 5 -6.47 14.13 1.09
P SEP B 5 -9.13 16.25 -3.07
O1P SEP B 5 -10.00 17.12 -2.24
O2P SEP B 5 -9.11 16.80 -4.58
O3P SEP B 5 -9.70 14.75 -3.06
H SEP B 5 -5.03 14.09 -1.14
HA SEP B 5 -5.82 16.80 -0.63
HB2 SEP B 5 -8.02 14.77 -1.11
HB3 SEP B 5 -8.25 16.42 -0.52
N ASP B 6 -5.69 16.12 1.73
CA ASP B 6 -5.61 15.78 3.14
C ASP B 6 -5.49 17.07 3.96
N SEP B 7 -4.94 16.97 5.16
CA SEP B 7 -4.71 18.14 6.01
CB SEP B 7 -4.00 17.73 7.30
OG SEP B 7 -4.77 16.74 7.99
C SEP B 7 -3.88 19.20 5.29
O SEP B 7 -4.03 20.39 5.54
P SEP B 7 -3.97 16.37 9.34
O1P SEP B 7 -3.81 17.58 10.17
O2P SEP B 7 -4.79 15.24 10.17
O3P SEP B 7 -2.52 15.79 8.96
H SEP B 7 -4.66 16.09 5.49
HA SEP B 7 -5.68 18.56 6.25
HB2 SEP B 7 -3.03 17.33 7.06
HB3 SEP B 7 -3.89 18.60 7.94
N GLU B 8 -3.02 18.76 4.36
CA GLU B 8 -2.18 19.68 3.61
C GLU B 8 -2.91 20.19 2.38
N VAL A 1 -6.08 -20.47 4.14
CA VAL A 1 -5.08 -19.46 3.73
C VAL A 1 -4.80 -18.48 4.88
N ASP A 2 -4.12 -18.98 5.89
CA ASP A 2 -3.81 -18.18 7.07
C ASP A 2 -2.52 -17.41 6.86
N MET A 3 -2.36 -16.29 7.57
CA MET A 3 -1.17 -15.47 7.43
C MET A 3 0.07 -16.24 7.85
N VAL A 4 -0.11 -17.22 8.74
CA VAL A 4 1.01 -18.07 9.18
C VAL A 4 1.69 -18.73 7.98
N GLN A 5 0.95 -18.90 6.90
CA GLN A 5 1.51 -19.41 5.67
C GLN A 5 2.26 -18.30 4.93
N LEU A 6 1.54 -17.24 4.59
CA LEU A 6 2.09 -16.17 3.75
C LEU A 6 3.22 -15.42 4.44
N LEU A 7 3.13 -15.19 5.75
CA LEU A 7 4.10 -14.34 6.43
C LEU A 7 5.47 -15.02 6.47
N LYS A 8 5.48 -16.32 6.21
CA LYS A 8 6.72 -17.08 6.17
C LYS A 8 7.43 -16.81 4.85
N LYS A 9 6.66 -16.46 3.84
CA LYS A 9 7.21 -16.08 2.54
C LYS A 9 7.48 -14.60 2.53
N TYR A 10 6.54 -13.84 3.05
CA TYR A 10 6.65 -12.40 3.11
C TYR A 10 5.82 -11.86 4.28
N PRO A 11 6.51 -11.47 5.37
CA PRO A 11 5.87 -11.03 6.62
C PRO A 11 5.48 -9.55 6.63
N ILE A 12 4.81 -9.15 7.70
CA ILE A 12 4.36 -7.76 7.86
C ILE A 12 5.54 -6.84 8.15
N VAL A 13 5.55 -5.69 7.47
CA VAL A 13 6.61 -4.70 7.63
C VAL A 13 6.15 -3.52 8.47
N TRP A 14 4.85 -3.21 8.41
CA TRP A 14 4.30 -2.05 9.09
C TRP A 14 2.87 -2.31 9.51
N GLN A 15 2.41 -1.60 10.52
CA GLN A 15 1.04 -1.73 10.98
C GLN A 15 0.58 -0.42 11.60
N GLY A 16 -0.54 0.10 11.14
CA GLY A 16 -1.05 1.36 11.64
C GLY A 16 -2.31 1.76 10.92
N LEU A 17 -2.32 2.97 10.37
CA LEU A 17 -3.48 3.47 9.67
C LEU A 17 -3.08 4.26 8.44
N LEU A 18 -4.01 4.38 7.50
CA LEU A 18 -3.87 5.28 6.36
C LEU A 18 -4.89 6.41 6.52
N ALA A 19 -4.60 7.58 5.96
CA ALA A 19 -5.51 8.71 6.10
C ALA A 19 -5.52 9.58 4.85
N LEU A 20 -6.70 9.77 4.26
CA LEU A 20 -6.85 10.69 3.16
C LEU A 20 -8.14 11.50 3.32
N LYS A 21 -8.10 12.79 2.97
CA LYS A 21 -9.19 13.72 3.25
C LYS A 21 -9.43 13.82 4.75
N ASN A 22 -10.32 12.99 5.26
CA ASN A 22 -10.61 12.92 6.69
C ASN A 22 -10.87 11.48 7.10
N ASP A 23 -10.67 10.56 6.16
CA ASP A 23 -11.00 9.16 6.40
C ASP A 23 -9.76 8.37 6.76
N THR A 24 -9.89 7.49 7.74
CA THR A 24 -8.77 6.71 8.23
C THR A 24 -9.10 5.22 8.27
N ALA A 25 -8.23 4.42 7.66
CA ALA A 25 -8.38 2.98 7.69
C ALA A 25 -7.16 2.34 8.33
N ALA A 26 -7.37 1.61 9.41
CA ALA A 26 -6.30 0.93 10.09
C ALA A 26 -5.88 -0.29 9.29
N VAL A 27 -4.64 -0.28 8.82
CA VAL A 27 -4.16 -1.32 7.95
C VAL A 27 -2.83 -1.90 8.42
N GLN A 28 -2.64 -3.18 8.14
CA GLN A 28 -1.37 -3.84 8.38
C GLN A 28 -0.71 -4.16 7.04
N LEU A 29 0.53 -3.76 6.89
CA LEU A 29 1.24 -3.89 5.63
C LEU A 29 2.07 -5.15 5.59
N HIS A 30 1.68 -6.05 4.72
CA HIS A 30 2.41 -7.26 4.48
C HIS A 30 3.44 -7.01 3.40
N PHE A 31 4.61 -7.58 3.53
CA PHE A 31 5.59 -7.51 2.47
C PHE A 31 5.13 -8.42 1.34
N VAL A 32 5.30 -7.97 0.11
CA VAL A 32 4.97 -8.80 -1.04
C VAL A 32 6.22 -9.14 -1.83
N SER A 33 6.90 -8.11 -2.28
CA SER A 33 8.01 -8.26 -3.21
C SER A 33 8.91 -7.03 -3.17
N GLY A 34 10.04 -7.09 -3.84
CA GLY A 34 10.93 -5.94 -3.88
C GLY A 34 11.93 -5.94 -2.74
N ASN A 35 12.32 -4.74 -2.32
CA ASN A 35 13.31 -4.58 -1.26
C ASN A 35 12.64 -4.17 0.04
N ASN A 36 12.64 -5.08 1.02
CA ASN A 36 11.98 -4.85 2.30
C ASN A 36 12.61 -3.67 3.05
N VAL A 37 13.90 -3.47 2.86
CA VAL A 37 14.62 -2.39 3.54
C VAL A 37 14.00 -1.05 3.16
N LEU A 38 13.52 -0.95 1.93
CA LEU A 38 12.81 0.24 1.47
C LEU A 38 11.63 0.56 2.36
N ALA A 39 10.80 -0.45 2.64
CA ALA A 39 9.61 -0.23 3.46
C ALA A 39 10.01 0.17 4.86
N HIS A 40 11.06 -0.44 5.35
CA HIS A 40 11.56 -0.16 6.68
C HIS A 40 12.02 1.29 6.80
N ARG A 41 12.67 1.81 5.77
CA ARG A 41 13.16 3.18 5.79
C ARG A 41 12.13 4.19 5.27
N SER A 42 11.04 3.72 4.68
CA SER A 42 10.02 4.62 4.14
C SER A 42 8.85 4.76 5.10
N LEU A 43 8.43 3.67 5.70
CA LEU A 43 7.24 3.66 6.52
C LEU A 43 7.55 4.24 7.90
N PRO A 44 7.00 5.42 8.18
CA PRO A 44 7.31 6.18 9.38
C PRO A 44 6.69 5.59 10.64
N LEU A 45 7.32 5.81 11.76
CA LEU A 45 6.82 5.33 13.05
C LEU A 45 7.61 5.95 14.20
N SER A 46 6.89 6.34 15.23
CA SER A 46 7.51 6.88 16.43
C SER A 46 6.78 6.35 17.65
N GLU A 47 5.46 6.35 17.58
CA GLU A 47 4.62 5.82 18.64
C GLU A 47 3.48 4.99 18.03
N GLY A 48 3.70 3.69 17.98
CA GLY A 48 2.76 2.80 17.34
C GLY A 48 2.88 2.84 15.83
N GLY A 49 1.94 3.48 15.17
CA GLY A 49 1.95 3.58 13.73
C GLY A 49 1.20 4.79 13.22
N PRO A 50 1.91 5.84 12.81
CA PRO A 50 1.28 7.08 12.31
C PRO A 50 0.58 6.88 10.99
N PRO A 51 -0.61 7.48 10.82
CA PRO A 51 -1.40 7.31 9.61
C PRO A 51 -0.72 7.89 8.37
N LEU A 52 -0.49 7.05 7.38
CA LEU A 52 0.06 7.49 6.09
C LEU A 52 -0.98 8.35 5.36
N ARG A 53 -0.66 9.61 5.16
CA ARG A 53 -1.58 10.55 4.55
C ARG A 53 -1.40 10.58 3.04
N ILE A 54 -2.50 10.64 2.31
CA ILE A 54 -2.44 10.65 0.85
C ILE A 54 -2.51 12.09 0.33
N ALA A 55 -1.36 12.56 -0.14
CA ALA A 55 -1.21 13.95 -0.56
C ALA A 55 -1.01 14.06 -2.07
N GLN A 56 -0.95 12.92 -2.76
CA GLN A 56 -0.80 12.91 -4.21
C GLN A 56 -1.44 11.68 -4.84
N ARG A 57 -1.46 11.63 -6.17
CA ARG A 57 -2.09 10.53 -6.91
C ARG A 57 -1.51 10.39 -8.31
N MET A 58 -1.24 9.17 -8.73
CA MET A 58 -0.73 8.92 -10.08
C MET A 58 -1.78 8.22 -10.92
N ARG A 59 -2.16 8.84 -12.02
CA ARG A 59 -3.16 8.25 -12.90
C ARG A 59 -2.64 6.94 -13.47
N LEU A 60 -3.23 5.82 -13.06
CA LEU A 60 -2.78 4.54 -13.60
C LEU A 60 -3.23 4.45 -15.06
N GLU A 61 -2.30 4.78 -15.93
CA GLU A 61 -2.55 4.79 -17.37
C GLU A 61 -1.91 3.58 -18.00
N ALA A 62 -2.31 3.26 -19.21
CA ALA A 62 -1.70 2.16 -19.94
C ALA A 62 -0.21 2.37 -20.09
N THR A 63 0.18 3.59 -20.48
CA THR A 63 1.57 3.94 -20.63
C THR A 63 2.30 3.93 -19.28
N GLN A 64 1.63 4.45 -18.26
CA GLN A 64 2.20 4.52 -16.92
C GLN A 64 2.45 3.13 -16.36
N LEU A 65 1.45 2.26 -16.43
CA LEU A 65 1.53 0.92 -15.86
C LEU A 65 2.67 0.12 -16.48
N GLU A 66 2.88 0.31 -17.79
CA GLU A 66 4.01 -0.31 -18.46
C GLU A 66 5.31 0.08 -17.79
N GLY A 67 5.51 1.38 -17.65
CA GLY A 67 6.71 1.88 -16.99
C GLY A 67 6.82 1.41 -15.56
N VAL A 68 5.69 1.41 -14.86
CA VAL A 68 5.65 0.95 -13.47
C VAL A 68 6.09 -0.51 -13.37
N ALA A 69 5.45 -1.37 -14.16
CA ALA A 69 5.76 -2.80 -14.13
C ALA A 69 7.21 -3.06 -14.50
N ARG A 70 7.71 -2.32 -15.49
CA ARG A 70 9.06 -2.50 -15.98
C ARG A 70 10.09 -2.08 -14.94
N ARG A 71 9.73 -1.15 -14.06
CA ARG A 71 10.61 -0.82 -12.93
C ARG A 71 10.32 -1.74 -11.74
N MET A 72 9.12 -2.34 -11.73
CA MET A 72 8.74 -3.26 -10.67
C MET A 72 9.44 -4.59 -10.82
N THR A 73 9.91 -4.88 -12.03
CA THR A 73 10.59 -6.13 -12.29
C THR A 73 12.00 -6.09 -11.70
N VAL A 74 12.41 -4.94 -11.21
CA VAL A 74 13.70 -4.78 -10.58
C VAL A 74 13.54 -4.68 -9.06
N GLU A 75 13.54 -5.82 -8.40
CA GLU A 75 13.39 -5.84 -6.95
C GLU A 75 14.67 -5.36 -6.31
N THR A 76 14.60 -4.15 -5.75
CA THR A 76 15.72 -3.40 -5.17
C THR A 76 15.39 -1.93 -5.23
N ASP A 77 14.85 -1.51 -6.37
CA ASP A 77 14.50 -0.11 -6.60
C ASP A 77 13.13 0.20 -6.04
N TYR A 78 12.29 -0.82 -5.94
CA TYR A 78 10.96 -0.63 -5.41
C TYR A 78 10.68 -1.67 -4.33
N CYS A 79 9.68 -1.39 -3.52
CA CYS A 79 9.18 -2.35 -2.57
C CYS A 79 7.69 -2.53 -2.81
N LEU A 80 7.25 -3.76 -2.79
CA LEU A 80 5.84 -4.04 -3.00
C LEU A 80 5.21 -4.44 -1.67
N LEU A 81 4.15 -3.75 -1.30
CA LEU A 81 3.50 -3.98 -0.01
C LEU A 81 2.03 -4.27 -0.21
N LEU A 82 1.47 -5.00 0.73
CA LEU A 82 0.06 -5.36 0.68
C LEU A 82 -0.63 -4.84 1.95
N ALA A 83 -1.40 -3.79 1.81
CA ALA A 83 -2.07 -3.19 2.96
C ALA A 83 -3.47 -3.75 3.11
N LEU A 84 -3.73 -4.31 4.29
CA LEU A 84 -5.01 -4.92 4.61
C LEU A 84 -5.59 -4.30 5.88
N PRO A 85 -6.91 -4.13 5.94
CA PRO A 85 -7.57 -3.58 7.13
C PRO A 85 -7.35 -4.44 8.36
N CYS A 86 -6.62 -3.92 9.33
CA CYS A 86 -6.30 -4.67 10.52
C CYS A 86 -7.20 -4.26 11.67
N GLY A 87 -8.07 -5.17 12.08
CA GLY A 87 -8.95 -4.91 13.19
C GLY A 87 -8.50 -5.63 14.44
N ARG A 88 -8.72 -5.00 15.59
CA ARG A 88 -8.39 -5.58 16.86
C ARG A 88 -9.13 -6.89 17.08
N ASP A 89 -10.36 -6.93 16.60
CA ASP A 89 -11.20 -8.11 16.70
C ASP A 89 -11.97 -8.25 15.39
N GLN A 90 -12.64 -9.38 15.18
CA GLN A 90 -13.38 -9.62 13.95
C GLN A 90 -14.36 -8.48 13.67
N GLU A 91 -15.01 -7.99 14.72
CA GLU A 91 -15.92 -6.86 14.60
C GLU A 91 -15.18 -5.62 14.14
N ASP A 92 -14.02 -5.39 14.75
CA ASP A 92 -13.20 -4.23 14.43
C ASP A 92 -12.73 -4.31 12.98
N VAL A 93 -12.38 -5.52 12.57
CA VAL A 93 -11.93 -5.78 11.20
C VAL A 93 -13.01 -5.42 10.20
N VAL A 94 -14.25 -5.76 10.53
CA VAL A 94 -15.38 -5.50 9.65
C VAL A 94 -15.55 -4.01 9.42
N SER A 95 -15.56 -3.30 10.54
CA SER A 95 -15.68 -1.87 10.54
C SER A 95 -14.53 -1.20 9.77
N GLN A 96 -13.31 -1.71 9.97
CA GLN A 96 -12.15 -1.18 9.26
C GLN A 96 -12.22 -1.51 7.77
N THR A 97 -12.69 -2.70 7.44
CA THR A 97 -12.80 -3.13 6.06
C THR A 97 -13.68 -2.17 5.26
N GLU A 98 -14.91 -1.95 5.73
CA GLU A 98 -15.84 -1.09 5.01
C GLU A 98 -15.35 0.35 4.96
N SER A 99 -14.66 0.78 6.02
CA SER A 99 -14.10 2.12 6.05
C SER A 99 -13.04 2.28 4.97
N LEU A 100 -12.16 1.29 4.86
CA LEU A 100 -11.13 1.30 3.83
C LEU A 100 -11.76 1.26 2.45
N LYS A 101 -12.81 0.45 2.29
CA LYS A 101 -13.51 0.34 1.03
C LYS A 101 -14.05 1.69 0.60
N ALA A 102 -14.90 2.28 1.43
CA ALA A 102 -15.58 3.53 1.09
C ALA A 102 -14.62 4.71 0.97
N ALA A 103 -13.52 4.68 1.72
CA ALA A 103 -12.63 5.83 1.77
C ALA A 103 -11.47 5.72 0.80
N PHE A 104 -10.80 4.58 0.78
CA PHE A 104 -9.60 4.41 -0.04
C PHE A 104 -9.90 3.66 -1.32
N ILE A 105 -10.56 2.52 -1.19
CA ILE A 105 -10.82 1.65 -2.33
C ILE A 105 -11.68 2.36 -3.38
N THR A 106 -12.87 2.79 -2.96
CA THR A 106 -13.79 3.45 -3.86
C THR A 106 -13.18 4.73 -4.46
N TYR A 107 -12.31 5.38 -3.68
CA TYR A 107 -11.63 6.58 -4.15
C TYR A 107 -10.56 6.22 -5.19
N LEU A 108 -9.61 5.37 -4.81
CA LEU A 108 -8.51 5.00 -5.69
C LEU A 108 -9.04 4.39 -7.00
N GLN A 109 -10.04 3.54 -6.89
CA GLN A 109 -10.57 2.86 -8.06
C GLN A 109 -11.31 3.86 -8.97
N ALA A 110 -12.02 4.80 -8.35
CA ALA A 110 -12.78 5.79 -9.11
C ALA A 110 -11.84 6.77 -9.79
N LYS A 111 -10.78 7.15 -9.10
CA LYS A 111 -9.79 8.05 -9.65
C LYS A 111 -8.91 7.33 -10.66
N GLN A 112 -8.91 6.00 -10.61
CA GLN A 112 -7.95 5.20 -11.37
C GLN A 112 -6.55 5.76 -11.17
N ALA A 113 -6.17 5.91 -9.90
CA ALA A 113 -4.91 6.57 -9.57
C ALA A 113 -4.08 5.75 -8.58
N ALA A 114 -2.96 6.35 -8.18
CA ALA A 114 -2.09 5.78 -7.15
C ALA A 114 -1.97 6.76 -6.00
N GLY A 115 -2.42 6.36 -4.83
CA GLY A 115 -2.31 7.22 -3.66
C GLY A 115 -0.86 7.47 -3.30
N ILE A 116 -0.37 8.65 -3.63
CA ILE A 116 1.04 8.98 -3.46
C ILE A 116 1.31 9.55 -2.09
N ILE A 117 2.16 8.86 -1.36
CA ILE A 117 2.59 9.33 -0.06
C ILE A 117 4.11 9.45 -0.03
N ASN A 118 4.58 10.69 -0.08
CA ASN A 118 6.01 10.98 -0.03
C ASN A 118 6.50 11.01 1.41
N VAL A 119 7.50 10.20 1.70
CA VAL A 119 8.08 10.16 3.03
C VAL A 119 9.53 10.61 2.99
N PRO A 120 9.95 11.38 4.00
CA PRO A 120 11.34 11.73 4.18
C PRO A 120 12.07 10.76 5.10
N ASN A 121 13.35 10.54 4.84
CA ASN A 121 14.18 9.75 5.73
C ASN A 121 14.23 10.42 7.10
N PRO A 122 13.86 9.69 8.16
CA PRO A 122 13.81 10.24 9.53
C PRO A 122 15.13 10.87 9.97
N GLY A 123 15.14 12.19 10.07
CA GLY A 123 16.33 12.90 10.50
C GLY A 123 17.10 13.47 9.32
N SER A 124 16.88 12.89 8.15
CA SER A 124 17.59 13.31 6.95
C SER A 124 16.73 14.25 6.11
N ASN A 125 15.41 14.13 6.28
CA ASN A 125 14.44 14.99 5.59
C ASN A 125 14.51 14.83 4.07
N GLN A 126 14.89 13.64 3.62
CA GLN A 126 14.93 13.35 2.19
C GLN A 126 13.61 12.70 1.76
N PRO A 127 12.75 13.45 1.05
CA PRO A 127 11.42 12.99 0.66
C PRO A 127 11.40 12.24 -0.67
N ALA A 128 12.54 11.66 -1.03
CA ALA A 128 12.71 11.00 -2.32
C ALA A 128 12.02 9.63 -2.39
N TYR A 129 11.01 9.43 -1.54
CA TYR A 129 10.31 8.18 -1.50
C TYR A 129 8.84 8.38 -1.85
N VAL A 130 8.35 7.54 -2.73
CA VAL A 130 6.95 7.58 -3.13
C VAL A 130 6.29 6.25 -2.86
N LEU A 131 5.33 6.26 -1.96
CA LEU A 131 4.49 5.10 -1.76
C LEU A 131 3.23 5.26 -2.58
N GLN A 132 3.11 4.47 -3.62
CA GLN A 132 1.98 4.53 -4.53
C GLN A 132 0.92 3.53 -4.10
N ILE A 133 -0.19 4.03 -3.60
CA ILE A 133 -1.28 3.18 -3.16
C ILE A 133 -2.24 2.91 -4.32
N PHE A 134 -2.07 1.75 -4.94
CA PHE A 134 -2.93 1.34 -6.04
C PHE A 134 -4.15 0.62 -5.49
N PRO A 135 -5.32 0.80 -6.14
CA PRO A 135 -6.55 0.11 -5.75
C PRO A 135 -6.49 -1.36 -6.12
N PRO A 136 -7.46 -2.17 -5.65
CA PRO A 136 -7.56 -3.59 -6.03
C PRO A 136 -7.94 -3.72 -7.51
N CYS A 137 -6.96 -3.52 -8.37
CA CYS A 137 -7.17 -3.43 -9.80
C CYS A 137 -6.56 -4.62 -10.52
N GLU A 138 -6.99 -4.82 -11.76
CA GLU A 138 -6.45 -5.88 -12.61
C GLU A 138 -4.92 -5.85 -12.62
N PHE A 139 -4.36 -4.65 -12.62
CA PHE A 139 -2.92 -4.45 -12.55
C PHE A 139 -2.34 -5.09 -11.29
N SER A 140 -2.85 -4.68 -10.14
CA SER A 140 -2.31 -5.13 -8.87
C SER A 140 -2.52 -6.63 -8.67
N GLU A 141 -3.77 -7.07 -8.78
CA GLU A 141 -4.13 -8.44 -8.45
C GLU A 141 -3.40 -9.46 -9.31
N SER A 142 -3.17 -9.11 -10.57
CA SER A 142 -2.49 -10.02 -11.48
C SER A 142 -1.01 -10.13 -11.12
N HIS A 143 -0.37 -8.99 -10.88
CA HIS A 143 1.03 -8.99 -10.49
C HIS A 143 1.21 -9.68 -9.15
N LEU A 144 0.22 -9.51 -8.27
CA LEU A 144 0.22 -10.17 -6.97
C LEU A 144 0.16 -11.69 -7.14
N SER A 145 -0.53 -12.15 -8.18
CA SER A 145 -0.67 -13.57 -8.44
C SER A 145 0.68 -14.19 -8.77
N ARG A 146 1.51 -13.41 -9.47
CA ARG A 146 2.86 -13.87 -9.80
C ARG A 146 3.78 -13.66 -8.59
N LEU A 147 3.81 -12.43 -8.10
CA LEU A 147 4.77 -12.02 -7.08
C LEU A 147 4.55 -12.71 -5.73
N ALA A 148 3.29 -12.87 -5.34
CA ALA A 148 2.98 -13.45 -4.04
C ALA A 148 1.69 -14.26 -4.06
N PRO A 149 1.72 -15.47 -4.63
CA PRO A 149 0.55 -16.35 -4.67
C PRO A 149 0.20 -16.89 -3.30
N ASP A 150 1.17 -16.84 -2.39
CA ASP A 150 1.00 -17.36 -1.05
C ASP A 150 0.05 -16.46 -0.26
N LEU A 151 0.35 -15.17 -0.26
CA LEU A 151 -0.48 -14.20 0.41
C LEU A 151 -1.70 -13.89 -0.46
N LEU A 152 -1.53 -14.02 -1.77
CA LEU A 152 -2.61 -13.78 -2.74
C LEU A 152 -3.85 -14.57 -2.38
N ALA A 153 -3.69 -15.85 -2.11
CA ALA A 153 -4.82 -16.72 -1.84
C ALA A 153 -5.58 -16.27 -0.60
N SER A 154 -4.92 -15.49 0.25
CA SER A 154 -5.54 -14.98 1.46
C SER A 154 -6.21 -13.63 1.17
N ILE A 155 -5.63 -12.84 0.26
CA ILE A 155 -6.21 -11.55 -0.09
C ILE A 155 -7.34 -11.72 -1.09
N SER A 156 -7.39 -12.88 -1.72
CA SER A 156 -8.50 -13.23 -2.61
C SER A 156 -9.82 -13.20 -1.83
N ASN A 157 -9.71 -13.33 -0.51
CA ASN A 157 -10.84 -13.20 0.39
C ASN A 157 -11.06 -11.74 0.79
N ILE A 158 -9.95 -11.04 1.02
CA ILE A 158 -10.01 -9.64 1.41
C ILE A 158 -9.62 -8.75 0.22
N SER A 159 -10.15 -9.13 -0.94
CA SER A 159 -10.06 -8.36 -2.19
C SER A 159 -10.13 -6.84 -1.97
N PRO A 160 -11.04 -6.32 -1.11
CA PRO A 160 -10.99 -4.92 -0.69
C PRO A 160 -9.68 -4.59 0.03
N HIS A 161 -8.64 -4.32 -0.76
CA HIS A 161 -7.31 -4.06 -0.22
C HIS A 161 -6.57 -3.09 -1.12
N LEU A 162 -5.39 -2.67 -0.68
CA LEU A 162 -4.58 -1.76 -1.46
C LEU A 162 -3.22 -2.39 -1.77
N MET A 163 -2.64 -2.01 -2.90
CA MET A 163 -1.29 -2.43 -3.24
C MET A 163 -0.37 -1.23 -3.19
N ILE A 164 0.50 -1.19 -2.20
CA ILE A 164 1.34 -0.02 -1.99
C ILE A 164 2.75 -0.25 -2.52
N VAL A 165 3.09 0.52 -3.53
CA VAL A 165 4.39 0.41 -4.19
C VAL A 165 5.34 1.49 -3.72
N ILE A 166 6.40 1.10 -3.04
CA ILE A 166 7.40 2.03 -2.58
C ILE A 166 8.48 2.19 -3.63
N ALA A 167 8.56 3.36 -4.22
CA ALA A 167 9.50 3.59 -5.30
C ALA A 167 10.52 4.66 -4.93
N SER A 168 11.78 4.33 -5.13
CA SER A 168 12.83 5.32 -5.01
C SER A 168 13.28 5.73 -6.41
N VAL A 169 12.94 6.94 -6.80
CA VAL A 169 13.32 7.45 -8.10
C VAL A 169 14.12 8.73 -7.92
N TYR B 1 2.49 13.95 -10.20
CA TYR B 1 1.71 13.04 -9.33
C TYR B 1 0.53 13.77 -8.70
N GLU B 2 0.03 14.81 -9.35
CA GLU B 2 -1.12 15.57 -8.83
C GLU B 2 -0.88 16.04 -7.41
N THR B 3 -1.96 16.26 -6.70
CA THR B 3 -1.97 16.45 -5.27
C THR B 3 -3.32 16.01 -4.74
N LEU B 4 -3.33 15.08 -3.79
CA LEU B 4 -4.59 14.57 -3.26
C LEU B 4 -5.13 15.57 -2.26
N SEP B 5 -5.58 15.11 -1.10
CA SEP B 5 -6.44 15.96 -0.30
CB SEP B 5 -7.87 15.91 -0.87
OG SEP B 5 -7.81 16.27 -2.26
C SEP B 5 -6.42 15.59 1.16
O SEP B 5 -7.45 15.57 1.84
P SEP B 5 -9.27 16.23 -2.91
O1P SEP B 5 -10.15 17.19 -2.21
O2P SEP B 5 -9.18 16.62 -4.47
O3P SEP B 5 -9.90 14.75 -2.76
H SEP B 5 -5.30 14.23 -0.76
HA SEP B 5 -6.08 16.98 -0.40
HB2 SEP B 5 -8.27 14.91 -0.77
HB3 SEP B 5 -8.50 16.61 -0.35
N ASP B 6 -5.23 15.31 1.67
CA ASP B 6 -5.03 15.07 3.10
C ASP B 6 -5.15 16.39 3.85
N SEP B 7 -4.67 17.45 3.22
CA SEP B 7 -4.77 18.80 3.77
CB SEP B 7 -3.37 19.35 4.06
OG SEP B 7 -2.69 18.50 4.99
C SEP B 7 -5.50 19.69 2.78
O SEP B 7 -5.51 20.92 2.91
P SEP B 7 -1.23 19.15 5.24
O1P SEP B 7 -1.39 20.51 5.80
O2P SEP B 7 -0.41 18.24 6.28
O3P SEP B 7 -0.44 19.23 3.85
H SEP B 7 -4.21 17.32 2.37
HA SEP B 7 -5.33 18.75 4.69
HB2 SEP B 7 -2.81 19.40 3.13
HB3 SEP B 7 -3.45 20.35 4.48
N GLU B 8 -6.11 19.06 1.80
CA GLU B 8 -6.82 19.76 0.74
C GLU B 8 -8.32 19.59 0.92
N VAL A 1 -6.95 -20.00 3.99
CA VAL A 1 -5.62 -19.43 3.73
C VAL A 1 -5.30 -18.36 4.76
N ASP A 2 -4.39 -18.68 5.66
CA ASP A 2 -4.11 -17.81 6.80
C ASP A 2 -2.77 -17.07 6.60
N MET A 3 -2.64 -15.92 7.24
CA MET A 3 -1.44 -15.09 7.09
C MET A 3 -0.21 -15.76 7.72
N VAL A 4 -0.43 -16.71 8.61
CA VAL A 4 0.67 -17.44 9.25
C VAL A 4 1.48 -18.23 8.20
N GLN A 5 0.87 -18.53 7.08
CA GLN A 5 1.60 -19.19 6.00
C GLN A 5 2.39 -18.17 5.18
N LEU A 6 1.70 -17.18 4.64
CA LEU A 6 2.32 -16.19 3.75
C LEU A 6 3.47 -15.43 4.42
N LEU A 7 3.35 -15.10 5.72
CA LEU A 7 4.35 -14.23 6.35
C LEU A 7 5.68 -14.97 6.49
N LYS A 8 5.63 -16.29 6.34
CA LYS A 8 6.83 -17.11 6.37
C LYS A 8 7.66 -16.82 5.13
N LYS A 9 7.01 -16.36 4.08
CA LYS A 9 7.70 -15.98 2.87
C LYS A 9 7.84 -14.48 2.79
N TYR A 10 6.77 -13.78 3.14
CA TYR A 10 6.76 -12.33 3.13
C TYR A 10 5.91 -11.79 4.29
N PRO A 11 6.59 -11.39 5.37
CA PRO A 11 5.96 -10.95 6.62
C PRO A 11 5.54 -9.49 6.61
N ILE A 12 4.83 -9.09 7.66
CA ILE A 12 4.31 -7.74 7.79
C ILE A 12 5.42 -6.74 8.11
N VAL A 13 5.35 -5.57 7.46
CA VAL A 13 6.33 -4.53 7.64
C VAL A 13 5.75 -3.35 8.42
N TRP A 14 4.46 -3.11 8.26
CA TRP A 14 3.78 -2.00 8.90
C TRP A 14 2.44 -2.43 9.42
N GLN A 15 2.02 -1.81 10.51
CA GLN A 15 0.66 -1.97 11.00
C GLN A 15 0.24 -0.65 11.62
N GLY A 16 -0.81 -0.05 11.09
CA GLY A 16 -1.23 1.25 11.54
C GLY A 16 -2.40 1.75 10.75
N LEU A 17 -2.33 2.97 10.25
CA LEU A 17 -3.44 3.52 9.49
C LEU A 17 -2.96 4.31 8.28
N LEU A 18 -3.82 4.37 7.28
CA LEU A 18 -3.65 5.28 6.16
C LEU A 18 -4.68 6.40 6.33
N ALA A 19 -4.41 7.57 5.78
CA ALA A 19 -5.32 8.70 5.94
C ALA A 19 -5.40 9.54 4.68
N LEU A 20 -6.60 9.69 4.13
CA LEU A 20 -6.80 10.60 3.02
C LEU A 20 -8.12 11.34 3.23
N LYS A 21 -8.20 12.59 2.79
CA LYS A 21 -9.32 13.47 3.12
C LYS A 21 -9.34 13.70 4.63
N ASN A 22 -10.21 12.95 5.29
CA ASN A 22 -10.33 12.98 6.74
C ASN A 22 -10.51 11.57 7.24
N ASP A 23 -10.41 10.60 6.33
CA ASP A 23 -10.74 9.23 6.70
C ASP A 23 -9.48 8.41 6.91
N THR A 24 -9.51 7.58 7.93
CA THR A 24 -8.38 6.76 8.29
C THR A 24 -8.75 5.29 8.29
N ALA A 25 -7.97 4.49 7.59
CA ALA A 25 -8.19 3.06 7.54
C ALA A 25 -7.01 2.34 8.17
N ALA A 26 -7.26 1.66 9.27
CA ALA A 26 -6.22 0.89 9.94
C ALA A 26 -5.87 -0.32 9.08
N VAL A 27 -4.65 -0.31 8.56
CA VAL A 27 -4.20 -1.35 7.67
C VAL A 27 -2.89 -1.95 8.13
N GLN A 28 -2.73 -3.23 7.84
CA GLN A 28 -1.50 -3.94 8.08
C GLN A 28 -0.82 -4.21 6.75
N LEU A 29 0.41 -3.76 6.63
CA LEU A 29 1.15 -3.89 5.39
C LEU A 29 2.02 -5.13 5.38
N HIS A 30 1.68 -6.04 4.51
CA HIS A 30 2.41 -7.26 4.33
C HIS A 30 3.47 -7.03 3.26
N PHE A 31 4.64 -7.61 3.45
CA PHE A 31 5.63 -7.59 2.41
C PHE A 31 5.17 -8.48 1.27
N VAL A 32 5.34 -8.04 0.05
CA VAL A 32 5.01 -8.87 -1.10
C VAL A 32 6.25 -9.20 -1.90
N SER A 33 6.95 -8.17 -2.33
CA SER A 33 8.06 -8.30 -3.26
C SER A 33 8.95 -7.06 -3.21
N GLY A 34 10.09 -7.09 -3.89
CA GLY A 34 10.98 -5.95 -3.88
C GLY A 34 11.91 -5.94 -2.69
N ASN A 35 12.34 -4.75 -2.30
CA ASN A 35 13.28 -4.61 -1.20
C ASN A 35 12.57 -4.23 0.10
N ASN A 36 12.55 -5.16 1.05
CA ASN A 36 11.87 -4.96 2.33
C ASN A 36 12.49 -3.79 3.10
N VAL A 37 13.78 -3.54 2.88
CA VAL A 37 14.49 -2.46 3.54
C VAL A 37 13.83 -1.12 3.23
N LEU A 38 13.29 -1.00 2.02
CA LEU A 38 12.60 0.21 1.60
C LEU A 38 11.42 0.51 2.50
N ALA A 39 10.67 -0.53 2.85
CA ALA A 39 9.48 -0.36 3.67
C ALA A 39 9.86 0.12 5.07
N HIS A 40 10.90 -0.48 5.63
CA HIS A 40 11.32 -0.13 6.98
C HIS A 40 11.69 1.35 7.08
N ARG A 41 12.33 1.88 6.04
CA ARG A 41 12.79 3.27 6.05
C ARG A 41 11.73 4.24 5.53
N SER A 42 10.72 3.73 4.82
CA SER A 42 9.68 4.59 4.28
C SER A 42 8.50 4.69 5.24
N LEU A 43 8.15 3.57 5.84
CA LEU A 43 6.97 3.51 6.68
C LEU A 43 7.26 4.11 8.05
N PRO A 44 6.51 5.15 8.42
CA PRO A 44 6.70 5.88 9.68
C PRO A 44 6.22 5.09 10.90
N LEU A 45 5.88 5.79 11.97
CA LEU A 45 5.34 5.16 13.16
C LEU A 45 3.86 5.47 13.29
N SER A 46 3.12 4.54 13.86
CA SER A 46 1.69 4.69 14.02
C SER A 46 1.33 5.35 15.36
N GLU A 47 1.81 4.76 16.44
CA GLU A 47 1.55 5.28 17.77
C GLU A 47 2.59 6.34 18.12
N GLY A 48 2.15 7.58 18.18
CA GLY A 48 3.06 8.69 18.40
C GLY A 48 3.50 9.30 17.09
N GLY A 49 3.07 8.67 16.01
CA GLY A 49 3.42 9.13 14.68
C GLY A 49 2.18 9.39 13.84
N PRO A 50 2.35 9.95 12.64
CA PRO A 50 1.25 10.21 11.74
C PRO A 50 1.01 9.06 10.76
N PRO A 51 -0.26 8.67 10.56
CA PRO A 51 -0.65 7.68 9.56
C PRO A 51 -0.22 8.11 8.16
N LEU A 52 -0.09 7.15 7.25
CA LEU A 52 0.32 7.46 5.88
C LEU A 52 -0.78 8.23 5.16
N ARG A 53 -0.54 9.52 4.93
CA ARG A 53 -1.55 10.38 4.32
C ARG A 53 -1.33 10.52 2.82
N ILE A 54 -2.43 10.48 2.08
CA ILE A 54 -2.37 10.50 0.62
C ILE A 54 -2.45 11.94 0.10
N ALA A 55 -1.31 12.42 -0.37
CA ALA A 55 -1.18 13.82 -0.77
C ALA A 55 -0.95 13.96 -2.27
N GLN A 56 -0.87 12.84 -2.98
CA GLN A 56 -0.72 12.85 -4.44
C GLN A 56 -1.40 11.65 -5.07
N ARG A 57 -1.45 11.62 -6.40
CA ARG A 57 -2.09 10.52 -7.12
C ARG A 57 -1.45 10.31 -8.50
N MET A 58 -1.29 9.04 -8.88
CA MET A 58 -0.73 8.71 -10.18
C MET A 58 -1.80 8.14 -11.09
N ARG A 59 -1.98 8.72 -12.26
CA ARG A 59 -2.99 8.24 -13.19
C ARG A 59 -2.59 6.83 -13.63
N LEU A 60 -3.32 5.80 -13.22
CA LEU A 60 -3.00 4.47 -13.70
C LEU A 60 -3.57 4.32 -15.10
N GLU A 61 -2.70 4.52 -16.08
CA GLU A 61 -3.06 4.41 -17.47
C GLU A 61 -2.23 3.31 -18.11
N ALA A 62 -2.66 2.85 -19.29
CA ALA A 62 -1.96 1.77 -19.99
C ALA A 62 -0.46 2.04 -20.09
N THR A 63 -0.11 3.21 -20.61
CA THR A 63 1.28 3.60 -20.80
C THR A 63 2.01 3.73 -19.47
N GLN A 64 1.31 4.29 -18.48
CA GLN A 64 1.89 4.51 -17.16
C GLN A 64 2.16 3.18 -16.47
N LEU A 65 1.24 2.23 -16.62
CA LEU A 65 1.39 0.91 -16.01
C LEU A 65 2.63 0.21 -16.55
N GLU A 66 2.94 0.44 -17.82
CA GLU A 66 4.16 -0.08 -18.42
C GLU A 66 5.37 0.46 -17.67
N GLY A 67 5.39 1.78 -17.49
CA GLY A 67 6.46 2.43 -16.76
C GLY A 67 6.56 1.95 -15.32
N VAL A 68 5.41 1.79 -14.66
CA VAL A 68 5.37 1.29 -13.29
C VAL A 68 5.98 -0.11 -13.22
N ALA A 69 5.61 -0.95 -14.18
CA ALA A 69 6.10 -2.33 -14.24
C ALA A 69 7.63 -2.36 -14.30
N ARG A 70 8.22 -1.40 -15.02
CA ARG A 70 9.67 -1.32 -15.15
C ARG A 70 10.34 -1.19 -13.79
N ARG A 71 9.82 -0.33 -12.93
CA ARG A 71 10.40 -0.12 -11.61
C ARG A 71 9.98 -1.26 -10.67
N MET A 72 8.95 -2.00 -11.06
CA MET A 72 8.50 -3.15 -10.29
C MET A 72 9.32 -4.39 -10.69
N THR A 73 9.88 -4.32 -11.88
CA THR A 73 10.71 -5.36 -12.41
C THR A 73 12.08 -5.36 -11.72
N VAL A 74 12.44 -4.21 -11.18
CA VAL A 74 13.69 -4.06 -10.46
C VAL A 74 13.46 -4.17 -8.96
N GLU A 75 13.49 -5.39 -8.44
CA GLU A 75 13.33 -5.59 -7.01
C GLU A 75 14.61 -5.16 -6.31
N THR A 76 14.52 -4.02 -5.62
CA THR A 76 15.64 -3.32 -4.98
C THR A 76 15.31 -1.83 -4.98
N ASP A 77 14.82 -1.35 -6.12
CA ASP A 77 14.46 0.06 -6.28
C ASP A 77 13.06 0.31 -5.76
N TYR A 78 12.21 -0.70 -5.88
CA TYR A 78 10.86 -0.58 -5.37
C TYR A 78 10.61 -1.64 -4.31
N CYS A 79 9.63 -1.39 -3.49
CA CYS A 79 9.14 -2.38 -2.56
C CYS A 79 7.67 -2.59 -2.82
N LEU A 80 7.25 -3.83 -2.82
CA LEU A 80 5.86 -4.14 -3.04
C LEU A 80 5.23 -4.53 -1.70
N LEU A 81 4.15 -3.84 -1.36
CA LEU A 81 3.49 -4.07 -0.10
C LEU A 81 2.01 -4.37 -0.31
N LEU A 82 1.43 -5.08 0.63
CA LEU A 82 0.03 -5.42 0.57
C LEU A 82 -0.67 -4.88 1.81
N ALA A 83 -1.47 -3.84 1.64
CA ALA A 83 -2.16 -3.23 2.77
C ALA A 83 -3.55 -3.81 2.91
N LEU A 84 -3.79 -4.41 4.06
CA LEU A 84 -5.06 -5.04 4.38
C LEU A 84 -5.64 -4.41 5.64
N PRO A 85 -6.97 -4.31 5.73
CA PRO A 85 -7.63 -3.79 6.93
C PRO A 85 -7.27 -4.61 8.17
N CYS A 86 -6.61 -3.97 9.12
CA CYS A 86 -6.21 -4.65 10.34
C CYS A 86 -7.11 -4.24 11.48
N GLY A 87 -7.83 -5.20 12.02
CA GLY A 87 -8.71 -4.91 13.13
C GLY A 87 -8.13 -5.39 14.43
N ARG A 88 -8.27 -4.58 15.45
CA ARG A 88 -7.82 -4.92 16.80
C ARG A 88 -8.70 -6.02 17.35
N ASP A 89 -9.94 -6.01 16.91
CA ASP A 89 -10.91 -7.00 17.31
C ASP A 89 -11.76 -7.37 16.09
N GLN A 90 -12.63 -8.35 16.24
CA GLN A 90 -13.42 -8.86 15.11
C GLN A 90 -14.29 -7.75 14.52
N GLU A 91 -14.88 -6.94 15.39
CA GLU A 91 -15.71 -5.82 14.95
C GLU A 91 -14.83 -4.78 14.25
N ASP A 92 -13.69 -4.49 14.86
CA ASP A 92 -12.74 -3.53 14.33
C ASP A 92 -12.34 -3.91 12.91
N VAL A 93 -12.04 -5.20 12.72
CA VAL A 93 -11.67 -5.74 11.41
C VAL A 93 -12.74 -5.42 10.38
N VAL A 94 -13.98 -5.82 10.69
CA VAL A 94 -15.09 -5.62 9.78
C VAL A 94 -15.26 -4.14 9.46
N SER A 95 -15.23 -3.33 10.50
CA SER A 95 -15.39 -1.89 10.37
C SER A 95 -14.30 -1.29 9.49
N GLN A 96 -13.04 -1.63 9.77
CA GLN A 96 -11.92 -1.08 9.03
C GLN A 96 -11.90 -1.57 7.59
N THR A 97 -12.40 -2.77 7.37
CA THR A 97 -12.52 -3.30 6.02
C THR A 97 -13.46 -2.42 5.20
N GLU A 98 -14.62 -2.11 5.77
CA GLU A 98 -15.61 -1.26 5.11
C GLU A 98 -15.12 0.15 4.97
N SER A 99 -14.57 0.68 6.05
CA SER A 99 -14.03 2.04 6.05
C SER A 99 -12.99 2.20 4.95
N LEU A 100 -12.07 1.24 4.87
CA LEU A 100 -11.06 1.25 3.81
C LEU A 100 -11.72 1.11 2.45
N LYS A 101 -12.70 0.24 2.38
CA LYS A 101 -13.42 -0.03 1.15
C LYS A 101 -14.12 1.23 0.64
N ALA A 102 -14.87 1.89 1.52
CA ALA A 102 -15.60 3.10 1.14
C ALA A 102 -14.68 4.31 0.95
N ALA A 103 -13.63 4.41 1.76
CA ALA A 103 -12.81 5.62 1.78
C ALA A 103 -11.64 5.56 0.80
N PHE A 104 -10.92 4.44 0.80
CA PHE A 104 -9.73 4.32 -0.03
C PHE A 104 -10.02 3.56 -1.31
N ILE A 105 -10.65 2.41 -1.18
CA ILE A 105 -10.92 1.54 -2.32
C ILE A 105 -11.82 2.25 -3.33
N THR A 106 -13.01 2.65 -2.88
CA THR A 106 -13.97 3.32 -3.74
C THR A 106 -13.37 4.60 -4.35
N TYR A 107 -12.58 5.32 -3.57
CA TYR A 107 -11.95 6.54 -4.04
C TYR A 107 -10.91 6.23 -5.11
N LEU A 108 -9.99 5.33 -4.78
CA LEU A 108 -8.82 5.10 -5.61
C LEU A 108 -9.20 4.42 -6.92
N GLN A 109 -10.21 3.57 -6.87
CA GLN A 109 -10.70 2.90 -8.06
C GLN A 109 -11.42 3.91 -8.95
N ALA A 110 -12.13 4.84 -8.32
CA ALA A 110 -12.86 5.88 -9.05
C ALA A 110 -11.90 6.87 -9.68
N LYS A 111 -10.82 7.17 -8.97
CA LYS A 111 -9.81 8.10 -9.48
C LYS A 111 -8.98 7.44 -10.57
N GLN A 112 -9.01 6.10 -10.59
CA GLN A 112 -8.08 5.34 -11.43
C GLN A 112 -6.65 5.84 -11.20
N ALA A 113 -6.27 5.93 -9.92
CA ALA A 113 -5.01 6.56 -9.57
C ALA A 113 -4.21 5.71 -8.58
N ALA A 114 -2.98 6.13 -8.35
CA ALA A 114 -2.15 5.59 -7.29
C ALA A 114 -2.06 6.59 -6.16
N GLY A 115 -2.54 6.21 -4.99
CA GLY A 115 -2.46 7.08 -3.83
C GLY A 115 -1.02 7.31 -3.44
N ILE A 116 -0.52 8.50 -3.71
CA ILE A 116 0.89 8.80 -3.49
C ILE A 116 1.11 9.37 -2.11
N ILE A 117 1.95 8.69 -1.36
CA ILE A 117 2.34 9.15 -0.04
C ILE A 117 3.84 9.36 0.01
N ASN A 118 4.25 10.59 0.24
CA ASN A 118 5.66 10.96 0.24
C ASN A 118 6.20 10.93 1.66
N VAL A 119 7.27 10.19 1.86
CA VAL A 119 7.91 10.12 3.17
C VAL A 119 9.38 10.51 3.05
N PRO A 120 9.93 11.14 4.09
CA PRO A 120 11.34 11.43 4.15
C PRO A 120 12.14 10.33 4.85
N ASN A 121 13.33 10.07 4.34
CA ASN A 121 14.24 9.10 4.96
C ASN A 121 14.67 9.60 6.32
N PRO A 122 14.34 8.86 7.39
CA PRO A 122 14.66 9.24 8.77
C PRO A 122 16.13 9.58 8.97
N GLY A 123 16.40 10.81 9.37
CA GLY A 123 17.75 11.24 9.61
C GLY A 123 18.27 12.13 8.50
N SER A 124 17.99 11.75 7.27
CA SER A 124 18.44 12.52 6.12
C SER A 124 17.41 13.59 5.75
N ASN A 125 16.15 13.33 6.11
CA ASN A 125 15.04 14.22 5.79
C ASN A 125 14.90 14.33 4.27
N GLN A 126 15.08 13.20 3.61
CA GLN A 126 14.97 13.14 2.15
C GLN A 126 13.62 12.54 1.75
N PRO A 127 12.70 13.37 1.23
CA PRO A 127 11.35 12.93 0.85
C PRO A 127 11.34 12.21 -0.51
N ALA A 128 12.48 11.64 -0.88
CA ALA A 128 12.63 10.97 -2.16
C ALA A 128 12.06 9.55 -2.12
N TYR A 129 10.94 9.41 -1.41
CA TYR A 129 10.23 8.14 -1.35
C TYR A 129 8.77 8.33 -1.69
N VAL A 130 8.27 7.49 -2.57
CA VAL A 130 6.88 7.54 -2.99
C VAL A 130 6.22 6.20 -2.75
N LEU A 131 5.21 6.19 -1.91
CA LEU A 131 4.39 5.02 -1.74
C LEU A 131 3.16 5.16 -2.61
N GLN A 132 3.08 4.32 -3.63
CA GLN A 132 1.99 4.34 -4.58
C GLN A 132 0.93 3.35 -4.17
N ILE A 133 -0.21 3.85 -3.75
CA ILE A 133 -1.31 3.01 -3.31
C ILE A 133 -2.26 2.74 -4.47
N PHE A 134 -2.11 1.57 -5.07
CA PHE A 134 -2.98 1.18 -6.17
C PHE A 134 -4.21 0.46 -5.62
N PRO A 135 -5.39 0.76 -6.18
CA PRO A 135 -6.63 0.09 -5.80
C PRO A 135 -6.62 -1.38 -6.24
N PRO A 136 -7.59 -2.19 -5.77
CA PRO A 136 -7.71 -3.60 -6.17
C PRO A 136 -8.05 -3.73 -7.66
N CYS A 137 -7.02 -3.62 -8.49
CA CYS A 137 -7.18 -3.65 -9.93
C CYS A 137 -6.53 -4.90 -10.51
N GLU A 138 -6.89 -5.24 -11.75
CA GLU A 138 -6.28 -6.38 -12.42
C GLU A 138 -4.77 -6.24 -12.43
N PHE A 139 -4.31 -5.00 -12.58
CA PHE A 139 -2.88 -4.69 -12.52
C PHE A 139 -2.26 -5.21 -11.22
N SER A 140 -2.85 -4.84 -10.09
CA SER A 140 -2.31 -5.24 -8.80
C SER A 140 -2.49 -6.73 -8.57
N GLU A 141 -3.73 -7.21 -8.71
CA GLU A 141 -4.08 -8.57 -8.38
C GLU A 141 -3.31 -9.58 -9.21
N SER A 142 -3.20 -9.33 -10.50
CA SER A 142 -2.51 -10.24 -11.38
C SER A 142 -1.02 -10.27 -11.05
N HIS A 143 -0.45 -9.09 -10.82
CA HIS A 143 0.95 -9.01 -10.42
C HIS A 143 1.17 -9.68 -9.07
N LEU A 144 0.19 -9.54 -8.18
CA LEU A 144 0.26 -10.17 -6.87
C LEU A 144 0.25 -11.68 -6.99
N SER A 145 -0.60 -12.21 -7.87
CA SER A 145 -0.68 -13.63 -8.11
C SER A 145 0.67 -14.18 -8.56
N ARG A 146 1.39 -13.36 -9.32
CA ARG A 146 2.70 -13.72 -9.82
C ARG A 146 3.78 -13.55 -8.76
N LEU A 147 3.79 -12.37 -8.14
CA LEU A 147 4.86 -11.96 -7.24
C LEU A 147 4.76 -12.66 -5.88
N ALA A 148 3.55 -12.84 -5.37
CA ALA A 148 3.35 -13.49 -4.07
C ALA A 148 2.06 -14.31 -4.05
N PRO A 149 2.14 -15.58 -4.47
CA PRO A 149 0.96 -16.42 -4.61
C PRO A 149 0.35 -16.87 -3.27
N ASP A 150 1.15 -16.89 -2.21
CA ASP A 150 0.69 -17.46 -0.95
C ASP A 150 -0.17 -16.46 -0.20
N LEU A 151 0.24 -15.20 -0.22
CA LEU A 151 -0.53 -14.15 0.40
C LEU A 151 -1.68 -13.79 -0.54
N LEU A 152 -1.46 -13.96 -1.85
CA LEU A 152 -2.49 -13.72 -2.85
C LEU A 152 -3.74 -14.52 -2.52
N ALA A 153 -3.55 -15.77 -2.16
CA ALA A 153 -4.67 -16.65 -1.83
C ALA A 153 -5.48 -16.07 -0.66
N SER A 154 -4.80 -15.44 0.27
CA SER A 154 -5.46 -14.81 1.41
C SER A 154 -6.23 -13.57 0.96
N ILE A 155 -5.63 -12.77 0.08
CA ILE A 155 -6.21 -11.49 -0.30
C ILE A 155 -7.31 -11.67 -1.32
N SER A 156 -7.35 -12.83 -1.97
CA SER A 156 -8.43 -13.16 -2.89
C SER A 156 -9.78 -13.09 -2.18
N ASN A 157 -9.76 -13.30 -0.86
CA ASN A 157 -10.95 -13.21 -0.04
C ASN A 157 -11.15 -11.77 0.42
N ILE A 158 -10.05 -11.08 0.71
CA ILE A 158 -10.11 -9.70 1.16
C ILE A 158 -9.65 -8.79 0.02
N SER A 159 -10.16 -9.11 -1.17
CA SER A 159 -10.00 -8.30 -2.38
C SER A 159 -10.05 -6.79 -2.11
N PRO A 160 -10.99 -6.28 -1.27
CA PRO A 160 -10.92 -4.88 -0.81
C PRO A 160 -9.62 -4.59 -0.07
N HIS A 161 -8.59 -4.21 -0.82
CA HIS A 161 -7.27 -3.95 -0.27
C HIS A 161 -6.51 -2.99 -1.15
N LEU A 162 -5.30 -2.64 -0.73
CA LEU A 162 -4.48 -1.72 -1.48
C LEU A 162 -3.10 -2.31 -1.74
N MET A 163 -2.65 -2.19 -2.98
CA MET A 163 -1.31 -2.65 -3.34
C MET A 163 -0.39 -1.44 -3.38
N ILE A 164 0.54 -1.39 -2.46
CA ILE A 164 1.35 -0.21 -2.26
C ILE A 164 2.80 -0.42 -2.73
N VAL A 165 3.20 0.40 -3.69
CA VAL A 165 4.54 0.33 -4.27
C VAL A 165 5.42 1.43 -3.72
N ILE A 166 6.48 1.05 -3.02
CA ILE A 166 7.43 2.01 -2.51
C ILE A 166 8.54 2.22 -3.52
N ALA A 167 8.59 3.40 -4.11
CA ALA A 167 9.57 3.68 -5.14
C ALA A 167 10.62 4.67 -4.68
N SER A 168 11.88 4.32 -4.85
CA SER A 168 12.97 5.22 -4.56
C SER A 168 13.12 6.23 -5.70
N VAL A 169 12.98 7.51 -5.38
CA VAL A 169 13.14 8.56 -6.36
C VAL A 169 14.62 8.94 -6.46
N TYR B 1 3.19 13.94 -9.65
CA TYR B 1 2.09 13.02 -9.28
C TYR B 1 0.87 13.79 -8.77
N GLU B 2 0.62 14.97 -9.35
CA GLU B 2 -0.54 15.78 -8.99
C GLU B 2 -0.50 16.09 -7.47
N THR B 3 -1.65 16.26 -6.86
CA THR B 3 -1.76 16.45 -5.43
C THR B 3 -3.16 15.99 -4.99
N LEU B 4 -3.24 15.10 -4.00
CA LEU B 4 -4.54 14.70 -3.51
C LEU B 4 -4.99 15.64 -2.41
N SEP B 5 -5.38 15.11 -1.26
CA SEP B 5 -6.23 15.88 -0.39
CB SEP B 5 -7.64 15.94 -0.98
OG SEP B 5 -7.55 16.50 -2.31
C SEP B 5 -6.26 15.28 1.02
O SEP B 5 -6.63 14.12 1.20
P SEP B 5 -9.00 16.58 -2.99
O1P SEP B 5 -9.89 17.44 -2.17
O2P SEP B 5 -8.85 17.21 -4.47
O3P SEP B 5 -9.62 15.10 -3.10
H SEP B 5 -5.07 14.21 -1.00
HA SEP B 5 -5.83 16.88 -0.32
HB2 SEP B 5 -8.05 14.94 -1.05
HB3 SEP B 5 -8.28 16.56 -0.37
N ASP B 6 -5.83 16.06 1.99
CA ASP B 6 -5.71 15.63 3.37
C ASP B 6 -5.73 16.83 4.30
N SEP B 7 -4.75 17.71 4.13
CA SEP B 7 -4.67 18.93 4.90
CB SEP B 7 -3.72 18.77 6.10
OG SEP B 7 -4.14 17.69 6.91
C SEP B 7 -4.21 20.09 4.03
O SEP B 7 -4.30 21.25 4.43
P SEP B 7 -3.10 17.58 8.14
O1P SEP B 7 -3.11 18.84 8.91
O2P SEP B 7 -3.53 16.36 9.11
O3P SEP B 7 -1.62 17.30 7.58
H SEP B 7 -4.05 17.51 3.47
HA SEP B 7 -5.66 19.15 5.27
HB2 SEP B 7 -2.71 18.57 5.73
HB3 SEP B 7 -3.72 19.68 6.68
N GLU B 8 -3.74 19.78 2.82
CA GLU B 8 -3.35 20.81 1.86
C GLU B 8 -4.59 21.40 1.19
N VAL A 1 -7.86 -17.81 4.62
CA VAL A 1 -6.79 -16.80 4.64
C VAL A 1 -5.74 -17.18 5.68
N ASP A 2 -4.62 -17.71 5.23
CA ASP A 2 -3.56 -18.13 6.13
C ASP A 2 -2.39 -17.18 6.10
N MET A 3 -2.19 -16.46 7.20
CA MET A 3 -1.06 -15.55 7.32
C MET A 3 0.20 -16.33 7.66
N VAL A 4 0.03 -17.40 8.43
CA VAL A 4 1.14 -18.25 8.85
C VAL A 4 1.83 -18.91 7.66
N GLN A 5 1.13 -19.04 6.55
CA GLN A 5 1.73 -19.57 5.34
C GLN A 5 2.51 -18.50 4.59
N LEU A 6 1.81 -17.43 4.21
CA LEU A 6 2.38 -16.40 3.36
C LEU A 6 3.55 -15.64 4.03
N LEU A 7 3.49 -15.46 5.35
CA LEU A 7 4.50 -14.63 6.03
C LEU A 7 5.87 -15.31 5.98
N LYS A 8 5.87 -16.61 5.67
CA LYS A 8 7.11 -17.35 5.50
C LYS A 8 7.93 -16.75 4.37
N LYS A 9 7.25 -16.35 3.32
CA LYS A 9 7.90 -15.77 2.16
C LYS A 9 7.92 -14.25 2.30
N TYR A 10 6.79 -13.72 2.75
CA TYR A 10 6.62 -12.28 2.87
C TYR A 10 5.78 -11.92 4.09
N PRO A 11 6.45 -11.50 5.18
CA PRO A 11 5.82 -11.13 6.44
C PRO A 11 5.40 -9.65 6.51
N ILE A 12 4.69 -9.28 7.57
CA ILE A 12 4.22 -7.92 7.76
C ILE A 12 5.39 -6.98 8.08
N VAL A 13 5.47 -5.88 7.34
CA VAL A 13 6.55 -4.93 7.51
C VAL A 13 6.12 -3.74 8.36
N TRP A 14 4.83 -3.41 8.31
CA TRP A 14 4.30 -2.28 9.05
C TRP A 14 2.82 -2.50 9.35
N GLN A 15 2.33 -1.80 10.35
CA GLN A 15 0.93 -1.86 10.72
C GLN A 15 0.55 -0.52 11.34
N GLY A 16 -0.40 0.16 10.73
CA GLY A 16 -0.79 1.46 11.18
C GLY A 16 -2.08 1.91 10.55
N LEU A 17 -2.11 3.13 10.04
CA LEU A 17 -3.31 3.64 9.42
C LEU A 17 -2.97 4.45 8.18
N LEU A 18 -3.91 4.50 7.26
CA LEU A 18 -3.83 5.37 6.10
C LEU A 18 -4.88 6.47 6.25
N ALA A 19 -4.62 7.64 5.70
CA ALA A 19 -5.54 8.76 5.83
C ALA A 19 -5.60 9.60 4.55
N LEU A 20 -6.80 9.79 4.02
CA LEU A 20 -6.98 10.72 2.91
C LEU A 20 -8.27 11.52 3.13
N LYS A 21 -8.25 12.80 2.75
CA LYS A 21 -9.33 13.73 3.11
C LYS A 21 -9.37 13.86 4.63
N ASN A 22 -10.22 13.07 5.25
CA ASN A 22 -10.31 12.99 6.70
C ASN A 22 -10.59 11.55 7.11
N ASP A 23 -10.58 10.65 6.14
CA ASP A 23 -10.93 9.26 6.40
C ASP A 23 -9.69 8.44 6.70
N THR A 24 -9.78 7.61 7.73
CA THR A 24 -8.65 6.81 8.16
C THR A 24 -9.00 5.33 8.17
N ALA A 25 -8.04 4.52 7.76
CA ALA A 25 -8.21 3.07 7.79
C ALA A 25 -6.97 2.41 8.37
N ALA A 26 -7.12 1.76 9.50
CA ALA A 26 -6.04 1.01 10.11
C ALA A 26 -5.74 -0.22 9.27
N VAL A 27 -4.53 -0.28 8.76
CA VAL A 27 -4.12 -1.35 7.88
C VAL A 27 -2.80 -1.98 8.30
N GLN A 28 -2.69 -3.27 8.05
CA GLN A 28 -1.44 -3.99 8.26
C GLN A 28 -0.81 -4.27 6.91
N LEU A 29 0.43 -3.87 6.77
CA LEU A 29 1.15 -3.98 5.51
C LEU A 29 1.97 -5.24 5.46
N HIS A 30 1.52 -6.17 4.65
CA HIS A 30 2.26 -7.39 4.39
C HIS A 30 3.28 -7.12 3.31
N PHE A 31 4.46 -7.68 3.45
CA PHE A 31 5.45 -7.62 2.39
C PHE A 31 4.96 -8.45 1.21
N VAL A 32 5.17 -7.98 0.01
CA VAL A 32 4.82 -8.75 -1.16
C VAL A 32 6.06 -9.11 -1.98
N SER A 33 6.83 -8.08 -2.30
CA SER A 33 7.94 -8.21 -3.22
C SER A 33 8.87 -7.01 -3.06
N GLY A 34 10.03 -7.06 -3.69
CA GLY A 34 10.93 -5.93 -3.65
C GLY A 34 11.88 -5.97 -2.47
N ASN A 35 12.23 -4.79 -1.97
CA ASN A 35 13.19 -4.68 -0.87
C ASN A 35 12.48 -4.27 0.41
N ASN A 36 12.48 -5.16 1.39
CA ASN A 36 11.80 -4.93 2.67
C ASN A 36 12.38 -3.73 3.43
N VAL A 37 13.67 -3.50 3.26
CA VAL A 37 14.34 -2.39 3.92
C VAL A 37 13.71 -1.07 3.48
N LEU A 38 13.30 -1.01 2.21
CA LEU A 38 12.63 0.16 1.66
C LEU A 38 11.40 0.53 2.47
N ALA A 39 10.65 -0.47 2.91
CA ALA A 39 9.46 -0.21 3.69
C ALA A 39 9.83 0.39 5.04
N HIS A 40 10.83 -0.18 5.67
CA HIS A 40 11.24 0.30 7.00
C HIS A 40 11.75 1.74 6.91
N ARG A 41 12.38 2.10 5.80
CA ARG A 41 12.94 3.44 5.62
C ARG A 41 11.93 4.44 5.05
N SER A 42 10.79 3.94 4.57
CA SER A 42 9.77 4.82 4.00
C SER A 42 8.60 5.00 4.96
N LEU A 43 8.21 3.92 5.62
CA LEU A 43 7.05 3.94 6.51
C LEU A 43 7.45 4.54 7.85
N PRO A 44 6.88 5.70 8.20
CA PRO A 44 7.20 6.37 9.45
C PRO A 44 6.75 5.56 10.65
N LEU A 45 7.62 5.50 11.64
CA LEU A 45 7.36 4.73 12.84
C LEU A 45 8.41 5.01 13.89
N SER A 46 7.98 5.05 15.14
CA SER A 46 8.85 5.34 16.26
C SER A 46 8.11 5.04 17.55
N GLU A 47 6.83 5.37 17.57
CA GLU A 47 5.99 5.13 18.74
C GLU A 47 4.51 5.11 18.35
N GLY A 48 3.96 3.92 18.20
CA GLY A 48 2.56 3.78 17.85
C GLY A 48 2.38 3.48 16.38
N GLY A 49 2.29 4.53 15.58
CA GLY A 49 2.12 4.35 14.16
C GLY A 49 1.46 5.55 13.49
N PRO A 50 2.25 6.42 12.85
CA PRO A 50 1.73 7.58 12.13
C PRO A 50 0.95 7.17 10.88
N PRO A 51 -0.21 7.79 10.65
CA PRO A 51 -1.05 7.47 9.49
C PRO A 51 -0.51 8.07 8.19
N LEU A 52 -0.30 7.21 7.21
CA LEU A 52 0.15 7.63 5.88
C LEU A 52 -0.96 8.41 5.18
N ARG A 53 -0.78 9.70 5.00
CA ARG A 53 -1.81 10.53 4.39
C ARG A 53 -1.54 10.72 2.90
N ILE A 54 -2.61 10.65 2.11
CA ILE A 54 -2.52 10.66 0.66
C ILE A 54 -2.54 12.10 0.11
N ALA A 55 -1.42 12.51 -0.45
CA ALA A 55 -1.27 13.89 -0.91
C ALA A 55 -0.95 13.96 -2.40
N GLN A 56 -0.95 12.81 -3.07
CA GLN A 56 -0.73 12.75 -4.52
C GLN A 56 -1.43 11.53 -5.12
N ARG A 57 -1.42 11.43 -6.45
CA ARG A 57 -2.07 10.32 -7.13
C ARG A 57 -1.53 10.13 -8.55
N MET A 58 -1.34 8.88 -8.94
CA MET A 58 -0.90 8.56 -10.30
C MET A 58 -2.01 7.86 -11.06
N ARG A 59 -2.44 8.44 -12.15
CA ARG A 59 -3.52 7.84 -12.93
C ARG A 59 -3.03 6.56 -13.58
N LEU A 60 -3.53 5.42 -13.10
CA LEU A 60 -3.05 4.14 -13.59
C LEU A 60 -3.50 3.92 -15.02
N GLU A 61 -2.59 4.21 -15.92
CA GLU A 61 -2.82 4.05 -17.35
C GLU A 61 -1.87 3.01 -17.91
N ALA A 62 -2.22 2.44 -19.05
CA ALA A 62 -1.43 1.38 -19.66
C ALA A 62 0.05 1.77 -19.75
N THR A 63 0.31 2.96 -20.28
CA THR A 63 1.67 3.47 -20.43
C THR A 63 2.34 3.66 -19.06
N GLN A 64 1.60 4.23 -18.12
CA GLN A 64 2.13 4.51 -16.79
C GLN A 64 2.44 3.22 -16.03
N LEU A 65 1.58 2.23 -16.19
CA LEU A 65 1.75 0.94 -15.53
C LEU A 65 3.04 0.28 -15.99
N GLU A 66 3.39 0.48 -17.26
CA GLU A 66 4.64 -0.01 -17.80
C GLU A 66 5.80 0.63 -17.04
N GLY A 67 5.72 1.95 -16.88
CA GLY A 67 6.72 2.67 -16.13
C GLY A 67 6.84 2.20 -14.69
N VAL A 68 5.71 1.82 -14.11
CA VAL A 68 5.68 1.27 -12.76
C VAL A 68 6.38 -0.09 -12.73
N ALA A 69 5.93 -0.99 -13.59
CA ALA A 69 6.47 -2.35 -13.67
C ALA A 69 7.96 -2.34 -13.99
N ARG A 70 8.40 -1.28 -14.67
CA ARG A 70 9.82 -1.13 -15.03
C ARG A 70 10.70 -1.14 -13.78
N ARG A 71 10.24 -0.48 -12.72
CA ARG A 71 10.97 -0.47 -11.46
C ARG A 71 10.58 -1.66 -10.59
N MET A 72 9.48 -2.32 -10.95
CA MET A 72 8.98 -3.46 -10.19
C MET A 72 9.75 -4.73 -10.52
N THR A 73 10.31 -4.77 -11.72
CA THR A 73 11.04 -5.95 -12.17
C THR A 73 12.41 -6.02 -11.49
N VAL A 74 12.77 -4.94 -10.78
CA VAL A 74 14.04 -4.89 -10.07
C VAL A 74 13.77 -4.78 -8.56
N GLU A 75 13.69 -5.92 -7.90
CA GLU A 75 13.48 -5.93 -6.46
C GLU A 75 14.73 -5.42 -5.77
N THR A 76 14.61 -4.21 -5.23
CA THR A 76 15.71 -3.44 -4.62
C THR A 76 15.38 -1.95 -4.76
N ASP A 77 14.95 -1.57 -5.96
CA ASP A 77 14.62 -0.18 -6.25
C ASP A 77 13.21 0.15 -5.78
N TYR A 78 12.37 -0.87 -5.71
CA TYR A 78 11.02 -0.68 -5.24
C TYR A 78 10.70 -1.69 -4.16
N CYS A 79 9.66 -1.42 -3.40
CA CYS A 79 9.14 -2.37 -2.45
C CYS A 79 7.66 -2.55 -2.72
N LEU A 80 7.21 -3.78 -2.72
CA LEU A 80 5.80 -4.06 -2.95
C LEU A 80 5.16 -4.45 -1.64
N LEU A 81 4.08 -3.77 -1.29
CA LEU A 81 3.41 -4.00 -0.02
C LEU A 81 1.93 -4.28 -0.23
N LEU A 82 1.35 -4.97 0.73
CA LEU A 82 -0.04 -5.33 0.68
C LEU A 82 -0.73 -4.81 1.94
N ALA A 83 -1.53 -3.76 1.82
CA ALA A 83 -2.20 -3.17 2.97
C ALA A 83 -3.59 -3.75 3.13
N LEU A 84 -3.80 -4.38 4.28
CA LEU A 84 -5.07 -5.00 4.62
C LEU A 84 -5.66 -4.35 5.87
N PRO A 85 -6.99 -4.21 5.94
CA PRO A 85 -7.65 -3.64 7.11
C PRO A 85 -7.38 -4.47 8.37
N CYS A 86 -6.65 -3.88 9.32
CA CYS A 86 -6.29 -4.59 10.54
C CYS A 86 -7.17 -4.13 11.68
N GLY A 87 -8.00 -5.04 12.16
CA GLY A 87 -8.88 -4.71 13.25
C GLY A 87 -8.40 -5.30 14.55
N ARG A 88 -8.65 -4.58 15.63
CA ARG A 88 -8.27 -5.02 16.97
C ARG A 88 -9.17 -6.15 17.41
N ASP A 89 -10.41 -6.06 16.99
CA ASP A 89 -11.41 -7.05 17.31
C ASP A 89 -12.15 -7.41 16.03
N GLN A 90 -12.90 -8.49 16.05
CA GLN A 90 -13.71 -8.89 14.90
C GLN A 90 -14.60 -7.74 14.46
N GLU A 91 -15.12 -6.99 15.44
CA GLU A 91 -15.92 -5.81 15.17
C GLU A 91 -15.07 -4.73 14.51
N ASP A 92 -13.87 -4.52 15.03
CA ASP A 92 -12.98 -3.50 14.54
C ASP A 92 -12.55 -3.79 13.11
N VAL A 93 -12.27 -5.06 12.84
CA VAL A 93 -11.90 -5.51 11.51
C VAL A 93 -12.96 -5.13 10.50
N VAL A 94 -14.21 -5.43 10.84
CA VAL A 94 -15.34 -5.09 9.98
C VAL A 94 -15.40 -3.59 9.75
N SER A 95 -15.27 -2.83 10.83
CA SER A 95 -15.33 -1.38 10.77
C SER A 95 -14.19 -0.82 9.91
N GLN A 96 -13.00 -1.38 10.08
CA GLN A 96 -11.86 -0.94 9.29
C GLN A 96 -12.04 -1.31 7.82
N THR A 97 -12.59 -2.49 7.58
CA THR A 97 -12.83 -2.95 6.22
C THR A 97 -13.80 -2.02 5.49
N GLU A 98 -14.95 -1.76 6.10
CA GLU A 98 -15.97 -0.91 5.49
C GLU A 98 -15.44 0.51 5.28
N SER A 99 -14.72 1.03 6.27
CA SER A 99 -14.13 2.36 6.18
C SER A 99 -13.14 2.42 5.02
N LEU A 100 -12.27 1.42 4.93
CA LEU A 100 -11.27 1.36 3.88
C LEU A 100 -11.94 1.24 2.51
N LYS A 101 -12.97 0.41 2.42
CA LYS A 101 -13.67 0.20 1.17
C LYS A 101 -14.33 1.49 0.67
N ALA A 102 -14.99 2.20 1.57
CA ALA A 102 -15.71 3.41 1.19
C ALA A 102 -14.76 4.59 0.98
N ALA A 103 -13.67 4.63 1.74
CA ALA A 103 -12.79 5.79 1.74
C ALA A 103 -11.63 5.64 0.76
N PHE A 104 -10.97 4.50 0.77
CA PHE A 104 -9.79 4.31 -0.07
C PHE A 104 -10.11 3.50 -1.33
N ILE A 105 -10.76 2.37 -1.14
CA ILE A 105 -11.02 1.44 -2.25
C ILE A 105 -11.89 2.09 -3.32
N THR A 106 -13.09 2.49 -2.94
CA THR A 106 -14.03 3.11 -3.86
C THR A 106 -13.44 4.38 -4.47
N TYR A 107 -12.75 5.18 -3.65
CA TYR A 107 -12.16 6.42 -4.12
C TYR A 107 -11.05 6.14 -5.14
N LEU A 108 -10.13 5.25 -4.79
CA LEU A 108 -8.93 5.05 -5.57
C LEU A 108 -9.25 4.38 -6.90
N GLN A 109 -10.22 3.48 -6.87
CA GLN A 109 -10.63 2.80 -8.08
C GLN A 109 -11.47 3.73 -8.95
N ALA A 110 -12.17 4.66 -8.32
CA ALA A 110 -12.94 5.66 -9.05
C ALA A 110 -12.01 6.63 -9.75
N LYS A 111 -10.94 7.01 -9.07
CA LYS A 111 -9.93 7.87 -9.65
C LYS A 111 -9.10 7.13 -10.68
N GLN A 112 -9.14 5.80 -10.59
CA GLN A 112 -8.22 4.94 -11.34
C GLN A 112 -6.81 5.48 -11.17
N ALA A 113 -6.36 5.56 -9.93
CA ALA A 113 -5.09 6.21 -9.63
C ALA A 113 -4.31 5.47 -8.55
N ALA A 114 -3.11 5.95 -8.31
CA ALA A 114 -2.26 5.46 -7.24
C ALA A 114 -2.17 6.51 -6.14
N GLY A 115 -2.65 6.18 -4.96
CA GLY A 115 -2.55 7.10 -3.84
C GLY A 115 -1.11 7.32 -3.46
N ILE A 116 -0.57 8.47 -3.84
CA ILE A 116 0.84 8.75 -3.62
C ILE A 116 1.06 9.40 -2.27
N ILE A 117 1.91 8.77 -1.48
CA ILE A 117 2.30 9.32 -0.21
C ILE A 117 3.81 9.50 -0.20
N ASN A 118 4.24 10.75 -0.18
CA ASN A 118 5.65 11.08 -0.27
C ASN A 118 6.26 11.12 1.11
N VAL A 119 7.44 10.54 1.26
CA VAL A 119 8.13 10.55 2.53
C VAL A 119 9.45 11.32 2.43
N PRO A 120 9.61 12.35 3.26
CA PRO A 120 10.82 13.13 3.31
C PRO A 120 11.74 12.75 4.48
N ASN A 121 13.03 12.75 4.20
CA ASN A 121 14.03 12.59 5.24
C ASN A 121 15.00 13.75 5.18
N PRO A 122 14.78 14.76 6.05
CA PRO A 122 15.55 16.02 6.02
C PRO A 122 17.05 15.80 5.97
N GLY A 123 17.62 15.96 4.79
CA GLY A 123 19.05 15.80 4.61
C GLY A 123 19.49 14.35 4.48
N SER A 124 18.71 13.45 5.07
CA SER A 124 19.07 12.03 5.11
C SER A 124 18.77 11.34 3.78
N ASN A 125 17.70 11.75 3.11
CA ASN A 125 17.33 11.11 1.85
C ASN A 125 16.39 12.00 1.03
N GLN A 126 15.95 13.12 1.63
CA GLN A 126 15.03 14.04 0.95
C GLN A 126 13.65 13.37 0.76
N PRO A 127 12.66 14.09 0.18
CA PRO A 127 11.33 13.52 -0.13
C PRO A 127 11.36 12.49 -1.26
N ALA A 128 12.51 11.85 -1.46
CA ALA A 128 12.70 10.90 -2.56
C ALA A 128 12.02 9.56 -2.30
N TYR A 129 10.86 9.58 -1.65
CA TYR A 129 10.07 8.38 -1.44
C TYR A 129 8.67 8.56 -2.00
N VAL A 130 8.21 7.57 -2.73
CA VAL A 130 6.85 7.55 -3.24
C VAL A 130 6.20 6.21 -2.93
N LEU A 131 5.15 6.25 -2.11
CA LEU A 131 4.33 5.08 -1.90
C LEU A 131 3.08 5.18 -2.75
N GLN A 132 2.97 4.29 -3.72
CA GLN A 132 1.84 4.28 -4.62
C GLN A 132 0.78 3.32 -4.11
N ILE A 133 -0.33 3.85 -3.68
CA ILE A 133 -1.43 3.04 -3.21
C ILE A 133 -2.38 2.73 -4.34
N PHE A 134 -2.25 1.56 -4.92
CA PHE A 134 -3.12 1.13 -5.99
C PHE A 134 -4.34 0.41 -5.41
N PRO A 135 -5.52 0.64 -5.99
CA PRO A 135 -6.74 -0.05 -5.60
C PRO A 135 -6.67 -1.55 -5.93
N PRO A 136 -7.66 -2.36 -5.48
CA PRO A 136 -7.74 -3.79 -5.82
C PRO A 136 -8.05 -4.03 -7.31
N CYS A 137 -7.42 -3.25 -8.17
CA CYS A 137 -7.62 -3.33 -9.61
C CYS A 137 -6.87 -4.51 -10.19
N GLU A 138 -7.24 -4.91 -11.39
CA GLU A 138 -6.65 -6.06 -12.07
C GLU A 138 -5.14 -5.91 -12.17
N PHE A 139 -4.67 -4.68 -12.36
CA PHE A 139 -3.23 -4.39 -12.38
C PHE A 139 -2.56 -4.92 -11.13
N SER A 140 -3.09 -4.55 -9.98
CA SER A 140 -2.55 -4.95 -8.71
C SER A 140 -2.61 -6.46 -8.55
N GLU A 141 -3.80 -7.00 -8.68
CA GLU A 141 -4.06 -8.42 -8.41
C GLU A 141 -3.21 -9.33 -9.29
N SER A 142 -3.09 -8.99 -10.57
CA SER A 142 -2.33 -9.80 -11.50
C SER A 142 -0.86 -9.86 -11.09
N HIS A 143 -0.28 -8.69 -10.79
CA HIS A 143 1.11 -8.62 -10.38
C HIS A 143 1.28 -9.28 -9.01
N LEU A 144 0.28 -9.15 -8.17
CA LEU A 144 0.29 -9.80 -6.86
C LEU A 144 0.30 -11.32 -7.02
N SER A 145 -0.35 -11.81 -8.08
CA SER A 145 -0.40 -13.23 -8.33
C SER A 145 0.98 -13.75 -8.75
N ARG A 146 1.72 -12.91 -9.45
CA ARG A 146 3.05 -13.27 -9.94
C ARG A 146 4.12 -13.05 -8.87
N LEU A 147 3.93 -12.02 -8.06
CA LEU A 147 4.94 -11.61 -7.09
C LEU A 147 4.72 -12.23 -5.72
N ALA A 148 3.49 -12.61 -5.41
CA ALA A 148 3.18 -13.25 -4.13
C ALA A 148 1.95 -14.13 -4.23
N PRO A 149 2.07 -15.30 -4.85
CA PRO A 149 0.93 -16.19 -5.10
C PRO A 149 0.29 -16.74 -3.82
N ASP A 150 1.06 -16.81 -2.74
CA ASP A 150 0.57 -17.40 -1.50
C ASP A 150 -0.39 -16.45 -0.81
N LEU A 151 0.10 -15.24 -0.56
CA LEU A 151 -0.70 -14.24 0.09
C LEU A 151 -1.82 -13.81 -0.87
N LEU A 152 -1.54 -13.88 -2.17
CA LEU A 152 -2.53 -13.59 -3.20
C LEU A 152 -3.79 -14.44 -2.98
N ALA A 153 -3.60 -15.73 -2.76
CA ALA A 153 -4.71 -16.64 -2.56
C ALA A 153 -5.47 -16.31 -1.27
N SER A 154 -4.82 -15.58 -0.38
CA SER A 154 -5.47 -15.14 0.85
C SER A 154 -6.19 -13.80 0.62
N ILE A 155 -5.63 -12.93 -0.21
CA ILE A 155 -6.22 -11.62 -0.44
C ILE A 155 -7.38 -11.72 -1.42
N SER A 156 -7.45 -12.83 -2.13
CA SER A 156 -8.57 -13.08 -3.03
C SER A 156 -9.88 -13.14 -2.23
N ASN A 157 -9.76 -13.38 -0.93
CA ASN A 157 -10.91 -13.31 -0.03
C ASN A 157 -11.09 -11.90 0.50
N ILE A 158 -9.98 -11.23 0.77
CA ILE A 158 -10.01 -9.86 1.27
C ILE A 158 -9.63 -8.90 0.13
N SER A 159 -10.22 -9.19 -1.03
CA SER A 159 -10.18 -8.34 -2.21
C SER A 159 -10.14 -6.84 -1.88
N PRO A 160 -11.00 -6.33 -0.98
CA PRO A 160 -10.87 -4.97 -0.47
C PRO A 160 -9.52 -4.73 0.21
N HIS A 161 -8.53 -4.33 -0.59
CA HIS A 161 -7.19 -4.09 -0.09
C HIS A 161 -6.46 -3.10 -0.98
N LEU A 162 -5.32 -2.64 -0.52
CA LEU A 162 -4.52 -1.70 -1.28
C LEU A 162 -3.15 -2.26 -1.55
N MET A 163 -2.70 -2.13 -2.78
CA MET A 163 -1.37 -2.58 -3.17
C MET A 163 -0.45 -1.38 -3.21
N ILE A 164 0.50 -1.33 -2.29
CA ILE A 164 1.32 -0.15 -2.09
C ILE A 164 2.74 -0.36 -2.62
N VAL A 165 3.13 0.47 -3.58
CA VAL A 165 4.44 0.38 -4.20
C VAL A 165 5.36 1.47 -3.67
N ILE A 166 6.40 1.08 -2.98
CA ILE A 166 7.39 2.01 -2.47
C ILE A 166 8.51 2.20 -3.48
N ALA A 167 8.70 3.42 -3.93
CA ALA A 167 9.77 3.72 -4.86
C ALA A 167 10.78 4.68 -4.25
N SER A 168 12.05 4.29 -4.26
CA SER A 168 13.10 5.16 -3.78
C SER A 168 13.75 5.89 -4.94
N VAL A 169 13.75 7.21 -4.87
CA VAL A 169 14.37 8.06 -5.90
C VAL A 169 13.67 7.88 -7.24
N TYR B 1 3.45 13.72 -9.73
CA TYR B 1 2.43 12.68 -9.41
C TYR B 1 1.12 13.32 -8.94
N GLU B 2 0.70 14.39 -9.62
CA GLU B 2 -0.56 15.06 -9.30
C GLU B 2 -0.52 15.51 -7.82
N THR B 3 -1.67 15.56 -7.18
CA THR B 3 -1.76 15.87 -5.76
C THR B 3 -3.16 15.55 -5.26
N LEU B 4 -3.25 14.85 -4.14
CA LEU B 4 -4.55 14.51 -3.59
C LEU B 4 -5.04 15.63 -2.69
N SEP B 5 -5.26 15.34 -1.41
CA SEP B 5 -6.03 16.26 -0.59
CB SEP B 5 -7.52 16.16 -0.98
OG SEP B 5 -7.64 16.43 -2.39
C SEP B 5 -5.85 15.99 0.90
O SEP B 5 -6.56 15.16 1.47
P SEP B 5 -9.20 16.31 -2.81
O1P SEP B 5 -9.99 17.31 -2.05
O2P SEP B 5 -9.34 16.59 -4.39
O3P SEP B 5 -9.73 14.84 -2.48
H SEP B 5 -4.88 14.52 -1.01
HA SEP B 5 -5.68 17.27 -0.80
HB2 SEP B 5 -7.88 15.17 -0.76
HB3 SEP B 5 -8.09 16.89 -0.43
N ASP B 6 -4.87 16.66 1.49
CA ASP B 6 -4.66 16.63 2.94
C ASP B 6 -4.05 17.94 3.39
N SEP B 7 -2.83 18.20 2.96
CA SEP B 7 -2.15 19.45 3.27
CB SEP B 7 -1.31 19.33 4.54
OG SEP B 7 -2.13 18.95 5.65
C SEP B 7 -1.25 19.86 2.10
O SEP B 7 -1.55 20.82 1.39
P SEP B 7 -1.16 18.84 6.94
O1P SEP B 7 -0.52 20.15 7.19
O2P SEP B 7 -2.02 18.41 8.23
O3P SEP B 7 -0.02 17.73 6.67
H SEP B 7 -2.36 17.53 2.42
HA SEP B 7 -2.90 20.22 3.41
HB2 SEP B 7 -0.54 18.58 4.39
HB3 SEP B 7 -0.84 20.28 4.77
N GLU B 8 -0.20 19.11 1.89
CA GLU B 8 0.72 19.37 0.80
C GLU B 8 0.61 18.27 -0.25
N VAL A 1 -8.84 -16.09 6.13
CA VAL A 1 -7.52 -15.51 5.81
C VAL A 1 -6.53 -15.80 6.92
N ASP A 2 -5.62 -16.72 6.68
CA ASP A 2 -4.57 -17.03 7.64
C ASP A 2 -3.28 -16.33 7.22
N MET A 3 -2.89 -15.34 8.00
CA MET A 3 -1.70 -14.55 7.68
C MET A 3 -0.43 -15.25 8.17
N VAL A 4 -0.63 -16.30 8.96
CA VAL A 4 0.47 -17.05 9.56
C VAL A 4 1.21 -17.88 8.51
N GLN A 5 0.56 -18.16 7.40
CA GLN A 5 1.22 -18.87 6.31
C GLN A 5 2.03 -17.92 5.43
N LEU A 6 1.36 -16.94 4.83
CA LEU A 6 2.01 -16.00 3.91
C LEU A 6 3.23 -15.29 4.51
N LEU A 7 3.20 -14.96 5.81
CA LEU A 7 4.29 -14.17 6.38
C LEU A 7 5.58 -14.99 6.43
N LYS A 8 5.44 -16.31 6.29
CA LYS A 8 6.58 -17.19 6.25
C LYS A 8 7.39 -16.96 4.98
N LYS A 9 6.70 -16.43 3.97
CA LYS A 9 7.36 -16.05 2.73
C LYS A 9 7.59 -14.54 2.72
N TYR A 10 6.59 -13.81 3.15
CA TYR A 10 6.65 -12.36 3.18
C TYR A 10 5.81 -11.80 4.33
N PRO A 11 6.49 -11.37 5.40
CA PRO A 11 5.85 -10.90 6.64
C PRO A 11 5.42 -9.43 6.61
N ILE A 12 4.73 -9.02 7.66
CA ILE A 12 4.26 -7.64 7.78
C ILE A 12 5.42 -6.68 8.05
N VAL A 13 5.43 -5.58 7.31
CA VAL A 13 6.49 -4.59 7.43
C VAL A 13 6.04 -3.39 8.26
N TRP A 14 4.76 -3.08 8.23
CA TRP A 14 4.21 -1.95 8.96
C TRP A 14 2.77 -2.22 9.34
N GLN A 15 2.35 -1.65 10.46
CA GLN A 15 0.99 -1.82 10.93
C GLN A 15 0.52 -0.52 11.58
N GLY A 16 -0.52 0.05 11.01
CA GLY A 16 -1.04 1.32 11.51
C GLY A 16 -2.31 1.69 10.79
N LEU A 17 -2.36 2.89 10.24
CA LEU A 17 -3.52 3.33 9.49
C LEU A 17 -3.11 4.10 8.25
N LEU A 18 -4.00 4.16 7.29
CA LEU A 18 -3.87 5.05 6.16
C LEU A 18 -4.89 6.16 6.30
N ALA A 19 -4.57 7.34 5.79
CA ALA A 19 -5.48 8.47 5.91
C ALA A 19 -5.43 9.33 4.66
N LEU A 20 -6.59 9.61 4.09
CA LEU A 20 -6.68 10.57 3.01
C LEU A 20 -7.89 11.45 3.25
N LYS A 21 -7.73 12.75 3.00
CA LYS A 21 -8.71 13.75 3.42
C LYS A 21 -8.79 13.77 4.93
N ASN A 22 -9.73 13.02 5.46
CA ASN A 22 -9.86 12.81 6.89
C ASN A 22 -10.33 11.39 7.15
N ASP A 23 -10.32 10.57 6.09
CA ASP A 23 -10.79 9.19 6.19
C ASP A 23 -9.67 8.28 6.66
N THR A 24 -9.96 7.43 7.63
CA THR A 24 -8.94 6.59 8.21
C THR A 24 -9.30 5.11 8.10
N ALA A 25 -8.35 4.33 7.61
CA ALA A 25 -8.49 2.89 7.56
C ALA A 25 -7.24 2.25 8.13
N ALA A 26 -7.40 1.55 9.25
CA ALA A 26 -6.27 0.90 9.88
C ALA A 26 -5.85 -0.29 9.04
N VAL A 27 -4.57 -0.31 8.68
CA VAL A 27 -4.06 -1.33 7.77
C VAL A 27 -2.79 -1.97 8.32
N GLN A 28 -2.62 -3.23 7.96
CA GLN A 28 -1.39 -3.94 8.20
C GLN A 28 -0.74 -4.25 6.85
N LEU A 29 0.48 -3.82 6.71
CA LEU A 29 1.19 -3.92 5.44
C LEU A 29 2.02 -5.18 5.37
N HIS A 30 1.60 -6.07 4.52
CA HIS A 30 2.30 -7.31 4.28
C HIS A 30 3.33 -7.09 3.19
N PHE A 31 4.52 -7.59 3.38
CA PHE A 31 5.52 -7.54 2.34
C PHE A 31 5.08 -8.45 1.20
N VAL A 32 5.26 -7.99 -0.03
CA VAL A 32 4.93 -8.83 -1.17
C VAL A 32 6.19 -9.17 -1.96
N SER A 33 6.89 -8.13 -2.39
CA SER A 33 8.02 -8.28 -3.30
C SER A 33 8.90 -7.04 -3.24
N GLY A 34 10.06 -7.10 -3.87
CA GLY A 34 10.91 -5.93 -3.93
C GLY A 34 11.88 -5.86 -2.77
N ASN A 35 12.29 -4.65 -2.43
CA ASN A 35 13.26 -4.43 -1.36
C ASN A 35 12.53 -4.22 -0.03
N ASN A 36 12.67 -5.17 0.87
CA ASN A 36 12.02 -5.09 2.18
C ASN A 36 12.55 -3.91 2.98
N VAL A 37 13.84 -3.62 2.80
CA VAL A 37 14.49 -2.52 3.50
C VAL A 37 13.84 -1.19 3.12
N LEU A 38 13.33 -1.12 1.89
CA LEU A 38 12.65 0.08 1.42
C LEU A 38 11.45 0.41 2.30
N ALA A 39 10.69 -0.59 2.69
CA ALA A 39 9.52 -0.36 3.51
C ALA A 39 9.94 0.10 4.90
N HIS A 40 10.97 -0.54 5.42
CA HIS A 40 11.47 -0.20 6.75
C HIS A 40 12.01 1.24 6.79
N ARG A 41 12.58 1.70 5.68
CA ARG A 41 13.15 3.04 5.62
C ARG A 41 12.14 4.09 5.16
N SER A 42 10.99 3.66 4.66
CA SER A 42 9.97 4.59 4.18
C SER A 42 8.82 4.72 5.17
N LEU A 43 8.45 3.62 5.78
CA LEU A 43 7.31 3.60 6.70
C LEU A 43 7.74 4.10 8.06
N PRO A 44 7.27 5.29 8.44
CA PRO A 44 7.66 5.94 9.70
C PRO A 44 6.99 5.33 10.92
N LEU A 45 7.62 5.51 12.07
CA LEU A 45 7.11 4.97 13.33
C LEU A 45 7.77 5.67 14.51
N SER A 46 7.01 5.83 15.60
CA SER A 46 7.45 6.52 16.81
C SER A 46 7.59 8.02 16.58
N GLU A 47 8.12 8.39 15.43
CA GLU A 47 8.23 9.78 15.02
C GLU A 47 7.26 10.07 13.88
N GLY A 48 6.76 9.01 13.29
CA GLY A 48 5.80 9.12 12.23
C GLY A 48 4.67 8.12 12.40
N GLY A 49 4.25 7.97 13.65
CA GLY A 49 3.18 7.04 13.99
C GLY A 49 1.84 7.37 13.33
N PRO A 50 1.43 8.66 13.26
CA PRO A 50 0.22 9.08 12.53
C PRO A 50 0.04 8.37 11.21
N PRO A 51 -1.21 8.10 10.81
CA PRO A 51 -1.52 7.33 9.61
C PRO A 51 -0.87 7.91 8.35
N LEU A 52 -0.56 7.03 7.41
CA LEU A 52 0.04 7.45 6.15
C LEU A 52 -0.97 8.26 5.34
N ARG A 53 -0.67 9.54 5.15
CA ARG A 53 -1.62 10.46 4.55
C ARG A 53 -1.37 10.64 3.04
N ILE A 54 -2.46 10.67 2.29
CA ILE A 54 -2.40 10.69 0.83
C ILE A 54 -2.49 12.11 0.27
N ALA A 55 -1.37 12.59 -0.23
CA ALA A 55 -1.26 13.98 -0.67
C ALA A 55 -1.04 14.07 -2.17
N GLN A 56 -0.92 12.93 -2.85
CA GLN A 56 -0.74 12.91 -4.30
C GLN A 56 -1.41 11.69 -4.90
N ARG A 57 -1.38 11.58 -6.23
CA ARG A 57 -1.97 10.44 -6.92
C ARG A 57 -1.40 10.27 -8.32
N MET A 58 -1.17 9.04 -8.73
CA MET A 58 -0.65 8.76 -10.06
C MET A 58 -1.72 8.10 -10.90
N ARG A 59 -2.04 8.70 -12.04
CA ARG A 59 -3.10 8.19 -12.88
C ARG A 59 -2.66 6.88 -13.52
N LEU A 60 -3.26 5.77 -13.10
CA LEU A 60 -2.84 4.48 -13.62
C LEU A 60 -3.35 4.33 -15.06
N GLU A 61 -2.44 4.60 -15.98
CA GLU A 61 -2.72 4.51 -17.40
C GLU A 61 -1.93 3.35 -18.00
N ALA A 62 -2.21 3.03 -19.25
CA ALA A 62 -1.52 1.93 -19.92
C ALA A 62 -0.02 2.15 -19.94
N THR A 63 0.41 3.33 -20.38
CA THR A 63 1.83 3.65 -20.44
C THR A 63 2.45 3.72 -19.05
N GLN A 64 1.65 4.15 -18.06
CA GLN A 64 2.12 4.25 -16.69
C GLN A 64 2.29 2.87 -16.08
N LEU A 65 1.36 1.97 -16.35
CA LEU A 65 1.44 0.60 -15.85
C LEU A 65 2.71 -0.07 -16.36
N GLU A 66 3.10 0.28 -17.58
CA GLU A 66 4.36 -0.16 -18.15
C GLU A 66 5.52 0.33 -17.30
N GLY A 67 5.50 1.62 -16.99
CA GLY A 67 6.56 2.21 -16.18
C GLY A 67 6.59 1.67 -14.76
N VAL A 68 5.43 1.29 -14.25
CA VAL A 68 5.36 0.66 -12.94
C VAL A 68 6.04 -0.71 -13.00
N ALA A 69 5.62 -1.55 -13.94
CA ALA A 69 6.21 -2.87 -14.11
C ALA A 69 7.70 -2.76 -14.41
N ARG A 70 8.08 -1.66 -15.08
CA ARG A 70 9.47 -1.37 -15.38
C ARG A 70 10.32 -1.43 -14.11
N ARG A 71 9.89 -0.70 -13.09
CA ARG A 71 10.64 -0.63 -11.83
C ARG A 71 10.33 -1.84 -10.95
N MET A 72 9.32 -2.61 -11.34
CA MET A 72 8.95 -3.80 -10.60
C MET A 72 9.80 -4.99 -11.01
N THR A 73 10.37 -4.92 -12.21
CA THR A 73 11.24 -5.99 -12.69
C THR A 73 12.61 -5.90 -12.04
N VAL A 74 12.83 -4.85 -11.28
CA VAL A 74 14.06 -4.70 -10.53
C VAL A 74 13.75 -4.62 -9.05
N GLU A 75 13.51 -5.78 -8.44
CA GLU A 75 13.28 -5.84 -7.00
C GLU A 75 14.55 -5.44 -6.27
N THR A 76 14.49 -4.24 -5.66
CA THR A 76 15.60 -3.59 -4.96
C THR A 76 15.39 -2.08 -5.01
N ASP A 77 14.96 -1.59 -6.18
CA ASP A 77 14.70 -0.17 -6.37
C ASP A 77 13.31 0.19 -5.90
N TYR A 78 12.41 -0.79 -5.93
CA TYR A 78 11.06 -0.58 -5.47
C TYR A 78 10.70 -1.61 -4.39
N CYS A 79 9.64 -1.35 -3.68
CA CYS A 79 9.11 -2.31 -2.73
C CYS A 79 7.64 -2.52 -3.02
N LEU A 80 7.22 -3.76 -2.99
CA LEU A 80 5.82 -4.08 -3.20
C LEU A 80 5.19 -4.46 -1.87
N LEU A 81 4.10 -3.79 -1.51
CA LEU A 81 3.45 -4.03 -0.24
C LEU A 81 1.98 -4.31 -0.43
N LEU A 82 1.40 -5.01 0.53
CA LEU A 82 0.00 -5.35 0.49
C LEU A 82 -0.68 -4.84 1.76
N ALA A 83 -1.48 -3.78 1.64
CA ALA A 83 -2.13 -3.21 2.82
C ALA A 83 -3.52 -3.78 2.98
N LEU A 84 -3.73 -4.36 4.15
CA LEU A 84 -5.01 -4.98 4.50
C LEU A 84 -5.55 -4.34 5.78
N PRO A 85 -6.87 -4.24 5.94
CA PRO A 85 -7.47 -3.71 7.16
C PRO A 85 -7.03 -4.49 8.40
N CYS A 86 -6.49 -3.80 9.39
CA CYS A 86 -6.08 -4.44 10.62
C CYS A 86 -7.03 -4.08 11.75
N GLY A 87 -7.65 -5.10 12.32
CA GLY A 87 -8.60 -4.87 13.38
C GLY A 87 -8.06 -5.24 14.74
N ARG A 88 -8.47 -4.50 15.76
CA ARG A 88 -8.13 -4.80 17.14
C ARG A 88 -8.87 -6.06 17.55
N ASP A 89 -9.93 -6.35 16.82
CA ASP A 89 -10.77 -7.48 17.09
C ASP A 89 -11.44 -7.89 15.78
N GLN A 90 -12.11 -9.04 15.74
CA GLN A 90 -12.78 -9.49 14.53
C GLN A 90 -13.78 -8.46 14.04
N GLU A 91 -14.55 -7.92 14.97
CA GLU A 91 -15.54 -6.91 14.64
C GLU A 91 -14.86 -5.66 14.11
N ASP A 92 -13.70 -5.35 14.67
CA ASP A 92 -12.96 -4.17 14.28
C ASP A 92 -12.46 -4.32 12.86
N VAL A 93 -11.99 -5.51 12.54
CA VAL A 93 -11.52 -5.84 11.21
C VAL A 93 -12.62 -5.56 10.18
N VAL A 94 -13.83 -5.99 10.50
CA VAL A 94 -14.99 -5.75 9.64
C VAL A 94 -15.15 -4.26 9.36
N SER A 95 -15.07 -3.46 10.43
CA SER A 95 -15.25 -2.02 10.31
C SER A 95 -14.13 -1.39 9.48
N GLN A 96 -12.90 -1.81 9.73
CA GLN A 96 -11.76 -1.30 8.98
C GLN A 96 -11.88 -1.68 7.50
N THR A 97 -12.37 -2.89 7.25
CA THR A 97 -12.57 -3.37 5.89
C THR A 97 -13.56 -2.47 5.15
N GLU A 98 -14.75 -2.30 5.73
CA GLU A 98 -15.80 -1.51 5.09
C GLU A 98 -15.39 -0.05 4.97
N SER A 99 -14.69 0.48 5.96
CA SER A 99 -14.21 1.85 5.93
C SER A 99 -13.20 2.01 4.79
N LEU A 100 -12.29 1.06 4.68
CA LEU A 100 -11.25 1.11 3.66
C LEU A 100 -11.85 1.02 2.26
N LYS A 101 -12.77 0.08 2.07
CA LYS A 101 -13.35 -0.14 0.76
C LYS A 101 -14.17 1.05 0.30
N ALA A 102 -14.73 1.78 1.24
CA ALA A 102 -15.53 2.95 0.91
C ALA A 102 -14.66 4.19 0.75
N ALA A 103 -13.67 4.34 1.62
CA ALA A 103 -12.89 5.57 1.67
C ALA A 103 -11.72 5.58 0.71
N PHE A 104 -10.96 4.48 0.68
CA PHE A 104 -9.76 4.42 -0.14
C PHE A 104 -10.02 3.69 -1.45
N ILE A 105 -10.62 2.51 -1.34
CA ILE A 105 -10.87 1.67 -2.50
C ILE A 105 -11.75 2.36 -3.51
N THR A 106 -12.91 2.83 -3.06
CA THR A 106 -13.86 3.49 -3.94
C THR A 106 -13.28 4.78 -4.54
N TYR A 107 -12.52 5.51 -3.75
CA TYR A 107 -11.95 6.77 -4.22
C TYR A 107 -10.82 6.53 -5.22
N LEU A 108 -9.84 5.72 -4.82
CA LEU A 108 -8.71 5.42 -5.69
C LEU A 108 -9.17 4.80 -7.01
N GLN A 109 -10.18 3.95 -6.97
CA GLN A 109 -10.68 3.31 -8.18
C GLN A 109 -11.44 4.32 -9.03
N ALA A 110 -12.12 5.26 -8.37
CA ALA A 110 -12.87 6.30 -9.05
C ALA A 110 -11.93 7.22 -9.82
N LYS A 111 -10.77 7.48 -9.23
CA LYS A 111 -9.78 8.34 -9.84
C LYS A 111 -8.91 7.57 -10.83
N GLN A 112 -8.93 6.25 -10.72
CA GLN A 112 -7.99 5.39 -11.44
C GLN A 112 -6.58 5.90 -11.20
N ALA A 113 -6.20 6.00 -9.94
CA ALA A 113 -4.93 6.61 -9.58
C ALA A 113 -4.18 5.80 -8.53
N ALA A 114 -3.04 6.33 -8.13
CA ALA A 114 -2.23 5.75 -7.07
C ALA A 114 -2.08 6.75 -5.94
N GLY A 115 -2.58 6.39 -4.76
CA GLY A 115 -2.46 7.26 -3.62
C GLY A 115 -1.01 7.47 -3.24
N ILE A 116 -0.49 8.64 -3.56
CA ILE A 116 0.92 8.93 -3.35
C ILE A 116 1.16 9.52 -1.98
N ILE A 117 2.02 8.88 -1.23
CA ILE A 117 2.41 9.34 0.08
C ILE A 117 3.91 9.60 0.10
N ASN A 118 4.28 10.87 0.14
CA ASN A 118 5.67 11.29 0.08
C ASN A 118 6.30 11.25 1.46
N VAL A 119 7.34 10.47 1.61
CA VAL A 119 8.02 10.33 2.89
C VAL A 119 9.35 11.07 2.88
N PRO A 120 9.55 11.97 3.85
CA PRO A 120 10.83 12.61 4.06
C PRO A 120 11.70 11.84 5.06
N ASN A 121 12.98 11.73 4.76
CA ASN A 121 13.91 11.04 5.64
C ASN A 121 14.09 11.83 6.93
N PRO A 122 13.90 11.17 8.09
CA PRO A 122 14.02 11.81 9.40
C PRO A 122 15.33 12.57 9.57
N GLY A 123 15.24 13.88 9.71
CA GLY A 123 16.42 14.70 9.87
C GLY A 123 16.89 15.31 8.56
N SER A 124 16.83 14.52 7.51
CA SER A 124 17.27 14.97 6.19
C SER A 124 16.17 15.78 5.51
N ASN A 125 14.91 15.45 5.84
CA ASN A 125 13.74 16.11 5.26
C ASN A 125 13.70 15.90 3.76
N GLN A 126 14.26 14.79 3.31
CA GLN A 126 14.27 14.42 1.90
C GLN A 126 13.03 13.60 1.57
N PRO A 127 12.07 14.20 0.86
CA PRO A 127 10.80 13.55 0.48
C PRO A 127 10.94 12.62 -0.72
N ALA A 128 12.15 12.11 -0.93
CA ALA A 128 12.47 11.29 -2.10
C ALA A 128 11.90 9.88 -1.99
N TYR A 129 10.73 9.75 -1.37
CA TYR A 129 10.04 8.47 -1.29
C TYR A 129 8.61 8.62 -1.76
N VAL A 130 8.18 7.68 -2.59
CA VAL A 130 6.83 7.66 -3.10
C VAL A 130 6.20 6.30 -2.84
N LEU A 131 5.19 6.29 -1.99
CA LEU A 131 4.38 5.10 -1.81
C LEU A 131 3.12 5.24 -2.62
N GLN A 132 3.00 4.41 -3.65
CA GLN A 132 1.88 4.48 -4.57
C GLN A 132 0.81 3.49 -4.15
N ILE A 133 -0.30 4.02 -3.69
CA ILE A 133 -1.41 3.18 -3.23
C ILE A 133 -2.40 2.93 -4.36
N PHE A 134 -2.29 1.77 -4.99
CA PHE A 134 -3.19 1.40 -6.07
C PHE A 134 -4.39 0.66 -5.49
N PRO A 135 -5.57 0.85 -6.11
CA PRO A 135 -6.78 0.11 -5.73
C PRO A 135 -6.66 -1.37 -6.13
N PRO A 136 -7.59 -2.22 -5.67
CA PRO A 136 -7.61 -3.66 -6.01
C PRO A 136 -8.01 -3.92 -7.46
N CYS A 137 -7.38 -3.18 -8.36
CA CYS A 137 -7.62 -3.29 -9.78
C CYS A 137 -6.98 -4.54 -10.33
N GLU A 138 -7.40 -4.95 -11.53
CA GLU A 138 -6.84 -6.12 -12.20
C GLU A 138 -5.32 -6.09 -12.16
N PHE A 139 -4.75 -4.95 -12.51
CA PHE A 139 -3.30 -4.74 -12.49
C PHE A 139 -2.68 -5.25 -11.19
N SER A 140 -3.28 -4.86 -10.09
CA SER A 140 -2.79 -5.23 -8.77
C SER A 140 -2.75 -6.75 -8.62
N GLU A 141 -3.91 -7.39 -8.77
CA GLU A 141 -4.06 -8.80 -8.49
C GLU A 141 -3.24 -9.65 -9.46
N SER A 142 -3.17 -9.21 -10.70
CA SER A 142 -2.42 -9.94 -11.72
C SER A 142 -0.97 -10.10 -11.31
N HIS A 143 -0.28 -8.99 -11.06
CA HIS A 143 1.13 -9.07 -10.71
C HIS A 143 1.30 -9.68 -9.32
N LEU A 144 0.29 -9.54 -8.47
CA LEU A 144 0.34 -10.15 -7.14
C LEU A 144 0.38 -11.66 -7.25
N SER A 145 -0.31 -12.19 -8.24
CA SER A 145 -0.34 -13.63 -8.47
C SER A 145 1.03 -14.11 -8.92
N ARG A 146 1.69 -13.32 -9.75
CA ARG A 146 2.99 -13.67 -10.30
C ARG A 146 4.10 -13.45 -9.27
N LEU A 147 3.86 -12.57 -8.31
CA LEU A 147 4.90 -12.16 -7.37
C LEU A 147 4.76 -12.84 -6.01
N ALA A 148 3.54 -12.99 -5.50
CA ALA A 148 3.33 -13.56 -4.18
C ALA A 148 2.03 -14.35 -4.10
N PRO A 149 2.09 -15.65 -4.44
CA PRO A 149 0.89 -16.50 -4.50
C PRO A 149 0.36 -16.95 -3.14
N ASP A 150 1.18 -16.85 -2.09
CA ASP A 150 0.77 -17.34 -0.77
C ASP A 150 -0.19 -16.34 -0.16
N LEU A 151 0.22 -15.09 -0.10
CA LEU A 151 -0.59 -14.05 0.46
C LEU A 151 -1.72 -13.74 -0.53
N LEU A 152 -1.46 -13.97 -1.82
CA LEU A 152 -2.48 -13.81 -2.85
C LEU A 152 -3.73 -14.60 -2.51
N ALA A 153 -3.56 -15.88 -2.22
CA ALA A 153 -4.68 -16.75 -1.92
C ALA A 153 -5.41 -16.31 -0.66
N SER A 154 -4.73 -15.49 0.14
CA SER A 154 -5.32 -14.96 1.36
C SER A 154 -6.09 -13.67 1.06
N ILE A 155 -5.56 -12.85 0.15
CA ILE A 155 -6.20 -11.58 -0.19
C ILE A 155 -7.37 -11.77 -1.13
N SER A 156 -7.48 -12.97 -1.68
CA SER A 156 -8.58 -13.30 -2.57
C SER A 156 -9.92 -13.04 -1.87
N ASN A 157 -9.99 -13.33 -0.57
CA ASN A 157 -11.19 -13.09 0.20
C ASN A 157 -11.29 -11.62 0.62
N ILE A 158 -10.14 -11.00 0.86
CA ILE A 158 -10.09 -9.61 1.28
C ILE A 158 -9.66 -8.74 0.10
N SER A 159 -10.19 -9.12 -1.07
CA SER A 159 -10.11 -8.32 -2.30
C SER A 159 -10.15 -6.80 -2.06
N PRO A 160 -11.06 -6.27 -1.21
CA PRO A 160 -11.01 -4.87 -0.79
C PRO A 160 -9.69 -4.55 -0.05
N HIS A 161 -8.64 -4.35 -0.81
CA HIS A 161 -7.32 -4.09 -0.25
C HIS A 161 -6.57 -3.10 -1.13
N LEU A 162 -5.45 -2.62 -0.64
CA LEU A 162 -4.64 -1.68 -1.39
C LEU A 162 -3.29 -2.30 -1.73
N MET A 163 -2.79 -1.99 -2.91
CA MET A 163 -1.49 -2.46 -3.33
C MET A 163 -0.53 -1.28 -3.39
N ILE A 164 0.42 -1.27 -2.48
CA ILE A 164 1.26 -0.10 -2.28
C ILE A 164 2.68 -0.33 -2.81
N VAL A 165 3.10 0.52 -3.72
CA VAL A 165 4.42 0.44 -4.32
C VAL A 165 5.35 1.53 -3.79
N ILE A 166 6.40 1.12 -3.11
CA ILE A 166 7.38 2.06 -2.60
C ILE A 166 8.49 2.26 -3.63
N ALA A 167 8.58 3.45 -4.17
CA ALA A 167 9.58 3.75 -5.18
C ALA A 167 10.62 4.73 -4.65
N SER A 168 11.88 4.38 -4.79
CA SER A 168 12.96 5.29 -4.44
C SER A 168 13.11 6.36 -5.52
N VAL A 169 13.20 7.61 -5.11
CA VAL A 169 13.44 8.70 -6.04
C VAL A 169 14.92 9.06 -6.05
N TYR B 1 3.24 13.89 -9.81
CA TYR B 1 2.31 12.86 -9.30
C TYR B 1 1.03 13.50 -8.79
N GLU B 2 0.55 14.53 -9.51
CA GLU B 2 -0.71 15.19 -9.16
C GLU B 2 -0.66 15.67 -7.70
N THR B 3 -1.82 15.86 -7.10
CA THR B 3 -1.91 16.19 -5.69
C THR B 3 -3.28 15.76 -5.18
N LEU B 4 -3.31 14.90 -4.18
CA LEU B 4 -4.58 14.43 -3.66
C LEU B 4 -5.16 15.48 -2.71
N SEP B 5 -5.39 15.13 -1.46
CA SEP B 5 -6.21 15.97 -0.60
CB SEP B 5 -7.68 15.87 -1.05
OG SEP B 5 -7.79 16.25 -2.43
C SEP B 5 -6.07 15.55 0.85
O SEP B 5 -6.66 14.57 1.27
P SEP B 5 -9.33 16.14 -2.88
O1P SEP B 5 -10.16 17.04 -2.04
O2P SEP B 5 -9.46 16.57 -4.43
O3P SEP B 5 -9.83 14.64 -2.69
H SEP B 5 -4.98 14.30 -1.09
HA SEP B 5 -5.88 16.99 -0.72
HB2 SEP B 5 -8.02 14.85 -0.94
HB3 SEP B 5 -8.29 16.52 -0.45
N ASP B 6 -5.26 16.27 1.60
CA ASP B 6 -5.01 15.94 3.00
C ASP B 6 -4.70 17.22 3.77
N SEP B 7 -4.04 17.09 4.91
CA SEP B 7 -3.69 18.24 5.73
CB SEP B 7 -3.55 17.83 7.19
OG SEP B 7 -4.78 17.26 7.66
C SEP B 7 -2.38 18.85 5.24
O SEP B 7 -1.91 19.86 5.76
P SEP B 7 -4.57 16.86 9.20
O1P SEP B 7 -4.22 18.07 9.99
O2P SEP B 7 -5.91 16.20 9.78
O3P SEP B 7 -3.36 15.78 9.32
H SEP B 7 -3.79 16.19 5.22
HA SEP B 7 -4.47 18.97 5.64
HB2 SEP B 7 -2.75 17.10 7.29
HB3 SEP B 7 -3.32 18.70 7.80
N GLU B 8 -1.79 18.23 4.23
CA GLU B 8 -0.54 18.70 3.64
C GLU B 8 -0.83 19.92 2.76
N VAL A 1 -8.77 -15.52 6.90
CA VAL A 1 -7.47 -15.48 6.20
C VAL A 1 -6.33 -15.84 7.16
N ASP A 2 -5.43 -16.70 6.71
CA ASP A 2 -4.31 -17.12 7.54
C ASP A 2 -3.03 -16.46 7.10
N MET A 3 -2.50 -15.59 7.95
CA MET A 3 -1.26 -14.89 7.65
C MET A 3 -0.05 -15.76 7.95
N VAL A 4 -0.26 -16.78 8.80
CA VAL A 4 0.81 -17.67 9.23
C VAL A 4 1.40 -18.42 8.04
N GLN A 5 0.62 -18.59 6.99
CA GLN A 5 1.11 -19.18 5.76
C GLN A 5 1.98 -18.19 5.00
N LEU A 6 1.40 -17.06 4.64
CA LEU A 6 2.04 -16.12 3.73
C LEU A 6 3.26 -15.43 4.34
N LEU A 7 3.24 -15.19 5.66
CA LEU A 7 4.33 -14.42 6.27
C LEU A 7 5.61 -15.22 6.27
N LYS A 8 5.49 -16.53 6.06
CA LYS A 8 6.66 -17.40 5.99
C LYS A 8 7.47 -17.04 4.77
N LYS A 9 6.79 -16.57 3.73
CA LYS A 9 7.45 -16.16 2.51
C LYS A 9 7.67 -14.66 2.53
N TYR A 10 6.66 -13.94 3.04
CA TYR A 10 6.73 -12.48 3.15
C TYR A 10 5.87 -11.97 4.33
N PRO A 11 6.54 -11.55 5.41
CA PRO A 11 5.90 -11.08 6.64
C PRO A 11 5.54 -9.60 6.62
N ILE A 12 4.85 -9.15 7.67
CA ILE A 12 4.40 -7.77 7.79
C ILE A 12 5.58 -6.82 8.04
N VAL A 13 5.59 -5.70 7.34
CA VAL A 13 6.65 -4.71 7.48
C VAL A 13 6.17 -3.52 8.32
N TRP A 14 4.88 -3.22 8.26
CA TRP A 14 4.32 -2.09 8.98
C TRP A 14 2.87 -2.37 9.35
N GLN A 15 2.41 -1.73 10.40
CA GLN A 15 1.02 -1.84 10.82
C GLN A 15 0.61 -0.54 11.49
N GLY A 16 -0.38 0.10 10.92
CA GLY A 16 -0.82 1.38 11.42
C GLY A 16 -2.11 1.81 10.76
N LEU A 17 -2.11 2.98 10.16
CA LEU A 17 -3.30 3.50 9.49
C LEU A 17 -2.93 4.24 8.21
N LEU A 18 -3.90 4.35 7.32
CA LEU A 18 -3.80 5.21 6.16
C LEU A 18 -4.81 6.33 6.30
N ALA A 19 -4.52 7.50 5.74
CA ALA A 19 -5.42 8.64 5.89
C ALA A 19 -5.43 9.52 4.65
N LEU A 20 -6.62 9.76 4.10
CA LEU A 20 -6.77 10.71 3.02
C LEU A 20 -8.03 11.53 3.26
N LYS A 21 -7.95 12.83 3.00
CA LYS A 21 -9.00 13.77 3.37
C LYS A 21 -9.22 13.76 4.87
N ASN A 22 -10.21 12.99 5.30
CA ASN A 22 -10.54 12.88 6.71
C ASN A 22 -10.84 11.43 7.05
N ASP A 23 -10.56 10.54 6.11
CA ASP A 23 -10.84 9.13 6.30
C ASP A 23 -9.58 8.37 6.70
N THR A 24 -9.66 7.65 7.81
CA THR A 24 -8.56 6.84 8.27
C THR A 24 -8.95 5.37 8.32
N ALA A 25 -8.06 4.52 7.82
CA ALA A 25 -8.28 3.08 7.87
C ALA A 25 -7.05 2.40 8.43
N ALA A 26 -7.23 1.65 9.50
CA ALA A 26 -6.14 0.92 10.11
C ALA A 26 -5.75 -0.26 9.26
N VAL A 27 -4.51 -0.27 8.79
CA VAL A 27 -4.05 -1.30 7.89
C VAL A 27 -2.73 -1.91 8.34
N GLN A 28 -2.57 -3.19 8.03
CA GLN A 28 -1.32 -3.88 8.23
C GLN A 28 -0.69 -4.17 6.88
N LEU A 29 0.55 -3.74 6.74
CA LEU A 29 1.26 -3.88 5.48
C LEU A 29 2.11 -5.13 5.44
N HIS A 30 1.68 -6.05 4.62
CA HIS A 30 2.43 -7.28 4.41
C HIS A 30 3.45 -7.05 3.31
N PHE A 31 4.64 -7.59 3.51
CA PHE A 31 5.64 -7.54 2.46
C PHE A 31 5.19 -8.43 1.32
N VAL A 32 5.36 -7.98 0.10
CA VAL A 32 5.04 -8.81 -1.05
C VAL A 32 6.29 -9.14 -1.84
N SER A 33 6.99 -8.10 -2.26
CA SER A 33 8.11 -8.24 -3.18
C SER A 33 8.99 -6.99 -3.12
N GLY A 34 10.14 -7.03 -3.76
CA GLY A 34 10.99 -5.87 -3.82
C GLY A 34 11.99 -5.81 -2.68
N ASN A 35 12.36 -4.60 -2.30
CA ASN A 35 13.35 -4.40 -1.24
C ASN A 35 12.68 -4.02 0.08
N ASN A 36 12.74 -4.93 1.05
CA ASN A 36 12.09 -4.74 2.34
C ASN A 36 12.66 -3.53 3.08
N VAL A 37 13.94 -3.24 2.85
CA VAL A 37 14.61 -2.11 3.50
C VAL A 37 13.92 -0.80 3.13
N LEU A 38 13.44 -0.72 1.89
CA LEU A 38 12.73 0.45 1.41
C LEU A 38 11.54 0.76 2.31
N ALA A 39 10.82 -0.29 2.73
CA ALA A 39 9.65 -0.11 3.58
C ALA A 39 10.06 0.35 4.97
N HIS A 40 11.18 -0.17 5.45
CA HIS A 40 11.69 0.19 6.77
C HIS A 40 12.01 1.68 6.84
N ARG A 41 12.58 2.21 5.76
CA ARG A 41 12.98 3.60 5.73
C ARG A 41 11.85 4.54 5.25
N SER A 42 10.87 3.98 4.55
CA SER A 42 9.77 4.80 4.03
C SER A 42 8.62 4.88 5.04
N LEU A 43 8.28 3.76 5.64
CA LEU A 43 7.12 3.72 6.52
C LEU A 43 7.49 4.31 7.87
N PRO A 44 6.87 5.44 8.21
CA PRO A 44 7.26 6.25 9.36
C PRO A 44 6.73 5.69 10.68
N LEU A 45 7.52 5.88 11.73
CA LEU A 45 7.18 5.39 13.05
C LEU A 45 8.07 6.05 14.10
N SER A 46 7.70 5.86 15.36
CA SER A 46 8.42 6.43 16.49
C SER A 46 7.64 6.08 17.75
N GLU A 47 6.32 6.22 17.65
CA GLU A 47 5.42 5.85 18.71
C GLU A 47 4.07 5.44 18.11
N GLY A 48 3.50 4.37 18.63
CA GLY A 48 2.23 3.88 18.11
C GLY A 48 2.32 3.44 16.67
N GLY A 49 1.72 4.22 15.79
CA GLY A 49 1.74 3.92 14.37
C GLY A 49 1.10 5.02 13.56
N PRO A 50 1.90 5.93 12.99
CA PRO A 50 1.41 7.08 12.22
C PRO A 50 0.64 6.66 10.98
N PRO A 51 -0.39 7.44 10.60
CA PRO A 51 -1.17 7.19 9.40
C PRO A 51 -0.52 7.77 8.15
N LEU A 52 -0.33 6.93 7.15
CA LEU A 52 0.20 7.39 5.88
C LEU A 52 -0.84 8.26 5.17
N ARG A 53 -0.53 9.54 5.03
CA ARG A 53 -1.49 10.50 4.47
C ARG A 53 -1.32 10.61 2.95
N ILE A 54 -2.43 10.61 2.23
CA ILE A 54 -2.40 10.66 0.78
C ILE A 54 -2.45 12.11 0.28
N ALA A 55 -1.32 12.58 -0.22
CA ALA A 55 -1.18 13.96 -0.64
C ALA A 55 -0.96 14.08 -2.14
N GLN A 56 -0.96 12.95 -2.83
CA GLN A 56 -0.79 12.92 -4.29
C GLN A 56 -1.49 11.72 -4.91
N ARG A 57 -1.54 11.67 -6.23
CA ARG A 57 -2.18 10.58 -6.96
C ARG A 57 -1.59 10.41 -8.36
N MET A 58 -1.38 9.17 -8.77
CA MET A 58 -0.81 8.86 -10.08
C MET A 58 -1.87 8.25 -10.99
N ARG A 59 -2.09 8.84 -12.15
CA ARG A 59 -3.06 8.28 -13.08
C ARG A 59 -2.59 6.93 -13.58
N LEU A 60 -3.30 5.86 -13.18
CA LEU A 60 -2.94 4.55 -13.66
C LEU A 60 -3.40 4.40 -15.10
N GLU A 61 -2.46 4.60 -16.00
CA GLU A 61 -2.72 4.50 -17.43
C GLU A 61 -1.94 3.33 -18.00
N ALA A 62 -2.30 2.91 -19.21
CA ALA A 62 -1.64 1.79 -19.86
C ALA A 62 -0.12 2.01 -19.93
N THR A 63 0.28 3.17 -20.45
CA THR A 63 1.70 3.50 -20.57
C THR A 63 2.36 3.55 -19.20
N GLN A 64 1.59 3.98 -18.21
CA GLN A 64 2.10 4.15 -16.87
C GLN A 64 2.31 2.81 -16.18
N LEU A 65 1.33 1.92 -16.32
CA LEU A 65 1.39 0.62 -15.66
C LEU A 65 2.54 -0.22 -16.17
N GLU A 66 2.88 -0.05 -17.44
CA GLU A 66 4.05 -0.69 -18.01
C GLU A 66 5.32 -0.08 -17.42
N GLY A 67 5.32 1.24 -17.34
CA GLY A 67 6.43 1.95 -16.72
C GLY A 67 6.64 1.54 -15.27
N VAL A 68 5.55 1.37 -14.54
CA VAL A 68 5.61 0.88 -13.17
C VAL A 68 6.23 -0.51 -13.13
N ALA A 69 5.74 -1.39 -14.00
CA ALA A 69 6.25 -2.76 -14.08
C ALA A 69 7.74 -2.77 -14.42
N ARG A 70 8.17 -1.79 -15.19
CA ARG A 70 9.57 -1.62 -15.55
C ARG A 70 10.44 -1.50 -14.31
N ARG A 71 10.01 -0.66 -13.37
CA ARG A 71 10.75 -0.47 -12.13
C ARG A 71 10.34 -1.50 -11.07
N MET A 72 9.35 -2.31 -11.41
CA MET A 72 8.91 -3.39 -10.53
C MET A 72 9.68 -4.67 -10.82
N THR A 73 10.26 -4.75 -12.01
CA THR A 73 10.92 -5.98 -12.43
C THR A 73 12.28 -6.15 -11.73
N VAL A 74 12.75 -5.08 -11.10
CA VAL A 74 14.01 -5.13 -10.38
C VAL A 74 13.77 -4.91 -8.89
N GLU A 75 13.79 -6.01 -8.14
CA GLU A 75 13.60 -5.92 -6.70
C GLU A 75 14.86 -5.36 -6.07
N THR A 76 14.74 -4.10 -5.61
CA THR A 76 15.83 -3.29 -5.05
C THR A 76 15.50 -1.82 -5.31
N ASP A 77 14.96 -1.56 -6.50
CA ASP A 77 14.60 -0.19 -6.89
C ASP A 77 13.23 0.18 -6.33
N TYR A 78 12.41 -0.83 -6.10
CA TYR A 78 11.09 -0.61 -5.53
C TYR A 78 10.81 -1.62 -4.43
N CYS A 79 9.74 -1.38 -3.70
CA CYS A 79 9.23 -2.34 -2.73
C CYS A 79 7.74 -2.53 -2.96
N LEU A 80 7.31 -3.77 -2.92
CA LEU A 80 5.91 -4.09 -3.11
C LEU A 80 5.28 -4.47 -1.78
N LEU A 81 4.20 -3.80 -1.42
CA LEU A 81 3.54 -4.04 -0.13
C LEU A 81 2.06 -4.31 -0.33
N LEU A 82 1.48 -4.99 0.65
CA LEU A 82 0.07 -5.32 0.62
C LEU A 82 -0.61 -4.77 1.88
N ALA A 83 -1.42 -3.74 1.74
CA ALA A 83 -2.09 -3.14 2.89
C ALA A 83 -3.48 -3.73 3.07
N LEU A 84 -3.71 -4.28 4.25
CA LEU A 84 -4.99 -4.89 4.60
C LEU A 84 -5.55 -4.26 5.87
N PRO A 85 -6.87 -4.11 5.97
CA PRO A 85 -7.51 -3.55 7.16
C PRO A 85 -7.27 -4.40 8.40
N CYS A 86 -6.50 -3.87 9.35
CA CYS A 86 -6.17 -4.61 10.56
C CYS A 86 -7.11 -4.24 11.69
N GLY A 87 -7.99 -5.16 12.04
CA GLY A 87 -8.93 -4.94 13.11
C GLY A 87 -8.52 -5.65 14.38
N ARG A 88 -8.83 -5.03 15.51
CA ARG A 88 -8.53 -5.61 16.82
C ARG A 88 -9.39 -6.85 17.04
N ASP A 89 -10.61 -6.76 16.55
CA ASP A 89 -11.58 -7.83 16.67
C ASP A 89 -12.17 -8.10 15.30
N GLN A 90 -12.84 -9.23 15.13
CA GLN A 90 -13.46 -9.56 13.85
C GLN A 90 -14.44 -8.46 13.44
N GLU A 91 -15.17 -7.93 14.41
CA GLU A 91 -16.09 -6.84 14.17
C GLU A 91 -15.33 -5.58 13.73
N ASP A 92 -14.24 -5.30 14.43
CA ASP A 92 -13.38 -4.16 14.12
C ASP A 92 -12.82 -4.29 12.72
N VAL A 93 -12.39 -5.50 12.38
CA VAL A 93 -11.87 -5.81 11.06
C VAL A 93 -12.89 -5.46 10.00
N VAL A 94 -14.12 -5.89 10.21
CA VAL A 94 -15.21 -5.60 9.28
C VAL A 94 -15.41 -4.10 9.15
N SER A 95 -15.45 -3.42 10.30
CA SER A 95 -15.63 -1.98 10.33
C SER A 95 -14.50 -1.26 9.59
N GLN A 96 -13.27 -1.71 9.80
CA GLN A 96 -12.13 -1.14 9.09
C GLN A 96 -12.18 -1.47 7.61
N THR A 97 -12.64 -2.68 7.30
CA THR A 97 -12.76 -3.12 5.92
C THR A 97 -13.77 -2.24 5.16
N GLU A 98 -14.97 -2.09 5.72
CA GLU A 98 -16.00 -1.29 5.08
C GLU A 98 -15.60 0.18 4.98
N SER A 99 -14.86 0.66 5.98
CA SER A 99 -14.36 2.03 5.96
C SER A 99 -13.30 2.18 4.88
N LEU A 100 -12.37 1.23 4.83
CA LEU A 100 -11.28 1.27 3.85
C LEU A 100 -11.82 1.14 2.43
N LYS A 101 -12.77 0.22 2.24
CA LYS A 101 -13.30 -0.02 0.91
C LYS A 101 -14.07 1.19 0.40
N ALA A 102 -14.71 1.91 1.31
CA ALA A 102 -15.50 3.07 0.92
C ALA A 102 -14.63 4.31 0.77
N ALA A 103 -13.63 4.44 1.64
CA ALA A 103 -12.84 5.66 1.70
C ALA A 103 -11.64 5.61 0.76
N PHE A 104 -10.91 4.50 0.77
CA PHE A 104 -9.71 4.38 -0.04
C PHE A 104 -9.96 3.60 -1.32
N ILE A 105 -10.58 2.44 -1.19
CA ILE A 105 -10.82 1.56 -2.33
C ILE A 105 -11.70 2.25 -3.37
N THR A 106 -12.92 2.60 -2.98
CA THR A 106 -13.85 3.26 -3.88
C THR A 106 -13.25 4.55 -4.46
N TYR A 107 -12.57 5.33 -3.61
CA TYR A 107 -11.95 6.57 -4.05
C TYR A 107 -10.85 6.30 -5.08
N LEU A 108 -9.92 5.42 -4.73
CA LEU A 108 -8.73 5.21 -5.54
C LEU A 108 -9.08 4.59 -6.88
N GLN A 109 -10.06 3.71 -6.87
CA GLN A 109 -10.48 3.05 -8.09
C GLN A 109 -11.27 4.02 -8.96
N ALA A 110 -12.05 4.89 -8.34
CA ALA A 110 -12.85 5.88 -9.06
C ALA A 110 -11.96 6.97 -9.64
N LYS A 111 -10.89 7.30 -8.93
CA LYS A 111 -9.93 8.29 -9.40
C LYS A 111 -9.07 7.71 -10.51
N GLN A 112 -9.06 6.38 -10.60
CA GLN A 112 -8.15 5.68 -11.52
C GLN A 112 -6.72 6.12 -11.25
N ALA A 113 -6.37 6.20 -9.98
CA ALA A 113 -5.11 6.79 -9.58
C ALA A 113 -4.34 5.93 -8.57
N ALA A 114 -3.11 6.34 -8.30
CA ALA A 114 -2.28 5.75 -7.26
C ALA A 114 -2.16 6.72 -6.10
N GLY A 115 -2.64 6.33 -4.94
CA GLY A 115 -2.50 7.18 -3.76
C GLY A 115 -1.05 7.41 -3.41
N ILE A 116 -0.54 8.58 -3.74
CA ILE A 116 0.86 8.88 -3.55
C ILE A 116 1.11 9.47 -2.18
N ILE A 117 2.04 8.86 -1.46
CA ILE A 117 2.42 9.35 -0.16
C ILE A 117 3.94 9.55 -0.11
N ASN A 118 4.34 10.80 0.04
CA ASN A 118 5.75 11.14 0.11
C ASN A 118 6.22 11.09 1.55
N VAL A 119 7.18 10.23 1.81
CA VAL A 119 7.70 10.07 3.16
C VAL A 119 9.16 10.49 3.25
N PRO A 120 9.55 11.12 4.35
CA PRO A 120 10.94 11.46 4.60
C PRO A 120 11.68 10.37 5.35
N ASN A 121 12.89 10.11 4.92
CA ASN A 121 13.75 9.15 5.60
C ASN A 121 14.66 9.91 6.55
N PRO A 122 14.38 9.81 7.88
CA PRO A 122 14.98 10.64 8.93
C PRO A 122 16.42 11.09 8.66
N GLY A 123 16.54 12.25 8.00
CA GLY A 123 17.83 12.85 7.70
C GLY A 123 18.80 11.92 7.01
N SER A 124 18.30 10.84 6.43
CA SER A 124 19.18 9.85 5.83
C SER A 124 19.11 9.87 4.30
N ASN A 125 17.94 10.14 3.74
CA ASN A 125 17.78 10.07 2.29
C ASN A 125 16.66 10.99 1.79
N GLN A 126 16.20 11.90 2.66
CA GLN A 126 15.22 12.90 2.29
C GLN A 126 13.84 12.28 2.00
N PRO A 127 12.80 13.12 1.74
CA PRO A 127 11.45 12.66 1.36
C PRO A 127 11.36 12.14 -0.08
N ALA A 128 12.48 11.68 -0.63
CA ALA A 128 12.53 11.17 -2.00
C ALA A 128 11.92 9.77 -2.11
N TYR A 129 10.78 9.57 -1.45
CA TYR A 129 10.11 8.28 -1.46
C TYR A 129 8.65 8.45 -1.84
N VAL A 130 8.22 7.61 -2.76
CA VAL A 130 6.84 7.61 -3.22
C VAL A 130 6.21 6.26 -2.94
N LEU A 131 5.21 6.27 -2.07
CA LEU A 131 4.39 5.10 -1.87
C LEU A 131 3.14 5.22 -2.72
N GLN A 132 3.04 4.40 -3.74
CA GLN A 132 1.93 4.43 -4.65
C GLN A 132 0.87 3.43 -4.22
N ILE A 133 -0.25 3.94 -3.75
CA ILE A 133 -1.34 3.11 -3.28
C ILE A 133 -2.32 2.85 -4.43
N PHE A 134 -2.19 1.68 -5.04
CA PHE A 134 -3.08 1.29 -6.12
C PHE A 134 -4.30 0.58 -5.55
N PRO A 135 -5.48 0.83 -6.14
CA PRO A 135 -6.71 0.13 -5.75
C PRO A 135 -6.66 -1.35 -6.14
N PRO A 136 -7.57 -2.18 -5.59
CA PRO A 136 -7.62 -3.61 -5.91
C PRO A 136 -8.08 -3.85 -7.35
N CYS A 137 -7.16 -3.65 -8.27
CA CYS A 137 -7.45 -3.73 -9.70
C CYS A 137 -6.74 -4.93 -10.33
N GLU A 138 -7.17 -5.30 -11.51
CA GLU A 138 -6.53 -6.38 -12.27
C GLU A 138 -5.01 -6.21 -12.27
N PHE A 139 -4.56 -4.98 -12.45
CA PHE A 139 -3.14 -4.64 -12.41
C PHE A 139 -2.48 -5.15 -11.14
N SER A 140 -3.06 -4.83 -9.99
CA SER A 140 -2.48 -5.21 -8.72
C SER A 140 -2.60 -6.72 -8.51
N GLU A 141 -3.81 -7.26 -8.68
CA GLU A 141 -4.08 -8.67 -8.42
C GLU A 141 -3.22 -9.57 -9.29
N SER A 142 -3.12 -9.23 -10.57
CA SER A 142 -2.37 -10.02 -11.51
C SER A 142 -0.88 -10.04 -11.14
N HIS A 143 -0.38 -8.89 -10.69
CA HIS A 143 1.00 -8.81 -10.26
C HIS A 143 1.19 -9.49 -8.91
N LEU A 144 0.16 -9.42 -8.07
CA LEU A 144 0.21 -10.03 -6.75
C LEU A 144 0.23 -11.56 -6.85
N SER A 145 -0.49 -12.12 -7.80
CA SER A 145 -0.47 -13.56 -8.01
C SER A 145 0.85 -13.98 -8.63
N ARG A 146 1.43 -13.09 -9.41
CA ARG A 146 2.70 -13.36 -10.08
C ARG A 146 3.87 -13.25 -9.10
N LEU A 147 3.71 -12.38 -8.11
CA LEU A 147 4.80 -12.05 -7.19
C LEU A 147 4.64 -12.73 -5.82
N ALA A 148 3.40 -12.92 -5.38
CA ALA A 148 3.13 -13.47 -4.06
C ALA A 148 1.85 -14.28 -4.04
N PRO A 149 1.86 -15.48 -4.63
CA PRO A 149 0.68 -16.35 -4.66
C PRO A 149 0.31 -16.85 -3.26
N ASP A 150 1.28 -16.81 -2.36
CA ASP A 150 1.12 -17.32 -1.02
C ASP A 150 0.18 -16.42 -0.23
N LEU A 151 0.42 -15.12 -0.34
CA LEU A 151 -0.44 -14.15 0.30
C LEU A 151 -1.64 -13.84 -0.61
N LEU A 152 -1.43 -13.93 -1.92
CA LEU A 152 -2.48 -13.67 -2.90
C LEU A 152 -3.72 -14.51 -2.63
N ALA A 153 -3.52 -15.80 -2.42
CA ALA A 153 -4.64 -16.71 -2.22
C ALA A 153 -5.44 -16.35 -0.98
N SER A 154 -4.84 -15.57 -0.09
CA SER A 154 -5.50 -15.14 1.12
C SER A 154 -6.25 -13.83 0.87
N ILE A 155 -5.66 -12.93 0.08
CA ILE A 155 -6.25 -11.62 -0.13
C ILE A 155 -7.43 -11.67 -1.10
N SER A 156 -7.57 -12.79 -1.80
CA SER A 156 -8.71 -12.99 -2.68
C SER A 156 -10.02 -12.99 -1.90
N ASN A 157 -9.92 -13.19 -0.58
CA ASN A 157 -11.08 -13.06 0.30
C ASN A 157 -11.23 -11.62 0.77
N ILE A 158 -10.11 -10.97 1.00
CA ILE A 158 -10.10 -9.59 1.43
C ILE A 158 -9.69 -8.68 0.26
N SER A 159 -10.25 -9.01 -0.90
CA SER A 159 -10.19 -8.20 -2.11
C SER A 159 -10.18 -6.67 -1.84
N PRO A 160 -11.05 -6.15 -0.95
CA PRO A 160 -10.95 -4.76 -0.49
C PRO A 160 -9.60 -4.50 0.19
N HIS A 161 -8.59 -4.21 -0.62
CA HIS A 161 -7.23 -3.99 -0.13
C HIS A 161 -6.49 -3.03 -1.04
N LEU A 162 -5.31 -2.61 -0.60
CA LEU A 162 -4.51 -1.67 -1.36
C LEU A 162 -3.15 -2.26 -1.65
N MET A 163 -2.68 -2.09 -2.88
CA MET A 163 -1.36 -2.55 -3.26
C MET A 163 -0.43 -1.35 -3.32
N ILE A 164 0.51 -1.30 -2.40
CA ILE A 164 1.34 -0.13 -2.22
C ILE A 164 2.75 -0.36 -2.73
N VAL A 165 3.14 0.46 -3.70
CA VAL A 165 4.46 0.37 -4.31
C VAL A 165 5.38 1.48 -3.79
N ILE A 166 6.43 1.08 -3.11
CA ILE A 166 7.42 2.03 -2.63
C ILE A 166 8.51 2.20 -3.67
N ALA A 167 8.59 3.37 -4.27
CA ALA A 167 9.56 3.60 -5.31
C ALA A 167 10.58 4.65 -4.90
N SER A 168 11.86 4.35 -5.15
CA SER A 168 12.90 5.33 -4.97
C SER A 168 12.75 6.44 -6.02
N VAL A 169 12.36 7.63 -5.56
CA VAL A 169 12.04 8.79 -6.40
C VAL A 169 11.12 8.44 -7.58
N TYR B 1 2.46 13.80 -10.27
CA TYR B 1 1.68 12.92 -9.39
C TYR B 1 0.55 13.70 -8.71
N GLU B 2 0.06 14.76 -9.35
CA GLU B 2 -1.05 15.55 -8.81
C GLU B 2 -0.76 16.04 -7.39
N THR B 3 -1.83 16.44 -6.71
CA THR B 3 -1.83 16.70 -5.29
C THR B 3 -3.18 16.30 -4.72
N LEU B 4 -3.23 15.30 -3.84
CA LEU B 4 -4.51 14.87 -3.30
C LEU B 4 -5.00 15.85 -2.25
N SEP B 5 -5.32 15.36 -1.05
CA SEP B 5 -6.17 16.14 -0.18
CB SEP B 5 -7.62 16.06 -0.71
OG SEP B 5 -7.62 16.53 -2.07
C SEP B 5 -6.09 15.65 1.25
O SEP B 5 -6.43 14.49 1.54
P SEP B 5 -9.12 16.45 -2.67
O1P SEP B 5 -10.03 17.29 -1.86
O2P SEP B 5 -9.08 16.99 -4.19
O3P SEP B 5 -9.63 14.93 -2.65
H SEP B 5 -4.96 14.49 -0.75
HA SEP B 5 -5.85 17.17 -0.22
HB2 SEP B 5 -7.96 15.03 -0.68
HB3 SEP B 5 -8.26 16.67 -0.11
N ASP B 6 -5.60 16.51 2.13
CA ASP B 6 -5.37 16.17 3.53
C ASP B 6 -4.89 17.40 4.27
N SEP B 7 -3.78 17.96 3.79
CA SEP B 7 -3.20 19.16 4.38
CB SEP B 7 -2.23 18.78 5.51
OG SEP B 7 -2.92 18.07 6.54
C SEP B 7 -2.45 19.92 3.29
O SEP B 7 -2.86 20.99 2.87
P SEP B 7 -1.83 17.72 7.67
O1P SEP B 7 -1.25 18.98 8.20
O2P SEP B 7 -2.54 16.91 8.87
O3P SEP B 7 -0.66 16.82 7.04
H SEP B 7 -3.36 17.56 3.01
HA SEP B 7 -3.99 19.77 4.76
HB2 SEP B 7 -1.44 18.17 5.12
HB3 SEP B 7 -1.81 19.69 5.93
N GLU B 8 -1.35 19.33 2.86
CA GLU B 8 -0.58 19.86 1.75
C GLU B 8 -0.10 18.70 0.90
N VAL A 1 -8.12 -16.91 5.41
CA VAL A 1 -7.23 -15.75 5.21
C VAL A 1 -6.07 -15.80 6.21
N ASP A 2 -5.60 -17.00 6.50
CA ASP A 2 -4.55 -17.20 7.48
C ASP A 2 -3.24 -16.56 7.02
N MET A 3 -2.83 -15.52 7.72
CA MET A 3 -1.61 -14.80 7.39
C MET A 3 -0.39 -15.59 7.83
N VAL A 4 -0.65 -16.60 8.66
CA VAL A 4 0.39 -17.52 9.13
C VAL A 4 1.00 -18.28 7.96
N GLN A 5 0.26 -18.40 6.87
CA GLN A 5 0.76 -19.04 5.67
C GLN A 5 1.72 -18.11 4.94
N LEU A 6 1.20 -16.95 4.54
CA LEU A 6 1.93 -16.04 3.66
C LEU A 6 3.16 -15.42 4.31
N LEU A 7 3.12 -15.17 5.63
CA LEU A 7 4.22 -14.46 6.28
C LEU A 7 5.48 -15.34 6.31
N LYS A 8 5.29 -16.63 6.05
CA LYS A 8 6.40 -17.56 5.96
C LYS A 8 7.25 -17.21 4.73
N LYS A 9 6.62 -16.64 3.73
CA LYS A 9 7.31 -16.20 2.54
C LYS A 9 7.57 -14.71 2.59
N TYR A 10 6.57 -13.96 3.02
CA TYR A 10 6.68 -12.51 3.11
C TYR A 10 5.83 -11.98 4.27
N PRO A 11 6.49 -11.72 5.40
CA PRO A 11 5.85 -11.24 6.63
C PRO A 11 5.55 -9.74 6.61
N ILE A 12 4.85 -9.29 7.64
CA ILE A 12 4.41 -7.90 7.75
C ILE A 12 5.59 -6.97 8.03
N VAL A 13 5.62 -5.85 7.32
CA VAL A 13 6.69 -4.87 7.47
C VAL A 13 6.25 -3.69 8.33
N TRP A 14 4.95 -3.37 8.28
CA TRP A 14 4.42 -2.22 9.00
C TRP A 14 2.97 -2.44 9.37
N GLN A 15 2.53 -1.76 10.41
CA GLN A 15 1.14 -1.83 10.85
C GLN A 15 0.75 -0.49 11.45
N GLY A 16 -0.23 0.15 10.84
CA GLY A 16 -0.67 1.45 11.30
C GLY A 16 -1.97 1.83 10.66
N LEU A 17 -2.04 3.04 10.13
CA LEU A 17 -3.23 3.51 9.45
C LEU A 17 -2.88 4.30 8.20
N LEU A 18 -3.84 4.38 7.30
CA LEU A 18 -3.74 5.26 6.15
C LEU A 18 -4.74 6.39 6.32
N ALA A 19 -4.45 7.57 5.79
CA ALA A 19 -5.32 8.72 5.96
C ALA A 19 -5.38 9.60 4.72
N LEU A 20 -6.57 9.76 4.17
CA LEU A 20 -6.76 10.69 3.07
C LEU A 20 -8.06 11.45 3.30
N LYS A 21 -8.11 12.72 2.90
CA LYS A 21 -9.22 13.62 3.28
C LYS A 21 -9.20 13.80 4.79
N ASN A 22 -10.02 13.00 5.45
CA ASN A 22 -10.07 12.95 6.91
C ASN A 22 -10.36 11.52 7.32
N ASP A 23 -10.31 10.60 6.36
CA ASP A 23 -10.69 9.23 6.62
C ASP A 23 -9.46 8.38 6.90
N THR A 24 -9.50 7.64 8.00
CA THR A 24 -8.39 6.80 8.39
C THR A 24 -8.81 5.32 8.39
N ALA A 25 -7.96 4.49 7.81
CA ALA A 25 -8.17 3.05 7.82
C ALA A 25 -6.93 2.37 8.37
N ALA A 26 -7.10 1.61 9.45
CA ALA A 26 -5.98 0.90 10.05
C ALA A 26 -5.60 -0.28 9.16
N VAL A 27 -4.37 -0.28 8.71
CA VAL A 27 -3.91 -1.29 7.80
C VAL A 27 -2.60 -1.93 8.27
N GLN A 28 -2.45 -3.20 7.94
CA GLN A 28 -1.22 -3.92 8.17
C GLN A 28 -0.57 -4.22 6.82
N LEU A 29 0.67 -3.81 6.68
CA LEU A 29 1.37 -3.93 5.43
C LEU A 29 2.20 -5.20 5.37
N HIS A 30 1.75 -6.10 4.54
CA HIS A 30 2.45 -7.35 4.33
C HIS A 30 3.48 -7.15 3.23
N PHE A 31 4.66 -7.71 3.42
CA PHE A 31 5.66 -7.67 2.38
C PHE A 31 5.17 -8.52 1.21
N VAL A 32 5.33 -8.03 0.00
CA VAL A 32 4.96 -8.80 -1.16
C VAL A 32 6.19 -9.14 -2.00
N SER A 33 6.92 -8.10 -2.38
CA SER A 33 8.03 -8.24 -3.31
C SER A 33 8.94 -7.02 -3.21
N GLY A 34 10.08 -7.05 -3.89
CA GLY A 34 10.99 -5.93 -3.86
C GLY A 34 11.98 -6.02 -2.73
N ASN A 35 12.45 -4.88 -2.26
CA ASN A 35 13.39 -4.86 -1.15
C ASN A 35 12.72 -4.34 0.11
N ASN A 36 12.69 -5.18 1.14
CA ASN A 36 12.02 -4.86 2.40
C ASN A 36 12.67 -3.66 3.09
N VAL A 37 13.97 -3.47 2.85
CA VAL A 37 14.71 -2.35 3.42
C VAL A 37 14.05 -1.02 3.02
N LEU A 38 13.48 -0.99 1.83
CA LEU A 38 12.80 0.22 1.34
C LEU A 38 11.62 0.58 2.23
N ALA A 39 10.87 -0.43 2.66
CA ALA A 39 9.72 -0.18 3.52
C ALA A 39 10.17 0.39 4.86
N HIS A 40 11.24 -0.17 5.39
CA HIS A 40 11.79 0.28 6.66
C HIS A 40 12.22 1.75 6.57
N ARG A 41 12.77 2.14 5.43
CA ARG A 41 13.28 3.51 5.26
C ARG A 41 12.20 4.47 4.74
N SER A 42 11.04 3.95 4.35
CA SER A 42 9.96 4.79 3.84
C SER A 42 8.85 4.97 4.87
N LEU A 43 8.52 3.88 5.56
CA LEU A 43 7.39 3.88 6.46
C LEU A 43 7.78 4.56 7.77
N PRO A 44 7.21 5.75 8.02
CA PRO A 44 7.61 6.62 9.11
C PRO A 44 7.01 6.21 10.45
N LEU A 45 7.77 6.45 11.50
CA LEU A 45 7.32 6.16 12.85
C LEU A 45 7.71 7.30 13.78
N SER A 46 7.06 7.37 14.94
CA SER A 46 7.26 8.46 15.88
C SER A 46 6.40 8.22 17.12
N GLU A 47 5.16 7.84 16.89
CA GLU A 47 4.21 7.61 17.96
C GLU A 47 3.37 6.36 17.67
N GLY A 48 3.80 5.23 18.24
CA GLY A 48 3.14 3.97 17.95
C GLY A 48 3.30 3.58 16.49
N GLY A 49 2.35 4.00 15.67
CA GLY A 49 2.44 3.78 14.24
C GLY A 49 1.68 4.84 13.48
N PRO A 50 2.39 5.89 13.02
CA PRO A 50 1.78 7.03 12.33
C PRO A 50 1.04 6.63 11.04
N PRO A 51 -0.02 7.37 10.70
CA PRO A 51 -0.79 7.13 9.50
C PRO A 51 -0.15 7.69 8.24
N LEU A 52 -0.25 6.95 7.15
CA LEU A 52 0.26 7.40 5.87
C LEU A 52 -0.81 8.24 5.15
N ARG A 53 -0.51 9.51 4.96
CA ARG A 53 -1.46 10.46 4.37
C ARG A 53 -1.31 10.51 2.84
N ILE A 54 -2.43 10.60 2.13
CA ILE A 54 -2.39 10.60 0.67
C ILE A 54 -2.42 12.04 0.11
N ALA A 55 -1.28 12.46 -0.39
CA ALA A 55 -1.09 13.84 -0.82
C ALA A 55 -0.85 13.93 -2.32
N GLN A 56 -0.95 12.81 -3.03
CA GLN A 56 -0.81 12.78 -4.49
C GLN A 56 -1.54 11.57 -5.07
N ARG A 57 -1.72 11.56 -6.39
CA ARG A 57 -2.36 10.44 -7.09
C ARG A 57 -1.80 10.29 -8.51
N MET A 58 -1.49 9.05 -8.88
CA MET A 58 -0.98 8.77 -10.22
C MET A 58 -2.02 8.04 -11.04
N ARG A 59 -2.47 8.67 -12.10
CA ARG A 59 -3.48 8.08 -12.95
C ARG A 59 -2.92 6.83 -13.62
N LEU A 60 -3.42 5.67 -13.21
CA LEU A 60 -2.88 4.42 -13.71
C LEU A 60 -3.23 4.24 -15.19
N GLU A 61 -2.29 4.56 -16.04
CA GLU A 61 -2.44 4.40 -17.47
C GLU A 61 -1.57 3.25 -17.94
N ALA A 62 -1.80 2.79 -19.16
CA ALA A 62 -1.01 1.70 -19.72
C ALA A 62 0.47 2.07 -19.72
N THR A 63 0.77 3.26 -20.20
CA THR A 63 2.13 3.78 -20.23
C THR A 63 2.72 3.91 -18.83
N GLN A 64 1.87 4.25 -17.88
CA GLN A 64 2.31 4.43 -16.50
C GLN A 64 2.59 3.09 -15.84
N LEU A 65 1.75 2.11 -16.12
CA LEU A 65 1.92 0.77 -15.56
C LEU A 65 3.20 0.15 -16.08
N GLU A 66 3.56 0.46 -17.32
CA GLU A 66 4.83 0.04 -17.88
C GLU A 66 5.98 0.63 -17.08
N GLY A 67 5.86 1.92 -16.78
CA GLY A 67 6.84 2.60 -15.95
C GLY A 67 6.98 1.95 -14.59
N VAL A 68 5.85 1.63 -13.98
CA VAL A 68 5.84 0.94 -12.69
C VAL A 68 6.50 -0.42 -12.81
N ALA A 69 6.07 -1.20 -13.81
CA ALA A 69 6.59 -2.54 -14.03
C ALA A 69 8.09 -2.53 -14.26
N ARG A 70 8.58 -1.45 -14.85
CA ARG A 70 10.02 -1.30 -15.10
C ARG A 70 10.81 -1.46 -13.81
N ARG A 71 10.35 -0.80 -12.76
CA ARG A 71 11.04 -0.88 -11.47
C ARG A 71 10.58 -2.09 -10.67
N MET A 72 9.48 -2.70 -11.11
CA MET A 72 8.95 -3.89 -10.44
C MET A 72 9.76 -5.12 -10.82
N THR A 73 10.36 -5.10 -12.00
CA THR A 73 11.16 -6.21 -12.47
C THR A 73 12.58 -6.12 -11.89
N VAL A 74 12.80 -5.11 -11.07
CA VAL A 74 14.08 -4.94 -10.38
C VAL A 74 13.83 -4.75 -8.89
N GLU A 75 13.75 -5.85 -8.17
CA GLU A 75 13.50 -5.79 -6.74
C GLU A 75 14.72 -5.23 -6.02
N THR A 76 14.58 -4.00 -5.54
CA THR A 76 15.63 -3.21 -4.87
C THR A 76 15.35 -1.73 -5.10
N ASP A 77 14.88 -1.41 -6.30
CA ASP A 77 14.53 -0.03 -6.64
C ASP A 77 13.14 0.29 -6.15
N TYR A 78 12.30 -0.74 -6.09
CA TYR A 78 10.96 -0.58 -5.56
C TYR A 78 10.71 -1.63 -4.47
N CYS A 79 9.68 -1.40 -3.69
CA CYS A 79 9.22 -2.38 -2.74
C CYS A 79 7.72 -2.57 -2.93
N LEU A 80 7.28 -3.81 -2.92
CA LEU A 80 5.88 -4.10 -3.11
C LEU A 80 5.26 -4.51 -1.78
N LEU A 81 4.20 -3.83 -1.40
CA LEU A 81 3.56 -4.08 -0.11
C LEU A 81 2.07 -4.33 -0.30
N LEU A 82 1.48 -5.04 0.65
CA LEU A 82 0.07 -5.34 0.61
C LEU A 82 -0.59 -4.83 1.89
N ALA A 83 -1.39 -3.76 1.76
CA ALA A 83 -2.03 -3.16 2.92
C ALA A 83 -3.43 -3.72 3.10
N LEU A 84 -3.67 -4.28 4.28
CA LEU A 84 -4.96 -4.88 4.62
C LEU A 84 -5.52 -4.25 5.88
N PRO A 85 -6.85 -4.09 5.96
CA PRO A 85 -7.49 -3.54 7.15
C PRO A 85 -7.23 -4.41 8.38
N CYS A 86 -6.49 -3.87 9.34
CA CYS A 86 -6.15 -4.61 10.54
C CYS A 86 -7.06 -4.21 11.68
N GLY A 87 -7.97 -5.11 12.03
CA GLY A 87 -8.88 -4.85 13.12
C GLY A 87 -8.41 -5.48 14.40
N ARG A 88 -8.68 -4.82 15.51
CA ARG A 88 -8.27 -5.32 16.82
C ARG A 88 -9.00 -6.61 17.12
N ASP A 89 -10.29 -6.63 16.80
CA ASP A 89 -11.11 -7.79 17.01
C ASP A 89 -11.96 -8.04 15.77
N GLN A 90 -12.79 -9.08 15.80
CA GLN A 90 -13.59 -9.45 14.63
C GLN A 90 -14.48 -8.30 14.17
N GLU A 91 -15.11 -7.63 15.12
CA GLU A 91 -15.99 -6.51 14.83
C GLU A 91 -15.20 -5.37 14.23
N ASP A 92 -14.04 -5.10 14.83
CA ASP A 92 -13.18 -4.01 14.39
C ASP A 92 -12.73 -4.25 12.95
N VAL A 93 -12.33 -5.48 12.68
CA VAL A 93 -11.91 -5.88 11.34
C VAL A 93 -13.00 -5.58 10.32
N VAL A 94 -14.24 -5.84 10.69
CA VAL A 94 -15.37 -5.62 9.82
C VAL A 94 -15.51 -4.14 9.51
N SER A 95 -15.52 -3.36 10.57
CA SER A 95 -15.68 -1.93 10.49
C SER A 95 -14.52 -1.26 9.76
N GLN A 96 -13.30 -1.74 9.96
CA GLN A 96 -12.15 -1.18 9.26
C GLN A 96 -12.16 -1.57 7.78
N THR A 97 -12.61 -2.79 7.48
CA THR A 97 -12.69 -3.25 6.11
C THR A 97 -13.70 -2.41 5.31
N GLU A 98 -14.90 -2.24 5.87
CA GLU A 98 -15.93 -1.45 5.20
C GLU A 98 -15.51 0.01 5.08
N SER A 99 -14.82 0.52 6.09
CA SER A 99 -14.37 1.90 6.08
C SER A 99 -13.28 2.08 5.01
N LEU A 100 -12.37 1.13 4.93
CA LEU A 100 -11.29 1.20 3.95
C LEU A 100 -11.83 1.15 2.54
N LYS A 101 -12.74 0.22 2.27
CA LYS A 101 -13.28 0.09 0.91
C LYS A 101 -14.12 1.30 0.55
N ALA A 102 -14.75 1.92 1.53
CA ALA A 102 -15.58 3.09 1.28
C ALA A 102 -14.73 4.33 1.07
N ALA A 103 -13.65 4.46 1.84
CA ALA A 103 -12.86 5.68 1.85
C ALA A 103 -11.69 5.64 0.87
N PHE A 104 -10.95 4.53 0.87
CA PHE A 104 -9.75 4.43 0.05
C PHE A 104 -10.02 3.68 -1.24
N ILE A 105 -10.64 2.51 -1.13
CA ILE A 105 -10.87 1.64 -2.28
C ILE A 105 -11.76 2.33 -3.32
N THR A 106 -12.97 2.69 -2.94
CA THR A 106 -13.89 3.39 -3.82
C THR A 106 -13.24 4.63 -4.42
N TYR A 107 -12.49 5.36 -3.61
CA TYR A 107 -11.81 6.56 -4.08
C TYR A 107 -10.74 6.23 -5.12
N LEU A 108 -9.80 5.36 -4.76
CA LEU A 108 -8.71 5.00 -5.67
C LEU A 108 -9.24 4.42 -6.97
N GLN A 109 -10.25 3.58 -6.87
CA GLN A 109 -10.79 2.90 -8.04
C GLN A 109 -11.57 3.89 -8.91
N ALA A 110 -12.28 4.82 -8.27
CA ALA A 110 -13.05 5.84 -8.99
C ALA A 110 -12.12 6.84 -9.68
N LYS A 111 -10.97 7.08 -9.07
CA LYS A 111 -9.97 7.98 -9.64
C LYS A 111 -9.16 7.26 -10.70
N GLN A 112 -9.17 5.93 -10.65
CA GLN A 112 -8.28 5.12 -11.47
C GLN A 112 -6.85 5.62 -11.30
N ALA A 113 -6.41 5.74 -10.05
CA ALA A 113 -5.16 6.39 -9.75
C ALA A 113 -4.33 5.61 -8.73
N ALA A 114 -3.20 6.19 -8.36
CA ALA A 114 -2.32 5.64 -7.34
C ALA A 114 -2.19 6.63 -6.19
N GLY A 115 -2.62 6.23 -5.01
CA GLY A 115 -2.49 7.07 -3.85
C GLY A 115 -1.04 7.30 -3.49
N ILE A 116 -0.53 8.47 -3.84
CA ILE A 116 0.88 8.77 -3.66
C ILE A 116 1.12 9.38 -2.29
N ILE A 117 2.03 8.78 -1.56
CA ILE A 117 2.38 9.28 -0.25
C ILE A 117 3.88 9.59 -0.20
N ASN A 118 4.20 10.87 -0.08
CA ASN A 118 5.59 11.31 -0.03
C ASN A 118 6.12 11.21 1.40
N VAL A 119 7.05 10.30 1.61
CA VAL A 119 7.64 10.13 2.93
C VAL A 119 9.07 10.61 2.96
N PRO A 120 9.50 11.19 4.07
CA PRO A 120 10.89 11.56 4.27
C PRO A 120 11.69 10.46 4.95
N ASN A 121 12.92 10.27 4.50
CA ASN A 121 13.80 9.28 5.11
C ASN A 121 14.42 9.82 6.39
N PRO A 122 14.15 9.18 7.52
CA PRO A 122 14.68 9.59 8.83
C PRO A 122 16.19 9.80 8.79
N GLY A 123 16.61 10.98 9.20
CA GLY A 123 18.01 11.33 9.16
C GLY A 123 18.32 12.31 8.05
N SER A 124 17.86 11.99 6.84
CA SER A 124 18.06 12.86 5.69
C SER A 124 16.88 13.83 5.56
N ASN A 125 15.72 13.36 6.02
CA ASN A 125 14.46 14.12 5.95
C ASN A 125 14.07 14.39 4.51
N GLN A 126 14.66 13.63 3.59
CA GLN A 126 14.36 13.78 2.17
C GLN A 126 13.09 13.02 1.82
N PRO A 127 12.08 13.73 1.31
CA PRO A 127 10.79 13.14 0.93
C PRO A 127 10.84 12.48 -0.45
N ALA A 128 12.04 12.07 -0.85
CA ALA A 128 12.25 11.47 -2.17
C ALA A 128 11.79 10.01 -2.21
N TYR A 129 10.62 9.77 -1.65
CA TYR A 129 10.03 8.44 -1.65
C TYR A 129 8.56 8.53 -2.02
N VAL A 130 8.15 7.66 -2.94
CA VAL A 130 6.78 7.61 -3.38
C VAL A 130 6.18 6.25 -3.08
N LEU A 131 5.19 6.24 -2.21
CA LEU A 131 4.39 5.05 -1.99
C LEU A 131 3.13 5.16 -2.82
N GLN A 132 3.01 4.28 -3.81
CA GLN A 132 1.86 4.28 -4.70
C GLN A 132 0.81 3.31 -4.21
N ILE A 133 -0.30 3.85 -3.77
CA ILE A 133 -1.41 3.04 -3.31
C ILE A 133 -2.37 2.76 -4.45
N PHE A 134 -2.23 1.59 -5.06
CA PHE A 134 -3.11 1.18 -6.14
C PHE A 134 -4.33 0.46 -5.58
N PRO A 135 -5.50 0.69 -6.18
CA PRO A 135 -6.74 0.00 -5.77
C PRO A 135 -6.71 -1.48 -6.16
N PRO A 136 -7.67 -2.27 -5.66
CA PRO A 136 -7.79 -3.69 -6.02
C PRO A 136 -8.19 -3.88 -7.49
N CYS A 137 -7.25 -3.64 -8.37
CA CYS A 137 -7.50 -3.65 -9.80
C CYS A 137 -6.79 -4.82 -10.46
N GLU A 138 -7.19 -5.14 -11.68
CA GLU A 138 -6.56 -6.21 -12.45
C GLU A 138 -5.04 -6.08 -12.41
N PHE A 139 -4.56 -4.84 -12.55
CA PHE A 139 -3.13 -4.54 -12.49
C PHE A 139 -2.50 -5.10 -11.21
N SER A 140 -3.08 -4.75 -10.07
CA SER A 140 -2.54 -5.17 -8.79
C SER A 140 -2.72 -6.67 -8.60
N GLU A 141 -3.95 -7.15 -8.74
CA GLU A 141 -4.30 -8.54 -8.47
C GLU A 141 -3.43 -9.48 -9.31
N SER A 142 -3.28 -9.16 -10.58
CA SER A 142 -2.51 -10.00 -11.49
C SER A 142 -1.06 -10.07 -11.04
N HIS A 143 -0.44 -8.91 -10.83
CA HIS A 143 0.95 -8.86 -10.38
C HIS A 143 1.10 -9.54 -9.03
N LEU A 144 0.08 -9.40 -8.18
CA LEU A 144 0.08 -10.03 -6.86
C LEU A 144 0.01 -11.54 -6.98
N SER A 145 -0.66 -12.03 -8.02
CA SER A 145 -0.83 -13.47 -8.20
C SER A 145 0.51 -14.09 -8.61
N ARG A 146 1.32 -13.30 -9.28
CA ARG A 146 2.62 -13.76 -9.73
C ARG A 146 3.70 -13.50 -8.68
N LEU A 147 3.67 -12.31 -8.11
CA LEU A 147 4.71 -11.87 -7.18
C LEU A 147 4.54 -12.48 -5.78
N ALA A 148 3.29 -12.74 -5.39
CA ALA A 148 3.01 -13.31 -4.08
C ALA A 148 1.74 -14.14 -4.10
N PRO A 149 1.77 -15.30 -4.79
CA PRO A 149 0.60 -16.18 -4.89
C PRO A 149 0.19 -16.74 -3.54
N ASP A 150 1.12 -16.69 -2.59
CA ASP A 150 0.91 -17.22 -1.26
C ASP A 150 -0.03 -16.32 -0.48
N LEU A 151 0.29 -15.03 -0.46
CA LEU A 151 -0.53 -14.07 0.24
C LEU A 151 -1.74 -13.71 -0.64
N LEU A 152 -1.56 -13.78 -1.96
CA LEU A 152 -2.62 -13.49 -2.91
C LEU A 152 -3.85 -14.35 -2.62
N ALA A 153 -3.63 -15.63 -2.38
CA ALA A 153 -4.72 -16.55 -2.12
C ALA A 153 -5.51 -16.13 -0.88
N SER A 154 -4.81 -15.51 0.06
CA SER A 154 -5.43 -15.04 1.29
C SER A 154 -6.22 -13.75 1.04
N ILE A 155 -5.70 -12.89 0.17
CA ILE A 155 -6.32 -11.60 -0.09
C ILE A 155 -7.45 -11.72 -1.10
N SER A 156 -7.54 -12.89 -1.73
CA SER A 156 -8.60 -13.17 -2.68
C SER A 156 -9.97 -13.07 -1.98
N ASN A 157 -9.98 -13.29 -0.68
CA ASN A 157 -11.19 -13.12 0.11
C ASN A 157 -11.33 -11.69 0.58
N ILE A 158 -10.20 -11.05 0.83
CA ILE A 158 -10.19 -9.69 1.34
C ILE A 158 -9.80 -8.72 0.19
N SER A 159 -10.29 -9.07 -1.00
CA SER A 159 -10.21 -8.23 -2.21
C SER A 159 -10.22 -6.71 -1.94
N PRO A 160 -11.11 -6.18 -1.06
CA PRO A 160 -11.00 -4.79 -0.60
C PRO A 160 -9.66 -4.52 0.08
N HIS A 161 -8.63 -4.28 -0.74
CA HIS A 161 -7.28 -4.07 -0.22
C HIS A 161 -6.52 -3.10 -1.11
N LEU A 162 -5.36 -2.67 -0.63
CA LEU A 162 -4.55 -1.72 -1.37
C LEU A 162 -3.17 -2.31 -1.64
N MET A 163 -2.69 -2.11 -2.85
CA MET A 163 -1.36 -2.56 -3.23
C MET A 163 -0.43 -1.36 -3.27
N ILE A 164 0.52 -1.33 -2.35
CA ILE A 164 1.35 -0.16 -2.17
C ILE A 164 2.77 -0.38 -2.70
N VAL A 165 3.17 0.46 -3.65
CA VAL A 165 4.48 0.37 -4.27
C VAL A 165 5.40 1.46 -3.74
N ILE A 166 6.47 1.06 -3.08
CA ILE A 166 7.47 2.00 -2.60
C ILE A 166 8.56 2.17 -3.64
N ALA A 167 8.69 3.38 -4.18
CA ALA A 167 9.69 3.64 -5.18
C ALA A 167 10.62 4.78 -4.75
N SER A 168 11.92 4.56 -4.91
CA SER A 168 12.89 5.62 -4.64
C SER A 168 12.92 6.61 -5.82
N VAL A 169 12.43 7.81 -5.59
CA VAL A 169 12.32 8.79 -6.65
C VAL A 169 13.30 9.96 -6.45
N TYR B 1 2.64 14.05 -10.16
CA TYR B 1 1.85 12.99 -9.51
C TYR B 1 0.57 13.53 -8.88
N GLU B 2 0.08 14.66 -9.38
CA GLU B 2 -1.24 15.22 -9.00
C GLU B 2 -1.50 15.18 -7.49
N THR B 3 -1.22 16.28 -6.80
CA THR B 3 -1.43 16.33 -5.36
C THR B 3 -2.88 16.02 -5.00
N LEU B 4 -3.08 15.11 -4.03
CA LEU B 4 -4.42 14.76 -3.60
C LEU B 4 -4.95 15.78 -2.61
N SEP B 5 -5.25 15.35 -1.39
CA SEP B 5 -6.15 16.12 -0.54
CB SEP B 5 -7.58 16.01 -1.10
OG SEP B 5 -7.58 16.46 -2.46
C SEP B 5 -6.09 15.64 0.90
O SEP B 5 -6.73 14.65 1.27
P SEP B 5 -9.06 16.35 -3.08
O1P SEP B 5 -10.00 17.18 -2.28
O2P SEP B 5 -9.05 16.87 -4.60
O3P SEP B 5 -9.54 14.82 -3.04
H SEP B 5 -4.84 14.51 -1.04
HA SEP B 5 -5.84 17.15 -0.58
HB2 SEP B 5 -7.90 14.97 -1.07
HB3 SEP B 5 -8.25 16.61 -0.52
N ASP B 6 -5.25 16.29 1.68
CA ASP B 6 -5.10 15.99 3.10
C ASP B 6 -4.83 17.27 3.88
N SEP B 7 -3.68 17.87 3.62
CA SEP B 7 -3.29 19.12 4.26
CB SEP B 7 -2.71 18.86 5.67
OG SEP B 7 -3.67 18.18 6.47
C SEP B 7 -2.26 19.83 3.41
O SEP B 7 -2.46 20.98 3.00
P SEP B 7 -2.99 17.95 7.90
O1P SEP B 7 -2.65 19.26 8.50
O2P SEP B 7 -4.02 17.18 8.88
O3P SEP B 7 -1.66 17.08 7.74
H SEP B 7 -3.08 17.47 2.95
HA SEP B 7 -4.17 19.73 4.35
HB2 SEP B 7 -1.82 18.24 5.57
HB3 SEP B 7 -2.46 19.79 6.13
N GLU B 8 -1.15 19.15 3.14
CA GLU B 8 -0.12 19.67 2.25
C GLU B 8 0.28 18.61 1.25
#